data_6ZPQ
#
_entry.id   6ZPQ
#
_cell.length_a   74.683
_cell.length_b   99.934
_cell.length_c   128.701
_cell.angle_alpha   97.756
_cell.angle_beta   90.206
_cell.angle_gamma   111.057
#
_symmetry.space_group_name_H-M   'P 1'
#
loop_
_entity.id
_entity.type
_entity.pdbx_description
1 polymer 'Angiotensin-converting enzyme'
2 branched 2-acetamido-2-deoxy-beta-D-glucopyranose-(1-4)-2-acetamido-2-deoxy-beta-D-glucopyranose
3 branched 2-acetamido-2-deoxy-beta-D-glucopyranose-(1-4)-[alpha-L-fucopyranose-(1-6)]2-acetamido-2-deoxy-beta-D-glucopyranose
4 non-polymer 'BORIC ACID'
5 non-polymer BICINE
6 non-polymer DI(HYDROXYETHYL)ETHER
7 non-polymer 1,2-ETHANEDIOL
8 non-polymer 'TRIETHYLENE GLYCOL'
9 non-polymer 'ZINC ION'
10 non-polymer 'CHLORIDE ION'
11 non-polymer 'MAGNESIUM ION'
12 non-polymer 'CALCIUM ION'
13 non-polymer 2-acetamido-2-deoxy-beta-D-glucopyranose
14 non-polymer 2-METHOXYETHANOL
15 non-polymer 'SODIUM ION'
16 water water
#
_entity_poly.entity_id   1
_entity_poly.type   'polypeptide(L)'
_entity_poly.pdbx_seq_one_letter_code
;LDPGLQPGQFSADEAGAQLFAQSYQSSAEQVLFQSVAASWAHDTNITAENARRQEEAALLSQEFAEAWGQKAKELYEPIW
QQFTDPQLRRIIGAVRTLGSANLPLAKRQQYNALLSQMSRIYSTAKVCLPQKTATCWSLDPDLTNILASSRSYAMLLFAW
EGWHNAAGIPLKPLYEDFTALSNEAYKQDGFTDTGAYWRSWYNSPTFEDDLEHLYQQLEPLYLNLHAFVRRALHRRYGDR
YINLRGPIPAHLLGDMWAQSWENIYDMVVPFPDKPNLDVTSTMLQQGWQATHMFRVAEEFFTSLELSPMPPEFWEGSMLE
KPADGREVVCHASAWDFYNRKDFRIKQCTRVTMDQLSTVHHEMGHIQYYLQYKDLPVSLRRGANPGFHEAIGDVLALSVS
TPEHLHKIGLLDRVTNDTESDINYLLKMALEKIAFLPFGYLVDQWRWGVFSGRTPPSRYNFDWWYLRTKYQGICPPVTRN
ETHFDAGAKFHVPNVTPYIRYFVSFVLQFQFHEALCKEAGYEGPLHQCDIYRSTKAGAKLRKVLRAGSSRPWQEVLKDMV
GLDALDAQPLLKYFQLVTQWLQEQNQQNGEVLGWPEYQWHPPLPDNYPEGIDLVTDEAEASKFVEEYDL
;
_entity_poly.pdbx_strand_id   A,B,C,D
#
loop_
_chem_comp.id
_chem_comp.type
_chem_comp.name
_chem_comp.formula
BCN non-polymer BICINE 'C6 H13 N O4'
BO3 non-polymer 'BORIC ACID' 'B H3 O3'
CA non-polymer 'CALCIUM ION' 'Ca 2'
CL non-polymer 'CHLORIDE ION' 'Cl -1'
EDO non-polymer 1,2-ETHANEDIOL 'C2 H6 O2'
FUC L-saccharide, alpha linking alpha-L-fucopyranose 'C6 H12 O5'
MG non-polymer 'MAGNESIUM ION' 'Mg 2'
MXE non-polymer 2-METHOXYETHANOL 'C3 H8 O2'
NA non-polymer 'SODIUM ION' 'Na 1'
NAG D-saccharide, beta linking 2-acetamido-2-deoxy-beta-D-glucopyranose 'C8 H15 N O6'
PEG non-polymer DI(HYDROXYETHYL)ETHER 'C4 H10 O3'
PGE non-polymer 'TRIETHYLENE GLYCOL' 'C6 H14 O4'
ZN non-polymer 'ZINC ION' 'Zn 2'
#
# COMPACT_ATOMS: atom_id res chain seq x y z
N LEU A 1 -28.58 41.55 -31.42
CA LEU A 1 -27.63 40.43 -31.11
C LEU A 1 -26.29 40.67 -31.82
N ASP A 2 -25.20 40.49 -31.08
CA ASP A 2 -23.87 40.62 -31.66
C ASP A 2 -23.80 39.85 -32.98
N PRO A 3 -23.31 40.45 -34.07
CA PRO A 3 -23.31 39.75 -35.35
C PRO A 3 -22.55 38.43 -35.34
N GLY A 4 -21.48 38.32 -34.54
CA GLY A 4 -20.76 37.06 -34.43
C GLY A 4 -21.55 35.95 -33.77
N LEU A 5 -22.71 36.26 -33.18
CA LEU A 5 -23.53 35.27 -32.50
C LEU A 5 -24.80 34.89 -33.26
N GLN A 6 -25.15 35.62 -34.32
CA GLN A 6 -26.33 35.24 -35.09
C GLN A 6 -25.93 34.39 -36.28
N PRO A 7 -26.87 33.65 -36.86
CA PRO A 7 -26.49 32.63 -37.85
C PRO A 7 -26.22 33.24 -39.21
N GLY A 8 -25.19 32.75 -39.86
CA GLY A 8 -24.89 33.10 -41.23
C GLY A 8 -25.67 32.26 -42.22
N GLN A 9 -25.18 32.23 -43.46
CA GLN A 9 -25.88 31.55 -44.54
C GLN A 9 -25.57 30.05 -44.52
N PHE A 10 -26.63 29.25 -44.64
CA PHE A 10 -26.51 27.81 -44.72
C PHE A 10 -27.55 27.29 -45.71
N SER A 11 -27.24 26.16 -46.35
CA SER A 11 -28.08 25.62 -47.39
C SER A 11 -29.15 24.71 -46.82
N ALA A 12 -30.27 24.63 -47.54
CA ALA A 12 -31.46 23.90 -47.08
C ALA A 12 -31.41 22.42 -47.47
N ASP A 13 -30.39 21.72 -46.97
CA ASP A 13 -30.33 20.28 -47.09
C ASP A 13 -29.52 19.73 -45.92
N GLU A 14 -29.41 18.40 -45.85
CA GLU A 14 -28.80 17.78 -44.67
C GLU A 14 -27.35 18.23 -44.50
N ALA A 15 -26.58 18.25 -45.59
CA ALA A 15 -25.18 18.69 -45.48
C ALA A 15 -25.10 20.11 -44.93
N GLY A 16 -25.99 20.99 -45.37
CA GLY A 16 -26.02 22.35 -44.81
C GLY A 16 -26.45 22.38 -43.35
N ALA A 17 -27.33 21.45 -42.96
CA ALA A 17 -27.76 21.37 -41.57
C ALA A 17 -26.63 20.92 -40.64
N GLN A 18 -25.72 20.08 -41.12
CA GLN A 18 -24.54 19.72 -40.32
C GLN A 18 -23.69 20.95 -40.04
N LEU A 19 -23.44 21.77 -41.08
CA LEU A 19 -22.67 23.00 -40.89
C LEU A 19 -23.42 23.97 -40.00
N PHE A 20 -24.74 24.07 -40.18
CA PHE A 20 -25.56 24.90 -39.32
C PHE A 20 -25.41 24.47 -37.86
N ALA A 21 -25.52 23.16 -37.61
CA ALA A 21 -25.45 22.65 -36.23
C ALA A 21 -24.09 22.88 -35.59
N GLN A 22 -23.01 22.77 -36.36
CA GLN A 22 -21.69 23.01 -35.80
C GLN A 22 -21.49 24.49 -35.49
N SER A 23 -21.97 25.37 -36.36
CA SER A 23 -21.89 26.80 -36.07
C SER A 23 -22.77 27.14 -34.87
N TYR A 24 -23.95 26.53 -34.80
CA TYR A 24 -24.82 26.72 -33.64
C TYR A 24 -24.09 26.40 -32.35
N GLN A 25 -23.43 25.24 -32.30
CA GLN A 25 -22.73 24.82 -31.09
C GLN A 25 -21.68 25.84 -30.68
N SER A 26 -20.92 26.37 -31.63
CA SER A 26 -19.84 27.29 -31.28
C SER A 26 -20.38 28.50 -30.55
N SER A 27 -21.43 29.13 -31.08
CA SER A 27 -22.01 30.29 -30.41
C SER A 27 -22.78 29.88 -29.16
N ALA A 28 -23.48 28.74 -29.23
CA ALA A 28 -24.31 28.35 -28.11
C ALA A 28 -23.49 28.14 -26.84
N GLU A 29 -22.25 27.63 -26.99
CA GLU A 29 -21.42 27.42 -25.80
C GLU A 29 -21.10 28.74 -25.13
N GLN A 30 -20.78 29.77 -25.91
CA GLN A 30 -20.53 31.10 -25.34
C GLN A 30 -21.77 31.60 -24.61
N VAL A 31 -22.93 31.59 -25.28
CA VAL A 31 -24.16 32.08 -24.68
C VAL A 31 -24.47 31.30 -23.40
N LEU A 32 -24.47 29.97 -23.51
CA LEU A 32 -24.80 29.13 -22.36
C LEU A 32 -23.82 29.37 -21.22
N PHE A 33 -22.52 29.44 -21.52
CA PHE A 33 -21.54 29.63 -20.45
C PHE A 33 -21.76 30.94 -19.72
N GLN A 34 -22.03 32.02 -20.45
CA GLN A 34 -22.21 33.31 -19.79
C GLN A 34 -23.46 33.33 -18.93
N SER A 35 -24.47 32.57 -19.30
CA SER A 35 -25.69 32.51 -18.49
C SER A 35 -25.45 31.70 -17.22
N VAL A 36 -24.82 30.54 -17.34
CA VAL A 36 -24.52 29.72 -16.16
C VAL A 36 -23.57 30.46 -15.24
N ALA A 37 -22.52 31.08 -15.80
CA ALA A 37 -21.56 31.80 -14.96
C ALA A 37 -22.23 32.95 -14.20
N ALA A 38 -23.18 33.65 -14.86
CA ALA A 38 -23.89 34.73 -14.18
C ALA A 38 -24.80 34.18 -13.07
N SER A 39 -25.46 33.04 -13.30
CA SER A 39 -26.25 32.42 -12.25
C SER A 39 -25.34 31.96 -11.11
N TRP A 40 -24.16 31.43 -11.46
CA TRP A 40 -23.22 31.00 -10.42
C TRP A 40 -22.80 32.20 -9.57
N ALA A 41 -22.43 33.31 -10.21
CA ALA A 41 -21.98 34.49 -9.49
C ALA A 41 -23.07 35.03 -8.59
N HIS A 42 -24.34 34.90 -8.98
CA HIS A 42 -25.42 35.33 -8.11
C HIS A 42 -25.66 34.32 -6.98
N ASP A 43 -25.77 33.04 -7.32
CA ASP A 43 -26.16 32.05 -6.33
C ASP A 43 -25.11 31.81 -5.27
N THR A 44 -23.85 32.18 -5.54
CA THR A 44 -22.80 32.12 -4.54
C THR A 44 -22.46 33.50 -3.97
N ASN A 45 -23.25 34.52 -4.30
CA ASN A 45 -22.99 35.89 -3.87
C ASN A 45 -24.22 36.75 -4.17
N ILE A 46 -25.28 36.55 -3.40
CA ILE A 46 -26.59 37.14 -3.70
C ILE A 46 -26.56 38.64 -3.50
N THR A 47 -26.49 39.40 -4.59
CA THR A 47 -26.63 40.84 -4.58
C THR A 47 -27.58 41.26 -5.69
N ALA A 48 -28.00 42.53 -5.65
CA ALA A 48 -28.87 43.05 -6.70
C ALA A 48 -28.09 43.26 -8.00
N GLU A 49 -26.84 43.66 -7.91
CA GLU A 49 -26.02 43.81 -9.11
C GLU A 49 -25.81 42.45 -9.78
N ASN A 50 -25.60 41.39 -9.00
CA ASN A 50 -25.43 40.06 -9.58
C ASN A 50 -26.75 39.54 -10.13
N ALA A 51 -27.85 39.80 -9.44
CA ALA A 51 -29.16 39.44 -9.98
C ALA A 51 -29.42 40.15 -11.31
N ARG A 52 -28.96 41.40 -11.43
CA ARG A 52 -29.15 42.15 -12.67
C ARG A 52 -28.32 41.55 -13.80
N ARG A 53 -27.06 41.19 -13.51
CA ARG A 53 -26.22 40.58 -14.52
C ARG A 53 -26.80 39.25 -15.00
N GLN A 54 -27.41 38.49 -14.09
CA GLN A 54 -28.01 37.22 -14.46
C GLN A 54 -29.15 37.42 -15.46
N GLU A 55 -30.00 38.43 -15.21
CA GLU A 55 -31.12 38.69 -16.12
C GLU A 55 -30.63 39.12 -17.49
N GLU A 56 -29.56 39.94 -17.54
CA GLU A 56 -28.95 40.28 -18.82
C GLU A 56 -28.55 39.03 -19.57
N ALA A 57 -27.91 38.07 -18.88
CA ALA A 57 -27.42 36.87 -19.55
C ALA A 57 -28.57 36.00 -20.01
N ALA A 58 -29.61 35.85 -19.19
CA ALA A 58 -30.78 35.08 -19.61
C ALA A 58 -31.39 35.64 -20.88
N LEU A 59 -31.56 36.96 -20.94
CA LEU A 59 -32.20 37.56 -22.11
C LEU A 59 -31.32 37.45 -23.35
N LEU A 60 -30.00 37.47 -23.18
CA LEU A 60 -29.12 37.20 -24.31
C LEU A 60 -29.33 35.79 -24.82
N SER A 61 -29.50 34.83 -23.91
CA SER A 61 -29.76 33.44 -24.31
C SER A 61 -31.05 33.32 -25.06
N GLN A 62 -32.11 33.99 -24.58
CA GLN A 62 -33.38 33.97 -25.30
C GLN A 62 -33.24 34.56 -26.69
N GLU A 63 -32.55 35.71 -26.80
CA GLU A 63 -32.35 36.34 -28.10
C GLU A 63 -31.61 35.39 -29.04
N PHE A 64 -30.58 34.72 -28.51
CA PHE A 64 -29.81 33.76 -29.30
C PHE A 64 -30.71 32.63 -29.80
N ALA A 65 -31.52 32.05 -28.91
CA ALA A 65 -32.35 30.91 -29.28
C ALA A 65 -33.35 31.30 -30.35
N GLU A 66 -33.92 32.50 -30.25
CA GLU A 66 -34.89 32.92 -31.27
C GLU A 66 -34.22 33.08 -32.64
N ALA A 67 -33.06 33.75 -32.67
CA ALA A 67 -32.39 34.00 -33.95
C ALA A 67 -32.05 32.69 -34.65
N TRP A 68 -31.45 31.74 -33.93
CA TRP A 68 -31.12 30.46 -34.52
C TRP A 68 -32.33 29.58 -34.72
N GLY A 69 -33.34 29.69 -33.84
CA GLY A 69 -34.55 28.91 -34.03
C GLY A 69 -35.30 29.32 -35.28
N GLN A 70 -35.47 30.62 -35.49
CA GLN A 70 -36.15 31.07 -36.70
C GLN A 70 -35.39 30.65 -37.96
N LYS A 71 -34.06 30.76 -37.92
CA LYS A 71 -33.25 30.33 -39.06
C LYS A 71 -33.44 28.84 -39.32
N ALA A 72 -33.38 28.03 -38.25
CA ALA A 72 -33.56 26.58 -38.41
C ALA A 72 -34.92 26.26 -39.02
N LYS A 73 -35.97 26.93 -38.56
CA LYS A 73 -37.30 26.65 -39.10
C LYS A 73 -37.38 27.08 -40.56
N GLU A 74 -36.82 28.24 -40.90
CA GLU A 74 -36.89 28.69 -42.30
C GLU A 74 -36.19 27.71 -43.24
N LEU A 75 -35.08 27.11 -42.82
CA LEU A 75 -34.31 26.28 -43.72
C LEU A 75 -34.74 24.82 -43.70
N TYR A 76 -35.10 24.28 -42.52
CA TYR A 76 -35.19 22.83 -42.37
C TYR A 76 -36.53 22.30 -41.88
N GLU A 77 -37.51 23.17 -41.60
CA GLU A 77 -38.79 22.67 -41.09
C GLU A 77 -39.39 21.55 -41.94
N PRO A 78 -39.47 21.67 -43.26
CA PRO A 78 -40.07 20.59 -44.06
C PRO A 78 -39.18 19.38 -44.32
N ILE A 79 -37.92 19.36 -43.86
CA ILE A 79 -37.02 18.27 -44.23
C ILE A 79 -36.26 17.66 -43.07
N TRP A 80 -36.16 18.31 -41.90
CA TRP A 80 -35.25 17.80 -40.88
C TRP A 80 -35.66 16.42 -40.37
N GLN A 81 -36.96 16.09 -40.44
CA GLN A 81 -37.41 14.80 -39.94
C GLN A 81 -37.02 13.65 -40.84
N GLN A 82 -36.50 13.93 -42.04
CA GLN A 82 -36.01 12.89 -42.94
C GLN A 82 -34.48 12.81 -42.99
N PHE A 83 -33.78 13.64 -42.23
CA PHE A 83 -32.32 13.53 -42.21
C PHE A 83 -31.93 12.13 -41.78
N THR A 84 -30.85 11.62 -42.38
CA THR A 84 -30.38 10.26 -42.08
C THR A 84 -29.63 10.19 -40.76
N ASP A 85 -29.03 11.30 -40.30
CA ASP A 85 -28.23 11.32 -39.09
C ASP A 85 -29.17 11.52 -37.90
N PRO A 86 -29.39 10.51 -37.05
CA PRO A 86 -30.38 10.66 -35.97
C PRO A 86 -29.99 11.72 -34.95
N GLN A 87 -28.70 11.90 -34.67
CA GLN A 87 -28.30 12.95 -33.74
C GLN A 87 -28.56 14.34 -34.33
N LEU A 88 -28.32 14.50 -35.64
CA LEU A 88 -28.66 15.75 -36.29
C LEU A 88 -30.13 16.03 -36.19
N ARG A 89 -30.98 15.02 -36.42
CA ARG A 89 -32.43 15.22 -36.27
C ARG A 89 -32.77 15.71 -34.86
N ARG A 90 -32.14 15.13 -33.84
CA ARG A 90 -32.40 15.58 -32.47
C ARG A 90 -31.96 17.03 -32.26
N ILE A 91 -30.81 17.42 -32.83
CA ILE A 91 -30.34 18.79 -32.63
C ILE A 91 -31.24 19.78 -33.35
N ILE A 92 -31.48 19.55 -34.64
CA ILE A 92 -32.32 20.47 -35.42
C ILE A 92 -33.73 20.52 -34.86
N GLY A 93 -34.28 19.36 -34.48
CA GLY A 93 -35.62 19.32 -33.93
C GLY A 93 -35.76 20.17 -32.69
N ALA A 94 -34.72 20.23 -31.87
CA ALA A 94 -34.78 21.09 -30.68
C ALA A 94 -34.62 22.55 -31.03
N VAL A 95 -33.70 22.87 -31.96
CA VAL A 95 -33.44 24.26 -32.28
C VAL A 95 -34.67 24.96 -32.86
N ARG A 96 -35.48 24.22 -33.62
CA ARG A 96 -36.62 24.82 -34.31
C ARG A 96 -37.82 25.02 -33.40
N THR A 97 -37.72 24.65 -32.13
CA THR A 97 -38.79 24.85 -31.14
C THR A 97 -38.48 26.14 -30.39
N LEU A 98 -39.31 27.17 -30.63
CA LEU A 98 -39.01 28.51 -30.13
C LEU A 98 -39.66 28.82 -28.79
N GLY A 99 -40.71 28.11 -28.41
CA GLY A 99 -41.34 28.39 -27.13
C GLY A 99 -41.84 29.83 -27.10
N SER A 100 -41.53 30.53 -26.01
CA SER A 100 -42.01 31.89 -25.81
C SER A 100 -41.53 32.84 -26.90
N ALA A 101 -40.46 32.49 -27.61
CA ALA A 101 -39.96 33.35 -28.69
C ALA A 101 -40.98 33.49 -29.81
N ASN A 102 -42.00 32.64 -29.86
CA ASN A 102 -43.06 32.78 -30.84
C ASN A 102 -44.03 33.90 -30.48
N LEU A 103 -43.98 34.41 -29.25
CA LEU A 103 -44.97 35.39 -28.84
C LEU A 103 -44.64 36.76 -29.42
N PRO A 104 -45.65 37.57 -29.74
CA PRO A 104 -45.38 38.98 -30.06
C PRO A 104 -44.53 39.62 -28.98
N LEU A 105 -43.83 40.69 -29.34
CA LEU A 105 -42.79 41.23 -28.47
C LEU A 105 -43.34 41.61 -27.10
N ALA A 106 -44.49 42.27 -27.05
CA ALA A 106 -45.01 42.71 -25.75
C ALA A 106 -45.49 41.51 -24.92
N LYS A 107 -46.10 40.51 -25.57
CA LYS A 107 -46.51 39.30 -24.88
C LYS A 107 -45.31 38.50 -24.37
N ARG A 108 -44.23 38.47 -25.16
CA ARG A 108 -43.00 37.81 -24.70
C ARG A 108 -42.46 38.48 -23.45
N GLN A 109 -42.47 39.81 -23.40
CA GLN A 109 -42.05 40.50 -22.19
C GLN A 109 -42.98 40.18 -21.02
N GLN A 110 -44.29 40.14 -21.29
N GLN A 110 -44.29 40.12 -21.28
CA GLN A 110 -45.27 39.81 -20.25
CA GLN A 110 -45.23 39.81 -20.20
C GLN A 110 -45.06 38.39 -19.73
C GLN A 110 -45.06 38.37 -19.72
N TYR A 111 -44.81 37.44 -20.64
CA TYR A 111 -44.53 36.07 -20.24
C TYR A 111 -43.34 36.02 -19.28
N ASN A 112 -42.24 36.68 -19.65
CA ASN A 112 -41.05 36.68 -18.78
C ASN A 112 -41.35 37.37 -17.46
N ALA A 113 -42.13 38.45 -17.50
CA ALA A 113 -42.48 39.13 -16.24
C ALA A 113 -43.31 38.23 -15.35
N LEU A 114 -44.27 37.50 -15.93
CA LEU A 114 -45.10 36.60 -15.14
C LEU A 114 -44.25 35.55 -14.45
N LEU A 115 -43.28 34.97 -15.18
CA LEU A 115 -42.41 33.98 -14.56
C LEU A 115 -41.66 34.57 -13.37
N SER A 116 -41.13 35.78 -13.53
CA SER A 116 -40.37 36.39 -12.44
C SER A 116 -41.28 36.76 -11.28
N GLN A 117 -42.44 37.33 -11.57
CA GLN A 117 -43.41 37.65 -10.52
C GLN A 117 -43.83 36.41 -9.74
N MET A 118 -44.25 35.36 -10.45
CA MET A 118 -44.69 34.14 -9.76
C MET A 118 -43.60 33.58 -8.88
N SER A 119 -42.36 33.53 -9.39
CA SER A 119 -41.27 33.03 -8.57
C SER A 119 -41.08 33.89 -7.32
N ARG A 120 -41.18 35.21 -7.47
CA ARG A 120 -40.98 36.12 -6.34
C ARG A 120 -42.11 36.01 -5.32
N ILE A 121 -43.35 35.84 -5.78
CA ILE A 121 -44.46 35.66 -4.84
C ILE A 121 -44.23 34.44 -3.96
N TYR A 122 -43.80 33.32 -4.56
CA TYR A 122 -43.58 32.11 -3.79
C TYR A 122 -42.43 32.27 -2.80
N SER A 123 -41.33 32.90 -3.22
CA SER A 123 -40.14 32.93 -2.37
C SER A 123 -40.24 33.93 -1.22
N THR A 124 -41.13 34.91 -1.32
CA THR A 124 -41.31 35.91 -0.27
C THR A 124 -42.60 35.73 0.53
N ALA A 125 -43.42 34.76 0.19
CA ALA A 125 -44.63 34.51 0.96
C ALA A 125 -44.29 34.11 2.37
N LYS A 126 -45.06 34.61 3.34
CA LYS A 126 -44.79 34.32 4.74
C LYS A 126 -46.08 34.30 5.54
N VAL A 127 -46.01 33.61 6.68
CA VAL A 127 -47.16 33.41 7.55
C VAL A 127 -46.98 34.30 8.77
N CYS A 128 -47.78 35.34 8.88
CA CYS A 128 -47.72 36.23 10.02
C CYS A 128 -48.68 35.76 11.12
N LEU A 129 -48.43 36.23 12.32
CA LEU A 129 -49.15 35.81 13.53
C LEU A 129 -50.04 36.94 14.02
N PRO A 130 -50.72 36.79 15.16
CA PRO A 130 -51.41 37.96 15.75
C PRO A 130 -50.47 39.00 16.36
N GLN A 131 -49.38 39.32 15.66
CA GLN A 131 -48.43 40.33 16.11
C GLN A 131 -48.15 41.35 15.00
N THR A 135 -43.89 39.65 13.92
CA THR A 135 -43.00 38.66 13.31
C THR A 135 -43.78 37.69 12.43
N CYS A 136 -43.10 37.10 11.44
CA CYS A 136 -43.74 36.23 10.47
C CYS A 136 -42.80 35.08 10.14
N TRP A 137 -43.39 33.94 9.79
CA TRP A 137 -42.63 32.74 9.47
C TRP A 137 -42.40 32.62 7.97
N SER A 138 -41.24 32.09 7.60
CA SER A 138 -40.93 31.81 6.19
C SER A 138 -40.91 30.31 5.98
N LEU A 139 -41.14 29.91 4.72
CA LEU A 139 -41.11 28.49 4.38
C LEU A 139 -39.80 27.86 4.82
N ASP A 140 -38.67 28.51 4.48
CA ASP A 140 -37.34 28.00 4.81
C ASP A 140 -36.72 28.88 5.89
N PRO A 141 -36.47 28.36 7.10
CA PRO A 141 -36.72 27.02 7.62
C PRO A 141 -37.92 26.91 8.57
N ASP A 142 -38.60 28.04 8.83
CA ASP A 142 -39.59 28.08 9.91
C ASP A 142 -40.72 27.08 9.67
N LEU A 143 -41.49 27.27 8.60
CA LEU A 143 -42.65 26.41 8.36
C LEU A 143 -42.21 24.97 8.08
N THR A 144 -41.10 24.81 7.34
CA THR A 144 -40.60 23.46 7.10
C THR A 144 -40.33 22.72 8.41
N ASN A 145 -39.72 23.40 9.38
CA ASN A 145 -39.39 22.74 10.64
C ASN A 145 -40.63 22.46 11.48
N ILE A 146 -41.64 23.34 11.42
CA ILE A 146 -42.89 23.08 12.12
C ILE A 146 -43.53 21.80 11.59
N LEU A 147 -43.73 21.73 10.28
CA LEU A 147 -44.32 20.54 9.67
C LEU A 147 -43.52 19.29 10.00
N ALA A 148 -42.20 19.43 10.13
CA ALA A 148 -41.35 18.25 10.32
C ALA A 148 -41.38 17.72 11.74
N SER A 149 -41.45 18.60 12.74
CA SER A 149 -41.18 18.21 14.12
C SER A 149 -42.32 18.51 15.09
N SER A 150 -43.15 19.51 14.82
CA SER A 150 -44.29 19.77 15.70
C SER A 150 -45.24 18.58 15.68
N ARG A 151 -45.75 18.22 16.85
CA ARG A 151 -46.76 17.18 16.98
C ARG A 151 -48.06 17.73 17.58
N SER A 152 -48.26 19.05 17.51
CA SER A 152 -49.49 19.68 17.93
C SER A 152 -50.38 19.89 16.71
N TYR A 153 -51.54 19.22 16.71
CA TYR A 153 -52.46 19.32 15.57
C TYR A 153 -52.74 20.75 15.20
N ALA A 154 -53.10 21.58 16.19
CA ALA A 154 -53.49 22.95 15.90
C ALA A 154 -52.32 23.78 15.37
N MET A 155 -51.10 23.48 15.84
CA MET A 155 -49.93 24.23 15.37
C MET A 155 -49.63 23.87 13.92
N LEU A 156 -49.55 22.56 13.62
CA LEU A 156 -49.42 22.12 12.24
C LEU A 156 -50.50 22.74 11.36
N LEU A 157 -51.73 22.79 11.86
CA LEU A 157 -52.83 23.33 11.08
C LEU A 157 -52.59 24.80 10.77
N PHE A 158 -52.12 25.57 11.75
CA PHE A 158 -51.91 26.99 11.51
C PHE A 158 -50.83 27.20 10.45
N ALA A 159 -49.75 26.42 10.49
CA ALA A 159 -48.69 26.55 9.48
C ALA A 159 -49.19 26.10 8.10
N TRP A 160 -49.86 24.94 8.03
CA TRP A 160 -50.35 24.44 6.75
C TRP A 160 -51.31 25.43 6.10
N GLU A 161 -52.33 25.86 6.85
CA GLU A 161 -53.31 26.79 6.29
C GLU A 161 -52.66 28.12 5.94
N GLY A 162 -51.85 28.65 6.86
CA GLY A 162 -51.23 29.94 6.62
C GLY A 162 -50.41 29.94 5.35
N TRP A 163 -49.65 28.88 5.12
CA TRP A 163 -48.76 28.85 3.97
C TRP A 163 -49.56 28.76 2.67
N HIS A 164 -50.56 27.88 2.64
CA HIS A 164 -51.30 27.69 1.41
C HIS A 164 -52.09 28.94 1.04
N ASN A 165 -52.65 29.64 2.04
CA ASN A 165 -53.34 30.89 1.75
C ASN A 165 -52.35 31.96 1.31
N ALA A 166 -51.18 32.01 1.94
CA ALA A 166 -50.23 33.07 1.62
C ALA A 166 -49.60 32.86 0.25
N ALA A 167 -49.19 31.62 -0.04
CA ALA A 167 -48.49 31.35 -1.29
C ALA A 167 -49.46 31.24 -2.45
N GLY A 168 -50.57 30.55 -2.28
CA GLY A 168 -51.45 30.23 -3.39
C GLY A 168 -52.34 31.34 -3.87
N ILE A 169 -53.04 32.02 -2.96
CA ILE A 169 -54.07 32.97 -3.39
C ILE A 169 -53.51 34.03 -4.33
N PRO A 170 -52.42 34.73 -4.03
CA PRO A 170 -51.94 35.77 -4.97
C PRO A 170 -51.41 35.21 -6.27
N LEU A 171 -51.10 33.91 -6.35
CA LEU A 171 -50.56 33.35 -7.57
C LEU A 171 -51.64 33.13 -8.63
N LYS A 172 -52.89 32.89 -8.21
CA LYS A 172 -53.88 32.39 -9.15
C LYS A 172 -54.08 33.29 -10.36
N PRO A 173 -54.21 34.61 -10.21
CA PRO A 173 -54.40 35.45 -11.41
C PRO A 173 -53.23 35.40 -12.36
N LEU A 174 -52.01 35.29 -11.81
CA LEU A 174 -50.84 35.22 -12.67
C LEU A 174 -50.76 33.88 -13.38
N TYR A 175 -51.05 32.78 -12.67
CA TYR A 175 -50.94 31.47 -13.30
C TYR A 175 -51.92 31.34 -14.46
N GLU A 176 -53.10 31.95 -14.33
CA GLU A 176 -54.05 31.92 -15.44
C GLU A 176 -53.47 32.60 -16.67
N ASP A 177 -52.87 33.79 -16.50
CA ASP A 177 -52.27 34.47 -17.63
C ASP A 177 -51.06 33.73 -18.18
N PHE A 178 -50.21 33.18 -17.30
CA PHE A 178 -49.10 32.36 -17.78
C PHE A 178 -49.59 31.19 -18.63
N THR A 179 -50.63 30.50 -18.17
CA THR A 179 -51.14 29.34 -18.91
C THR A 179 -51.53 29.74 -20.32
N ALA A 180 -52.28 30.84 -20.47
CA ALA A 180 -52.73 31.26 -21.79
C ALA A 180 -51.56 31.61 -22.68
N LEU A 181 -50.58 32.35 -22.17
CA LEU A 181 -49.45 32.77 -23.00
C LEU A 181 -48.56 31.58 -23.33
N SER A 182 -48.35 30.69 -22.36
CA SER A 182 -47.55 29.50 -22.62
C SER A 182 -48.15 28.66 -23.75
N ASN A 183 -49.46 28.40 -23.68
CA ASN A 183 -50.12 27.65 -24.74
C ASN A 183 -50.01 28.37 -26.09
N GLU A 184 -50.20 29.69 -26.11
CA GLU A 184 -50.10 30.44 -27.35
C GLU A 184 -48.74 30.26 -27.99
N ALA A 185 -47.70 30.21 -27.16
CA ALA A 185 -46.33 30.12 -27.66
C ALA A 185 -46.05 28.75 -28.26
N TYR A 186 -46.46 27.67 -27.58
CA TYR A 186 -46.14 26.32 -28.07
C TYR A 186 -47.08 25.85 -29.17
N LYS A 187 -48.27 26.43 -29.30
CA LYS A 187 -49.08 26.16 -30.48
C LYS A 187 -48.34 26.51 -31.76
N GLN A 188 -47.54 27.58 -31.72
CA GLN A 188 -46.75 27.97 -32.88
C GLN A 188 -45.62 26.99 -33.17
N ASP A 189 -45.21 26.19 -32.20
CA ASP A 189 -44.24 25.12 -32.43
C ASP A 189 -44.92 23.83 -32.88
N GLY A 190 -46.25 23.83 -33.01
CA GLY A 190 -46.96 22.66 -33.48
C GLY A 190 -47.57 21.76 -32.42
N PHE A 191 -47.65 22.21 -31.17
CA PHE A 191 -48.21 21.41 -30.09
C PHE A 191 -49.60 21.91 -29.71
N THR A 192 -50.48 20.98 -29.40
CA THR A 192 -51.85 21.36 -29.04
C THR A 192 -51.89 22.24 -27.79
N ASP A 193 -51.01 21.98 -26.84
CA ASP A 193 -50.91 22.80 -25.64
C ASP A 193 -49.57 22.51 -24.98
N THR A 194 -49.23 23.31 -23.96
CA THR A 194 -47.92 23.19 -23.34
C THR A 194 -47.70 21.78 -22.77
N GLY A 195 -48.74 21.16 -22.20
CA GLY A 195 -48.58 19.84 -21.62
C GLY A 195 -48.16 18.81 -22.66
N ALA A 196 -48.71 18.92 -23.87
CA ALA A 196 -48.34 18.00 -24.95
C ALA A 196 -46.87 18.19 -25.30
N TYR A 197 -46.36 19.42 -25.18
CA TYR A 197 -44.94 19.65 -25.42
C TYR A 197 -44.11 19.01 -24.32
N TRP A 198 -44.50 19.20 -23.07
CA TRP A 198 -43.75 18.56 -21.98
C TRP A 198 -43.71 17.06 -22.16
N ARG A 199 -44.84 16.45 -22.47
CA ARG A 199 -44.93 15.01 -22.61
C ARG A 199 -44.10 14.52 -23.80
N SER A 200 -43.99 15.34 -24.86
CA SER A 200 -43.26 14.90 -26.05
C SER A 200 -41.81 14.58 -25.76
N TRP A 201 -41.26 15.12 -24.68
CA TRP A 201 -39.87 14.77 -24.33
C TRP A 201 -39.69 13.28 -24.09
N TYR A 202 -40.74 12.55 -23.75
CA TYR A 202 -40.58 11.12 -23.51
C TYR A 202 -40.75 10.28 -24.77
N ASN A 203 -41.16 10.89 -25.87
CA ASN A 203 -41.26 10.23 -27.17
C ASN A 203 -41.91 8.86 -27.04
N SER A 204 -43.11 8.86 -26.49
CA SER A 204 -43.87 7.66 -26.28
C SER A 204 -45.32 7.90 -26.68
N PRO A 205 -45.84 7.16 -27.67
CA PRO A 205 -47.23 7.39 -28.08
C PRO A 205 -48.24 7.11 -26.97
N THR A 206 -47.88 6.25 -26.01
CA THR A 206 -48.81 5.84 -24.96
C THR A 206 -48.30 6.23 -23.58
N PHE A 207 -47.61 7.37 -23.49
CA PHE A 207 -46.98 7.79 -22.24
C PHE A 207 -47.96 7.76 -21.07
N GLU A 208 -49.13 8.41 -21.23
CA GLU A 208 -50.06 8.52 -20.11
C GLU A 208 -50.62 7.16 -19.71
N ASP A 209 -50.89 6.28 -20.69
CA ASP A 209 -51.31 4.92 -20.37
C ASP A 209 -50.19 4.12 -19.71
N ASP A 210 -48.95 4.28 -20.18
CA ASP A 210 -47.83 3.59 -19.56
C ASP A 210 -47.69 3.99 -18.10
N LEU A 211 -47.80 5.28 -17.81
CA LEU A 211 -47.71 5.77 -16.46
C LEU A 211 -48.80 5.19 -15.58
N GLU A 212 -50.05 5.18 -16.07
CA GLU A 212 -51.15 4.64 -15.28
C GLU A 212 -50.93 3.16 -14.98
N HIS A 213 -50.48 2.39 -15.96
CA HIS A 213 -50.22 0.97 -15.68
C HIS A 213 -49.11 0.79 -14.66
N LEU A 214 -48.09 1.65 -14.70
CA LEU A 214 -47.06 1.62 -13.65
C LEU A 214 -47.68 1.87 -12.28
N TYR A 215 -48.52 2.91 -12.18
CA TYR A 215 -49.03 3.27 -10.86
C TYR A 215 -49.98 2.20 -10.32
N GLN A 216 -50.72 1.53 -11.20
CA GLN A 216 -51.59 0.43 -10.75
C GLN A 216 -50.77 -0.65 -10.06
N GLN A 217 -49.55 -0.91 -10.53
CA GLN A 217 -48.70 -1.92 -9.90
C GLN A 217 -48.12 -1.42 -8.58
N LEU A 218 -47.96 -0.10 -8.43
CA LEU A 218 -47.40 0.49 -7.23
C LEU A 218 -48.43 0.78 -6.15
N GLU A 219 -49.69 0.99 -6.53
CA GLU A 219 -50.67 1.48 -5.58
C GLU A 219 -50.85 0.55 -4.38
N PRO A 220 -50.78 -0.78 -4.50
CA PRO A 220 -50.96 -1.63 -3.31
C PRO A 220 -49.94 -1.34 -2.23
N LEU A 221 -48.68 -1.10 -2.60
CA LEU A 221 -47.68 -0.77 -1.60
C LEU A 221 -47.99 0.55 -0.92
N TYR A 222 -48.47 1.54 -1.67
CA TYR A 222 -48.79 2.82 -1.05
C TYR A 222 -49.97 2.69 -0.09
N LEU A 223 -51.01 1.94 -0.50
CA LEU A 223 -52.20 1.81 0.33
C LEU A 223 -51.85 1.17 1.67
N ASN A 224 -50.99 0.17 1.66
CA ASN A 224 -50.59 -0.49 2.89
C ASN A 224 -49.77 0.44 3.78
N LEU A 225 -48.84 1.21 3.18
CA LEU A 225 -48.08 2.18 3.94
C LEU A 225 -49.00 3.24 4.51
N HIS A 226 -49.96 3.68 3.69
CA HIS A 226 -50.90 4.72 4.11
C HIS A 226 -51.74 4.25 5.30
N ALA A 227 -52.24 3.03 5.25
CA ALA A 227 -53.10 2.54 6.34
C ALA A 227 -52.29 2.33 7.61
N PHE A 228 -51.08 1.79 7.48
CA PHE A 228 -50.18 1.63 8.64
C PHE A 228 -49.93 2.97 9.31
N VAL A 229 -49.55 3.98 8.53
CA VAL A 229 -49.27 5.30 9.08
C VAL A 229 -50.54 5.94 9.64
N ARG A 230 -51.69 5.71 8.99
CA ARG A 230 -52.93 6.32 9.48
C ARG A 230 -53.28 5.77 10.85
N ARG A 231 -53.07 4.47 11.07
CA ARG A 231 -53.26 3.90 12.40
C ARG A 231 -52.41 4.64 13.43
N ALA A 232 -51.12 4.81 13.13
CA ALA A 232 -50.22 5.47 14.07
C ALA A 232 -50.70 6.87 14.38
N LEU A 233 -51.19 7.59 13.37
CA LEU A 233 -51.69 8.93 13.61
C LEU A 233 -52.96 8.90 14.46
N HIS A 234 -53.80 7.87 14.29
CA HIS A 234 -55.01 7.77 15.10
C HIS A 234 -54.66 7.68 16.58
N ARG A 235 -53.68 6.84 16.91
CA ARG A 235 -53.24 6.73 18.30
C ARG A 235 -52.74 8.06 18.84
N ARG A 236 -52.12 8.89 17.99
CA ARG A 236 -51.51 10.13 18.47
C ARG A 236 -52.53 11.24 18.62
N TYR A 237 -53.39 11.43 17.60
CA TYR A 237 -54.28 12.58 17.57
C TYR A 237 -55.73 12.26 17.88
N GLY A 238 -56.11 10.98 17.85
CA GLY A 238 -57.42 10.57 18.30
C GLY A 238 -58.45 10.44 17.19
N ASP A 239 -59.60 9.91 17.58
CA ASP A 239 -60.68 9.62 16.63
C ASP A 239 -61.38 10.88 16.15
N ARG A 240 -61.21 12.00 16.86
CA ARG A 240 -61.82 13.24 16.40
C ARG A 240 -61.15 13.77 15.13
N TYR A 241 -59.85 13.52 14.98
CA TYR A 241 -59.07 14.09 13.90
C TYR A 241 -58.60 13.07 12.87
N ILE A 242 -58.71 11.78 13.17
CA ILE A 242 -58.25 10.73 12.28
C ILE A 242 -59.39 9.76 12.06
N ASN A 243 -59.79 9.60 10.78
CA ASN A 243 -60.81 8.62 10.39
C ASN A 243 -60.10 7.39 9.82
N LEU A 244 -60.21 6.27 10.52
CA LEU A 244 -59.53 5.06 10.09
C LEU A 244 -60.04 4.54 8.73
N ARG A 245 -61.12 5.12 8.21
CA ARG A 245 -61.68 4.73 6.92
C ARG A 245 -61.81 5.94 6.00
N GLY A 246 -61.06 7.00 6.27
CA GLY A 246 -61.10 8.21 5.48
C GLY A 246 -59.71 8.70 5.11
N PRO A 247 -59.64 9.82 4.39
CA PRO A 247 -58.33 10.36 4.02
C PRO A 247 -57.62 10.96 5.22
N ILE A 248 -56.30 10.91 5.19
CA ILE A 248 -55.47 11.50 6.26
C ILE A 248 -55.46 13.02 6.11
N PRO A 249 -55.68 13.77 7.19
CA PRO A 249 -55.50 15.23 7.10
C PRO A 249 -54.09 15.58 6.59
N ALA A 250 -54.05 16.50 5.61
CA ALA A 250 -52.86 16.69 4.78
C ALA A 250 -51.68 17.33 5.50
N HIS A 251 -51.80 17.70 6.78
CA HIS A 251 -50.76 18.42 7.48
C HIS A 251 -50.03 17.60 8.54
N LEU A 252 -50.25 16.29 8.59
CA LEU A 252 -49.79 15.45 9.68
C LEU A 252 -48.69 14.50 9.30
N LEU A 253 -48.13 14.61 8.10
CA LEU A 253 -47.22 13.60 7.59
C LEU A 253 -45.76 14.08 7.58
N GLY A 254 -45.48 15.22 8.21
CA GLY A 254 -44.12 15.67 8.38
C GLY A 254 -43.62 16.61 7.30
N ASP A 255 -44.49 17.04 6.40
CA ASP A 255 -44.09 17.67 5.15
C ASP A 255 -45.24 18.56 4.70
N MET A 256 -44.90 19.75 4.20
CA MET A 256 -45.94 20.70 3.82
C MET A 256 -46.89 20.13 2.77
N TRP A 257 -46.40 19.25 1.89
CA TRP A 257 -47.18 18.69 0.80
C TRP A 257 -47.42 17.19 1.01
N ALA A 258 -47.05 16.65 2.16
CA ALA A 258 -47.21 15.23 2.45
C ALA A 258 -46.59 14.36 1.39
N GLN A 259 -45.54 14.87 0.73
CA GLN A 259 -44.90 14.15 -0.34
C GLN A 259 -43.80 13.23 0.14
N SER A 260 -43.35 13.41 1.37
CA SER A 260 -42.31 12.58 1.95
C SER A 260 -42.61 12.47 3.43
N TRP A 261 -42.63 11.25 3.94
CA TRP A 261 -43.12 11.02 5.31
C TRP A 261 -42.02 10.67 6.30
N GLU A 262 -40.76 10.87 5.94
CA GLU A 262 -39.69 10.36 6.81
C GLU A 262 -39.62 11.10 8.14
N ASN A 263 -40.19 12.29 8.24
CA ASN A 263 -40.11 13.06 9.49
C ASN A 263 -41.06 12.56 10.56
N ILE A 264 -41.94 11.59 10.26
CA ILE A 264 -42.74 10.96 11.30
C ILE A 264 -42.28 9.52 11.55
N TYR A 265 -41.06 9.20 11.14
CA TYR A 265 -40.50 7.87 11.39
C TYR A 265 -40.60 7.47 12.85
N ASP A 266 -40.41 8.44 13.77
CA ASP A 266 -40.39 8.13 15.20
C ASP A 266 -41.73 7.63 15.71
N MET A 267 -42.83 8.00 15.04
CA MET A 267 -44.14 7.50 15.44
C MET A 267 -44.38 6.07 14.98
N VAL A 268 -43.75 5.67 13.86
CA VAL A 268 -44.10 4.46 13.15
C VAL A 268 -42.99 3.43 13.19
N VAL A 269 -41.94 3.67 13.95
CA VAL A 269 -40.78 2.77 13.98
C VAL A 269 -41.27 1.34 14.16
N PRO A 270 -40.98 0.43 13.23
CA PRO A 270 -41.39 -0.96 13.44
C PRO A 270 -40.86 -1.54 14.75
N PHE A 271 -39.55 -1.42 15.00
CA PHE A 271 -38.91 -2.02 16.18
C PHE A 271 -38.10 -0.95 16.88
N PRO A 272 -38.73 -0.17 17.76
CA PRO A 272 -38.02 0.98 18.37
C PRO A 272 -36.85 0.58 19.26
N ASP A 273 -36.82 -0.64 19.77
CA ASP A 273 -35.74 -1.04 20.66
C ASP A 273 -34.43 -1.26 19.91
N LYS A 274 -34.45 -1.29 18.59
CA LYS A 274 -33.20 -1.43 17.87
C LYS A 274 -32.55 -0.06 17.65
N PRO A 275 -31.22 0.01 17.66
CA PRO A 275 -30.57 1.31 17.46
C PRO A 275 -30.84 1.84 16.05
N ASN A 276 -31.04 3.15 15.96
CA ASN A 276 -31.13 3.80 14.67
C ASN A 276 -29.78 3.73 13.96
N LEU A 277 -29.82 3.80 12.65
CA LEU A 277 -28.63 3.90 11.83
C LEU A 277 -28.31 5.38 11.62
N ASP A 278 -27.30 5.89 12.32
CA ASP A 278 -26.83 7.25 12.10
C ASP A 278 -25.35 7.32 12.46
N VAL A 279 -24.49 7.47 11.46
CA VAL A 279 -23.04 7.50 11.67
C VAL A 279 -22.53 8.93 11.77
N THR A 280 -23.44 9.89 11.91
CA THR A 280 -23.04 11.30 11.98
C THR A 280 -21.98 11.52 13.06
N SER A 281 -22.23 11.04 14.28
N SER A 281 -22.21 11.03 14.28
CA SER A 281 -21.29 11.25 15.37
CA SER A 281 -21.28 11.29 15.35
C SER A 281 -19.93 10.66 15.06
C SER A 281 -19.92 10.66 15.07
N THR A 282 -19.90 9.47 14.46
CA THR A 282 -18.62 8.84 14.12
C THR A 282 -17.86 9.67 13.09
N MET A 283 -18.56 10.28 12.13
CA MET A 283 -17.92 11.21 11.20
C MET A 283 -17.26 12.35 11.96
N LEU A 284 -17.94 12.89 12.97
CA LEU A 284 -17.40 14.00 13.74
C LEU A 284 -16.16 13.56 14.55
N GLN A 285 -16.22 12.39 15.20
CA GLN A 285 -15.07 11.95 15.99
C GLN A 285 -13.85 11.69 15.09
N GLN A 286 -14.07 11.27 13.84
CA GLN A 286 -12.97 11.02 12.91
C GLN A 286 -12.49 12.29 12.23
N GLY A 287 -13.03 13.45 12.59
CA GLY A 287 -12.54 14.70 12.04
C GLY A 287 -12.98 15.04 10.64
N TRP A 288 -14.02 14.40 10.12
CA TRP A 288 -14.47 14.69 8.76
C TRP A 288 -14.91 16.12 8.63
N GLN A 289 -14.62 16.72 7.48
CA GLN A 289 -15.13 18.02 7.10
C GLN A 289 -15.65 17.95 5.66
N ALA A 290 -16.18 19.06 5.17
CA ALA A 290 -16.86 19.05 3.86
C ALA A 290 -15.93 18.51 2.76
N THR A 291 -14.71 19.01 2.70
CA THR A 291 -13.80 18.60 1.63
C THR A 291 -13.57 17.09 1.66
N HIS A 292 -13.28 16.53 2.83
CA HIS A 292 -13.06 15.10 2.91
C HIS A 292 -14.28 14.33 2.43
N MET A 293 -15.49 14.82 2.76
CA MET A 293 -16.69 14.15 2.30
C MET A 293 -16.75 14.06 0.79
N PHE A 294 -16.37 15.14 0.11
CA PHE A 294 -16.34 15.14 -1.35
C PHE A 294 -15.23 14.24 -1.89
N ARG A 295 -14.07 14.23 -1.22
CA ARG A 295 -13.01 13.31 -1.61
C ARG A 295 -13.45 11.86 -1.45
N VAL A 296 -14.21 11.58 -0.39
CA VAL A 296 -14.73 10.24 -0.18
C VAL A 296 -15.71 9.88 -1.30
N ALA A 297 -16.63 10.79 -1.63
CA ALA A 297 -17.51 10.55 -2.75
C ALA A 297 -16.73 10.33 -4.04
N GLU A 298 -15.70 11.14 -4.27
CA GLU A 298 -14.89 10.97 -5.48
C GLU A 298 -14.30 9.58 -5.54
N GLU A 299 -13.87 9.05 -4.39
CA GLU A 299 -13.25 7.73 -4.40
C GLU A 299 -14.26 6.64 -4.68
N PHE A 300 -15.54 6.89 -4.37
CA PHE A 300 -16.58 5.94 -4.79
C PHE A 300 -16.61 5.82 -6.32
N PHE A 301 -16.56 6.96 -7.02
CA PHE A 301 -16.62 6.91 -8.48
C PHE A 301 -15.36 6.29 -9.08
N THR A 302 -14.18 6.65 -8.58
CA THR A 302 -12.95 6.07 -9.12
C THR A 302 -12.89 4.58 -8.81
N SER A 303 -13.57 4.12 -7.76
CA SER A 303 -13.62 2.69 -7.46
C SER A 303 -14.40 1.92 -8.50
N LEU A 304 -15.31 2.60 -9.22
CA LEU A 304 -16.03 2.01 -10.32
C LEU A 304 -15.33 2.19 -11.66
N GLU A 305 -14.13 2.76 -11.66
CA GLU A 305 -13.43 3.19 -12.85
C GLU A 305 -14.25 4.20 -13.63
N LEU A 306 -14.96 5.06 -12.91
CA LEU A 306 -15.54 6.27 -13.47
C LEU A 306 -14.57 7.43 -13.22
N SER A 307 -14.90 8.58 -13.72
CA SER A 307 -13.90 9.64 -13.81
C SER A 307 -13.76 10.37 -12.47
N PRO A 308 -12.54 10.76 -12.12
CA PRO A 308 -12.37 11.62 -10.95
C PRO A 308 -12.89 13.02 -11.25
N MET A 309 -13.02 13.81 -10.19
CA MET A 309 -13.39 15.21 -10.37
C MET A 309 -12.18 15.97 -10.90
N PRO A 310 -12.34 16.76 -11.96
CA PRO A 310 -11.18 17.47 -12.51
C PRO A 310 -10.77 18.60 -11.60
N PRO A 311 -9.53 19.08 -11.72
CA PRO A 311 -9.10 20.23 -10.91
C PRO A 311 -10.06 21.42 -10.95
N GLU A 312 -10.62 21.74 -12.13
CA GLU A 312 -11.57 22.85 -12.21
C GLU A 312 -12.72 22.70 -11.20
N PHE A 313 -13.13 21.48 -10.90
CA PHE A 313 -14.18 21.24 -9.91
C PHE A 313 -13.74 21.66 -8.52
N TRP A 314 -12.53 21.25 -8.11
CA TRP A 314 -12.04 21.57 -6.76
C TRP A 314 -11.75 23.06 -6.64
N GLU A 315 -11.27 23.68 -7.72
CA GLU A 315 -10.94 25.10 -7.70
C GLU A 315 -12.19 25.96 -7.58
N GLY A 316 -13.26 25.58 -8.24
CA GLY A 316 -14.39 26.49 -8.41
C GLY A 316 -15.61 26.21 -7.54
N SER A 317 -15.70 25.00 -6.95
CA SER A 317 -16.92 24.64 -6.25
C SER A 317 -17.03 25.36 -4.91
N MET A 318 -18.27 25.52 -4.44
CA MET A 318 -18.57 26.03 -3.10
C MET A 318 -19.06 24.82 -2.30
N LEU A 319 -18.17 24.22 -1.53
CA LEU A 319 -18.45 23.00 -0.80
C LEU A 319 -18.93 23.24 0.62
N GLU A 320 -18.84 24.47 1.11
CA GLU A 320 -19.29 24.81 2.47
C GLU A 320 -19.69 26.27 2.48
N LYS A 321 -20.53 26.64 3.42
CA LYS A 321 -21.03 28.01 3.47
C LYS A 321 -19.85 28.95 3.66
N PRO A 322 -19.74 30.03 2.90
CA PRO A 322 -18.57 30.90 3.01
C PRO A 322 -18.54 31.63 4.35
N ALA A 323 -17.35 31.68 4.95
CA ALA A 323 -17.19 32.30 6.26
C ALA A 323 -17.25 33.82 6.19
N ASP A 324 -17.09 34.41 5.01
CA ASP A 324 -17.08 35.87 4.89
C ASP A 324 -18.46 36.49 5.02
N GLY A 325 -19.47 35.72 5.46
CA GLY A 325 -20.81 36.24 5.65
C GLY A 325 -21.62 36.44 4.39
N ARG A 326 -21.07 36.10 3.22
CA ARG A 326 -21.82 36.18 1.97
C ARG A 326 -23.16 35.48 2.11
N GLU A 327 -24.17 36.03 1.45
CA GLU A 327 -25.46 35.37 1.33
C GLU A 327 -25.45 34.49 0.07
N VAL A 328 -25.81 33.22 0.23
CA VAL A 328 -25.73 32.24 -0.83
C VAL A 328 -26.96 31.34 -0.81
N VAL A 329 -27.20 30.64 -1.91
CA VAL A 329 -28.17 29.56 -1.97
C VAL A 329 -27.48 28.30 -1.44
N CYS A 330 -27.94 27.81 -0.30
CA CYS A 330 -27.25 26.70 0.36
C CYS A 330 -27.72 25.32 -0.10
N HIS A 331 -28.92 25.25 -0.67
CA HIS A 331 -29.44 24.00 -1.21
C HIS A 331 -28.48 23.43 -2.25
N ALA A 332 -28.21 22.12 -2.15
CA ALA A 332 -27.18 21.51 -2.95
C ALA A 332 -27.61 21.42 -4.41
N SER A 333 -26.69 21.72 -5.31
CA SER A 333 -26.96 21.63 -6.74
C SER A 333 -25.65 21.44 -7.48
N ALA A 334 -25.75 20.79 -8.65
CA ALA A 334 -24.61 20.46 -9.52
C ALA A 334 -24.72 21.22 -10.82
N TRP A 335 -23.58 21.71 -11.31
CA TRP A 335 -23.54 22.73 -12.37
C TRP A 335 -22.69 22.27 -13.55
N ASP A 336 -23.28 22.31 -14.73
CA ASP A 336 -22.60 22.14 -16.01
C ASP A 336 -22.53 23.51 -16.66
N PHE A 337 -21.31 23.96 -16.97
CA PHE A 337 -21.13 25.27 -17.59
C PHE A 337 -21.11 25.21 -19.12
N TYR A 338 -21.32 24.03 -19.70
CA TYR A 338 -21.46 23.85 -21.14
C TYR A 338 -20.24 24.33 -21.92
N ASN A 339 -19.06 24.30 -21.29
CA ASN A 339 -17.82 24.59 -21.98
C ASN A 339 -16.84 23.41 -21.93
N ARG A 340 -17.31 22.24 -21.51
CA ARG A 340 -16.51 21.02 -21.40
C ARG A 340 -15.37 21.15 -20.41
N LYS A 341 -15.37 22.18 -19.58
CA LYS A 341 -14.22 22.48 -18.73
C LYS A 341 -14.63 22.67 -17.27
N ASP A 342 -15.62 23.53 -17.03
CA ASP A 342 -16.03 23.89 -15.68
C ASP A 342 -17.26 23.09 -15.27
N PHE A 343 -17.16 22.41 -14.13
CA PHE A 343 -18.23 21.64 -13.52
C PHE A 343 -18.10 21.86 -12.02
N ARG A 344 -19.22 22.15 -11.35
CA ARG A 344 -19.13 22.56 -9.96
C ARG A 344 -20.34 22.09 -9.16
N ILE A 345 -20.13 21.89 -7.86
CA ILE A 345 -21.21 21.73 -6.90
C ILE A 345 -21.23 22.94 -5.99
N LYS A 346 -22.44 23.38 -5.64
CA LYS A 346 -22.68 24.45 -4.70
C LYS A 346 -23.54 23.87 -3.59
N GLN A 347 -22.96 23.73 -2.40
CA GLN A 347 -23.64 23.10 -1.29
C GLN A 347 -23.05 23.63 0.01
N CYS A 348 -23.92 24.07 0.92
CA CYS A 348 -23.50 24.42 2.29
C CYS A 348 -23.41 23.14 3.10
N THR A 349 -22.37 22.35 2.78
CA THR A 349 -22.29 21.00 3.31
C THR A 349 -22.15 21.01 4.83
N ARG A 350 -22.90 20.13 5.48
CA ARG A 350 -22.72 19.85 6.90
C ARG A 350 -22.27 18.41 7.08
N VAL A 351 -21.61 18.15 8.20
CA VAL A 351 -20.99 16.85 8.45
C VAL A 351 -22.06 15.97 9.09
N THR A 352 -22.87 15.31 8.26
CA THR A 352 -23.85 14.34 8.72
C THR A 352 -23.94 13.19 7.73
N MET A 353 -24.50 12.08 8.19
CA MET A 353 -24.68 10.91 7.33
C MET A 353 -25.57 11.24 6.13
N ASP A 354 -26.69 11.91 6.37
CA ASP A 354 -27.60 12.24 5.27
C ASP A 354 -26.89 13.14 4.26
N GLN A 355 -26.06 14.07 4.75
CA GLN A 355 -25.35 14.97 3.84
C GLN A 355 -24.28 14.21 3.04
N LEU A 356 -23.67 13.18 3.61
CA LEU A 356 -22.75 12.35 2.84
C LEU A 356 -23.48 11.70 1.67
N SER A 357 -24.70 11.21 1.90
N SER A 357 -24.69 11.20 1.92
CA SER A 357 -25.47 10.63 0.80
CA SER A 357 -25.50 10.64 0.84
C SER A 357 -25.80 11.69 -0.25
C SER A 357 -25.78 11.69 -0.23
N THR A 358 -26.11 12.92 0.19
CA THR A 358 -26.39 13.98 -0.77
C THR A 358 -25.15 14.31 -1.60
N VAL A 359 -23.97 14.34 -0.98
CA VAL A 359 -22.76 14.63 -1.72
C VAL A 359 -22.59 13.63 -2.86
N HIS A 360 -22.80 12.33 -2.58
CA HIS A 360 -22.67 11.31 -3.61
C HIS A 360 -23.70 11.51 -4.72
N HIS A 361 -24.96 11.78 -4.34
CA HIS A 361 -26.01 12.05 -5.30
C HIS A 361 -25.61 13.18 -6.23
N GLU A 362 -25.20 14.32 -5.67
CA GLU A 362 -24.89 15.48 -6.51
C GLU A 362 -23.66 15.22 -7.36
N MET A 363 -22.67 14.51 -6.81
CA MET A 363 -21.52 14.18 -7.63
C MET A 363 -21.91 13.21 -8.75
N GLY A 364 -22.98 12.44 -8.54
CA GLY A 364 -23.53 11.64 -9.62
C GLY A 364 -23.97 12.50 -10.80
N HIS A 365 -24.55 13.67 -10.51
CA HIS A 365 -24.88 14.60 -11.58
C HIS A 365 -23.61 15.04 -12.31
N ILE A 366 -22.58 15.41 -11.55
CA ILE A 366 -21.32 15.84 -12.17
C ILE A 366 -20.76 14.74 -13.07
N GLN A 367 -20.72 13.51 -12.55
CA GLN A 367 -20.22 12.39 -13.35
C GLN A 367 -20.96 12.29 -14.67
N TYR A 368 -22.29 12.41 -14.64
CA TYR A 368 -23.08 12.48 -15.87
C TYR A 368 -22.55 13.55 -16.80
N TYR A 369 -22.38 14.77 -16.30
CA TYR A 369 -21.82 15.86 -17.11
C TYR A 369 -20.51 15.47 -17.74
N LEU A 370 -19.60 14.90 -16.93
CA LEU A 370 -18.29 14.60 -17.47
C LEU A 370 -18.34 13.52 -18.53
N GLN A 371 -19.26 12.58 -18.42
CA GLN A 371 -19.32 11.48 -19.38
C GLN A 371 -19.86 11.94 -20.74
N TYR A 372 -20.79 12.88 -20.78
CA TYR A 372 -21.36 13.31 -22.06
C TYR A 372 -20.84 14.67 -22.54
N LYS A 373 -19.71 15.15 -22.01
CA LYS A 373 -19.25 16.49 -22.34
C LYS A 373 -18.66 16.60 -23.75
N ASP A 374 -18.44 15.49 -24.46
CA ASP A 374 -17.98 15.58 -25.84
C ASP A 374 -19.13 15.57 -26.84
N LEU A 375 -20.36 15.36 -26.40
CA LEU A 375 -21.52 15.47 -27.28
C LEU A 375 -21.77 16.91 -27.68
N PRO A 376 -22.49 17.13 -28.79
CA PRO A 376 -22.99 18.49 -29.07
C PRO A 376 -23.81 19.01 -27.90
N VAL A 377 -23.73 20.35 -27.69
CA VAL A 377 -24.34 20.96 -26.50
C VAL A 377 -25.79 20.57 -26.35
N SER A 378 -26.55 20.52 -27.46
CA SER A 378 -27.98 20.23 -27.40
C SER A 378 -28.25 18.87 -26.78
N LEU A 379 -27.27 17.96 -26.78
CA LEU A 379 -27.46 16.59 -26.35
C LEU A 379 -26.81 16.32 -25.00
N ARG A 380 -26.31 17.35 -24.32
CA ARG A 380 -25.72 17.20 -23.01
C ARG A 380 -26.84 17.29 -21.99
N ARG A 381 -27.60 16.22 -21.89
CA ARG A 381 -28.64 16.09 -20.89
C ARG A 381 -28.97 14.61 -20.73
N GLY A 382 -29.76 14.31 -19.70
CA GLY A 382 -30.17 12.92 -19.48
C GLY A 382 -30.96 12.36 -20.65
N ALA A 383 -30.99 11.02 -20.74
CA ALA A 383 -31.64 10.38 -21.88
C ALA A 383 -33.13 10.74 -21.92
N ASN A 384 -33.79 10.84 -20.76
CA ASN A 384 -35.06 11.57 -20.67
C ASN A 384 -35.00 12.39 -19.37
N PRO A 385 -35.93 13.32 -19.14
CA PRO A 385 -35.76 14.25 -18.01
C PRO A 385 -35.72 13.59 -16.63
N GLY A 386 -36.04 12.31 -16.53
CA GLY A 386 -35.96 11.61 -15.26
C GLY A 386 -34.65 10.90 -14.99
N PHE A 387 -33.74 10.88 -15.96
CA PHE A 387 -32.52 10.07 -15.80
C PHE A 387 -31.57 10.69 -14.78
N HIS A 388 -31.45 12.02 -14.77
CA HIS A 388 -30.46 12.64 -13.89
C HIS A 388 -30.73 12.31 -12.42
N GLU A 389 -31.97 12.54 -11.96
CA GLU A 389 -32.30 12.24 -10.57
C GLU A 389 -32.19 10.74 -10.28
N ALA A 390 -32.55 9.90 -11.25
CA ALA A 390 -32.44 8.47 -11.05
C ALA A 390 -30.99 8.04 -10.88
N ILE A 391 -30.07 8.66 -11.63
CA ILE A 391 -28.65 8.36 -11.46
C ILE A 391 -28.18 8.81 -10.09
N GLY A 392 -28.54 10.03 -9.70
CA GLY A 392 -28.16 10.51 -8.39
C GLY A 392 -28.68 9.62 -7.29
N ASP A 393 -29.92 9.20 -7.40
CA ASP A 393 -30.55 8.42 -6.35
C ASP A 393 -30.09 6.98 -6.30
N VAL A 394 -29.76 6.38 -7.45
CA VAL A 394 -29.31 4.98 -7.40
C VAL A 394 -27.95 4.88 -6.72
N LEU A 395 -27.07 5.85 -6.94
CA LEU A 395 -25.79 5.87 -6.23
C LEU A 395 -26.03 6.01 -4.72
N ALA A 396 -26.99 6.85 -4.33
CA ALA A 396 -27.30 7.02 -2.93
C ALA A 396 -27.88 5.75 -2.32
N LEU A 397 -28.57 4.93 -3.12
CA LEU A 397 -29.11 3.68 -2.59
C LEU A 397 -27.99 2.76 -2.10
N SER A 398 -26.86 2.74 -2.80
CA SER A 398 -25.73 1.92 -2.37
C SER A 398 -25.04 2.56 -1.16
N VAL A 399 -24.82 3.87 -1.21
CA VAL A 399 -24.02 4.56 -0.21
C VAL A 399 -24.73 4.68 1.14
N SER A 400 -26.05 4.56 1.16
CA SER A 400 -26.80 4.66 2.40
C SER A 400 -26.83 3.36 3.21
N THR A 401 -26.45 2.23 2.64
CA THR A 401 -26.57 0.97 3.32
C THR A 401 -25.54 0.87 4.46
N PRO A 402 -25.89 0.20 5.56
CA PRO A 402 -24.87 -0.07 6.58
C PRO A 402 -23.68 -0.82 6.01
N GLU A 403 -23.92 -1.68 5.02
CA GLU A 403 -22.82 -2.37 4.36
C GLU A 403 -21.78 -1.41 3.83
N HIS A 404 -22.21 -0.36 3.11
CA HIS A 404 -21.23 0.57 2.56
C HIS A 404 -20.58 1.40 3.67
N LEU A 405 -21.39 1.84 4.64
CA LEU A 405 -20.84 2.68 5.71
C LEU A 405 -19.78 1.93 6.50
N HIS A 406 -19.97 0.62 6.67
CA HIS A 406 -18.90 -0.21 7.25
C HIS A 406 -17.63 -0.15 6.40
N LYS A 407 -17.78 -0.28 5.08
CA LYS A 407 -16.61 -0.40 4.22
C LYS A 407 -15.78 0.88 4.19
N ILE A 408 -16.40 2.04 4.41
CA ILE A 408 -15.67 3.30 4.40
C ILE A 408 -15.31 3.76 5.81
N GLY A 409 -15.41 2.87 6.81
CA GLY A 409 -14.88 3.13 8.12
C GLY A 409 -15.78 3.88 9.08
N LEU A 410 -17.08 3.92 8.83
CA LEU A 410 -18.00 4.70 9.64
C LEU A 410 -18.93 3.83 10.48
N LEU A 411 -18.86 2.51 10.36
CA LEU A 411 -19.74 1.63 11.11
C LEU A 411 -19.02 0.33 11.40
N ASP A 412 -18.60 0.14 12.66
CA ASP A 412 -17.76 -1.00 13.02
C ASP A 412 -18.45 -2.32 12.71
N ARG A 413 -19.70 -2.47 13.15
CA ARG A 413 -20.40 -3.74 13.07
C ARG A 413 -21.69 -3.59 12.27
N VAL A 414 -21.86 -4.44 11.27
CA VAL A 414 -23.09 -4.50 10.48
C VAL A 414 -23.99 -5.56 11.09
N THR A 415 -25.10 -5.14 11.70
CA THR A 415 -26.06 -6.09 12.24
C THR A 415 -26.80 -6.81 11.11
N ASN A 416 -27.28 -8.02 11.41
CA ASN A 416 -28.00 -8.82 10.44
C ASN A 416 -29.36 -9.28 10.94
N ASP A 417 -29.84 -8.77 12.07
CA ASP A 417 -31.17 -9.09 12.53
C ASP A 417 -32.22 -8.50 11.58
N THR A 418 -33.27 -9.29 11.31
CA THR A 418 -34.28 -8.85 10.36
C THR A 418 -35.02 -7.61 10.84
N GLU A 419 -35.09 -7.41 12.16
CA GLU A 419 -35.80 -6.24 12.69
C GLU A 419 -35.18 -4.94 12.22
N SER A 420 -33.84 -4.87 12.19
CA SER A 420 -33.17 -3.69 11.69
C SER A 420 -33.35 -3.53 10.19
N ASP A 421 -33.47 -4.66 9.45
CA ASP A 421 -33.78 -4.58 8.03
C ASP A 421 -35.15 -3.93 7.81
N ILE A 422 -36.16 -4.35 8.57
CA ILE A 422 -37.48 -3.76 8.45
C ILE A 422 -37.43 -2.27 8.77
N ASN A 423 -36.75 -1.90 9.86
CA ASN A 423 -36.60 -0.48 10.19
C ASN A 423 -35.99 0.30 9.03
N TYR A 424 -34.90 -0.24 8.44
CA TYR A 424 -34.26 0.39 7.29
C TYR A 424 -35.24 0.54 6.13
N LEU A 425 -35.95 -0.52 5.79
CA LEU A 425 -36.84 -0.49 4.63
C LEU A 425 -38.03 0.42 4.87
N LEU A 426 -38.55 0.45 6.10
CA LEU A 426 -39.70 1.31 6.40
C LEU A 426 -39.31 2.77 6.31
N LYS A 427 -38.11 3.12 6.81
CA LYS A 427 -37.61 4.48 6.65
C LYS A 427 -37.47 4.84 5.19
N MET A 428 -36.92 3.93 4.38
CA MET A 428 -36.79 4.16 2.94
C MET A 428 -38.16 4.33 2.30
N ALA A 429 -39.13 3.50 2.72
CA ALA A 429 -40.47 3.56 2.11
C ALA A 429 -41.16 4.88 2.40
N LEU A 430 -40.94 5.43 3.60
CA LEU A 430 -41.52 6.72 3.94
C LEU A 430 -41.04 7.82 2.99
N GLU A 431 -39.85 7.65 2.42
CA GLU A 431 -39.30 8.57 1.44
C GLU A 431 -39.69 8.20 0.01
N LYS A 432 -39.48 6.93 -0.37
CA LYS A 432 -39.59 6.51 -1.77
C LYS A 432 -41.01 6.16 -2.16
N ILE A 433 -41.77 5.48 -1.29
CA ILE A 433 -43.12 5.04 -1.65
C ILE A 433 -44.13 6.13 -1.40
N ALA A 434 -44.01 6.86 -0.30
CA ALA A 434 -44.98 7.92 -0.02
C ALA A 434 -45.00 8.98 -1.12
N PHE A 435 -43.86 9.19 -1.79
CA PHE A 435 -43.78 10.24 -2.81
C PHE A 435 -44.52 9.85 -4.10
N LEU A 436 -44.61 8.55 -4.41
CA LEU A 436 -45.07 8.12 -5.73
C LEU A 436 -46.40 8.75 -6.14
N PRO A 437 -47.45 8.74 -5.32
CA PRO A 437 -48.70 9.39 -5.77
C PRO A 437 -48.55 10.87 -6.02
N PHE A 438 -47.74 11.57 -5.20
CA PHE A 438 -47.56 13.00 -5.41
C PHE A 438 -46.79 13.26 -6.70
N GLY A 439 -45.69 12.53 -6.92
CA GLY A 439 -44.92 12.75 -8.14
C GLY A 439 -45.75 12.49 -9.38
N TYR A 440 -46.74 11.60 -9.29
CA TYR A 440 -47.57 11.26 -10.43
C TYR A 440 -48.65 12.31 -10.66
N LEU A 441 -49.19 12.90 -9.58
CA LEU A 441 -50.41 13.70 -9.71
C LEU A 441 -50.15 15.15 -10.12
N VAL A 442 -48.97 15.70 -9.81
CA VAL A 442 -48.77 17.14 -9.99
C VAL A 442 -48.96 17.53 -11.48
N ASP A 443 -48.32 16.82 -12.39
CA ASP A 443 -48.44 17.15 -13.80
C ASP A 443 -49.74 16.64 -14.40
N GLN A 444 -50.42 15.68 -13.77
CA GLN A 444 -51.79 15.40 -14.17
C GLN A 444 -52.65 16.63 -13.98
N TRP A 445 -52.43 17.34 -12.87
CA TRP A 445 -53.16 18.59 -12.66
C TRP A 445 -52.80 19.61 -13.74
N ARG A 446 -51.51 19.81 -13.97
CA ARG A 446 -51.11 20.82 -14.97
C ARG A 446 -51.50 20.43 -16.40
N TRP A 447 -51.43 19.14 -16.73
CA TRP A 447 -51.91 18.72 -18.05
C TRP A 447 -53.37 19.09 -18.25
N GLY A 448 -54.20 18.92 -17.22
CA GLY A 448 -55.58 19.34 -17.30
C GLY A 448 -55.75 20.83 -17.45
N VAL A 449 -54.89 21.61 -16.79
CA VAL A 449 -54.97 23.05 -16.90
C VAL A 449 -54.53 23.50 -18.30
N PHE A 450 -53.39 22.98 -18.77
CA PHE A 450 -52.90 23.37 -20.08
C PHE A 450 -53.90 23.01 -21.19
N SER A 451 -54.57 21.87 -21.08
CA SER A 451 -55.52 21.44 -22.11
C SER A 451 -56.88 22.12 -22.03
N GLY A 452 -57.18 22.83 -20.95
CA GLY A 452 -58.45 23.47 -20.78
C GLY A 452 -59.50 22.66 -20.06
N ARG A 453 -59.24 21.39 -19.78
CA ARG A 453 -60.18 20.58 -19.02
C ARG A 453 -60.38 21.14 -17.61
N THR A 454 -59.39 21.85 -17.09
CA THR A 454 -59.45 22.50 -15.79
C THR A 454 -59.32 24.00 -16.00
N PRO A 455 -60.43 24.73 -16.15
CA PRO A 455 -60.35 26.18 -16.22
C PRO A 455 -60.10 26.75 -14.83
N PRO A 456 -59.79 28.04 -14.74
CA PRO A 456 -59.55 28.64 -13.43
C PRO A 456 -60.65 28.38 -12.42
N SER A 457 -61.90 28.29 -12.88
CA SER A 457 -63.03 28.08 -11.96
C SER A 457 -62.98 26.75 -11.23
N ARG A 458 -62.12 25.82 -11.65
CA ARG A 458 -61.99 24.53 -10.99
C ARG A 458 -60.54 24.14 -10.69
N TYR A 459 -59.64 25.13 -10.59
CA TYR A 459 -58.24 24.85 -10.22
C TYR A 459 -58.16 24.03 -8.94
N ASN A 460 -58.81 24.49 -7.86
CA ASN A 460 -58.65 23.82 -6.58
C ASN A 460 -59.49 22.56 -6.47
N PHE A 461 -60.68 22.57 -7.07
CA PHE A 461 -61.50 21.38 -7.14
C PHE A 461 -60.72 20.21 -7.73
N ASP A 462 -60.06 20.44 -8.87
CA ASP A 462 -59.35 19.35 -9.54
C ASP A 462 -58.05 19.01 -8.82
N TRP A 463 -57.42 19.99 -8.17
CA TRP A 463 -56.24 19.71 -7.36
C TRP A 463 -56.58 18.74 -6.23
N TRP A 464 -57.62 19.04 -5.48
CA TRP A 464 -57.99 18.18 -4.35
C TRP A 464 -58.65 16.89 -4.78
N TYR A 465 -59.29 16.85 -5.95
CA TYR A 465 -59.70 15.58 -6.52
C TYR A 465 -58.48 14.65 -6.66
N LEU A 466 -57.41 15.15 -7.29
CA LEU A 466 -56.22 14.35 -7.51
C LEU A 466 -55.52 14.00 -6.21
N ARG A 467 -55.43 14.96 -5.27
CA ARG A 467 -54.73 14.71 -4.01
C ARG A 467 -55.42 13.63 -3.20
N THR A 468 -56.76 13.65 -3.14
CA THR A 468 -57.46 12.60 -2.42
C THR A 468 -57.41 11.29 -3.18
N LYS A 469 -57.57 11.35 -4.51
CA LYS A 469 -57.61 10.11 -5.31
C LYS A 469 -56.32 9.31 -5.17
N TYR A 470 -55.17 9.97 -5.18
CA TYR A 470 -53.89 9.31 -5.21
C TYR A 470 -53.20 9.26 -3.84
N GLN A 471 -53.08 10.40 -3.17
CA GLN A 471 -52.41 10.39 -1.88
C GLN A 471 -53.35 10.00 -0.73
N GLY A 472 -54.66 10.08 -0.92
CA GLY A 472 -55.54 9.70 0.16
C GLY A 472 -55.48 10.67 1.31
N ILE A 473 -55.36 11.95 1.01
CA ILE A 473 -55.38 13.02 2.01
C ILE A 473 -56.54 13.96 1.71
N CYS A 474 -56.88 14.75 2.72
CA CYS A 474 -57.89 15.78 2.60
C CYS A 474 -57.38 17.04 3.25
N PRO A 475 -57.84 18.20 2.82
CA PRO A 475 -57.40 19.45 3.45
C PRO A 475 -57.96 19.56 4.85
N PRO A 476 -57.15 20.01 5.81
CA PRO A 476 -57.62 20.05 7.20
C PRO A 476 -58.49 21.25 7.51
N VAL A 477 -58.63 22.17 6.56
CA VAL A 477 -59.61 23.24 6.63
C VAL A 477 -60.35 23.26 5.29
N THR A 478 -61.58 23.80 5.31
CA THR A 478 -62.38 23.88 4.11
C THR A 478 -61.69 24.76 3.09
N ARG A 479 -61.75 24.35 1.83
CA ARG A 479 -61.23 25.13 0.71
C ARG A 479 -62.33 25.40 -0.30
N ASN A 480 -62.16 26.47 -1.07
CA ASN A 480 -63.02 26.78 -2.19
C ASN A 480 -62.15 27.38 -3.28
N GLU A 481 -62.76 27.89 -4.32
CA GLU A 481 -62.00 28.32 -5.51
C GLU A 481 -61.37 29.70 -5.36
N THR A 482 -61.46 30.33 -4.19
CA THR A 482 -60.59 31.46 -3.91
C THR A 482 -59.18 30.97 -3.58
N HIS A 483 -59.05 29.72 -3.17
CA HIS A 483 -57.77 29.12 -2.86
C HIS A 483 -57.18 28.49 -4.10
N PHE A 484 -55.84 28.47 -4.14
CA PHE A 484 -55.08 27.97 -5.28
C PHE A 484 -53.92 27.14 -4.69
N ASP A 485 -54.26 25.97 -4.15
CA ASP A 485 -53.33 25.21 -3.36
C ASP A 485 -52.24 24.56 -4.21
N ALA A 486 -52.51 24.31 -5.49
CA ALA A 486 -51.44 23.91 -6.40
C ALA A 486 -50.32 24.93 -6.42
N GLY A 487 -50.66 26.22 -6.29
CA GLY A 487 -49.67 27.28 -6.32
C GLY A 487 -48.72 27.26 -5.14
N ALA A 488 -49.07 26.58 -4.07
CA ALA A 488 -48.27 26.54 -2.86
C ALA A 488 -47.16 25.49 -2.92
N LYS A 489 -46.93 24.89 -4.10
CA LYS A 489 -45.84 23.96 -4.32
C LYS A 489 -44.85 24.60 -5.28
N PHE A 490 -43.56 24.55 -4.93
CA PHE A 490 -42.54 25.32 -5.64
C PHE A 490 -42.64 25.21 -7.17
N HIS A 491 -42.76 23.99 -7.68
CA HIS A 491 -42.58 23.74 -9.09
C HIS A 491 -43.69 24.32 -9.94
N VAL A 492 -44.83 24.67 -9.33
CA VAL A 492 -45.94 25.23 -10.12
C VAL A 492 -45.65 26.68 -10.52
N PRO A 493 -45.49 27.62 -9.57
CA PRO A 493 -45.17 28.99 -10.00
C PRO A 493 -43.81 29.12 -10.68
N ASN A 494 -42.87 28.23 -10.39
CA ASN A 494 -41.58 28.23 -11.03
C ASN A 494 -41.54 27.40 -12.31
N VAL A 495 -42.68 26.88 -12.73
CA VAL A 495 -42.85 26.26 -14.03
C VAL A 495 -41.74 25.24 -14.27
N THR A 496 -41.59 24.30 -13.35
CA THR A 496 -40.66 23.20 -13.49
C THR A 496 -41.45 21.91 -13.62
N PRO A 497 -41.36 21.18 -14.73
CA PRO A 497 -42.12 19.94 -14.86
C PRO A 497 -41.79 18.95 -13.74
N TYR A 498 -42.73 18.06 -13.48
CA TYR A 498 -42.70 17.22 -12.30
C TYR A 498 -42.75 15.73 -12.60
N ILE A 499 -43.34 15.31 -13.72
CA ILE A 499 -43.50 13.88 -13.95
C ILE A 499 -42.13 13.19 -13.99
N ARG A 500 -41.10 13.92 -14.38
CA ARG A 500 -39.72 13.41 -14.34
C ARG A 500 -39.39 12.74 -13.01
N TYR A 501 -39.93 13.26 -11.88
CA TYR A 501 -39.53 12.75 -10.57
C TYR A 501 -40.23 11.43 -10.25
N PHE A 502 -41.49 11.29 -10.67
CA PHE A 502 -42.14 9.98 -10.63
C PHE A 502 -41.40 8.98 -11.51
N VAL A 503 -41.05 9.39 -12.73
CA VAL A 503 -40.27 8.53 -13.61
C VAL A 503 -38.95 8.14 -12.95
N SER A 504 -38.27 9.10 -12.32
N SER A 504 -38.28 9.09 -12.30
CA SER A 504 -36.97 8.82 -11.72
CA SER A 504 -36.96 8.80 -11.75
C SER A 504 -37.08 7.83 -10.57
C SER A 504 -37.04 7.90 -10.51
N PHE A 505 -38.16 7.92 -9.78
CA PHE A 505 -38.32 7.04 -8.64
C PHE A 505 -38.51 5.59 -9.11
N VAL A 506 -39.20 5.39 -10.23
CA VAL A 506 -39.28 4.08 -10.83
C VAL A 506 -37.94 3.67 -11.42
N LEU A 507 -37.31 4.56 -12.18
CA LEU A 507 -36.09 4.23 -12.89
C LEU A 507 -35.00 3.78 -11.93
N GLN A 508 -34.85 4.46 -10.80
CA GLN A 508 -33.67 4.24 -9.98
C GLN A 508 -33.61 2.80 -9.46
N PHE A 509 -34.76 2.18 -9.22
CA PHE A 509 -34.74 0.79 -8.76
C PHE A 509 -34.51 -0.17 -9.92
N GLN A 510 -34.93 0.20 -11.11
CA GLN A 510 -34.51 -0.54 -12.30
C GLN A 510 -33.00 -0.48 -12.43
N PHE A 511 -32.43 0.72 -12.28
CA PHE A 511 -30.97 0.88 -12.34
C PHE A 511 -30.32 0.01 -11.28
N HIS A 512 -30.82 0.06 -10.05
CA HIS A 512 -30.22 -0.64 -8.92
C HIS A 512 -30.15 -2.14 -9.17
N GLU A 513 -31.27 -2.75 -9.54
CA GLU A 513 -31.30 -4.17 -9.86
C GLU A 513 -30.27 -4.52 -10.92
N ALA A 514 -30.24 -3.78 -12.02
CA ALA A 514 -29.30 -4.08 -13.10
C ALA A 514 -27.86 -3.96 -12.61
N LEU A 515 -27.55 -2.88 -11.87
CA LEU A 515 -26.16 -2.67 -11.49
C LEU A 515 -25.75 -3.69 -10.44
N CYS A 516 -26.66 -4.04 -9.54
CA CYS A 516 -26.35 -5.05 -8.53
C CYS A 516 -26.09 -6.41 -9.17
N LYS A 517 -26.89 -6.77 -10.18
CA LYS A 517 -26.65 -8.03 -10.89
C LYS A 517 -25.31 -7.98 -11.60
N GLU A 518 -25.03 -6.88 -12.29
CA GLU A 518 -23.73 -6.74 -12.96
C GLU A 518 -22.58 -6.77 -11.97
N ALA A 519 -22.82 -6.32 -10.74
CA ALA A 519 -21.79 -6.35 -9.71
C ALA A 519 -21.56 -7.75 -9.15
N GLY A 520 -22.33 -8.75 -9.61
CA GLY A 520 -22.24 -10.08 -9.07
C GLY A 520 -22.83 -10.23 -7.70
N TYR A 521 -23.60 -9.24 -7.25
CA TYR A 521 -24.18 -9.30 -5.92
C TYR A 521 -25.36 -10.26 -5.90
N GLU A 522 -25.47 -11.01 -4.80
CA GLU A 522 -26.57 -11.94 -4.56
C GLU A 522 -27.03 -11.74 -3.13
N GLY A 523 -28.33 -11.67 -2.94
CA GLY A 523 -28.89 -11.38 -1.64
C GLY A 523 -29.98 -10.35 -1.74
N PRO A 524 -30.43 -9.83 -0.60
CA PRO A 524 -31.51 -8.83 -0.62
C PRO A 524 -31.05 -7.58 -1.36
N LEU A 525 -31.93 -7.07 -2.23
CA LEU A 525 -31.54 -5.94 -3.06
C LEU A 525 -31.19 -4.71 -2.21
N HIS A 526 -31.92 -4.49 -1.12
CA HIS A 526 -31.67 -3.32 -0.28
C HIS A 526 -30.36 -3.40 0.49
N GLN A 527 -29.63 -4.51 0.41
CA GLN A 527 -28.31 -4.60 1.02
C GLN A 527 -27.20 -4.51 0.01
N CYS A 528 -27.52 -4.32 -1.26
CA CYS A 528 -26.51 -4.24 -2.31
C CYS A 528 -25.73 -2.94 -2.22
N ASP A 529 -24.42 -3.04 -2.45
CA ASP A 529 -23.55 -1.88 -2.59
C ASP A 529 -22.64 -2.10 -3.78
N ILE A 530 -22.78 -1.28 -4.83
CA ILE A 530 -21.97 -1.47 -6.04
C ILE A 530 -20.56 -0.90 -5.92
N TYR A 531 -20.21 -0.35 -4.76
CA TYR A 531 -18.86 0.11 -4.47
C TYR A 531 -17.82 -0.90 -4.95
N ARG A 532 -16.81 -0.41 -5.66
CA ARG A 532 -15.66 -1.14 -6.16
C ARG A 532 -16.00 -2.16 -7.24
N SER A 533 -17.19 -2.10 -7.84
CA SER A 533 -17.53 -2.97 -8.95
C SER A 533 -17.22 -2.26 -10.26
N THR A 534 -16.10 -2.63 -10.89
CA THR A 534 -15.77 -2.05 -12.18
C THR A 534 -16.75 -2.48 -13.27
N LYS A 535 -17.42 -3.62 -13.11
CA LYS A 535 -18.40 -4.04 -14.09
C LYS A 535 -19.65 -3.16 -14.02
N ALA A 536 -20.11 -2.83 -12.82
CA ALA A 536 -21.21 -1.87 -12.69
C ALA A 536 -20.78 -0.52 -13.23
N GLY A 537 -19.53 -0.12 -12.99
CA GLY A 537 -19.07 1.16 -13.49
C GLY A 537 -19.07 1.23 -14.99
N ALA A 538 -18.71 0.12 -15.65
CA ALA A 538 -18.76 0.07 -17.11
C ALA A 538 -20.19 0.24 -17.61
N LYS A 539 -21.16 -0.37 -16.92
CA LYS A 539 -22.53 -0.27 -17.35
C LYS A 539 -23.06 1.14 -17.15
N LEU A 540 -22.67 1.78 -16.03
CA LEU A 540 -23.01 3.19 -15.84
C LEU A 540 -22.39 4.06 -16.93
N ARG A 541 -21.10 3.87 -17.20
CA ARG A 541 -20.39 4.70 -18.18
C ARG A 541 -21.14 4.75 -19.50
N LYS A 542 -21.71 3.61 -19.92
CA LYS A 542 -22.35 3.55 -21.23
C LYS A 542 -23.67 4.27 -21.26
N VAL A 543 -24.41 4.28 -20.14
CA VAL A 543 -25.61 5.10 -20.05
C VAL A 543 -25.25 6.59 -20.01
N LEU A 544 -24.28 6.94 -19.17
CA LEU A 544 -24.01 8.36 -18.94
C LEU A 544 -23.43 9.05 -20.17
N ARG A 545 -22.51 8.39 -20.88
CA ARG A 545 -21.88 9.06 -22.03
C ARG A 545 -22.86 9.26 -23.18
N ALA A 546 -24.00 8.55 -23.16
CA ALA A 546 -24.97 8.68 -24.24
C ALA A 546 -25.70 10.01 -24.24
N GLY A 547 -25.76 10.70 -23.10
CA GLY A 547 -26.51 11.93 -23.03
C GLY A 547 -27.94 11.70 -23.54
N SER A 548 -28.44 12.66 -24.34
CA SER A 548 -29.69 12.48 -25.03
C SER A 548 -29.49 12.19 -26.52
N SER A 549 -28.34 11.61 -26.89
CA SER A 549 -28.01 11.37 -28.29
C SER A 549 -28.81 10.20 -28.87
N ARG A 550 -29.36 9.33 -28.03
CA ARG A 550 -30.09 8.15 -28.46
C ARG A 550 -31.43 8.07 -27.76
N PRO A 551 -32.36 7.29 -28.30
CA PRO A 551 -33.65 7.09 -27.62
C PRO A 551 -33.47 6.49 -26.23
N TRP A 552 -34.15 7.10 -25.25
CA TRP A 552 -33.98 6.62 -23.88
C TRP A 552 -34.39 5.16 -23.74
N GLN A 553 -35.40 4.73 -24.52
CA GLN A 553 -35.85 3.34 -24.43
C GLN A 553 -34.71 2.39 -24.81
N GLU A 554 -33.88 2.77 -25.79
CA GLU A 554 -32.79 1.91 -26.20
C GLU A 554 -31.61 1.96 -25.23
N VAL A 555 -31.28 3.14 -24.71
CA VAL A 555 -30.26 3.24 -23.68
C VAL A 555 -30.66 2.41 -22.47
N LEU A 556 -31.93 2.50 -22.07
CA LEU A 556 -32.41 1.71 -20.94
C LEU A 556 -32.34 0.22 -21.25
N LYS A 557 -32.65 -0.18 -22.50
CA LYS A 557 -32.59 -1.60 -22.87
C LYS A 557 -31.16 -2.12 -22.70
N ASP A 558 -30.18 -1.40 -23.23
CA ASP A 558 -28.80 -1.82 -23.06
C ASP A 558 -28.43 -1.95 -21.59
N MET A 559 -28.99 -1.10 -20.74
CA MET A 559 -28.58 -1.11 -19.34
C MET A 559 -29.29 -2.19 -18.52
N VAL A 560 -30.61 -2.26 -18.59
CA VAL A 560 -31.38 -3.15 -17.72
C VAL A 560 -32.03 -4.30 -18.46
N GLY A 561 -31.94 -4.33 -19.79
CA GLY A 561 -32.52 -5.43 -20.56
C GLY A 561 -33.97 -5.25 -20.95
N LEU A 562 -34.57 -4.10 -20.65
CA LEU A 562 -35.96 -3.82 -21.00
C LEU A 562 -36.03 -2.40 -21.51
N ASP A 563 -36.80 -2.19 -22.59
CA ASP A 563 -36.93 -0.89 -23.22
C ASP A 563 -38.10 -0.06 -22.69
N ALA A 564 -38.42 -0.22 -21.41
CA ALA A 564 -39.60 0.40 -20.85
C ALA A 564 -39.46 0.58 -19.35
N LEU A 565 -40.16 1.58 -18.83
CA LEU A 565 -40.27 1.72 -17.37
C LEU A 565 -40.97 0.49 -16.81
N ASP A 566 -40.50 0.04 -15.64
CA ASP A 566 -41.02 -1.17 -15.01
C ASP A 566 -41.00 -0.99 -13.50
N ALA A 567 -42.13 -1.28 -12.85
CA ALA A 567 -42.26 -1.12 -11.41
C ALA A 567 -41.79 -2.32 -10.59
N GLN A 568 -41.50 -3.44 -11.22
CA GLN A 568 -41.17 -4.66 -10.47
C GLN A 568 -39.87 -4.54 -9.69
N PRO A 569 -38.81 -3.92 -10.24
CA PRO A 569 -37.58 -3.77 -9.44
C PRO A 569 -37.81 -3.01 -8.14
N LEU A 570 -38.67 -2.00 -8.15
CA LEU A 570 -39.01 -1.30 -6.91
C LEU A 570 -39.73 -2.24 -5.95
N LEU A 571 -40.73 -2.98 -6.44
CA LEU A 571 -41.43 -3.92 -5.58
C LEU A 571 -40.47 -4.98 -5.03
N LYS A 572 -39.52 -5.43 -5.86
N LYS A 572 -39.49 -5.42 -5.85
CA LYS A 572 -38.51 -6.38 -5.44
CA LYS A 572 -38.53 -6.41 -5.39
C LYS A 572 -37.66 -5.83 -4.30
C LYS A 572 -37.63 -5.83 -4.30
N TYR A 573 -37.28 -4.56 -4.42
CA TYR A 573 -36.48 -3.92 -3.37
C TYR A 573 -37.22 -3.93 -2.03
N PHE A 574 -38.51 -3.65 -2.05
CA PHE A 574 -39.28 -3.44 -0.84
C PHE A 574 -40.04 -4.68 -0.35
N GLN A 575 -39.88 -5.82 -1.00
CA GLN A 575 -40.79 -6.95 -0.75
C GLN A 575 -40.87 -7.31 0.73
N LEU A 576 -39.75 -7.26 1.45
CA LEU A 576 -39.75 -7.63 2.86
C LEU A 576 -40.70 -6.74 3.65
N VAL A 577 -40.60 -5.42 3.46
CA VAL A 577 -41.42 -4.52 4.28
C VAL A 577 -42.87 -4.47 3.77
N THR A 578 -43.08 -4.69 2.46
CA THR A 578 -44.44 -4.83 1.96
C THR A 578 -45.15 -5.99 2.64
N GLN A 579 -44.46 -7.14 2.74
CA GLN A 579 -44.99 -8.30 3.45
C GLN A 579 -45.33 -7.95 4.89
N TRP A 580 -44.41 -7.28 5.57
CA TRP A 580 -44.61 -6.93 6.98
C TRP A 580 -45.79 -5.97 7.16
N LEU A 581 -45.90 -4.97 6.29
CA LEU A 581 -47.02 -4.03 6.41
C LEU A 581 -48.35 -4.74 6.20
N GLN A 582 -48.42 -5.64 5.22
CA GLN A 582 -49.65 -6.39 4.99
C GLN A 582 -50.07 -7.14 6.25
N GLU A 583 -49.14 -7.89 6.84
CA GLU A 583 -49.42 -8.59 8.09
C GLU A 583 -49.88 -7.62 9.17
N GLN A 584 -49.18 -6.50 9.34
CA GLN A 584 -49.56 -5.54 10.38
C GLN A 584 -50.97 -5.01 10.14
N ASN A 585 -51.28 -4.67 8.88
CA ASN A 585 -52.60 -4.10 8.61
C ASN A 585 -53.71 -5.14 8.83
N GLN A 586 -53.43 -6.39 8.50
CA GLN A 586 -54.44 -7.43 8.67
C GLN A 586 -54.60 -7.84 10.12
N GLN A 587 -53.51 -7.84 10.90
CA GLN A 587 -53.63 -8.00 12.34
C GLN A 587 -54.57 -6.96 12.93
N ASN A 588 -54.48 -5.71 12.47
CA ASN A 588 -55.32 -4.64 12.97
C ASN A 588 -56.64 -4.51 12.23
N GLY A 589 -56.93 -5.41 11.28
CA GLY A 589 -58.17 -5.33 10.52
C GLY A 589 -58.37 -4.01 9.82
N GLU A 590 -57.36 -3.55 9.09
CA GLU A 590 -57.41 -2.23 8.48
C GLU A 590 -58.27 -2.25 7.23
N VAL A 591 -58.86 -1.09 6.94
CA VAL A 591 -59.46 -0.82 5.64
C VAL A 591 -58.39 -0.15 4.77
N LEU A 592 -57.96 -0.83 3.72
CA LEU A 592 -57.08 -0.19 2.75
C LEU A 592 -57.87 0.80 1.91
N GLY A 593 -57.35 2.00 1.75
CA GLY A 593 -58.07 3.05 1.08
C GLY A 593 -58.84 3.93 2.01
N TRP A 594 -59.71 4.76 1.42
CA TRP A 594 -60.46 5.78 2.15
C TRP A 594 -61.88 5.81 1.62
N PRO A 595 -62.68 4.79 1.96
CA PRO A 595 -64.05 4.73 1.44
C PRO A 595 -64.94 5.87 1.88
N GLU A 596 -64.60 6.56 2.97
CA GLU A 596 -65.37 7.74 3.38
C GLU A 596 -64.70 8.98 2.79
N TYR A 597 -64.85 9.12 1.47
CA TYR A 597 -64.08 10.11 0.72
C TYR A 597 -64.57 11.53 0.93
N GLN A 598 -65.76 11.72 1.47
CA GLN A 598 -66.26 13.04 1.80
C GLN A 598 -65.73 13.54 3.15
N TRP A 599 -65.00 12.70 3.88
CA TRP A 599 -64.66 13.07 5.25
C TRP A 599 -63.61 14.16 5.27
N HIS A 600 -63.85 15.19 6.08
CA HIS A 600 -62.85 16.17 6.50
C HIS A 600 -62.88 16.28 8.02
N PRO A 601 -61.74 16.57 8.65
CA PRO A 601 -61.72 16.67 10.11
C PRO A 601 -62.34 17.97 10.57
N PRO A 602 -62.77 18.05 11.82
CA PRO A 602 -63.27 19.33 12.35
C PRO A 602 -62.12 20.27 12.70
N LEU A 603 -62.46 21.54 12.79
CA LEU A 603 -61.52 22.53 13.33
C LEU A 603 -61.31 22.27 14.82
N PRO A 604 -60.10 22.51 15.34
CA PRO A 604 -59.91 22.44 16.79
C PRO A 604 -60.66 23.57 17.44
N ASP A 605 -61.04 23.35 18.70
CA ASP A 605 -61.85 24.33 19.43
C ASP A 605 -61.15 25.67 19.50
N ASN A 606 -61.90 26.73 19.27
CA ASN A 606 -61.38 28.11 19.34
C ASN A 606 -60.15 28.26 18.45
N TYR A 607 -60.29 27.87 17.20
CA TYR A 607 -59.22 28.04 16.23
C TYR A 607 -59.34 29.41 15.57
N PRO A 608 -58.26 30.21 15.49
CA PRO A 608 -56.87 29.93 15.83
C PRO A 608 -56.27 30.60 17.07
N GLU A 609 -57.05 30.86 18.11
CA GLU A 609 -56.48 31.43 19.35
C GLU A 609 -55.84 30.30 20.14
N GLY A 610 -54.60 29.97 19.73
CA GLY A 610 -53.86 28.88 20.34
C GLY A 610 -52.39 29.25 20.50
N ILE A 611 -51.62 28.26 20.98
CA ILE A 611 -50.21 28.47 21.30
C ILE A 611 -49.35 28.24 20.04
N LEU B 1 31.20 28.86 -7.96
CA LEU B 1 29.85 29.26 -7.48
C LEU B 1 29.84 30.68 -6.93
N ASP B 2 28.71 31.08 -6.36
CA ASP B 2 28.51 32.36 -5.71
C ASP B 2 27.73 32.11 -4.42
N PRO B 3 28.00 32.87 -3.37
CA PRO B 3 27.30 32.63 -2.09
C PRO B 3 25.79 32.76 -2.20
N GLY B 4 25.29 33.43 -3.24
CA GLY B 4 23.85 33.45 -3.45
C GLY B 4 23.30 32.11 -3.88
N LEU B 5 24.14 31.29 -4.51
CA LEU B 5 23.74 29.96 -4.98
C LEU B 5 24.20 28.85 -4.04
N GLN B 6 24.63 29.19 -2.82
CA GLN B 6 25.08 28.19 -1.85
C GLN B 6 24.06 28.04 -0.73
N PRO B 7 24.02 26.87 -0.09
CA PRO B 7 22.98 26.63 0.92
C PRO B 7 23.33 27.18 2.28
N GLY B 8 22.29 27.46 3.07
CA GLY B 8 22.44 27.91 4.42
C GLY B 8 22.28 26.77 5.42
N GLN B 9 21.92 27.13 6.65
CA GLN B 9 21.70 26.15 7.71
C GLN B 9 20.20 25.91 7.87
N PHE B 10 19.87 24.69 8.33
CA PHE B 10 18.47 24.27 8.40
C PHE B 10 18.33 23.26 9.52
N SER B 11 17.14 23.25 10.12
CA SER B 11 16.84 22.28 11.17
C SER B 11 16.93 20.86 10.63
N ALA B 12 17.48 19.96 11.45
CA ALA B 12 17.63 18.55 11.06
C ALA B 12 16.37 17.77 11.41
N ASP B 13 15.25 18.23 10.85
CA ASP B 13 13.97 17.56 10.99
C ASP B 13 13.15 17.82 9.73
N GLU B 14 11.96 17.22 9.67
CA GLU B 14 11.13 17.35 8.49
C GLU B 14 10.78 18.82 8.21
N ALA B 15 10.46 19.58 9.27
CA ALA B 15 10.10 20.98 9.07
C ALA B 15 11.26 21.76 8.46
N GLY B 16 12.50 21.43 8.86
CA GLY B 16 13.64 22.12 8.30
C GLY B 16 13.96 21.68 6.88
N ALA B 17 13.61 20.43 6.55
CA ALA B 17 13.80 19.96 5.18
C ALA B 17 12.94 20.74 4.20
N GLN B 18 11.66 20.95 4.55
CA GLN B 18 10.77 21.70 3.68
C GLN B 18 11.37 23.06 3.32
N LEU B 19 11.87 23.78 4.33
CA LEU B 19 12.53 25.05 4.07
C LEU B 19 13.80 24.86 3.24
N PHE B 20 14.51 23.75 3.48
CA PHE B 20 15.68 23.44 2.67
C PHE B 20 15.29 23.24 1.21
N ALA B 21 14.21 22.49 0.97
CA ALA B 21 13.77 22.24 -0.40
C ALA B 21 13.42 23.53 -1.12
N GLN B 22 12.64 24.40 -0.46
CA GLN B 22 12.21 25.64 -1.10
C GLN B 22 13.39 26.49 -1.54
N SER B 23 14.45 26.55 -0.72
CA SER B 23 15.62 27.32 -1.09
C SER B 23 16.39 26.64 -2.21
N TYR B 24 16.49 25.31 -2.16
CA TYR B 24 17.07 24.55 -3.26
C TYR B 24 16.42 24.92 -4.59
N GLN B 25 15.09 24.78 -4.67
CA GLN B 25 14.42 25.09 -5.92
C GLN B 25 14.77 26.49 -6.40
N SER B 26 14.70 27.47 -5.49
CA SER B 26 14.90 28.86 -5.87
C SER B 26 16.22 29.04 -6.63
N SER B 27 17.30 28.42 -6.14
CA SER B 27 18.59 28.56 -6.83
C SER B 27 18.72 27.59 -7.99
N ALA B 28 18.09 26.42 -7.91
CA ALA B 28 18.19 25.44 -8.99
C ALA B 28 17.68 26.00 -10.31
N GLU B 29 16.49 26.63 -10.29
CA GLU B 29 15.94 27.17 -11.52
C GLU B 29 16.94 28.04 -12.25
N GLN B 30 17.64 28.90 -11.52
CA GLN B 30 18.64 29.77 -12.14
C GLN B 30 19.75 28.94 -12.76
N VAL B 31 20.31 28.00 -11.98
CA VAL B 31 21.38 27.15 -12.47
C VAL B 31 20.91 26.36 -13.69
N LEU B 32 19.73 25.74 -13.59
CA LEU B 32 19.20 24.98 -14.72
C LEU B 32 18.96 25.89 -15.94
N PHE B 33 18.40 27.08 -15.72
CA PHE B 33 18.15 27.97 -16.84
C PHE B 33 19.44 28.33 -17.56
N GLN B 34 20.46 28.74 -16.80
CA GLN B 34 21.74 29.09 -17.40
C GLN B 34 22.25 27.96 -18.28
N SER B 35 22.12 26.72 -17.81
CA SER B 35 22.70 25.60 -18.53
C SER B 35 21.89 25.27 -19.81
N VAL B 36 20.57 25.22 -19.69
CA VAL B 36 19.75 24.97 -20.87
C VAL B 36 19.95 26.07 -21.90
N ALA B 37 19.99 27.33 -21.43
CA ALA B 37 20.18 28.46 -22.36
C ALA B 37 21.51 28.35 -23.08
N ALA B 38 22.59 28.10 -22.32
CA ALA B 38 23.89 27.94 -22.97
C ALA B 38 23.87 26.83 -24.01
N SER B 39 23.20 25.71 -23.69
CA SER B 39 23.08 24.64 -24.68
C SER B 39 22.22 25.07 -25.86
N TRP B 40 21.14 25.80 -25.58
CA TRP B 40 20.34 26.34 -26.68
C TRP B 40 21.17 27.24 -27.58
N ALA B 41 21.92 28.17 -26.98
CA ALA B 41 22.78 29.04 -27.79
C ALA B 41 23.74 28.26 -28.66
N HIS B 42 24.30 27.16 -28.14
CA HIS B 42 25.22 26.36 -28.94
C HIS B 42 24.46 25.56 -29.99
N ASP B 43 23.40 24.85 -29.59
CA ASP B 43 22.73 23.94 -30.52
C ASP B 43 22.03 24.69 -31.65
N THR B 44 21.71 25.97 -31.44
CA THR B 44 21.13 26.79 -32.51
C THR B 44 22.17 27.68 -33.20
N ASN B 45 23.45 27.56 -32.84
CA ASN B 45 24.52 28.35 -33.41
C ASN B 45 25.86 27.75 -32.96
N ILE B 46 26.31 26.74 -33.68
CA ILE B 46 27.44 25.91 -33.26
C ILE B 46 28.74 26.70 -33.42
N THR B 47 29.29 27.19 -32.29
CA THR B 47 30.57 27.87 -32.27
C THR B 47 31.33 27.49 -31.00
N ALA B 48 32.58 27.98 -30.91
CA ALA B 48 33.43 27.65 -29.78
C ALA B 48 33.00 28.39 -28.52
N GLU B 49 32.82 29.71 -28.62
CA GLU B 49 32.42 30.48 -27.43
C GLU B 49 31.08 29.97 -26.88
N ASN B 50 30.18 29.55 -27.78
CA ASN B 50 28.93 28.95 -27.32
C ASN B 50 29.19 27.59 -26.68
N ALA B 51 30.03 26.76 -27.31
CA ALA B 51 30.41 25.46 -26.76
C ALA B 51 31.32 25.58 -25.58
N ARG B 52 31.45 26.77 -25.00
CA ARG B 52 32.34 27.03 -23.88
C ARG B 52 31.60 27.55 -22.66
N ARG B 53 30.74 28.58 -22.82
CA ARG B 53 29.84 28.94 -21.72
C ARG B 53 28.89 27.79 -21.40
N GLN B 54 28.63 26.92 -22.38
CA GLN B 54 27.87 25.71 -22.12
C GLN B 54 28.58 24.83 -21.08
N GLU B 55 29.88 24.61 -21.26
CA GLU B 55 30.64 23.85 -20.27
C GLU B 55 30.81 24.61 -18.97
N GLU B 56 30.93 25.94 -19.03
CA GLU B 56 30.90 26.74 -17.81
C GLU B 56 29.62 26.48 -17.04
N ALA B 57 28.47 26.68 -17.69
CA ALA B 57 27.19 26.47 -17.02
C ALA B 57 27.05 25.00 -16.61
N ALA B 58 27.55 24.08 -17.43
CA ALA B 58 27.52 22.66 -17.05
C ALA B 58 28.31 22.42 -15.77
N LEU B 59 29.56 22.88 -15.73
CA LEU B 59 30.37 22.73 -14.53
C LEU B 59 29.76 23.49 -13.36
N LEU B 60 29.14 24.63 -13.64
CA LEU B 60 28.44 25.37 -12.58
C LEU B 60 27.32 24.52 -11.98
N SER B 61 26.56 23.84 -12.84
CA SER B 61 25.48 22.98 -12.35
C SER B 61 26.03 21.86 -11.47
N GLN B 62 27.18 21.29 -11.85
CA GLN B 62 27.78 20.22 -11.05
C GLN B 62 28.22 20.74 -9.69
N GLU B 63 28.85 21.93 -9.65
CA GLU B 63 29.24 22.50 -8.37
C GLU B 63 28.03 22.80 -7.51
N PHE B 64 26.98 23.36 -8.13
CA PHE B 64 25.73 23.56 -7.39
C PHE B 64 25.22 22.26 -6.80
N ALA B 65 25.23 21.19 -7.61
CA ALA B 65 24.71 19.91 -7.15
C ALA B 65 25.51 19.38 -5.97
N GLU B 66 26.84 19.41 -6.07
CA GLU B 66 27.67 18.95 -4.96
C GLU B 66 27.34 19.72 -3.68
N ALA B 67 27.36 21.05 -3.74
CA ALA B 67 27.17 21.86 -2.55
C ALA B 67 25.87 21.52 -1.85
N TRP B 68 24.77 21.46 -2.61
CA TRP B 68 23.47 21.20 -2.00
C TRP B 68 23.29 19.72 -1.68
N GLY B 69 23.92 18.83 -2.44
CA GLY B 69 23.83 17.42 -2.15
C GLY B 69 24.49 17.06 -0.83
N GLN B 70 25.70 17.61 -0.59
CA GLN B 70 26.38 17.36 0.68
C GLN B 70 25.60 17.94 1.85
N LYS B 71 25.07 19.16 1.70
CA LYS B 71 24.35 19.78 2.81
C LYS B 71 23.11 18.97 3.18
N ALA B 72 22.41 18.42 2.19
CA ALA B 72 21.29 17.55 2.49
C ALA B 72 21.75 16.25 3.13
N LYS B 73 22.92 15.76 2.74
CA LYS B 73 23.48 14.56 3.34
C LYS B 73 23.69 14.75 4.84
N GLU B 74 24.34 15.85 5.24
CA GLU B 74 24.62 16.08 6.65
C GLU B 74 23.34 16.08 7.48
N LEU B 75 22.35 16.87 7.07
CA LEU B 75 21.20 17.12 7.92
C LEU B 75 20.29 15.91 8.02
N TYR B 76 19.81 15.43 6.87
CA TYR B 76 18.63 14.56 6.85
C TYR B 76 18.91 13.13 6.43
N GLU B 77 20.17 12.76 6.23
CA GLU B 77 20.46 11.40 5.77
C GLU B 77 19.84 10.31 6.66
N PRO B 78 19.84 10.42 7.99
CA PRO B 78 19.26 9.35 8.81
C PRO B 78 17.74 9.33 8.85
N ILE B 79 17.06 10.41 8.46
CA ILE B 79 15.64 10.54 8.76
C ILE B 79 14.80 10.84 7.52
N TRP B 80 15.44 11.16 6.40
CA TRP B 80 14.66 11.60 5.24
C TRP B 80 13.75 10.49 4.73
N GLN B 81 14.18 9.22 4.86
CA GLN B 81 13.35 8.11 4.41
C GLN B 81 12.11 7.92 5.29
N GLN B 82 12.04 8.58 6.44
CA GLN B 82 10.92 8.43 7.36
C GLN B 82 9.97 9.61 7.36
N PHE B 83 10.28 10.68 6.61
CA PHE B 83 9.39 11.83 6.56
C PHE B 83 7.99 11.41 6.12
N THR B 84 6.99 12.17 6.58
CA THR B 84 5.60 11.85 6.25
C THR B 84 5.19 12.40 4.88
N ASP B 85 5.84 13.46 4.41
CA ASP B 85 5.49 14.05 3.12
C ASP B 85 6.12 13.25 2.00
N PRO B 86 5.32 12.54 1.17
CA PRO B 86 5.93 11.71 0.12
C PRO B 86 6.71 12.53 -0.90
N GLN B 87 6.20 13.69 -1.31
CA GLN B 87 6.92 14.51 -2.28
C GLN B 87 8.24 15.02 -1.71
N LEU B 88 8.28 15.29 -0.40
CA LEU B 88 9.54 15.73 0.21
C LEU B 88 10.59 14.63 0.19
N ARG B 89 10.19 13.40 0.53
CA ARG B 89 11.13 12.28 0.43
C ARG B 89 11.72 12.19 -0.97
N ARG B 90 10.90 12.40 -1.99
CA ARG B 90 11.38 12.35 -3.37
C ARG B 90 12.38 13.47 -3.64
N ILE B 91 12.09 14.68 -3.16
CA ILE B 91 13.00 15.79 -3.41
C ILE B 91 14.33 15.55 -2.69
N ILE B 92 14.28 15.23 -1.39
CA ILE B 92 15.49 15.09 -0.61
C ILE B 92 16.30 13.87 -1.10
N GLY B 93 15.61 12.76 -1.34
CA GLY B 93 16.31 11.57 -1.82
C GLY B 93 17.09 11.84 -3.09
N ALA B 94 16.51 12.61 -4.01
CA ALA B 94 17.22 12.94 -5.24
C ALA B 94 18.41 13.85 -4.95
N VAL B 95 18.27 14.77 -3.99
CA VAL B 95 19.34 15.74 -3.76
C VAL B 95 20.52 15.11 -3.02
N ARG B 96 20.27 14.12 -2.15
CA ARG B 96 21.34 13.46 -1.42
C ARG B 96 22.12 12.45 -2.27
N THR B 97 21.82 12.35 -3.57
CA THR B 97 22.51 11.43 -4.47
C THR B 97 23.51 12.22 -5.28
N LEU B 98 24.80 12.04 -4.97
CA LEU B 98 25.85 12.94 -5.48
C LEU B 98 26.46 12.47 -6.78
N GLY B 99 26.43 11.17 -7.08
CA GLY B 99 27.01 10.70 -8.33
C GLY B 99 28.49 11.04 -8.41
N SER B 100 28.90 11.56 -9.57
CA SER B 100 30.30 11.86 -9.82
C SER B 100 30.88 12.83 -8.79
N ALA B 101 30.03 13.59 -8.11
CA ALA B 101 30.54 14.48 -7.05
C ALA B 101 31.19 13.73 -5.91
N ASN B 102 30.86 12.44 -5.74
CA ASN B 102 31.49 11.62 -4.71
C ASN B 102 32.93 11.27 -5.02
N LEU B 103 33.42 11.59 -6.22
CA LEU B 103 34.76 11.18 -6.62
C LEU B 103 35.81 12.22 -6.21
N PRO B 104 37.04 11.80 -5.96
CA PRO B 104 38.11 12.79 -5.74
C PRO B 104 38.32 13.64 -6.97
N LEU B 105 38.78 14.87 -6.74
CA LEU B 105 38.84 15.89 -7.79
C LEU B 105 39.38 15.37 -9.10
N ALA B 106 40.55 14.74 -9.09
CA ALA B 106 41.17 14.33 -10.34
C ALA B 106 40.38 13.25 -11.04
N LYS B 107 39.73 12.37 -10.26
CA LYS B 107 38.87 11.36 -10.85
C LYS B 107 37.57 11.96 -11.39
N ARG B 108 37.03 12.97 -10.69
CA ARG B 108 35.88 13.70 -11.19
C ARG B 108 36.20 14.36 -12.53
N GLN B 109 37.38 14.95 -12.65
CA GLN B 109 37.77 15.57 -13.91
C GLN B 109 38.02 14.52 -14.98
N GLN B 110 38.63 13.40 -14.60
CA GLN B 110 38.84 12.32 -15.56
C GLN B 110 37.51 11.77 -16.06
N TYR B 111 36.55 11.59 -15.16
CA TYR B 111 35.21 11.12 -15.54
C TYR B 111 34.59 12.06 -16.56
N ASN B 112 34.48 13.35 -16.21
CA ASN B 112 33.92 14.33 -17.13
C ASN B 112 34.66 14.35 -18.45
N ALA B 113 35.98 14.20 -18.41
CA ALA B 113 36.76 14.22 -19.64
C ALA B 113 36.49 12.98 -20.47
N LEU B 114 36.31 11.82 -19.83
CA LEU B 114 35.94 10.61 -20.56
C LEU B 114 34.59 10.81 -21.29
N LEU B 115 33.62 11.38 -20.60
CA LEU B 115 32.33 11.63 -21.23
C LEU B 115 32.50 12.49 -22.47
N SER B 116 33.30 13.56 -22.37
CA SER B 116 33.53 14.44 -23.50
C SER B 116 34.19 13.70 -24.66
N GLN B 117 35.27 12.94 -24.37
CA GLN B 117 36.01 12.29 -25.43
C GLN B 117 35.20 11.19 -26.09
N MET B 118 34.46 10.41 -25.30
CA MET B 118 33.63 9.35 -25.90
C MET B 118 32.60 9.94 -26.85
N SER B 119 31.92 11.00 -26.42
CA SER B 119 30.95 11.65 -27.29
C SER B 119 31.63 12.21 -28.54
N ARG B 120 32.82 12.83 -28.35
CA ARG B 120 33.54 13.37 -29.49
C ARG B 120 33.99 12.27 -30.45
N ILE B 121 34.51 11.17 -29.92
CA ILE B 121 34.91 10.06 -30.80
C ILE B 121 33.73 9.59 -31.66
N TYR B 122 32.55 9.46 -31.06
CA TYR B 122 31.40 8.96 -31.81
C TYR B 122 30.96 9.96 -32.86
N SER B 123 30.90 11.25 -32.50
CA SER B 123 30.38 12.26 -33.42
C SER B 123 31.33 12.55 -34.58
N THR B 124 32.62 12.24 -34.43
CA THR B 124 33.61 12.54 -35.47
C THR B 124 34.08 11.31 -36.21
N ALA B 125 33.58 10.14 -35.87
CA ALA B 125 33.97 8.92 -36.57
C ALA B 125 33.56 8.98 -38.03
N LYS B 126 34.44 8.49 -38.91
CA LYS B 126 34.20 8.55 -40.35
C LYS B 126 34.61 7.24 -40.98
N VAL B 127 34.00 6.92 -42.11
CA VAL B 127 34.38 5.78 -42.93
C VAL B 127 35.02 6.33 -44.20
N CYS B 128 36.25 5.91 -44.45
CA CYS B 128 37.00 6.37 -45.62
C CYS B 128 37.22 5.22 -46.59
N LEU B 129 37.39 5.58 -47.86
CA LEU B 129 37.47 4.62 -48.96
C LEU B 129 38.93 4.32 -49.29
N PRO B 130 39.20 3.44 -50.26
CA PRO B 130 40.58 3.31 -50.77
C PRO B 130 41.23 4.65 -51.11
N GLN B 131 40.44 5.64 -51.53
CA GLN B 131 40.96 6.97 -51.83
C GLN B 131 41.73 7.54 -50.64
N THR B 135 37.95 12.00 -49.00
CA THR B 135 36.50 11.75 -49.10
C THR B 135 36.07 10.62 -48.16
N CYS B 136 35.45 10.98 -47.05
CA CYS B 136 35.02 10.03 -46.03
C CYS B 136 33.55 10.25 -45.72
N TRP B 137 32.86 9.15 -45.42
CA TRP B 137 31.43 9.18 -45.13
C TRP B 137 31.20 9.32 -43.64
N SER B 138 30.39 10.31 -43.26
CA SER B 138 29.96 10.47 -41.88
C SER B 138 28.65 9.71 -41.66
N LEU B 139 28.34 9.45 -40.39
CA LEU B 139 27.13 8.70 -40.07
C LEU B 139 25.90 9.42 -40.59
N ASP B 140 25.76 10.70 -40.24
CA ASP B 140 24.64 11.52 -40.68
C ASP B 140 25.12 12.47 -41.76
N PRO B 141 24.63 12.39 -43.01
CA PRO B 141 23.58 11.50 -43.53
C PRO B 141 24.07 10.34 -44.36
N ASP B 142 25.38 10.30 -44.63
CA ASP B 142 25.90 9.40 -45.66
C ASP B 142 25.64 7.94 -45.31
N LEU B 143 26.17 7.47 -44.18
CA LEU B 143 26.01 6.04 -43.85
C LEU B 143 24.56 5.71 -43.52
N THR B 144 23.85 6.63 -42.85
CA THR B 144 22.44 6.41 -42.61
C THR B 144 21.68 6.19 -43.91
N ASN B 145 21.97 7.00 -44.93
CA ASN B 145 21.28 6.88 -46.20
C ASN B 145 21.64 5.59 -46.93
N ILE B 146 22.91 5.19 -46.86
CA ILE B 146 23.30 3.90 -47.45
C ILE B 146 22.52 2.76 -46.81
N LEU B 147 22.55 2.68 -45.46
CA LEU B 147 21.83 1.61 -44.80
C LEU B 147 20.34 1.64 -45.14
N ALA B 148 19.77 2.83 -45.30
CA ALA B 148 18.34 2.95 -45.53
C ALA B 148 17.91 2.54 -46.93
N SER B 149 18.70 2.85 -47.96
CA SER B 149 18.21 2.74 -49.34
C SER B 149 19.07 1.91 -50.27
N SER B 150 20.33 1.65 -49.94
CA SER B 150 21.11 0.76 -50.77
C SER B 150 20.62 -0.67 -50.64
N ARG B 151 20.52 -1.37 -51.77
CA ARG B 151 20.21 -2.79 -51.79
C ARG B 151 21.38 -3.60 -52.35
N SER B 152 22.57 -3.02 -52.31
CA SER B 152 23.79 -3.69 -52.71
C SER B 152 24.40 -4.31 -51.46
N TYR B 153 24.44 -5.65 -51.42
CA TYR B 153 24.99 -6.33 -50.24
C TYR B 153 26.37 -5.80 -49.89
N ALA B 154 27.26 -5.71 -50.88
CA ALA B 154 28.63 -5.33 -50.61
C ALA B 154 28.75 -3.88 -50.16
N MET B 155 27.90 -3.01 -50.69
CA MET B 155 27.95 -1.60 -50.27
C MET B 155 27.42 -1.46 -48.85
N LEU B 156 26.32 -2.13 -48.54
CA LEU B 156 25.79 -2.13 -47.18
C LEU B 156 26.85 -2.68 -46.21
N LEU B 157 27.52 -3.75 -46.61
CA LEU B 157 28.57 -4.33 -45.74
C LEU B 157 29.70 -3.36 -45.52
N PHE B 158 30.12 -2.67 -46.58
CA PHE B 158 31.20 -1.71 -46.42
C PHE B 158 30.85 -0.60 -45.43
N ALA B 159 29.60 -0.13 -45.46
CA ALA B 159 29.17 0.90 -44.52
C ALA B 159 29.05 0.34 -43.10
N TRP B 160 28.50 -0.86 -42.96
CA TRP B 160 28.28 -1.43 -41.63
C TRP B 160 29.61 -1.74 -40.95
N GLU B 161 30.51 -2.43 -41.66
CA GLU B 161 31.80 -2.75 -41.09
C GLU B 161 32.60 -1.48 -40.83
N GLY B 162 32.61 -0.56 -41.80
CA GLY B 162 33.38 0.66 -41.62
C GLY B 162 32.93 1.46 -40.43
N TRP B 163 31.62 1.59 -40.24
CA TRP B 163 31.13 2.36 -39.10
C TRP B 163 31.49 1.67 -37.78
N HIS B 164 31.27 0.36 -37.70
CA HIS B 164 31.48 -0.32 -36.43
C HIS B 164 32.96 -0.33 -36.05
N ASN B 165 33.85 -0.49 -37.03
CA ASN B 165 35.29 -0.42 -36.74
C ASN B 165 35.70 0.99 -36.34
N ALA B 166 35.21 2.00 -37.03
CA ALA B 166 35.67 3.36 -36.80
C ALA B 166 35.15 3.94 -35.51
N ALA B 167 33.86 3.69 -35.18
CA ALA B 167 33.33 4.23 -33.94
C ALA B 167 33.69 3.38 -32.73
N GLY B 168 33.65 2.05 -32.89
CA GLY B 168 33.77 1.18 -31.71
C GLY B 168 35.19 0.96 -31.18
N ILE B 169 36.11 0.61 -32.06
CA ILE B 169 37.46 0.29 -31.62
C ILE B 169 38.08 1.36 -30.74
N PRO B 170 38.12 2.63 -31.15
CA PRO B 170 38.76 3.65 -30.29
C PRO B 170 38.04 3.91 -28.99
N LEU B 171 36.75 3.56 -28.86
CA LEU B 171 36.04 3.83 -27.62
C LEU B 171 36.37 2.84 -26.51
N LYS B 172 36.81 1.64 -26.84
CA LYS B 172 36.86 0.57 -25.86
C LYS B 172 37.72 0.91 -24.65
N PRO B 173 38.95 1.42 -24.80
CA PRO B 173 39.73 1.75 -23.58
C PRO B 173 39.08 2.81 -22.72
N LEU B 174 38.44 3.80 -23.35
CA LEU B 174 37.76 4.84 -22.58
C LEU B 174 36.56 4.28 -21.84
N TYR B 175 35.78 3.41 -22.50
CA TYR B 175 34.57 2.88 -21.85
C TYR B 175 34.92 2.03 -20.64
N GLU B 176 36.01 1.26 -20.73
N GLU B 176 36.01 1.26 -20.71
CA GLU B 176 36.50 0.54 -19.56
CA GLU B 176 36.47 0.53 -19.53
C GLU B 176 36.74 1.50 -18.40
C GLU B 176 36.74 1.51 -18.38
N ASP B 177 37.47 2.59 -18.67
CA ASP B 177 37.77 3.56 -17.62
C ASP B 177 36.51 4.21 -17.08
N PHE B 178 35.60 4.63 -17.98
CA PHE B 178 34.35 5.25 -17.52
C PHE B 178 33.60 4.32 -16.58
N THR B 179 33.50 3.04 -16.97
CA THR B 179 32.71 2.10 -16.18
C THR B 179 33.21 2.04 -14.76
N ALA B 180 34.53 1.95 -14.58
CA ALA B 180 35.11 1.85 -13.24
C ALA B 180 34.84 3.11 -12.43
N LEU B 181 35.00 4.29 -13.05
CA LEU B 181 34.79 5.53 -12.31
C LEU B 181 33.31 5.75 -12.00
N SER B 182 32.44 5.43 -12.95
CA SER B 182 31.01 5.54 -12.69
C SER B 182 30.61 4.68 -11.48
N ASN B 183 31.07 3.43 -11.46
CA ASN B 183 30.73 2.54 -10.35
C ASN B 183 31.26 3.07 -9.03
N GLU B 184 32.52 3.55 -9.03
CA GLU B 184 33.08 4.15 -7.82
C GLU B 184 32.22 5.29 -7.33
N ALA B 185 31.76 6.14 -8.26
CA ALA B 185 30.96 7.29 -7.86
C ALA B 185 29.68 6.87 -7.15
N TYR B 186 28.96 5.89 -7.71
CA TYR B 186 27.65 5.54 -7.18
C TYR B 186 27.69 4.57 -6.01
N LYS B 187 28.81 3.88 -5.80
CA LYS B 187 28.96 3.14 -4.56
C LYS B 187 28.73 4.05 -3.35
N GLN B 188 29.24 5.28 -3.41
CA GLN B 188 29.13 6.20 -2.28
C GLN B 188 27.72 6.68 -2.05
N ASP B 189 26.83 6.53 -3.05
CA ASP B 189 25.42 6.81 -2.85
C ASP B 189 24.64 5.60 -2.35
N GLY B 190 25.31 4.46 -2.20
CA GLY B 190 24.68 3.26 -1.67
C GLY B 190 24.28 2.21 -2.69
N PHE B 191 24.71 2.34 -3.94
CA PHE B 191 24.34 1.42 -5.01
C PHE B 191 25.50 0.49 -5.33
N THR B 192 25.18 -0.79 -5.58
CA THR B 192 26.22 -1.78 -5.78
C THR B 192 26.96 -1.53 -7.08
N ASP B 193 26.29 -0.96 -8.09
CA ASP B 193 26.94 -0.57 -9.33
C ASP B 193 26.02 0.41 -10.03
N THR B 194 26.52 1.00 -11.13
CA THR B 194 25.77 2.06 -11.80
C THR B 194 24.45 1.53 -12.34
N GLY B 195 24.45 0.28 -12.87
CA GLY B 195 23.23 -0.31 -13.33
C GLY B 195 22.15 -0.37 -12.27
N ALA B 196 22.54 -0.75 -11.05
CA ALA B 196 21.58 -0.77 -9.96
C ALA B 196 20.99 0.61 -9.73
N TYR B 197 21.81 1.65 -9.83
CA TYR B 197 21.30 3.00 -9.71
C TYR B 197 20.33 3.33 -10.84
N TRP B 198 20.69 2.98 -12.09
CA TRP B 198 19.76 3.24 -13.20
C TRP B 198 18.43 2.53 -13.00
N ARG B 199 18.47 1.26 -12.56
CA ARG B 199 17.24 0.51 -12.37
C ARG B 199 16.40 1.06 -11.22
N SER B 200 17.05 1.70 -10.23
CA SER B 200 16.33 2.20 -9.05
C SER B 200 15.29 3.25 -9.43
N TRP B 201 15.44 3.87 -10.59
CA TRP B 201 14.50 4.91 -11.02
C TRP B 201 13.09 4.37 -11.19
N TYR B 202 12.95 3.08 -11.45
CA TYR B 202 11.62 2.48 -11.59
C TYR B 202 11.01 2.04 -10.27
N ASN B 203 11.78 2.06 -9.18
N ASN B 203 11.78 2.10 -9.18
CA ASN B 203 11.26 1.74 -7.84
CA ASN B 203 11.33 1.70 -7.85
C ASN B 203 10.43 0.46 -7.89
C ASN B 203 10.43 0.48 -7.92
N SER B 204 11.00 -0.59 -8.46
CA SER B 204 10.28 -1.83 -8.69
C SER B 204 11.21 -2.98 -8.36
N PRO B 205 11.03 -3.62 -7.20
CA PRO B 205 11.97 -4.70 -6.82
C PRO B 205 11.96 -5.88 -7.78
N THR B 206 10.90 -6.05 -8.58
CA THR B 206 10.79 -7.15 -9.52
C THR B 206 11.02 -6.71 -10.97
N PHE B 207 11.67 -5.57 -11.19
CA PHE B 207 11.78 -4.93 -12.51
C PHE B 207 12.31 -5.89 -13.55
N GLU B 208 13.47 -6.49 -13.29
CA GLU B 208 14.10 -7.33 -14.30
C GLU B 208 13.26 -8.55 -14.64
N ASP B 209 12.58 -9.13 -13.63
CA ASP B 209 11.70 -10.25 -13.92
C ASP B 209 10.45 -9.80 -14.66
N ASP B 210 9.93 -8.62 -14.33
CA ASP B 210 8.79 -8.07 -15.03
C ASP B 210 9.09 -7.85 -16.51
N LEU B 211 10.28 -7.30 -16.80
CA LEU B 211 10.69 -7.10 -18.19
C LEU B 211 10.80 -8.43 -18.94
N GLU B 212 11.35 -9.46 -18.29
CA GLU B 212 11.46 -10.76 -18.95
C GLU B 212 10.07 -11.29 -19.31
N HIS B 213 9.09 -11.16 -18.39
CA HIS B 213 7.77 -11.69 -18.67
C HIS B 213 7.07 -10.87 -19.75
N LEU B 214 7.31 -9.56 -19.78
CA LEU B 214 6.79 -8.73 -20.87
C LEU B 214 7.34 -9.21 -22.21
N TYR B 215 8.65 -9.43 -22.28
CA TYR B 215 9.23 -9.80 -23.58
C TYR B 215 8.77 -11.19 -24.01
N GLN B 216 8.49 -12.09 -23.06
CA GLN B 216 7.99 -13.42 -23.43
C GLN B 216 6.64 -13.32 -24.13
N GLN B 217 5.82 -12.32 -23.76
CA GLN B 217 4.55 -12.13 -24.42
C GLN B 217 4.69 -11.48 -25.80
N LEU B 218 5.71 -10.64 -25.97
CA LEU B 218 5.93 -9.93 -27.22
C LEU B 218 6.69 -10.75 -28.24
N GLU B 219 7.50 -11.69 -27.80
CA GLU B 219 8.42 -12.35 -28.71
C GLU B 219 7.74 -13.10 -29.84
N PRO B 220 6.61 -13.80 -29.64
CA PRO B 220 6.01 -14.50 -30.78
C PRO B 220 5.71 -13.54 -31.95
N LEU B 221 5.32 -12.29 -31.66
CA LEU B 221 5.08 -11.33 -32.72
C LEU B 221 6.37 -11.00 -33.44
N TYR B 222 7.46 -10.77 -32.70
CA TYR B 222 8.73 -10.49 -33.36
C TYR B 222 9.20 -11.68 -34.20
N LEU B 223 9.08 -12.90 -33.69
CA LEU B 223 9.55 -14.05 -34.45
C LEU B 223 8.83 -14.18 -35.80
N ASN B 224 7.52 -13.94 -35.81
CA ASN B 224 6.76 -14.04 -37.06
C ASN B 224 7.11 -12.92 -38.02
N LEU B 225 7.30 -11.71 -37.51
CA LEU B 225 7.79 -10.62 -38.38
C LEU B 225 9.17 -10.94 -38.90
N HIS B 226 10.05 -11.43 -38.02
CA HIS B 226 11.41 -11.78 -38.41
C HIS B 226 11.44 -12.82 -39.52
N ALA B 227 10.62 -13.87 -39.41
CA ALA B 227 10.68 -14.93 -40.41
C ALA B 227 10.14 -14.44 -41.75
N PHE B 228 9.11 -13.59 -41.69
CA PHE B 228 8.51 -13.00 -42.90
C PHE B 228 9.52 -12.12 -43.63
N VAL B 229 10.22 -11.26 -42.88
CA VAL B 229 11.22 -10.39 -43.49
C VAL B 229 12.40 -11.18 -44.00
N ARG B 230 12.83 -12.21 -43.26
CA ARG B 230 13.95 -13.04 -43.70
C ARG B 230 13.65 -13.71 -45.04
N ARG B 231 12.42 -14.22 -45.20
CA ARG B 231 11.98 -14.79 -46.47
C ARG B 231 12.12 -13.78 -47.60
N ALA B 232 11.71 -12.53 -47.38
CA ALA B 232 11.85 -11.50 -48.40
C ALA B 232 13.31 -11.21 -48.71
N LEU B 233 14.14 -11.16 -47.67
CA LEU B 233 15.57 -10.97 -47.88
C LEU B 233 16.16 -12.11 -48.69
N HIS B 234 15.74 -13.33 -48.40
CA HIS B 234 16.22 -14.49 -49.15
C HIS B 234 15.89 -14.35 -50.64
N ARG B 235 14.66 -13.91 -50.97
N ARG B 235 14.66 -13.93 -50.96
CA ARG B 235 14.29 -13.74 -52.36
CA ARG B 235 14.28 -13.73 -52.36
C ARG B 235 15.11 -12.65 -53.04
C ARG B 235 15.17 -12.68 -53.02
N ARG B 236 15.53 -11.63 -52.27
CA ARG B 236 16.37 -10.58 -52.84
C ARG B 236 17.83 -10.99 -52.97
N TYR B 237 18.41 -11.58 -51.91
CA TYR B 237 19.86 -11.77 -51.86
C TYR B 237 20.31 -13.20 -52.06
N GLY B 238 19.41 -14.18 -52.01
CA GLY B 238 19.75 -15.54 -52.37
C GLY B 238 20.29 -16.36 -51.21
N ASP B 239 20.26 -17.68 -51.40
CA ASP B 239 20.60 -18.60 -50.33
C ASP B 239 22.05 -18.49 -49.89
N ARG B 240 22.91 -17.87 -50.69
CA ARG B 240 24.30 -17.73 -50.29
C ARG B 240 24.44 -16.84 -49.06
N TYR B 241 23.63 -15.77 -48.98
CA TYR B 241 23.75 -14.76 -47.95
C TYR B 241 22.61 -14.76 -46.95
N ILE B 242 21.59 -15.57 -47.15
CA ILE B 242 20.44 -15.63 -46.27
C ILE B 242 20.20 -17.10 -45.94
N ASN B 243 20.18 -17.41 -44.63
CA ASN B 243 19.88 -18.75 -44.14
C ASN B 243 18.49 -18.71 -43.53
N LEU B 244 17.55 -19.42 -44.16
CA LEU B 244 16.16 -19.40 -43.73
C LEU B 244 15.95 -20.05 -42.37
N ARG B 245 17.00 -20.63 -41.78
CA ARG B 245 16.92 -21.15 -40.43
C ARG B 245 18.03 -20.59 -39.54
N GLY B 246 18.62 -19.48 -39.95
CA GLY B 246 19.67 -18.83 -39.21
C GLY B 246 19.37 -17.37 -38.92
N PRO B 247 20.30 -16.69 -38.26
CA PRO B 247 20.14 -15.26 -38.01
C PRO B 247 20.27 -14.45 -39.29
N ILE B 248 19.60 -13.31 -39.32
CA ILE B 248 19.68 -12.40 -40.47
C ILE B 248 20.98 -11.60 -40.39
N PRO B 249 21.76 -11.50 -41.47
CA PRO B 249 22.90 -10.59 -41.44
C PRO B 249 22.48 -9.18 -41.06
N ALA B 250 23.26 -8.57 -40.15
CA ALA B 250 22.80 -7.42 -39.41
C ALA B 250 22.77 -6.11 -40.22
N HIS B 251 23.24 -6.13 -41.47
CA HIS B 251 23.33 -4.89 -42.25
C HIS B 251 22.20 -4.74 -43.27
N LEU B 252 21.23 -5.66 -43.30
CA LEU B 252 20.26 -5.75 -44.37
C LEU B 252 18.86 -5.25 -44.03
N LEU B 253 18.68 -4.62 -42.89
CA LEU B 253 17.36 -4.32 -42.39
C LEU B 253 17.03 -2.82 -42.44
N GLY B 254 17.81 -2.03 -43.15
CA GLY B 254 17.50 -0.64 -43.39
C GLY B 254 18.06 0.31 -42.38
N ASP B 255 18.81 -0.18 -41.40
CA ASP B 255 19.18 0.63 -40.25
C ASP B 255 20.52 0.09 -39.73
N MET B 256 21.37 1.01 -39.26
CA MET B 256 22.74 0.65 -38.91
C MET B 256 22.76 -0.35 -37.74
N TRP B 257 21.74 -0.32 -36.87
CA TRP B 257 21.64 -1.19 -35.72
C TRP B 257 20.54 -2.24 -35.90
N ALA B 258 19.95 -2.33 -37.09
CA ALA B 258 18.81 -3.21 -37.35
C ALA B 258 17.69 -3.02 -36.33
N GLN B 259 17.56 -1.81 -35.79
CA GLN B 259 16.63 -1.58 -34.68
C GLN B 259 15.28 -1.10 -35.17
N SER B 260 15.21 -0.60 -36.40
CA SER B 260 13.93 -0.18 -37.02
C SER B 260 14.01 -0.59 -38.48
N TRP B 261 12.98 -1.29 -38.97
CA TRP B 261 13.06 -1.95 -40.25
C TRP B 261 12.18 -1.24 -41.32
N GLU B 262 11.66 -0.07 -41.01
CA GLU B 262 10.66 0.50 -41.93
C GLU B 262 11.27 0.87 -43.27
N ASN B 263 12.61 0.99 -43.35
CA ASN B 263 13.24 1.37 -44.62
C ASN B 263 13.24 0.26 -45.64
N ILE B 264 12.91 -0.98 -45.27
CA ILE B 264 12.77 -2.06 -46.23
C ILE B 264 11.30 -2.39 -46.51
N TYR B 265 10.41 -1.50 -46.12
CA TYR B 265 8.99 -1.74 -46.40
C TYR B 265 8.74 -2.12 -47.85
N ASP B 266 9.43 -1.46 -48.79
CA ASP B 266 9.14 -1.71 -50.20
C ASP B 266 9.46 -3.13 -50.61
N MET B 267 10.33 -3.83 -49.87
CA MET B 267 10.59 -5.24 -50.16
C MET B 267 9.55 -6.18 -49.58
N VAL B 268 8.83 -5.77 -48.53
CA VAL B 268 7.99 -6.71 -47.79
C VAL B 268 6.52 -6.30 -47.80
N VAL B 269 6.15 -5.32 -48.62
CA VAL B 269 4.78 -4.82 -48.66
C VAL B 269 3.81 -5.98 -48.81
N PRO B 270 2.90 -6.19 -47.87
CA PRO B 270 1.93 -7.29 -48.04
C PRO B 270 1.16 -7.24 -49.35
N PHE B 271 0.64 -6.05 -49.72
CA PHE B 271 -0.18 -5.89 -50.92
C PHE B 271 0.37 -4.73 -51.73
N PRO B 272 1.37 -4.99 -52.58
CA PRO B 272 2.06 -3.88 -53.26
C PRO B 272 1.20 -3.17 -54.29
N ASP B 273 0.07 -3.75 -54.70
CA ASP B 273 -0.80 -3.08 -55.66
C ASP B 273 -1.53 -1.90 -55.04
N LYS B 274 -1.79 -1.94 -53.74
CA LYS B 274 -2.57 -0.89 -53.11
C LYS B 274 -1.74 0.39 -52.99
N PRO B 275 -2.34 1.56 -53.16
CA PRO B 275 -1.57 2.80 -53.04
C PRO B 275 -1.00 2.95 -51.64
N ASN B 276 0.26 3.36 -51.57
CA ASN B 276 0.89 3.63 -50.29
C ASN B 276 0.20 4.81 -49.60
N LEU B 277 0.21 4.80 -48.27
CA LEU B 277 -0.29 5.90 -47.48
C LEU B 277 0.86 6.89 -47.29
N ASP B 278 0.79 8.01 -48.02
CA ASP B 278 1.84 9.03 -47.91
C ASP B 278 1.25 10.34 -48.41
N VAL B 279 1.06 11.29 -47.50
CA VAL B 279 0.37 12.54 -47.80
C VAL B 279 1.36 13.70 -47.99
N THR B 280 2.66 13.39 -48.14
CA THR B 280 3.66 14.43 -48.26
C THR B 280 3.36 15.37 -49.44
N SER B 281 3.09 14.79 -50.61
CA SER B 281 2.87 15.60 -51.79
C SER B 281 1.63 16.48 -51.62
N THR B 282 0.57 15.93 -51.00
CA THR B 282 -0.63 16.72 -50.76
C THR B 282 -0.34 17.89 -49.83
N MET B 283 0.46 17.67 -48.79
CA MET B 283 0.87 18.77 -47.93
C MET B 283 1.57 19.86 -48.75
N LEU B 284 2.39 19.45 -49.72
CA LEU B 284 3.11 20.45 -50.52
C LEU B 284 2.14 21.23 -51.41
N GLN B 285 1.20 20.54 -52.05
CA GLN B 285 0.27 21.20 -52.97
C GLN B 285 -0.65 22.17 -52.23
N GLN B 286 -0.95 21.89 -50.96
CA GLN B 286 -1.78 22.78 -50.16
C GLN B 286 -0.98 23.92 -49.56
N GLY B 287 0.30 24.02 -49.90
CA GLY B 287 1.08 25.16 -49.46
C GLY B 287 1.58 25.08 -48.04
N TRP B 288 1.58 23.90 -47.42
CA TRP B 288 2.03 23.81 -46.05
C TRP B 288 3.50 24.13 -45.95
N GLN B 289 3.88 24.77 -44.86
CA GLN B 289 5.29 24.98 -44.52
C GLN B 289 5.44 24.66 -43.04
N ALA B 290 6.66 24.81 -42.53
CA ALA B 290 6.96 24.38 -41.16
C ALA B 290 6.02 25.02 -40.15
N THR B 291 5.86 26.34 -40.21
CA THR B 291 5.08 27.04 -39.20
C THR B 291 3.64 26.54 -39.18
N HIS B 292 3.05 26.28 -40.34
CA HIS B 292 1.68 25.77 -40.38
C HIS B 292 1.61 24.39 -39.74
N MET B 293 2.63 23.56 -39.96
CA MET B 293 2.66 22.23 -39.35
C MET B 293 2.59 22.31 -37.83
N PHE B 294 3.31 23.25 -37.23
CA PHE B 294 3.23 23.42 -35.79
C PHE B 294 1.89 23.98 -35.33
N ARG B 295 1.26 24.84 -36.13
CA ARG B 295 -0.06 25.33 -35.75
C ARG B 295 -1.09 24.22 -35.85
N VAL B 296 -0.95 23.34 -36.86
CA VAL B 296 -1.82 22.17 -36.94
C VAL B 296 -1.64 21.28 -35.72
N ALA B 297 -0.38 21.04 -35.33
CA ALA B 297 -0.15 20.25 -34.13
C ALA B 297 -0.76 20.94 -32.91
N GLU B 298 -0.55 22.25 -32.79
CA GLU B 298 -1.15 22.97 -31.68
C GLU B 298 -2.67 22.75 -31.63
N GLU B 299 -3.31 22.79 -32.79
CA GLU B 299 -4.76 22.60 -32.83
C GLU B 299 -5.17 21.20 -32.39
N PHE B 300 -4.31 20.21 -32.63
CA PHE B 300 -4.56 18.88 -32.07
C PHE B 300 -4.73 18.95 -30.56
N PHE B 301 -3.82 19.66 -29.87
CA PHE B 301 -3.86 19.71 -28.41
C PHE B 301 -5.04 20.54 -27.91
N THR B 302 -5.35 21.67 -28.57
CA THR B 302 -6.52 22.44 -28.11
C THR B 302 -7.80 21.67 -28.34
N SER B 303 -7.86 20.84 -29.38
CA SER B 303 -9.03 20.00 -29.57
C SER B 303 -9.26 19.05 -28.40
N LEU B 304 -8.19 18.69 -27.67
CA LEU B 304 -8.30 17.87 -26.47
C LEU B 304 -8.50 18.69 -25.21
N GLU B 305 -8.67 20.00 -25.33
CA GLU B 305 -8.67 20.92 -24.19
C GLU B 305 -7.38 20.79 -23.39
N LEU B 306 -6.26 20.62 -24.09
CA LEU B 306 -4.93 20.84 -23.52
C LEU B 306 -4.47 22.25 -23.91
N SER B 307 -3.27 22.61 -23.49
CA SER B 307 -2.89 24.00 -23.61
C SER B 307 -2.35 24.30 -25.00
N PRO B 308 -2.61 25.51 -25.51
CA PRO B 308 -1.89 25.97 -26.69
C PRO B 308 -0.45 26.28 -26.34
N MET B 309 0.37 26.44 -27.37
CA MET B 309 1.78 26.81 -27.15
C MET B 309 1.85 28.27 -26.74
N PRO B 310 2.61 28.61 -25.71
CA PRO B 310 2.65 30.00 -25.23
C PRO B 310 3.41 30.88 -26.21
N PRO B 311 3.27 32.21 -26.09
CA PRO B 311 4.01 33.11 -27.00
C PRO B 311 5.52 32.90 -26.95
N GLU B 312 6.04 32.59 -25.76
CA GLU B 312 7.49 32.31 -25.64
C GLU B 312 7.92 31.16 -26.53
N PHE B 313 7.02 30.19 -26.75
CA PHE B 313 7.34 29.10 -27.69
C PHE B 313 7.47 29.61 -29.11
N TRP B 314 6.48 30.40 -29.56
CA TRP B 314 6.51 30.84 -30.96
C TRP B 314 7.65 31.81 -31.20
N GLU B 315 7.95 32.67 -30.22
CA GLU B 315 9.06 33.61 -30.37
C GLU B 315 10.41 32.89 -30.38
N GLY B 316 10.62 31.98 -29.42
CA GLY B 316 11.95 31.41 -29.18
C GLY B 316 12.33 30.20 -30.00
N SER B 317 11.35 29.42 -30.44
CA SER B 317 11.67 28.15 -31.06
C SER B 317 12.40 28.33 -32.39
N MET B 318 13.05 27.25 -32.83
CA MET B 318 13.67 27.16 -34.14
C MET B 318 12.92 26.08 -34.92
N LEU B 319 11.99 26.49 -35.79
CA LEU B 319 11.09 25.57 -36.47
C LEU B 319 11.57 25.15 -37.83
N GLU B 320 12.61 25.80 -38.36
CA GLU B 320 13.18 25.41 -39.63
C GLU B 320 14.66 25.74 -39.63
N LYS B 321 15.38 25.19 -40.59
CA LYS B 321 16.80 25.44 -40.71
C LYS B 321 17.03 26.92 -41.01
N PRO B 322 17.87 27.61 -40.26
CA PRO B 322 18.13 29.03 -40.56
C PRO B 322 18.74 29.19 -41.94
N ALA B 323 18.30 30.24 -42.64
CA ALA B 323 18.85 30.57 -43.95
C ALA B 323 20.07 31.47 -43.86
N ASP B 324 20.39 31.99 -42.66
CA ASP B 324 21.59 32.78 -42.46
C ASP B 324 22.85 31.93 -42.42
N GLY B 325 22.76 30.65 -42.77
CA GLY B 325 23.92 29.79 -42.91
C GLY B 325 24.57 29.34 -41.64
N ARG B 326 24.15 29.85 -40.47
CA ARG B 326 24.74 29.39 -39.23
C ARG B 326 24.50 27.89 -39.07
N GLU B 327 25.23 27.29 -38.13
CA GLU B 327 25.26 25.84 -37.98
C GLU B 327 24.43 25.45 -36.76
N VAL B 328 23.65 24.37 -36.91
CA VAL B 328 22.67 23.99 -35.90
C VAL B 328 22.55 22.47 -35.86
N VAL B 329 22.04 21.97 -34.73
CA VAL B 329 21.60 20.59 -34.62
C VAL B 329 20.18 20.51 -35.21
N CYS B 330 20.03 19.75 -36.29
CA CYS B 330 18.75 19.71 -36.99
C CYS B 330 17.80 18.63 -36.47
N HIS B 331 18.31 17.65 -35.71
CA HIS B 331 17.47 16.61 -35.14
C HIS B 331 16.47 17.21 -34.15
N ALA B 332 15.22 16.78 -34.24
CA ALA B 332 14.15 17.42 -33.48
C ALA B 332 14.30 17.14 -31.99
N SER B 333 14.11 18.17 -31.18
CA SER B 333 14.17 18.04 -29.73
C SER B 333 13.35 19.14 -29.07
N ALA B 334 12.86 18.83 -27.88
CA ALA B 334 12.00 19.69 -27.10
C ALA B 334 12.70 20.08 -25.81
N TRP B 335 12.52 21.35 -25.42
CA TRP B 335 13.33 22.01 -24.40
C TRP B 335 12.48 22.61 -23.29
N ASP B 336 12.74 22.18 -22.07
CA ASP B 336 12.25 22.81 -20.87
C ASP B 336 13.39 23.62 -20.27
N PHE B 337 13.15 24.91 -20.02
CA PHE B 337 14.16 25.80 -19.47
C PHE B 337 14.07 25.94 -17.96
N TYR B 338 13.09 25.30 -17.33
CA TYR B 338 13.00 25.23 -15.87
C TYR B 338 12.78 26.58 -15.22
N ASN B 339 12.34 27.58 -15.99
CA ASN B 339 11.91 28.86 -15.42
C ASN B 339 10.39 29.04 -15.49
N ARG B 340 9.67 28.05 -15.99
CA ARG B 340 8.21 28.05 -16.03
C ARG B 340 7.66 29.01 -17.08
N LYS B 341 8.50 29.47 -18.00
CA LYS B 341 8.04 30.45 -18.97
C LYS B 341 8.55 30.12 -20.37
N ASP B 342 9.81 29.69 -20.48
CA ASP B 342 10.41 29.39 -21.78
C ASP B 342 10.33 27.90 -22.07
N PHE B 343 9.75 27.55 -23.23
CA PHE B 343 9.63 26.19 -23.72
C PHE B 343 9.78 26.26 -25.22
N ARG B 344 10.63 25.41 -25.78
CA ARG B 344 10.98 25.53 -27.19
C ARG B 344 11.19 24.17 -27.83
N ILE B 345 10.95 24.13 -29.14
CA ILE B 345 11.32 23.02 -29.99
C ILE B 345 12.38 23.50 -30.97
N LYS B 346 13.34 22.64 -31.24
CA LYS B 346 14.42 22.90 -32.19
C LYS B 346 14.38 21.80 -33.24
N GLN B 347 13.97 22.15 -34.45
CA GLN B 347 13.79 21.18 -35.52
C GLN B 347 13.97 21.84 -36.86
N CYS B 348 14.73 21.20 -37.74
CA CYS B 348 14.86 21.61 -39.14
C CYS B 348 13.73 20.97 -39.93
N THR B 349 12.53 21.49 -39.68
CA THR B 349 11.34 20.81 -40.14
C THR B 349 11.28 20.78 -41.66
N ARG B 350 10.97 19.61 -42.21
CA ARG B 350 10.67 19.44 -43.62
C ARG B 350 9.19 19.13 -43.75
N VAL B 351 8.65 19.44 -44.93
CA VAL B 351 7.24 19.25 -45.23
C VAL B 351 7.07 17.83 -45.72
N THR B 352 6.87 16.91 -44.76
CA THR B 352 6.59 15.52 -45.09
C THR B 352 5.62 14.98 -44.03
N MET B 353 4.98 13.87 -44.37
CA MET B 353 4.04 13.22 -43.46
C MET B 353 4.75 12.75 -42.19
N ASP B 354 5.90 12.09 -42.34
N ASP B 354 5.90 12.10 -42.35
CA ASP B 354 6.61 11.62 -41.16
CA ASP B 354 6.65 11.61 -41.19
C ASP B 354 7.02 12.79 -40.27
C ASP B 354 7.07 12.77 -40.28
N GLN B 355 7.44 13.90 -40.88
CA GLN B 355 7.80 15.07 -40.09
C GLN B 355 6.59 15.68 -39.36
N LEU B 356 5.40 15.61 -39.98
CA LEU B 356 4.19 16.06 -39.29
C LEU B 356 3.97 15.22 -38.02
N SER B 357 4.12 13.90 -38.13
N SER B 357 4.10 13.90 -38.14
CA SER B 357 4.04 13.05 -36.95
CA SER B 357 4.06 13.04 -36.96
C SER B 357 5.08 13.46 -35.91
C SER B 357 5.07 13.49 -35.92
N THR B 358 6.31 13.73 -36.36
CA THR B 358 7.36 14.12 -35.42
C THR B 358 7.01 15.42 -34.71
N VAL B 359 6.43 16.38 -35.43
CA VAL B 359 6.04 17.64 -34.80
C VAL B 359 5.03 17.42 -33.68
N HIS B 360 4.02 16.58 -33.93
CA HIS B 360 3.04 16.29 -32.89
C HIS B 360 3.72 15.59 -31.72
N HIS B 361 4.64 14.66 -31.99
CA HIS B 361 5.37 13.94 -30.95
C HIS B 361 6.14 14.91 -30.07
N GLU B 362 6.98 15.78 -30.67
CA GLU B 362 7.77 16.73 -29.90
C GLU B 362 6.92 17.75 -29.18
N MET B 363 5.79 18.16 -29.76
CA MET B 363 4.91 19.05 -29.01
C MET B 363 4.26 18.36 -27.82
N GLY B 364 4.13 17.03 -27.88
CA GLY B 364 3.73 16.28 -26.71
C GLY B 364 4.70 16.43 -25.56
N HIS B 365 5.99 16.41 -25.85
CA HIS B 365 6.97 16.74 -24.81
C HIS B 365 6.70 18.12 -24.23
N ILE B 366 6.43 19.11 -25.10
CA ILE B 366 6.20 20.47 -24.63
C ILE B 366 4.98 20.51 -23.72
N GLN B 367 3.90 19.83 -24.14
CA GLN B 367 2.67 19.82 -23.35
C GLN B 367 2.93 19.23 -21.98
N TYR B 368 3.71 18.15 -21.92
CA TYR B 368 4.16 17.62 -20.64
C TYR B 368 4.80 18.73 -19.80
N TYR B 369 5.79 19.42 -20.35
CA TYR B 369 6.46 20.50 -19.65
C TYR B 369 5.48 21.53 -19.11
N LEU B 370 4.55 21.99 -19.96
CA LEU B 370 3.63 23.02 -19.54
C LEU B 370 2.77 22.57 -18.38
N GLN B 371 2.36 21.30 -18.38
CA GLN B 371 1.42 20.85 -17.38
C GLN B 371 2.04 20.64 -16.01
N TYR B 372 3.33 20.28 -15.91
CA TYR B 372 3.95 20.09 -14.60
C TYR B 372 4.90 21.22 -14.23
N LYS B 373 4.81 22.37 -14.90
CA LYS B 373 5.78 23.43 -14.68
C LYS B 373 5.72 24.02 -13.26
N ASP B 374 4.59 23.86 -12.57
CA ASP B 374 4.45 24.43 -11.23
C ASP B 374 4.85 23.46 -10.13
N LEU B 375 5.39 22.30 -10.48
CA LEU B 375 5.93 21.40 -9.47
C LEU B 375 7.32 21.85 -9.03
N PRO B 376 7.82 21.34 -7.91
CA PRO B 376 9.25 21.51 -7.60
C PRO B 376 10.10 21.01 -8.75
N VAL B 377 11.20 21.72 -9.02
CA VAL B 377 12.02 21.41 -10.19
C VAL B 377 12.42 19.95 -10.23
N SER B 378 12.64 19.35 -9.05
CA SER B 378 13.09 17.96 -9.00
C SER B 378 12.04 17.01 -9.60
N LEU B 379 10.77 17.41 -9.57
CA LEU B 379 9.67 16.58 -10.00
C LEU B 379 9.17 16.92 -11.39
N ARG B 380 9.86 17.81 -12.12
CA ARG B 380 9.51 18.17 -13.48
C ARG B 380 10.19 17.18 -14.43
N ARG B 381 9.59 16.00 -14.53
CA ARG B 381 10.05 14.93 -15.40
C ARG B 381 8.91 13.91 -15.48
N GLY B 382 9.06 12.95 -16.38
CA GLY B 382 8.06 11.90 -16.48
C GLY B 382 7.98 11.04 -15.23
N ALA B 383 6.83 10.37 -15.10
CA ALA B 383 6.59 9.56 -13.89
C ALA B 383 7.64 8.48 -13.74
N ASN B 384 8.09 7.90 -14.87
CA ASN B 384 9.34 7.14 -14.88
C ASN B 384 10.04 7.51 -16.18
N PRO B 385 11.30 7.12 -16.39
CA PRO B 385 12.05 7.65 -17.53
C PRO B 385 11.47 7.27 -18.89
N GLY B 386 10.54 6.32 -18.95
CA GLY B 386 9.90 5.99 -20.20
C GLY B 386 8.63 6.76 -20.53
N PHE B 387 8.16 7.62 -19.61
CA PHE B 387 6.83 8.23 -19.81
C PHE B 387 6.88 9.29 -20.92
N HIS B 388 7.99 10.04 -21.03
CA HIS B 388 8.03 11.12 -22.02
C HIS B 388 7.91 10.59 -23.44
N GLU B 389 8.71 9.57 -23.79
CA GLU B 389 8.60 9.04 -25.15
C GLU B 389 7.25 8.38 -25.37
N ALA B 390 6.67 7.76 -24.33
CA ALA B 390 5.37 7.14 -24.50
C ALA B 390 4.30 8.19 -24.79
N ILE B 391 4.39 9.35 -24.16
CA ILE B 391 3.40 10.40 -24.40
C ILE B 391 3.53 10.93 -25.82
N GLY B 392 4.75 11.25 -26.24
CA GLY B 392 4.95 11.68 -27.60
C GLY B 392 4.45 10.67 -28.62
N ASP B 393 4.74 9.38 -28.38
CA ASP B 393 4.39 8.35 -29.35
C ASP B 393 2.90 8.02 -29.36
N VAL B 394 2.22 8.09 -28.23
CA VAL B 394 0.79 7.78 -28.23
C VAL B 394 0.03 8.83 -29.02
N LEU B 395 0.44 10.09 -28.92
CA LEU B 395 -0.17 11.12 -29.76
C LEU B 395 0.06 10.84 -31.25
N ALA B 396 1.30 10.47 -31.60
CA ALA B 396 1.63 10.18 -32.99
C ALA B 396 0.89 8.95 -33.49
N LEU B 397 0.53 8.02 -32.60
CA LEU B 397 -0.26 6.86 -33.05
C LEU B 397 -1.62 7.30 -33.64
N SER B 398 -2.28 8.29 -33.00
CA SER B 398 -3.52 8.83 -33.52
C SER B 398 -3.28 9.60 -34.82
N VAL B 399 -2.25 10.44 -34.83
CA VAL B 399 -2.07 11.38 -35.94
C VAL B 399 -1.68 10.66 -37.21
N SER B 400 -1.05 9.49 -37.08
CA SER B 400 -0.61 8.71 -38.25
C SER B 400 -1.74 7.99 -38.97
N THR B 401 -2.92 7.85 -38.37
CA THR B 401 -3.96 7.05 -38.97
C THR B 401 -4.51 7.73 -40.21
N PRO B 402 -4.91 6.97 -41.21
CA PRO B 402 -5.63 7.59 -42.35
C PRO B 402 -6.89 8.28 -41.87
N GLU B 403 -7.52 7.77 -40.81
CA GLU B 403 -8.69 8.44 -40.27
C GLU B 403 -8.38 9.87 -39.89
N HIS B 404 -7.25 10.10 -39.20
CA HIS B 404 -6.91 11.46 -38.78
C HIS B 404 -6.49 12.34 -39.95
N LEU B 405 -5.66 11.79 -40.84
CA LEU B 405 -5.17 12.57 -41.97
C LEU B 405 -6.34 13.07 -42.81
N HIS B 406 -7.37 12.24 -42.97
CA HIS B 406 -8.59 12.68 -43.63
C HIS B 406 -9.23 13.87 -42.92
N LYS B 407 -9.31 13.81 -41.59
CA LYS B 407 -9.98 14.86 -40.82
C LYS B 407 -9.26 16.20 -40.94
N ILE B 408 -7.94 16.20 -41.10
CA ILE B 408 -7.23 17.46 -41.21
C ILE B 408 -6.96 17.84 -42.66
N GLY B 409 -7.62 17.18 -43.60
CA GLY B 409 -7.67 17.65 -44.98
C GLY B 409 -6.57 17.16 -45.89
N LEU B 410 -5.84 16.11 -45.50
CA LEU B 410 -4.71 15.61 -46.27
C LEU B 410 -5.01 14.31 -46.99
N LEU B 411 -6.20 13.76 -46.86
CA LEU B 411 -6.53 12.49 -47.49
C LEU B 411 -8.01 12.51 -47.87
N ASP B 412 -8.29 12.50 -49.17
CA ASP B 412 -9.65 12.73 -49.65
C ASP B 412 -10.60 11.64 -49.18
N ARG B 413 -10.24 10.38 -49.39
CA ARG B 413 -11.11 9.27 -48.97
C ARG B 413 -10.32 8.27 -48.12
N VAL B 414 -10.97 7.77 -47.07
CA VAL B 414 -10.39 6.73 -46.23
C VAL B 414 -10.84 5.38 -46.77
N THR B 415 -9.92 4.65 -47.39
CA THR B 415 -10.21 3.31 -47.90
C THR B 415 -10.72 2.41 -46.77
N ASN B 416 -11.43 1.36 -47.15
CA ASN B 416 -11.98 0.40 -46.23
C ASN B 416 -11.52 -1.03 -46.51
N ASP B 417 -10.64 -1.23 -47.48
CA ASP B 417 -10.19 -2.57 -47.81
C ASP B 417 -9.23 -3.10 -46.74
N THR B 418 -9.33 -4.40 -46.46
CA THR B 418 -8.44 -5.03 -45.50
C THR B 418 -6.99 -5.02 -45.95
N GLU B 419 -6.75 -5.07 -47.25
CA GLU B 419 -5.40 -5.02 -47.78
C GLU B 419 -4.67 -3.79 -47.28
N SER B 420 -5.29 -2.61 -47.41
CA SER B 420 -4.63 -1.38 -46.97
C SER B 420 -4.42 -1.39 -45.46
N ASP B 421 -5.36 -1.98 -44.71
CA ASP B 421 -5.20 -2.10 -43.27
C ASP B 421 -3.95 -2.91 -42.92
N ILE B 422 -3.75 -4.05 -43.61
CA ILE B 422 -2.60 -4.90 -43.36
C ILE B 422 -1.31 -4.19 -43.72
N ASN B 423 -1.33 -3.42 -44.83
CA ASN B 423 -0.16 -2.63 -45.21
C ASN B 423 0.18 -1.61 -44.13
N TYR B 424 -0.85 -0.92 -43.61
CA TYR B 424 -0.62 0.06 -42.55
C TYR B 424 -0.04 -0.61 -41.30
N LEU B 425 -0.61 -1.74 -40.89
CA LEU B 425 -0.16 -2.40 -39.66
C LEU B 425 1.24 -2.98 -39.83
N LEU B 426 1.55 -3.52 -41.02
CA LEU B 426 2.87 -4.08 -41.26
C LEU B 426 3.94 -3.01 -41.25
N LYS B 427 3.67 -1.87 -41.88
CA LYS B 427 4.61 -0.77 -41.85
C LYS B 427 4.82 -0.27 -40.43
N MET B 428 3.74 -0.22 -39.64
CA MET B 428 3.87 0.18 -38.23
C MET B 428 4.67 -0.86 -37.44
N ALA B 429 4.45 -2.15 -37.72
CA ALA B 429 5.18 -3.21 -37.01
C ALA B 429 6.66 -3.17 -37.30
N LEU B 430 7.04 -2.78 -38.54
CA LEU B 430 8.44 -2.68 -38.87
C LEU B 430 9.15 -1.67 -37.98
N GLU B 431 8.41 -0.67 -37.49
CA GLU B 431 8.93 0.36 -36.60
C GLU B 431 8.80 -0.05 -35.13
N LYS B 432 7.62 -0.53 -34.73
CA LYS B 432 7.31 -0.73 -33.32
C LYS B 432 7.71 -2.11 -32.80
N ILE B 433 7.49 -3.17 -33.59
N ILE B 433 7.47 -3.17 -33.59
CA ILE B 433 7.77 -4.52 -33.11
CA ILE B 433 7.77 -4.51 -33.14
C ILE B 433 9.24 -4.87 -33.31
C ILE B 433 9.26 -4.81 -33.29
N ALA B 434 9.84 -4.46 -34.44
CA ALA B 434 11.24 -4.77 -34.67
C ALA B 434 12.15 -4.15 -33.64
N PHE B 435 11.77 -3.01 -33.06
CA PHE B 435 12.64 -2.34 -32.09
C PHE B 435 12.69 -3.10 -30.75
N LEU B 436 11.62 -3.82 -30.40
CA LEU B 436 11.45 -4.38 -29.06
C LEU B 436 12.67 -5.16 -28.60
N PRO B 437 13.20 -6.14 -29.32
CA PRO B 437 14.40 -6.86 -28.82
C PRO B 437 15.60 -5.95 -28.60
N PHE B 438 15.79 -4.95 -29.46
CA PHE B 438 16.93 -4.05 -29.32
C PHE B 438 16.77 -3.16 -28.11
N GLY B 439 15.56 -2.59 -27.93
CA GLY B 439 15.34 -1.72 -26.80
C GLY B 439 15.53 -2.48 -25.49
N TYR B 440 15.32 -3.79 -25.51
CA TYR B 440 15.45 -4.60 -24.30
C TYR B 440 16.91 -4.98 -24.03
N LEU B 441 17.66 -5.28 -25.07
CA LEU B 441 18.98 -5.91 -24.89
C LEU B 441 20.09 -4.91 -24.56
N VAL B 442 19.97 -3.65 -24.99
CA VAL B 442 21.08 -2.70 -24.80
C VAL B 442 21.45 -2.55 -23.33
N ASP B 443 20.47 -2.32 -22.46
CA ASP B 443 20.81 -2.15 -21.05
C ASP B 443 21.05 -3.47 -20.33
N GLN B 444 20.60 -4.61 -20.92
CA GLN B 444 21.08 -5.89 -20.38
C GLN B 444 22.61 -5.99 -20.56
N TRP B 445 23.10 -5.56 -21.72
CA TRP B 445 24.55 -5.57 -21.93
C TRP B 445 25.24 -4.67 -20.93
N ARG B 446 24.73 -3.44 -20.79
CA ARG B 446 25.37 -2.48 -19.88
C ARG B 446 25.25 -2.89 -18.42
N TRP B 447 24.12 -3.49 -18.02
CA TRP B 447 23.98 -3.95 -16.66
C TRP B 447 25.03 -5.00 -16.33
N GLY B 448 25.35 -5.89 -17.26
CA GLY B 448 26.40 -6.86 -17.04
C GLY B 448 27.80 -6.27 -17.00
N VAL B 449 28.05 -5.24 -17.82
CA VAL B 449 29.32 -4.52 -17.76
C VAL B 449 29.48 -3.79 -16.44
N PHE B 450 28.43 -3.09 -16.02
CA PHE B 450 28.49 -2.36 -14.76
C PHE B 450 28.65 -3.30 -13.56
N SER B 451 27.98 -4.45 -13.58
CA SER B 451 28.10 -5.40 -12.46
C SER B 451 29.40 -6.16 -12.45
N GLY B 452 30.21 -6.09 -13.52
CA GLY B 452 31.41 -6.87 -13.62
C GLY B 452 31.18 -8.27 -14.17
N ARG B 453 29.94 -8.64 -14.46
CA ARG B 453 29.66 -9.92 -15.11
C ARG B 453 30.27 -9.98 -16.50
N THR B 454 30.39 -8.84 -17.16
CA THR B 454 30.95 -8.76 -18.52
C THR B 454 32.20 -7.87 -18.44
N PRO B 455 33.37 -8.44 -18.24
CA PRO B 455 34.58 -7.64 -18.22
C PRO B 455 34.95 -7.21 -19.63
N PRO B 456 35.95 -6.33 -19.77
CA PRO B 456 36.39 -5.91 -21.11
C PRO B 456 36.71 -7.06 -22.05
N SER B 457 37.22 -8.17 -21.53
CA SER B 457 37.57 -9.32 -22.35
C SER B 457 36.36 -10.03 -22.94
N ARG B 458 35.14 -9.65 -22.55
CA ARG B 458 33.93 -10.21 -23.13
C ARG B 458 32.95 -9.14 -23.63
N TYR B 459 33.41 -7.89 -23.82
CA TYR B 459 32.52 -6.83 -24.29
C TYR B 459 31.77 -7.25 -25.54
N ASN B 460 32.50 -7.80 -26.52
CA ASN B 460 31.87 -8.07 -27.81
C ASN B 460 31.19 -9.44 -27.87
N PHE B 461 31.81 -10.44 -27.25
CA PHE B 461 31.21 -11.74 -27.11
C PHE B 461 29.81 -11.65 -26.48
N ASP B 462 29.69 -10.85 -25.42
CA ASP B 462 28.40 -10.74 -24.75
C ASP B 462 27.43 -9.81 -25.54
N TRP B 463 27.94 -8.80 -26.23
CA TRP B 463 27.10 -7.99 -27.13
C TRP B 463 26.45 -8.86 -28.18
N TRP B 464 27.24 -9.65 -28.89
CA TRP B 464 26.68 -10.49 -29.94
C TRP B 464 25.89 -11.68 -29.41
N TYR B 465 26.21 -12.20 -28.21
CA TYR B 465 25.29 -13.15 -27.58
C TYR B 465 23.87 -12.55 -27.52
N LEU B 466 23.74 -11.34 -27.00
CA LEU B 466 22.45 -10.71 -26.80
C LEU B 466 21.81 -10.34 -28.15
N ARG B 467 22.61 -9.83 -29.09
CA ARG B 467 22.06 -9.44 -30.39
C ARG B 467 21.49 -10.65 -31.11
N THR B 468 22.19 -11.80 -31.04
CA THR B 468 21.66 -13.02 -31.62
C THR B 468 20.45 -13.56 -30.84
N LYS B 469 20.57 -13.58 -29.50
CA LYS B 469 19.51 -14.14 -28.67
C LYS B 469 18.18 -13.45 -28.92
N TYR B 470 18.18 -12.11 -28.98
CA TYR B 470 16.96 -11.31 -29.04
C TYR B 470 16.58 -10.88 -30.44
N GLN B 471 17.51 -10.30 -31.21
CA GLN B 471 17.16 -9.80 -32.55
C GLN B 471 17.26 -10.89 -33.61
N GLY B 472 17.99 -11.99 -33.32
CA GLY B 472 18.17 -13.01 -34.32
C GLY B 472 18.94 -12.48 -35.53
N ILE B 473 19.99 -11.69 -35.29
CA ILE B 473 20.89 -11.23 -36.32
C ILE B 473 22.30 -11.72 -35.99
N CYS B 474 23.17 -11.67 -36.98
CA CYS B 474 24.58 -12.02 -36.84
C CYS B 474 25.42 -10.97 -37.54
N PRO B 475 26.66 -10.75 -37.11
CA PRO B 475 27.53 -9.79 -37.82
C PRO B 475 27.86 -10.32 -39.20
N PRO B 476 27.86 -9.46 -40.23
CA PRO B 476 28.13 -9.94 -41.59
C PRO B 476 29.62 -10.10 -41.90
N VAL B 477 30.51 -9.66 -41.02
CA VAL B 477 31.91 -10.02 -41.04
C VAL B 477 32.28 -10.59 -39.67
N THR B 478 33.36 -11.35 -39.64
CA THR B 478 33.83 -11.89 -38.37
C THR B 478 34.23 -10.78 -37.42
N ARG B 479 33.88 -10.94 -36.15
CA ARG B 479 34.26 -10.00 -35.10
C ARG B 479 35.06 -10.79 -34.03
N ASN B 480 35.86 -10.06 -33.25
CA ASN B 480 36.59 -10.58 -32.12
C ASN B 480 36.70 -9.48 -31.09
N GLU B 481 37.52 -9.68 -30.07
CA GLU B 481 37.50 -8.77 -28.92
C GLU B 481 38.34 -7.52 -29.11
N THR B 482 38.96 -7.29 -30.28
CA THR B 482 39.45 -5.95 -30.57
C THR B 482 38.29 -5.04 -30.96
N HIS B 483 37.22 -5.63 -31.48
CA HIS B 483 36.02 -4.87 -31.85
C HIS B 483 35.16 -4.59 -30.62
N PHE B 484 34.48 -3.45 -30.64
CA PHE B 484 33.67 -2.98 -29.54
C PHE B 484 32.35 -2.46 -30.16
N ASP B 485 31.56 -3.39 -30.68
CA ASP B 485 30.41 -3.04 -31.49
C ASP B 485 29.30 -2.35 -30.72
N ALA B 486 29.22 -2.59 -29.41
CA ALA B 486 28.28 -1.85 -28.58
C ALA B 486 28.57 -0.36 -28.60
N GLY B 487 29.85 0.01 -28.70
CA GLY B 487 30.26 1.42 -28.71
C GLY B 487 29.83 2.17 -29.96
N ALA B 488 29.43 1.46 -30.99
CA ALA B 488 29.00 2.10 -32.24
C ALA B 488 27.52 2.48 -32.22
N LYS B 489 26.86 2.40 -31.07
CA LYS B 489 25.51 2.88 -30.87
C LYS B 489 25.55 4.11 -29.98
N PHE B 490 24.97 5.21 -30.44
CA PHE B 490 25.09 6.51 -29.80
C PHE B 490 25.02 6.49 -28.28
N HIS B 491 24.01 5.83 -27.74
CA HIS B 491 23.70 5.97 -26.32
C HIS B 491 24.76 5.34 -25.41
N VAL B 492 25.61 4.48 -25.95
CA VAL B 492 26.66 3.84 -25.10
C VAL B 492 27.77 4.85 -24.79
N PRO B 493 28.49 5.38 -25.78
CA PRO B 493 29.48 6.44 -25.47
C PRO B 493 28.86 7.68 -24.85
N ASN B 494 27.60 7.98 -25.14
CA ASN B 494 26.96 9.15 -24.56
C ASN B 494 26.23 8.86 -23.29
N VAL B 495 26.42 7.67 -22.71
CA VAL B 495 25.92 7.30 -21.39
C VAL B 495 24.47 7.76 -21.21
N THR B 496 23.61 7.36 -22.12
CA THR B 496 22.18 7.59 -21.99
C THR B 496 21.49 6.26 -21.80
N PRO B 497 20.78 6.04 -20.69
CA PRO B 497 20.11 4.76 -20.48
C PRO B 497 19.10 4.44 -21.57
N TYR B 498 18.85 3.15 -21.76
CA TYR B 498 18.10 2.69 -22.90
C TYR B 498 16.81 1.95 -22.56
N ILE B 499 16.72 1.34 -21.38
CA ILE B 499 15.54 0.50 -21.11
C ILE B 499 14.27 1.35 -21.16
N ARG B 500 14.38 2.64 -20.83
CA ARG B 500 13.25 3.57 -20.97
C ARG B 500 12.51 3.44 -22.30
N TYR B 501 13.24 3.14 -23.39
CA TYR B 501 12.63 3.11 -24.71
C TYR B 501 11.83 1.81 -24.94
N PHE B 502 12.33 0.70 -24.41
CA PHE B 502 11.52 -0.53 -24.38
C PHE B 502 10.27 -0.32 -23.52
N VAL B 503 10.46 0.30 -22.34
CA VAL B 503 9.32 0.60 -21.48
C VAL B 503 8.32 1.49 -22.20
N SER B 504 8.80 2.50 -22.93
N SER B 504 8.80 2.47 -22.97
CA SER B 504 7.90 3.43 -23.62
CA SER B 504 7.90 3.43 -23.60
C SER B 504 7.10 2.74 -24.71
C SER B 504 7.15 2.83 -24.79
N PHE B 505 7.73 1.83 -25.45
CA PHE B 505 7.04 1.13 -26.53
C PHE B 505 5.90 0.29 -25.98
N VAL B 506 6.07 -0.26 -24.78
CA VAL B 506 4.99 -1.00 -24.14
C VAL B 506 3.95 -0.02 -23.60
N LEU B 507 4.40 1.05 -22.94
CA LEU B 507 3.48 1.99 -22.32
C LEU B 507 2.58 2.66 -23.34
N GLN B 508 3.14 3.04 -24.49
CA GLN B 508 2.37 3.87 -25.41
C GLN B 508 1.11 3.18 -25.89
N PHE B 509 1.13 1.84 -25.98
CA PHE B 509 -0.09 1.12 -26.39
C PHE B 509 -1.04 0.96 -25.22
N GLN B 510 -0.53 0.82 -23.99
CA GLN B 510 -1.42 0.90 -22.82
C GLN B 510 -2.13 2.25 -22.80
N PHE B 511 -1.37 3.34 -22.98
CA PHE B 511 -1.95 4.67 -23.07
C PHE B 511 -3.01 4.74 -24.17
N HIS B 512 -2.67 4.22 -25.35
CA HIS B 512 -3.54 4.33 -26.50
C HIS B 512 -4.88 3.65 -26.25
N GLU B 513 -4.83 2.42 -25.70
CA GLU B 513 -6.07 1.69 -25.43
C GLU B 513 -6.94 2.44 -24.43
N ALA B 514 -6.33 3.00 -23.38
CA ALA B 514 -7.10 3.69 -22.33
C ALA B 514 -7.70 4.99 -22.87
N LEU B 515 -6.93 5.73 -23.65
CA LEU B 515 -7.44 6.99 -24.21
C LEU B 515 -8.55 6.74 -25.21
N CYS B 516 -8.39 5.72 -26.05
CA CYS B 516 -9.42 5.38 -27.03
C CYS B 516 -10.69 4.91 -26.34
N LYS B 517 -10.57 4.13 -25.26
CA LYS B 517 -11.74 3.72 -24.49
C LYS B 517 -12.45 4.92 -23.86
N GLU B 518 -11.70 5.87 -23.31
CA GLU B 518 -12.30 7.04 -22.68
C GLU B 518 -12.95 7.94 -23.70
N ALA B 519 -12.43 7.95 -24.92
CA ALA B 519 -13.00 8.73 -26.01
C ALA B 519 -14.27 8.11 -26.62
N GLY B 520 -14.77 7.04 -26.05
CA GLY B 520 -15.93 6.37 -26.56
C GLY B 520 -15.69 5.52 -27.79
N TYR B 521 -14.44 5.39 -28.20
CA TYR B 521 -14.16 4.63 -29.41
C TYR B 521 -14.37 3.14 -29.20
N GLU B 522 -15.01 2.52 -30.18
CA GLU B 522 -15.14 1.08 -30.27
C GLU B 522 -14.61 0.69 -31.64
N GLY B 523 -14.25 -0.56 -31.80
CA GLY B 523 -13.69 -1.02 -33.05
C GLY B 523 -12.19 -1.14 -33.01
N PRO B 524 -11.57 -1.38 -34.16
CA PRO B 524 -10.15 -1.77 -34.18
C PRO B 524 -9.26 -0.66 -33.62
N LEU B 525 -8.37 -1.03 -32.70
CA LEU B 525 -7.56 -0.06 -31.98
C LEU B 525 -6.65 0.72 -32.90
N HIS B 526 -6.15 0.08 -33.96
CA HIS B 526 -5.24 0.78 -34.87
C HIS B 526 -5.93 1.79 -35.76
N GLN B 527 -7.27 1.91 -35.70
CA GLN B 527 -7.99 2.94 -36.43
C GLN B 527 -8.48 4.05 -35.52
N CYS B 528 -8.14 4.00 -34.23
CA CYS B 528 -8.59 5.02 -33.28
C CYS B 528 -7.82 6.31 -33.48
N ASP B 529 -8.54 7.43 -33.38
CA ASP B 529 -7.94 8.76 -33.39
C ASP B 529 -8.57 9.54 -32.26
N ILE B 530 -7.76 9.96 -31.27
CA ILE B 530 -8.33 10.66 -30.12
C ILE B 530 -8.57 12.14 -30.39
N TYR B 531 -8.26 12.62 -31.58
CA TYR B 531 -8.50 13.99 -31.99
C TYR B 531 -9.91 14.41 -31.59
N ARG B 532 -10.02 15.59 -30.97
CA ARG B 532 -11.26 16.22 -30.53
C ARG B 532 -11.92 15.56 -29.33
N SER B 533 -11.25 14.64 -28.64
CA SER B 533 -11.81 14.03 -27.44
C SER B 533 -11.28 14.77 -26.22
N THR B 534 -12.09 15.66 -25.67
CA THR B 534 -11.67 16.35 -24.45
C THR B 534 -11.70 15.42 -23.25
N LYS B 535 -12.43 14.31 -23.33
CA LYS B 535 -12.39 13.32 -22.26
C LYS B 535 -11.06 12.57 -22.26
N ALA B 536 -10.58 12.19 -23.45
CA ALA B 536 -9.21 11.67 -23.53
C ALA B 536 -8.21 12.71 -23.09
N GLY B 537 -8.42 13.96 -23.49
CA GLY B 537 -7.56 15.04 -23.05
C GLY B 537 -7.46 15.14 -21.54
N ALA B 538 -8.61 15.01 -20.84
CA ALA B 538 -8.58 15.14 -19.38
C ALA B 538 -7.79 14.00 -18.74
N LYS B 539 -7.97 12.78 -19.21
CA LYS B 539 -7.23 11.65 -18.69
C LYS B 539 -5.75 11.84 -18.92
N LEU B 540 -5.36 12.34 -20.09
CA LEU B 540 -3.97 12.62 -20.37
C LEU B 540 -3.43 13.75 -19.51
N ARG B 541 -4.23 14.81 -19.32
CA ARG B 541 -3.72 15.94 -18.54
C ARG B 541 -3.39 15.54 -17.09
N LYS B 542 -4.15 14.60 -16.54
CA LYS B 542 -3.91 14.16 -15.18
C LYS B 542 -2.54 13.50 -15.07
N VAL B 543 -2.17 12.69 -16.05
CA VAL B 543 -0.82 12.12 -16.13
C VAL B 543 0.23 13.22 -16.23
N LEU B 544 0.03 14.16 -17.16
CA LEU B 544 1.05 15.16 -17.44
C LEU B 544 1.32 16.02 -16.21
N ARG B 545 0.26 16.44 -15.53
CA ARG B 545 0.44 17.33 -14.38
C ARG B 545 1.16 16.67 -13.20
N ALA B 546 1.13 15.34 -13.10
CA ALA B 546 1.73 14.70 -11.94
C ALA B 546 3.26 14.71 -11.98
N GLY B 547 3.86 14.94 -13.14
CA GLY B 547 5.31 14.84 -13.23
C GLY B 547 5.80 13.55 -12.59
N SER B 548 6.84 13.67 -11.76
CA SER B 548 7.31 12.54 -10.96
C SER B 548 6.96 12.74 -9.49
N SER B 549 5.90 13.49 -9.21
CA SER B 549 5.47 13.74 -7.83
C SER B 549 4.83 12.53 -7.19
N ARG B 550 4.44 11.54 -7.98
CA ARG B 550 3.78 10.34 -7.49
C ARG B 550 4.42 9.10 -8.10
N PRO B 551 4.27 7.95 -7.45
CA PRO B 551 4.80 6.70 -8.04
C PRO B 551 4.18 6.42 -9.40
N TRP B 552 5.01 6.03 -10.36
CA TRP B 552 4.52 5.81 -11.72
C TRP B 552 3.49 4.70 -11.75
N GLN B 553 3.61 3.70 -10.86
CA GLN B 553 2.63 2.62 -10.83
C GLN B 553 1.25 3.16 -10.49
N GLU B 554 1.17 4.21 -9.68
CA GLU B 554 -0.12 4.78 -9.30
C GLU B 554 -0.66 5.72 -10.39
N VAL B 555 0.21 6.48 -11.03
CA VAL B 555 -0.21 7.29 -12.18
C VAL B 555 -0.78 6.38 -13.27
N LEU B 556 -0.09 5.28 -13.54
CA LEU B 556 -0.55 4.33 -14.57
C LEU B 556 -1.86 3.71 -14.19
N LYS B 557 -1.98 3.26 -12.94
CA LYS B 557 -3.24 2.69 -12.46
C LYS B 557 -4.41 3.65 -12.70
N ASP B 558 -4.26 4.93 -12.31
CA ASP B 558 -5.32 5.89 -12.49
C ASP B 558 -5.66 6.07 -13.98
N MET B 559 -4.67 5.97 -14.86
CA MET B 559 -4.90 6.20 -16.27
C MET B 559 -5.52 4.99 -16.95
N VAL B 560 -4.92 3.82 -16.78
CA VAL B 560 -5.26 2.65 -17.58
C VAL B 560 -5.91 1.54 -16.81
N GLY B 561 -6.01 1.65 -15.49
CA GLY B 561 -6.63 0.63 -14.68
C GLY B 561 -5.72 -0.49 -14.21
N LEU B 562 -4.41 -0.34 -14.38
CA LEU B 562 -3.43 -1.34 -13.97
C LEU B 562 -2.18 -0.65 -13.46
N ASP B 563 -1.61 -1.17 -12.37
CA ASP B 563 -0.43 -0.55 -11.78
C ASP B 563 0.86 -1.18 -12.27
N ALA B 564 0.87 -1.67 -13.51
CA ALA B 564 2.00 -2.41 -14.04
C ALA B 564 2.06 -2.28 -15.55
N LEU B 565 3.27 -2.40 -16.08
CA LEU B 565 3.44 -2.53 -17.52
C LEU B 565 2.76 -3.82 -17.98
N ASP B 566 2.17 -3.76 -19.16
CA ASP B 566 1.38 -4.86 -19.71
C ASP B 566 1.48 -4.86 -21.22
N ALA B 567 1.78 -6.02 -21.80
CA ALA B 567 1.96 -6.12 -23.23
C ALA B 567 0.67 -6.35 -24.01
N GLN B 568 -0.43 -6.69 -23.35
CA GLN B 568 -1.64 -7.06 -24.08
C GLN B 568 -2.16 -5.93 -24.96
N PRO B 569 -2.13 -4.66 -24.55
CA PRO B 569 -2.61 -3.59 -25.44
C PRO B 569 -1.82 -3.52 -26.73
N LEU B 570 -0.50 -3.68 -26.67
CA LEU B 570 0.29 -3.76 -27.90
C LEU B 570 -0.17 -4.92 -28.76
N LEU B 571 -0.40 -6.09 -28.14
CA LEU B 571 -0.82 -7.24 -28.94
C LEU B 571 -2.17 -6.97 -29.59
N LYS B 572 -3.09 -6.35 -28.86
CA LYS B 572 -4.43 -6.06 -29.39
C LYS B 572 -4.35 -5.11 -30.57
N TYR B 573 -3.47 -4.09 -30.48
CA TYR B 573 -3.27 -3.18 -31.60
C TYR B 573 -2.89 -3.91 -32.89
N PHE B 574 -1.99 -4.89 -32.78
CA PHE B 574 -1.41 -5.54 -33.94
C PHE B 574 -2.09 -6.86 -34.31
N GLN B 575 -3.16 -7.22 -33.59
CA GLN B 575 -3.79 -8.54 -33.75
C GLN B 575 -3.97 -8.95 -35.21
N LEU B 576 -4.48 -8.04 -36.05
N LEU B 576 -4.46 -8.02 -36.03
CA LEU B 576 -4.81 -8.41 -37.42
CA LEU B 576 -4.81 -8.35 -37.40
C LEU B 576 -3.57 -8.81 -38.20
C LEU B 576 -3.58 -8.78 -38.21
N VAL B 577 -2.51 -8.01 -38.13
CA VAL B 577 -1.30 -8.36 -38.88
C VAL B 577 -0.51 -9.50 -38.20
N THR B 578 -0.67 -9.69 -36.89
CA THR B 578 -0.09 -10.88 -36.25
C THR B 578 -0.70 -12.16 -36.81
N GLN B 579 -2.03 -12.21 -36.92
CA GLN B 579 -2.68 -13.38 -37.51
C GLN B 579 -2.28 -13.54 -38.98
N TRP B 580 -2.18 -12.44 -39.73
CA TRP B 580 -1.82 -12.53 -41.12
C TRP B 580 -0.40 -13.05 -41.29
N LEU B 581 0.54 -12.55 -40.50
CA LEU B 581 1.92 -13.04 -40.58
C LEU B 581 2.01 -14.51 -40.19
N GLN B 582 1.24 -14.93 -39.18
CA GLN B 582 1.22 -16.35 -38.84
C GLN B 582 0.78 -17.21 -40.02
N GLU B 583 -0.28 -16.78 -40.71
CA GLU B 583 -0.79 -17.52 -41.85
C GLU B 583 0.25 -17.59 -42.97
N GLN B 584 0.83 -16.45 -43.32
CA GLN B 584 1.82 -16.43 -44.38
C GLN B 584 3.02 -17.32 -44.05
N ASN B 585 3.50 -17.26 -42.82
CA ASN B 585 4.67 -18.06 -42.44
C ASN B 585 4.35 -19.56 -42.49
N GLN B 586 3.13 -19.94 -42.09
CA GLN B 586 2.73 -21.34 -42.19
C GLN B 586 2.64 -21.80 -43.64
N GLN B 587 2.01 -20.99 -44.49
CA GLN B 587 1.91 -21.35 -45.89
C GLN B 587 3.27 -21.53 -46.53
N ASN B 588 4.26 -20.77 -46.10
CA ASN B 588 5.61 -20.89 -46.65
C ASN B 588 6.47 -21.92 -45.92
N GLY B 589 5.92 -22.60 -44.92
CA GLY B 589 6.71 -23.55 -44.15
C GLY B 589 7.92 -22.93 -43.48
N GLU B 590 7.74 -21.76 -42.87
CA GLU B 590 8.86 -21.10 -42.21
C GLU B 590 9.18 -21.79 -40.89
N VAL B 591 10.46 -21.75 -40.53
CA VAL B 591 10.89 -22.03 -39.17
C VAL B 591 10.91 -20.70 -38.41
N LEU B 592 10.20 -20.63 -37.29
CA LEU B 592 10.27 -19.44 -36.44
C LEU B 592 11.50 -19.54 -35.54
N GLY B 593 12.30 -18.50 -35.49
CA GLY B 593 13.55 -18.53 -34.79
C GLY B 593 14.71 -18.76 -35.73
N TRP B 594 15.87 -19.01 -35.12
CA TRP B 594 17.13 -19.15 -35.85
C TRP B 594 17.92 -20.29 -35.21
N PRO B 595 17.46 -21.54 -35.40
CA PRO B 595 18.11 -22.68 -34.74
C PRO B 595 19.54 -22.93 -35.19
N GLU B 596 19.93 -22.48 -36.37
CA GLU B 596 21.35 -22.53 -36.75
C GLU B 596 22.07 -21.27 -36.24
N TYR B 597 22.21 -21.23 -34.92
CA TYR B 597 22.73 -20.04 -34.25
C TYR B 597 24.19 -19.74 -34.53
N GLN B 598 24.95 -20.72 -35.00
CA GLN B 598 26.35 -20.48 -35.37
C GLN B 598 26.49 -19.80 -36.73
N TRP B 599 25.43 -19.73 -37.52
CA TRP B 599 25.59 -19.36 -38.92
C TRP B 599 26.00 -17.90 -39.08
N HIS B 600 26.93 -17.66 -39.99
CA HIS B 600 27.36 -16.35 -40.46
C HIS B 600 27.47 -16.39 -41.97
N PRO B 601 27.12 -15.29 -42.67
CA PRO B 601 27.22 -15.30 -44.13
C PRO B 601 28.66 -15.30 -44.58
N PRO B 602 28.92 -15.74 -45.82
CA PRO B 602 30.26 -15.55 -46.41
C PRO B 602 30.48 -14.11 -46.81
N LEU B 603 31.74 -13.79 -47.10
CA LEU B 603 32.09 -12.49 -47.65
C LEU B 603 31.74 -12.43 -49.14
N PRO B 604 31.37 -11.26 -49.65
CA PRO B 604 31.15 -11.13 -51.09
C PRO B 604 32.44 -11.31 -51.86
N ASP B 605 32.30 -11.73 -53.12
CA ASP B 605 33.46 -12.05 -53.95
C ASP B 605 34.36 -10.83 -54.10
N ASN B 606 35.66 -11.05 -53.90
CA ASN B 606 36.65 -9.97 -53.91
C ASN B 606 36.13 -8.75 -53.15
N TYR B 607 36.06 -8.87 -51.82
CA TYR B 607 35.63 -7.80 -50.96
C TYR B 607 36.82 -7.23 -50.21
N PRO B 608 36.99 -5.90 -50.14
CA PRO B 608 36.24 -4.80 -50.77
C PRO B 608 36.87 -4.30 -52.09
N LEU C 1 -3.18 -21.89 35.57
CA LEU C 1 -3.95 -20.99 34.67
C LEU C 1 -4.47 -21.74 33.45
N ASP C 2 -5.62 -21.32 32.94
CA ASP C 2 -6.20 -21.93 31.76
C ASP C 2 -5.23 -21.83 30.58
N PRO C 3 -4.92 -22.96 29.91
CA PRO C 3 -4.01 -22.87 28.76
C PRO C 3 -4.44 -21.89 27.70
N GLY C 4 -5.75 -21.66 27.54
CA GLY C 4 -6.21 -20.69 26.56
C GLY C 4 -5.77 -19.27 26.83
N LEU C 5 -5.39 -18.97 28.07
CA LEU C 5 -4.95 -17.65 28.47
C LEU C 5 -3.44 -17.58 28.69
N GLN C 6 -2.71 -18.68 28.45
CA GLN C 6 -1.27 -18.72 28.67
C GLN C 6 -0.52 -18.15 27.48
N PRO C 7 0.64 -17.53 27.72
CA PRO C 7 1.44 -17.03 26.60
C PRO C 7 2.25 -18.15 25.93
N GLY C 8 2.25 -18.13 24.60
CA GLY C 8 3.13 -18.99 23.85
C GLY C 8 4.51 -18.38 23.73
N GLN C 9 5.29 -18.92 22.79
CA GLN C 9 6.63 -18.39 22.52
C GLN C 9 6.58 -17.40 21.36
N PHE C 10 7.49 -16.43 21.41
CA PHE C 10 7.62 -15.42 20.38
C PHE C 10 9.10 -15.12 20.21
N SER C 11 9.47 -14.63 19.03
CA SER C 11 10.87 -14.34 18.75
C SER C 11 11.38 -13.26 19.70
N ALA C 12 12.62 -13.41 20.16
CA ALA C 12 13.20 -12.48 21.11
C ALA C 12 13.73 -11.22 20.42
N ASP C 13 12.88 -10.59 19.60
CA ASP C 13 13.21 -9.36 18.91
C ASP C 13 11.96 -8.49 18.84
N GLU C 14 12.13 -7.24 18.40
CA GLU C 14 11.00 -6.32 18.35
C GLU C 14 9.85 -6.93 17.56
N ALA C 15 10.16 -7.52 16.41
CA ALA C 15 9.10 -8.11 15.59
C ALA C 15 8.30 -9.14 16.38
N GLY C 16 8.95 -9.86 17.28
CA GLY C 16 8.25 -10.84 18.09
C GLY C 16 7.50 -10.23 19.26
N ALA C 17 8.01 -9.14 19.81
CA ALA C 17 7.30 -8.43 20.86
C ALA C 17 5.99 -7.86 20.35
N GLN C 18 5.99 -7.35 19.11
CA GLN C 18 4.76 -6.86 18.50
C GLN C 18 3.69 -7.95 18.51
N LEU C 19 4.07 -9.17 18.13
CA LEU C 19 3.13 -10.28 18.17
C LEU C 19 2.82 -10.69 19.60
N PHE C 20 3.80 -10.57 20.49
CA PHE C 20 3.58 -10.88 21.90
C PHE C 20 2.56 -9.91 22.51
N ALA C 21 2.61 -8.64 22.10
CA ALA C 21 1.65 -7.66 22.62
C ALA C 21 0.26 -7.91 22.08
N GLN C 22 0.14 -8.26 20.80
CA GLN C 22 -1.18 -8.55 20.24
C GLN C 22 -1.83 -9.71 20.97
N SER C 23 -1.07 -10.76 21.26
CA SER C 23 -1.62 -11.91 21.97
C SER C 23 -1.93 -11.55 23.43
N TYR C 24 -1.08 -10.73 24.05
CA TYR C 24 -1.33 -10.25 25.39
C TYR C 24 -2.69 -9.55 25.49
N GLN C 25 -3.02 -8.70 24.50
CA GLN C 25 -4.26 -7.95 24.57
C GLN C 25 -5.47 -8.87 24.48
N SER C 26 -5.52 -9.70 23.45
CA SER C 26 -6.72 -10.51 23.21
C SER C 26 -7.11 -11.30 24.45
N SER C 27 -6.12 -11.75 25.23
CA SER C 27 -6.41 -12.46 26.47
C SER C 27 -6.63 -11.48 27.62
N ALA C 28 -5.87 -10.39 27.65
CA ALA C 28 -6.03 -9.40 28.71
C ALA C 28 -7.44 -8.81 28.71
N GLU C 29 -7.99 -8.54 27.53
CA GLU C 29 -9.35 -8.01 27.47
C GLU C 29 -10.34 -8.92 28.18
N GLN C 30 -10.21 -10.23 27.97
CA GLN C 30 -11.11 -11.18 28.63
C GLN C 30 -10.93 -11.13 30.14
N VAL C 31 -9.67 -11.17 30.60
CA VAL C 31 -9.39 -11.19 32.02
C VAL C 31 -9.83 -9.88 32.68
N LEU C 32 -9.55 -8.76 32.04
CA LEU C 32 -10.00 -7.47 32.57
C LEU C 32 -11.53 -7.43 32.66
N PHE C 33 -12.21 -7.87 31.60
CA PHE C 33 -13.66 -7.79 31.58
C PHE C 33 -14.28 -8.58 32.73
N GLN C 34 -13.89 -9.84 32.91
CA GLN C 34 -14.46 -10.66 33.97
C GLN C 34 -14.22 -10.00 35.33
N SER C 35 -13.11 -9.30 35.49
CA SER C 35 -12.82 -8.68 36.77
C SER C 35 -13.72 -7.48 37.02
N VAL C 36 -13.82 -6.58 36.04
CA VAL C 36 -14.70 -5.44 36.20
C VAL C 36 -16.14 -5.90 36.38
N ALA C 37 -16.58 -6.89 35.59
CA ALA C 37 -17.95 -7.36 35.68
C ALA C 37 -18.26 -7.92 37.06
N ALA C 38 -17.31 -8.64 37.64
CA ALA C 38 -17.53 -9.18 38.98
C ALA C 38 -17.58 -8.07 40.01
N SER C 39 -16.72 -7.05 39.88
CA SER C 39 -16.80 -5.91 40.78
C SER C 39 -18.11 -5.16 40.60
N TRP C 40 -18.53 -4.97 39.36
CA TRP C 40 -19.82 -4.34 39.11
C TRP C 40 -20.95 -5.13 39.78
N ALA C 41 -20.95 -6.46 39.59
CA ALA C 41 -21.99 -7.29 40.17
C ALA C 41 -22.04 -7.16 41.68
N HIS C 42 -20.91 -6.91 42.32
CA HIS C 42 -20.89 -6.76 43.76
C HIS C 42 -21.25 -5.34 44.17
N ASP C 43 -20.71 -4.34 43.47
CA ASP C 43 -20.91 -2.96 43.88
C ASP C 43 -22.35 -2.49 43.65
N THR C 44 -23.11 -3.19 42.82
CA THR C 44 -24.52 -2.87 42.58
C THR C 44 -25.43 -3.90 43.25
N ASN C 45 -24.87 -4.80 44.07
CA ASN C 45 -25.63 -5.86 44.71
C ASN C 45 -24.71 -6.51 45.74
N ILE C 46 -24.50 -5.82 46.85
CA ILE C 46 -23.50 -6.20 47.84
C ILE C 46 -23.97 -7.46 48.55
N THR C 47 -23.35 -8.59 48.24
CA THR C 47 -23.62 -9.86 48.90
C THR C 47 -22.29 -10.58 49.16
N ALA C 48 -22.33 -11.53 50.08
CA ALA C 48 -21.13 -12.35 50.31
C ALA C 48 -20.81 -13.18 49.09
N GLU C 49 -21.82 -13.70 48.40
CA GLU C 49 -21.57 -14.50 47.21
C GLU C 49 -20.94 -13.67 46.10
N ASN C 50 -21.41 -12.43 45.93
CA ASN C 50 -20.83 -11.57 44.89
C ASN C 50 -19.43 -11.12 45.30
N ALA C 51 -19.18 -10.97 46.60
CA ALA C 51 -17.85 -10.63 47.06
C ALA C 51 -16.86 -11.78 46.78
N ARG C 52 -17.29 -13.03 46.94
CA ARG C 52 -16.42 -14.15 46.66
C ARG C 52 -16.11 -14.26 45.17
N ARG C 53 -17.12 -14.00 44.32
CA ARG C 53 -16.87 -14.03 42.88
C ARG C 53 -15.91 -12.93 42.46
N GLN C 54 -15.97 -11.77 43.12
N GLN C 54 -15.99 -11.77 43.11
CA GLN C 54 -15.01 -10.71 42.83
CA GLN C 54 -15.04 -10.70 42.88
C GLN C 54 -13.60 -11.14 43.23
C GLN C 54 -13.61 -11.14 43.24
N GLU C 55 -13.46 -11.82 44.37
CA GLU C 55 -12.13 -12.25 44.81
C GLU C 55 -11.55 -13.30 43.87
N GLU C 56 -12.36 -14.24 43.38
CA GLU C 56 -11.86 -15.21 42.42
C GLU C 56 -11.39 -14.50 41.15
N ALA C 57 -12.24 -13.61 40.60
CA ALA C 57 -11.86 -12.89 39.39
C ALA C 57 -10.58 -12.09 39.62
N ALA C 58 -10.47 -11.43 40.78
CA ALA C 58 -9.25 -10.70 41.09
C ALA C 58 -8.03 -11.63 41.07
N LEU C 59 -8.14 -12.78 41.74
CA LEU C 59 -7.00 -13.70 41.81
C LEU C 59 -6.66 -14.28 40.45
N LEU C 60 -7.68 -14.48 39.60
CA LEU C 60 -7.40 -14.91 38.23
C LEU C 60 -6.60 -13.86 37.48
N SER C 61 -6.93 -12.58 37.68
CA SER C 61 -6.20 -11.50 37.02
C SER C 61 -4.73 -11.50 37.44
N GLN C 62 -4.46 -11.69 38.74
CA GLN C 62 -3.07 -11.70 39.20
C GLN C 62 -2.30 -12.86 38.57
N GLU C 63 -2.94 -14.03 38.48
CA GLU C 63 -2.30 -15.19 37.88
C GLU C 63 -1.96 -14.93 36.42
N PHE C 64 -2.90 -14.33 35.68
CA PHE C 64 -2.63 -13.90 34.31
C PHE C 64 -1.44 -12.95 34.24
N ALA C 65 -1.39 -11.97 35.13
CA ALA C 65 -0.32 -10.99 35.09
C ALA C 65 1.03 -11.63 35.35
N GLU C 66 1.10 -12.56 36.32
CA GLU C 66 2.38 -13.22 36.58
C GLU C 66 2.83 -14.05 35.38
N ALA C 67 1.91 -14.79 34.76
CA ALA C 67 2.28 -15.65 33.63
C ALA C 67 2.89 -14.85 32.50
N TRP C 68 2.16 -13.81 32.02
CA TRP C 68 2.68 -12.99 30.94
C TRP C 68 3.83 -12.11 31.39
N GLY C 69 3.84 -11.70 32.66
CA GLY C 69 4.96 -10.94 33.17
C GLY C 69 6.23 -11.76 33.22
N GLN C 70 6.13 -13.03 33.58
CA GLN C 70 7.31 -13.89 33.60
C GLN C 70 7.79 -14.16 32.19
N LYS C 71 6.88 -14.34 31.24
CA LYS C 71 7.27 -14.56 29.86
C LYS C 71 7.98 -13.32 29.30
N ALA C 72 7.49 -12.13 29.65
CA ALA C 72 8.09 -10.90 29.14
C ALA C 72 9.52 -10.73 29.64
N LYS C 73 9.79 -11.11 30.88
CA LYS C 73 11.15 -11.02 31.41
C LYS C 73 12.04 -12.07 30.75
N GLU C 74 11.52 -13.25 30.47
CA GLU C 74 12.29 -14.27 29.76
C GLU C 74 12.74 -13.76 28.40
N LEU C 75 11.79 -13.28 27.58
CA LEU C 75 12.08 -12.97 26.19
C LEU C 75 12.79 -11.63 26.03
N TYR C 76 12.27 -10.58 26.66
CA TYR C 76 12.62 -9.21 26.27
C TYR C 76 13.23 -8.35 27.36
N GLU C 77 13.58 -8.92 28.50
CA GLU C 77 14.05 -8.10 29.61
C GLU C 77 15.22 -7.19 29.23
N PRO C 78 16.33 -7.70 28.66
CA PRO C 78 17.46 -6.81 28.39
C PRO C 78 17.46 -6.21 26.98
N ILE C 79 16.30 -6.05 26.35
CA ILE C 79 16.25 -5.53 25.00
C ILE C 79 15.01 -4.69 24.72
N TRP C 80 14.02 -4.76 25.61
CA TRP C 80 12.74 -4.11 25.33
C TRP C 80 12.85 -2.60 25.26
N GLN C 81 13.84 -2.01 25.93
CA GLN C 81 13.98 -0.56 25.95
C GLN C 81 14.49 0.03 24.63
N GLN C 82 14.96 -0.81 23.70
CA GLN C 82 15.53 -0.32 22.46
C GLN C 82 14.61 -0.48 21.26
N PHE C 83 13.42 -1.04 21.44
CA PHE C 83 12.51 -1.20 20.31
C PHE C 83 12.18 0.16 19.69
N THR C 84 12.16 0.22 18.36
CA THR C 84 11.92 1.48 17.69
C THR C 84 10.48 1.96 17.84
N ASP C 85 9.55 1.06 18.14
CA ASP C 85 8.14 1.44 18.25
C ASP C 85 7.87 2.03 19.62
N PRO C 86 7.36 3.26 19.72
CA PRO C 86 7.16 3.85 21.06
C PRO C 86 6.01 3.22 21.84
N GLN C 87 4.85 2.99 21.20
CA GLN C 87 3.74 2.35 21.88
C GLN C 87 4.08 0.92 22.29
N LEU C 88 5.05 0.28 21.61
CA LEU C 88 5.45 -1.06 22.01
C LEU C 88 6.29 -1.03 23.28
N ARG C 89 7.26 -0.13 23.36
CA ARG C 89 8.08 -0.05 24.56
C ARG C 89 7.22 0.17 25.79
N ARG C 90 6.11 0.92 25.65
CA ARG C 90 5.23 1.16 26.79
C ARG C 90 4.55 -0.11 27.25
N ILE C 91 3.86 -0.80 26.33
CA ILE C 91 3.18 -2.05 26.66
C ILE C 91 4.14 -3.01 27.32
N ILE C 92 5.25 -3.31 26.65
CA ILE C 92 6.17 -4.32 27.15
C ILE C 92 6.76 -3.93 28.50
N GLY C 93 7.11 -2.65 28.66
CA GLY C 93 7.72 -2.22 29.91
C GLY C 93 6.81 -2.39 31.10
N ALA C 94 5.50 -2.27 30.90
CA ALA C 94 4.55 -2.49 31.99
C ALA C 94 4.43 -3.96 32.32
N VAL C 95 4.24 -4.81 31.28
CA VAL C 95 3.99 -6.22 31.51
C VAL C 95 5.09 -6.87 32.34
N ARG C 96 6.35 -6.45 32.12
CA ARG C 96 7.46 -7.07 32.84
C ARG C 96 7.58 -6.58 34.29
N THR C 97 6.67 -5.71 34.74
CA THR C 97 6.62 -5.30 36.14
C THR C 97 5.69 -6.26 36.86
N LEU C 98 6.24 -7.08 37.75
CA LEU C 98 5.46 -8.13 38.39
C LEU C 98 4.82 -7.70 39.69
N GLY C 99 5.38 -6.72 40.38
CA GLY C 99 4.82 -6.28 41.64
C GLY C 99 4.84 -7.40 42.66
N SER C 100 3.69 -7.65 43.29
CA SER C 100 3.61 -8.64 44.35
C SER C 100 3.82 -10.07 43.83
N ALA C 101 3.75 -10.28 42.52
CA ALA C 101 4.05 -11.59 41.96
C ALA C 101 5.50 -12.00 42.17
N ASN C 102 6.38 -11.07 42.55
CA ASN C 102 7.76 -11.40 42.86
C ASN C 102 7.94 -11.99 44.25
N LEU C 103 6.92 -11.91 45.11
CA LEU C 103 7.06 -12.37 46.48
C LEU C 103 6.91 -13.90 46.56
N PRO C 104 7.50 -14.51 47.58
CA PRO C 104 7.17 -15.91 47.86
C PRO C 104 5.69 -16.09 48.15
N LEU C 105 5.16 -17.24 47.73
CA LEU C 105 3.73 -17.51 47.80
C LEU C 105 3.10 -17.11 49.13
N ALA C 106 3.74 -17.47 50.24
CA ALA C 106 3.17 -17.14 51.55
C ALA C 106 3.22 -15.63 51.81
N LYS C 107 4.24 -14.95 51.26
CA LYS C 107 4.32 -13.50 51.41
C LYS C 107 3.36 -12.80 50.45
N ARG C 108 3.18 -13.34 49.25
CA ARG C 108 2.19 -12.82 48.33
C ARG C 108 0.78 -12.95 48.91
N GLN C 109 0.48 -14.10 49.53
CA GLN C 109 -0.82 -14.26 50.17
C GLN C 109 -0.93 -13.34 51.36
N GLN C 110 0.16 -13.13 52.08
CA GLN C 110 0.14 -12.20 53.20
C GLN C 110 -0.04 -10.76 52.70
N TYR C 111 0.58 -10.42 51.58
CA TYR C 111 0.41 -9.09 50.99
C TYR C 111 -1.06 -8.85 50.66
N ASN C 112 -1.68 -9.77 49.93
CA ASN C 112 -3.08 -9.61 49.57
C ASN C 112 -3.98 -9.56 50.79
N ALA C 113 -3.63 -10.30 51.85
CA ALA C 113 -4.46 -10.29 53.05
C ALA C 113 -4.31 -9.00 53.82
N LEU C 114 -3.11 -8.40 53.81
CA LEU C 114 -2.94 -7.10 54.45
C LEU C 114 -3.79 -6.04 53.74
N LEU C 115 -3.83 -6.08 52.41
CA LEU C 115 -4.63 -5.12 51.68
C LEU C 115 -6.09 -5.22 52.07
N SER C 116 -6.62 -6.45 52.10
CA SER C 116 -8.02 -6.65 52.49
C SER C 116 -8.25 -6.29 53.95
N GLN C 117 -7.34 -6.72 54.84
CA GLN C 117 -7.49 -6.39 56.26
C GLN C 117 -7.49 -4.89 56.48
N MET C 118 -6.53 -4.16 55.89
CA MET C 118 -6.46 -2.72 56.09
C MET C 118 -7.71 -2.03 55.56
N SER C 119 -8.16 -2.42 54.37
CA SER C 119 -9.37 -1.82 53.81
C SER C 119 -10.57 -2.10 54.71
N ARG C 120 -10.63 -3.30 55.27
CA ARG C 120 -11.74 -3.70 56.14
C ARG C 120 -11.73 -2.89 57.43
N ILE C 121 -10.55 -2.66 58.00
CA ILE C 121 -10.46 -1.88 59.25
C ILE C 121 -10.97 -0.47 59.02
N TYR C 122 -10.53 0.17 57.93
CA TYR C 122 -10.96 1.54 57.67
C TYR C 122 -12.46 1.61 57.46
N SER C 123 -13.04 0.64 56.75
CA SER C 123 -14.47 0.72 56.42
C SER C 123 -15.38 0.35 57.59
N THR C 124 -14.88 -0.39 58.57
CA THR C 124 -15.68 -0.78 59.73
C THR C 124 -15.42 0.06 60.96
N ALA C 125 -14.39 0.91 60.95
CA ALA C 125 -14.07 1.69 62.13
C ALA C 125 -15.28 2.53 62.54
N LYS C 126 -15.55 2.58 63.84
CA LYS C 126 -16.67 3.32 64.36
C LYS C 126 -16.25 4.09 65.59
N VAL C 127 -16.99 5.17 65.86
CA VAL C 127 -16.82 5.98 67.06
C VAL C 127 -18.04 5.76 67.94
N CYS C 128 -17.83 5.25 69.13
CA CYS C 128 -18.91 4.94 70.06
C CYS C 128 -18.96 5.95 71.19
N LEU C 129 -20.17 6.22 71.65
CA LEU C 129 -20.41 7.19 72.71
C LEU C 129 -20.33 6.51 74.07
N PRO C 130 -20.38 7.28 75.16
CA PRO C 130 -20.38 6.66 76.50
C PRO C 130 -21.38 5.53 76.68
N GLN C 131 -22.34 5.39 75.77
CA GLN C 131 -23.29 4.29 75.81
C GLN C 131 -22.62 2.97 75.42
N THR C 135 -24.65 2.20 70.36
CA THR C 135 -24.88 3.37 69.52
C THR C 135 -23.54 3.98 69.07
N CYS C 136 -23.13 3.68 67.85
CA CYS C 136 -21.82 4.05 67.35
C CYS C 136 -21.94 4.71 65.98
N TRP C 137 -21.06 5.68 65.73
CA TRP C 137 -21.10 6.48 64.51
C TRP C 137 -20.10 5.95 63.49
N SER C 138 -20.54 5.86 62.25
CA SER C 138 -19.70 5.47 61.13
C SER C 138 -19.20 6.72 60.39
N LEU C 139 -18.08 6.55 59.67
CA LEU C 139 -17.54 7.67 58.90
C LEU C 139 -18.60 8.23 57.95
N ASP C 140 -19.18 7.35 57.14
CA ASP C 140 -20.23 7.73 56.19
C ASP C 140 -21.57 7.25 56.70
N PRO C 141 -22.56 8.13 56.95
CA PRO C 141 -22.54 9.60 56.81
C PRO C 141 -22.38 10.35 58.12
N ASP C 142 -22.31 9.63 59.24
CA ASP C 142 -22.44 10.27 60.55
C ASP C 142 -21.30 11.25 60.84
N LEU C 143 -20.06 10.74 60.88
CA LEU C 143 -18.92 11.61 61.20
C LEU C 143 -18.69 12.65 60.13
N THR C 144 -18.92 12.28 58.86
CA THR C 144 -18.83 13.25 57.78
C THR C 144 -19.78 14.41 58.00
N ASN C 145 -21.04 14.12 58.34
CA ASN C 145 -22.02 15.21 58.49
C ASN C 145 -21.72 16.07 59.72
N ILE C 146 -21.24 15.48 60.79
CA ILE C 146 -20.84 16.25 61.96
C ILE C 146 -19.73 17.22 61.61
N LEU C 147 -18.65 16.72 61.01
CA LEU C 147 -17.56 17.61 60.61
C LEU C 147 -18.03 18.70 59.67
N ALA C 148 -19.03 18.41 58.83
CA ALA C 148 -19.48 19.37 57.84
C ALA C 148 -20.38 20.47 58.40
N SER C 149 -21.18 20.17 59.41
CA SER C 149 -22.24 21.10 59.82
C SER C 149 -22.28 21.42 61.31
N SER C 150 -21.74 20.59 62.19
CA SER C 150 -21.68 20.95 63.60
C SER C 150 -20.75 22.13 63.81
N ARG C 151 -21.20 23.13 64.57
CA ARG C 151 -20.37 24.25 64.98
C ARG C 151 -20.05 24.22 66.49
N SER C 152 -20.16 23.05 67.11
CA SER C 152 -19.75 22.86 68.48
C SER C 152 -18.30 22.38 68.51
N TYR C 153 -17.41 23.18 69.09
CA TYR C 153 -16.00 22.80 69.18
C TYR C 153 -15.85 21.41 69.77
N ALA C 154 -16.51 21.15 70.90
CA ALA C 154 -16.30 19.87 71.59
C ALA C 154 -16.89 18.71 70.80
N MET C 155 -18.02 18.94 70.13
CA MET C 155 -18.60 17.88 69.31
C MET C 155 -17.68 17.56 68.13
N LEU C 156 -17.25 18.59 67.40
CA LEU C 156 -16.27 18.39 66.33
C LEU C 156 -15.03 17.69 66.85
N LEU C 157 -14.55 18.10 68.03
CA LEU C 157 -13.36 17.46 68.60
C LEU C 157 -13.62 15.99 68.87
N PHE C 158 -14.80 15.66 69.39
CA PHE C 158 -15.09 14.27 69.72
C PHE C 158 -15.09 13.40 68.47
N ALA C 159 -15.66 13.92 67.37
CA ALA C 159 -15.66 13.16 66.11
C ALA C 159 -14.26 13.04 65.53
N TRP C 160 -13.50 14.14 65.55
CA TRP C 160 -12.14 14.12 64.98
C TRP C 160 -11.25 13.13 65.72
N GLU C 161 -11.18 13.27 67.05
CA GLU C 161 -10.34 12.39 67.84
C GLU C 161 -10.80 10.95 67.73
N GLY C 162 -12.12 10.72 67.83
CA GLY C 162 -12.60 9.36 67.81
C GLY C 162 -12.28 8.64 66.51
N TRP C 163 -12.45 9.33 65.39
CA TRP C 163 -12.17 8.69 64.11
C TRP C 163 -10.69 8.35 63.99
N HIS C 164 -9.82 9.33 64.24
CA HIS C 164 -8.38 9.09 64.03
C HIS C 164 -7.87 8.00 64.97
N ASN C 165 -8.39 7.94 66.19
CA ASN C 165 -8.02 6.85 67.09
C ASN C 165 -8.57 5.51 66.61
N ALA C 166 -9.86 5.49 66.23
CA ALA C 166 -10.49 4.23 65.85
C ALA C 166 -9.90 3.66 64.56
N ALA C 167 -9.66 4.52 63.56
CA ALA C 167 -9.16 4.03 62.28
C ALA C 167 -7.65 3.84 62.30
N GLY C 168 -6.92 4.81 62.87
CA GLY C 168 -5.46 4.81 62.71
C GLY C 168 -4.76 3.77 63.58
N ILE C 169 -5.07 3.72 64.88
CA ILE C 169 -4.30 2.86 65.79
C ILE C 169 -4.30 1.41 65.33
N PRO C 170 -5.43 0.80 64.95
CA PRO C 170 -5.37 -0.60 64.54
C PRO C 170 -4.58 -0.83 63.25
N LEU C 171 -4.48 0.17 62.37
CA LEU C 171 -3.81 -0.05 61.09
C LEU C 171 -2.29 -0.07 61.18
N LYS C 172 -1.71 0.57 62.20
CA LYS C 172 -0.26 0.80 62.19
C LYS C 172 0.55 -0.49 62.08
N PRO C 173 0.31 -1.50 62.90
CA PRO C 173 1.06 -2.75 62.72
C PRO C 173 0.96 -3.28 61.31
N LEU C 174 -0.24 -3.23 60.73
CA LEU C 174 -0.42 -3.81 59.39
C LEU C 174 0.29 -2.98 58.32
N TYR C 175 0.22 -1.64 58.44
CA TYR C 175 0.84 -0.79 57.44
C TYR C 175 2.36 -0.98 57.41
N GLU C 176 2.95 -1.21 58.58
N GLU C 176 2.96 -1.22 58.57
CA GLU C 176 4.39 -1.52 58.64
CA GLU C 176 4.40 -1.51 58.61
C GLU C 176 4.72 -2.76 57.81
C GLU C 176 4.70 -2.76 57.78
N ASP C 177 3.94 -3.83 58.00
CA ASP C 177 4.20 -5.06 57.28
C ASP C 177 3.94 -4.90 55.79
N PHE C 178 2.83 -4.21 55.42
CA PHE C 178 2.58 -3.93 54.02
C PHE C 178 3.76 -3.22 53.37
N THR C 179 4.28 -2.20 54.04
CA THR C 179 5.37 -1.41 53.49
C THR C 179 6.59 -2.28 53.21
N ALA C 180 6.94 -3.15 54.14
CA ALA C 180 8.09 -4.03 53.93
C ALA C 180 7.87 -4.95 52.76
N LEU C 181 6.69 -5.58 52.69
CA LEU C 181 6.40 -6.51 51.60
C LEU C 181 6.32 -5.77 50.26
N SER C 182 5.69 -4.59 50.24
CA SER C 182 5.61 -3.84 49.00
C SER C 182 6.99 -3.52 48.46
N ASN C 183 7.86 -2.97 49.32
CA ASN C 183 9.23 -2.67 48.89
C ASN C 183 9.96 -3.92 48.39
N GLU C 184 9.84 -5.03 49.12
N GLU C 184 9.86 -5.03 49.15
CA GLU C 184 10.48 -6.27 48.67
CA GLU C 184 10.44 -6.29 48.71
C GLU C 184 10.00 -6.67 47.29
C GLU C 184 9.99 -6.63 47.30
N ALA C 185 8.70 -6.51 47.03
CA ALA C 185 8.15 -6.92 45.74
C ALA C 185 8.73 -6.09 44.60
N TYR C 186 8.70 -4.76 44.74
CA TYR C 186 9.10 -3.91 43.61
C TYR C 186 10.60 -3.77 43.48
N LYS C 187 11.38 -4.10 44.51
CA LYS C 187 12.82 -4.17 44.34
C LYS C 187 13.20 -5.19 43.26
N GLN C 188 12.48 -6.31 43.21
CA GLN C 188 12.72 -7.30 42.17
C GLN C 188 12.38 -6.79 40.77
N ASP C 189 11.64 -5.69 40.68
CA ASP C 189 11.34 -5.05 39.42
C ASP C 189 12.37 -3.99 39.03
N GLY C 190 13.33 -3.71 39.91
CA GLY C 190 14.37 -2.75 39.64
C GLY C 190 14.17 -1.37 40.22
N PHE C 191 13.24 -1.19 41.16
CA PHE C 191 12.99 0.10 41.78
C PHE C 191 13.57 0.10 43.19
N THR C 192 14.11 1.24 43.60
CA THR C 192 14.72 1.32 44.93
C THR C 192 13.69 1.10 46.04
N ASP C 193 12.45 1.54 45.83
CA ASP C 193 11.38 1.34 46.80
C ASP C 193 10.07 1.59 46.07
N THR C 194 8.96 1.36 46.77
CA THR C 194 7.65 1.47 46.13
C THR C 194 7.39 2.89 45.63
N GLY C 195 7.82 3.89 46.39
CA GLY C 195 7.61 5.27 45.98
C GLY C 195 8.26 5.60 44.66
N ALA C 196 9.48 5.08 44.44
CA ALA C 196 10.13 5.31 43.14
C ALA C 196 9.32 4.67 42.01
N TYR C 197 8.68 3.54 42.29
CA TYR C 197 7.84 2.94 41.27
C TYR C 197 6.63 3.83 41.00
N TRP C 198 6.00 4.33 42.06
CA TRP C 198 4.85 5.22 41.85
C TRP C 198 5.26 6.46 41.07
N ARG C 199 6.37 7.10 41.47
CA ARG C 199 6.81 8.32 40.81
C ARG C 199 7.17 8.07 39.35
N SER C 200 7.64 6.86 39.02
CA SER C 200 8.11 6.58 37.66
C SER C 200 6.99 6.68 36.63
N TRP C 201 5.74 6.60 37.04
CA TRP C 201 4.63 6.71 36.11
C TRP C 201 4.61 8.06 35.40
N TYR C 202 5.22 9.08 35.98
CA TYR C 202 5.23 10.39 35.34
C TYR C 202 6.44 10.62 34.42
N ASN C 203 7.36 9.66 34.37
CA ASN C 203 8.50 9.71 33.46
C ASN C 203 9.09 11.13 33.39
N SER C 204 9.40 11.67 34.55
CA SER C 204 9.97 13.00 34.68
C SER C 204 11.17 12.89 35.61
N PRO C 205 12.40 13.03 35.09
CA PRO C 205 13.56 12.87 35.97
C PRO C 205 13.60 13.87 37.12
N THR C 206 12.94 15.02 36.98
CA THR C 206 12.94 16.05 38.01
C THR C 206 11.57 16.21 38.68
N PHE C 207 10.82 15.12 38.76
CA PHE C 207 9.41 15.20 39.20
C PHE C 207 9.26 15.92 40.53
N GLU C 208 10.03 15.49 41.54
CA GLU C 208 9.84 16.09 42.88
C GLU C 208 10.22 17.56 42.90
N ASP C 209 11.32 17.92 42.24
CA ASP C 209 11.68 19.33 42.12
C ASP C 209 10.61 20.12 41.38
N ASP C 210 10.03 19.51 40.34
CA ASP C 210 9.01 20.23 39.55
C ASP C 210 7.76 20.51 40.39
N LEU C 211 7.36 19.53 41.20
CA LEU C 211 6.22 19.72 42.10
C LEU C 211 6.50 20.82 43.11
N GLU C 212 7.71 20.84 43.67
CA GLU C 212 8.06 21.85 44.65
C GLU C 212 7.99 23.25 44.07
N HIS C 213 8.46 23.42 42.84
CA HIS C 213 8.39 24.74 42.20
C HIS C 213 6.94 25.15 41.96
N LEU C 214 6.09 24.21 41.51
CA LEU C 214 4.66 24.49 41.40
C LEU C 214 4.11 25.00 42.72
N TYR C 215 4.43 24.30 43.82
CA TYR C 215 3.80 24.64 45.08
C TYR C 215 4.28 26.00 45.59
N GLN C 216 5.56 26.37 45.34
CA GLN C 216 6.02 27.69 45.76
C GLN C 216 5.22 28.80 45.08
N GLN C 217 4.72 28.54 43.87
CA GLN C 217 3.89 29.54 43.18
C GLN C 217 2.47 29.56 43.73
N LEU C 218 1.99 28.43 44.24
CA LEU C 218 0.63 28.34 44.76
C LEU C 218 0.51 28.77 46.21
N GLU C 219 1.58 28.64 46.99
CA GLU C 219 1.48 28.84 48.44
C GLU C 219 0.99 30.23 48.84
N PRO C 220 1.37 31.32 48.16
CA PRO C 220 0.85 32.64 48.58
C PRO C 220 -0.67 32.67 48.59
N LEU C 221 -1.30 32.07 47.57
CA LEU C 221 -2.77 32.02 47.53
C LEU C 221 -3.33 31.25 48.71
N TYR C 222 -2.72 30.10 49.05
CA TYR C 222 -3.22 29.33 50.18
C TYR C 222 -3.05 30.08 51.47
N LEU C 223 -1.91 30.75 51.65
CA LEU C 223 -1.68 31.47 52.91
C LEU C 223 -2.74 32.54 53.12
N ASN C 224 -3.11 33.29 52.07
CA ASN C 224 -4.10 34.36 52.21
C ASN C 224 -5.49 33.79 52.49
N LEU C 225 -5.84 32.68 51.83
CA LEU C 225 -7.09 32.00 52.15
C LEU C 225 -7.07 31.49 53.58
N HIS C 226 -5.94 30.93 54.01
CA HIS C 226 -5.79 30.40 55.35
C HIS C 226 -5.96 31.49 56.40
N ALA C 227 -5.29 32.63 56.20
CA ALA C 227 -5.40 33.73 57.17
C ALA C 227 -6.83 34.29 57.22
N PHE C 228 -7.49 34.40 56.05
CA PHE C 228 -8.85 34.90 56.00
C PHE C 228 -9.78 34.00 56.79
N VAL C 229 -9.69 32.69 56.58
CA VAL C 229 -10.54 31.74 57.26
C VAL C 229 -10.21 31.64 58.75
N ARG C 230 -8.94 31.81 59.11
CA ARG C 230 -8.56 31.77 60.51
C ARG C 230 -9.17 32.95 61.28
N ARG C 231 -9.17 34.14 60.68
CA ARG C 231 -9.87 35.27 61.26
C ARG C 231 -11.33 34.91 61.53
N ALA C 232 -12.04 34.43 60.52
CA ALA C 232 -13.45 34.08 60.69
C ALA C 232 -13.65 33.07 61.80
N LEU C 233 -12.78 32.08 61.88
CA LEU C 233 -12.89 31.09 62.96
C LEU C 233 -12.64 31.72 64.31
N HIS C 234 -11.77 32.73 64.37
CA HIS C 234 -11.49 33.43 65.62
C HIS C 234 -12.76 34.10 66.15
N ARG C 235 -13.50 34.79 65.28
CA ARG C 235 -14.76 35.40 65.68
C ARG C 235 -15.74 34.37 66.23
N ARG C 236 -15.76 33.17 65.66
CA ARG C 236 -16.76 32.17 66.06
C ARG C 236 -16.36 31.44 67.33
N TYR C 237 -15.08 31.09 67.48
CA TYR C 237 -14.64 30.25 68.58
C TYR C 237 -13.79 30.97 69.63
N GLY C 238 -13.37 32.20 69.37
CA GLY C 238 -12.70 32.99 70.38
C GLY C 238 -11.22 32.69 70.51
N ASP C 239 -10.54 33.60 71.24
CA ASP C 239 -9.08 33.59 71.36
C ASP C 239 -8.53 32.39 72.12
N ARG C 240 -9.37 31.65 72.83
CA ARG C 240 -8.88 30.49 73.58
C ARG C 240 -8.60 29.31 72.65
N TYR C 241 -9.34 29.20 71.55
CA TYR C 241 -9.23 28.04 70.67
C TYR C 241 -8.64 28.36 69.30
N ILE C 242 -8.50 29.64 68.95
CA ILE C 242 -7.95 30.07 67.68
C ILE C 242 -6.80 31.03 67.96
N ASN C 243 -5.61 30.69 67.48
CA ASN C 243 -4.43 31.56 67.57
C ASN C 243 -4.24 32.24 66.22
N LEU C 244 -4.37 33.57 66.18
CA LEU C 244 -4.27 34.31 64.95
C LEU C 244 -2.85 34.30 64.36
N ARG C 245 -1.89 33.71 65.06
CA ARG C 245 -0.51 33.61 64.56
C ARG C 245 0.00 32.18 64.68
N GLY C 246 -0.90 31.21 64.82
CA GLY C 246 -0.56 29.82 64.91
C GLY C 246 -1.39 28.97 63.96
N PRO C 247 -1.13 27.67 63.93
CA PRO C 247 -1.88 26.78 63.04
C PRO C 247 -3.35 26.67 63.47
N ILE C 248 -4.21 26.37 62.51
CA ILE C 248 -5.64 26.20 62.78
C ILE C 248 -5.90 24.80 63.33
N PRO C 249 -6.66 24.65 64.41
CA PRO C 249 -7.01 23.29 64.86
C PRO C 249 -7.66 22.51 63.73
N ALA C 250 -7.22 21.25 63.58
CA ALA C 250 -7.49 20.50 62.34
C ALA C 250 -8.94 20.07 62.17
N HIS C 251 -9.83 20.34 63.12
CA HIS C 251 -11.18 19.79 63.11
C HIS C 251 -12.24 20.83 62.83
N LEU C 252 -11.85 22.06 62.50
CA LEU C 252 -12.80 23.16 62.38
C LEU C 252 -13.06 23.62 60.96
N LEU C 253 -12.61 22.88 59.95
CA LEU C 253 -12.63 23.37 58.58
C LEU C 253 -13.66 22.66 57.72
N GLY C 254 -14.54 21.86 58.31
CA GLY C 254 -15.68 21.32 57.60
C GLY C 254 -15.49 19.92 57.06
N ASP C 255 -14.37 19.27 57.39
CA ASP C 255 -13.92 18.08 56.70
C ASP C 255 -12.96 17.34 57.63
N MET C 256 -13.07 16.01 57.66
CA MET C 256 -12.30 15.23 58.61
C MET C 256 -10.80 15.45 58.44
N TRP C 257 -10.35 15.78 57.23
CA TRP C 257 -8.95 15.95 56.94
C TRP C 257 -8.60 17.38 56.61
N ALA C 258 -9.56 18.29 56.75
CA ALA C 258 -9.35 19.70 56.44
C ALA C 258 -8.81 19.88 55.01
N GLN C 259 -9.22 19.00 54.11
CA GLN C 259 -8.72 19.01 52.74
C GLN C 259 -9.63 19.79 51.80
N SER C 260 -10.84 20.13 52.25
CA SER C 260 -11.81 20.84 51.43
C SER C 260 -12.65 21.65 52.40
N TRP C 261 -12.72 22.97 52.22
CA TRP C 261 -13.29 23.86 53.21
C TRP C 261 -14.67 24.41 52.84
N GLU C 262 -15.31 23.89 51.80
CA GLU C 262 -16.54 24.52 51.33
C GLU C 262 -17.66 24.43 52.37
N ASN C 263 -17.60 23.47 53.29
CA ASN C 263 -18.68 23.33 54.26
C ASN C 263 -18.70 24.46 55.29
N ILE C 264 -17.67 25.31 55.35
CA ILE C 264 -17.69 26.45 56.24
C ILE C 264 -17.89 27.75 55.47
N TYR C 265 -18.33 27.65 54.21
CA TYR C 265 -18.62 28.82 53.41
C TYR C 265 -19.52 29.78 54.18
N ASP C 266 -20.49 29.25 54.93
CA ASP C 266 -21.46 30.11 55.63
C ASP C 266 -20.78 31.08 56.57
N MET C 267 -19.63 30.69 57.15
CA MET C 267 -18.94 31.57 58.10
C MET C 267 -18.11 32.65 57.44
N VAL C 268 -17.78 32.50 56.15
CA VAL C 268 -16.78 33.34 55.51
C VAL C 268 -17.31 34.05 54.29
N VAL C 269 -18.60 33.92 54.01
CA VAL C 269 -19.22 34.52 52.83
C VAL C 269 -18.75 35.97 52.68
N PRO C 270 -17.98 36.30 51.64
CA PRO C 270 -17.55 37.70 51.47
C PRO C 270 -18.69 38.70 51.48
N PHE C 271 -19.81 38.40 50.84
CA PHE C 271 -20.93 39.33 50.70
C PHE C 271 -22.22 38.60 50.94
N PRO C 272 -22.59 38.39 52.22
CA PRO C 272 -23.76 37.56 52.53
C PRO C 272 -25.08 38.14 52.05
N ASP C 273 -25.15 39.45 51.82
CA ASP C 273 -26.40 40.06 51.37
C ASP C 273 -26.74 39.71 49.94
N LYS C 274 -25.80 39.15 49.17
CA LYS C 274 -26.10 38.71 47.83
C LYS C 274 -26.75 37.32 47.87
N PRO C 275 -27.63 37.01 46.91
CA PRO C 275 -28.22 35.67 46.89
C PRO C 275 -27.18 34.61 46.54
N ASN C 276 -27.27 33.47 47.22
CA ASN C 276 -26.38 32.35 46.95
C ASN C 276 -26.73 31.70 45.62
N LEU C 277 -25.71 31.20 44.94
CA LEU C 277 -25.91 30.48 43.68
C LEU C 277 -26.18 29.03 44.00
N ASP C 278 -27.44 28.63 43.91
CA ASP C 278 -27.85 27.24 44.14
C ASP C 278 -29.17 27.02 43.41
N VAL C 279 -29.13 26.27 42.32
CA VAL C 279 -30.29 26.08 41.45
C VAL C 279 -31.00 24.76 41.76
N THR C 280 -30.71 24.15 42.92
CA THR C 280 -31.35 22.89 43.28
C THR C 280 -32.88 23.02 43.27
N SER C 281 -33.40 24.07 43.90
CA SER C 281 -34.86 24.22 43.98
C SER C 281 -35.48 24.37 42.59
N THR C 282 -34.81 25.12 41.71
CA THR C 282 -35.32 25.24 40.34
C THR C 282 -35.33 23.90 39.63
N MET C 283 -34.32 23.06 39.87
CA MET C 283 -34.34 21.73 39.30
C MET C 283 -35.52 20.91 39.80
N LEU C 284 -35.78 20.98 41.11
CA LEU C 284 -36.90 20.24 41.67
C LEU C 284 -38.22 20.78 41.11
N GLN C 285 -38.36 22.09 41.09
CA GLN C 285 -39.61 22.73 40.62
C GLN C 285 -39.82 22.56 39.13
N GLN C 286 -38.75 22.31 38.35
CA GLN C 286 -38.91 21.98 36.95
C GLN C 286 -39.17 20.50 36.72
N GLY C 287 -39.10 19.69 37.77
CA GLY C 287 -39.38 18.27 37.62
C GLY C 287 -38.23 17.41 37.15
N TRP C 288 -37.00 17.84 37.39
CA TRP C 288 -35.85 17.04 36.96
C TRP C 288 -35.79 15.74 37.75
N GLN C 289 -35.31 14.69 37.09
CA GLN C 289 -35.01 13.42 37.73
C GLN C 289 -33.60 12.96 37.26
N ALA C 290 -33.15 11.84 37.80
CA ALA C 290 -31.77 11.40 37.56
C ALA C 290 -31.52 11.18 36.06
N THR C 291 -32.40 10.44 35.40
CA THR C 291 -32.18 10.17 33.98
C THR C 291 -32.05 11.46 33.18
N HIS C 292 -32.91 12.46 33.48
CA HIS C 292 -32.84 13.71 32.75
C HIS C 292 -31.52 14.43 33.02
N MET C 293 -31.02 14.34 34.25
CA MET C 293 -29.71 14.94 34.56
C MET C 293 -28.62 14.34 33.68
N PHE C 294 -28.67 13.02 33.44
CA PHE C 294 -27.68 12.38 32.59
C PHE C 294 -27.89 12.71 31.13
N ARG C 295 -29.15 12.91 30.69
CA ARG C 295 -29.37 13.36 29.32
C ARG C 295 -28.90 14.79 29.14
N VAL C 296 -29.00 15.62 30.17
CA VAL C 296 -28.47 16.99 30.07
C VAL C 296 -26.94 16.98 30.00
N ALA C 297 -26.30 16.17 30.82
CA ALA C 297 -24.85 16.01 30.69
C ALA C 297 -24.48 15.52 29.29
N GLU C 298 -25.22 14.54 28.78
CA GLU C 298 -24.91 14.01 27.46
C GLU C 298 -25.00 15.10 26.41
N GLU C 299 -26.00 15.97 26.50
CA GLU C 299 -26.14 17.04 25.52
C GLU C 299 -25.02 18.07 25.63
N PHE C 300 -24.41 18.20 26.81
CA PHE C 300 -23.20 19.01 26.92
C PHE C 300 -22.10 18.47 26.01
N PHE C 301 -21.92 17.14 25.99
CA PHE C 301 -20.86 16.56 25.19
C PHE C 301 -21.18 16.64 23.70
N THR C 302 -22.42 16.32 23.31
CA THR C 302 -22.79 16.44 21.92
C THR C 302 -22.74 17.87 21.44
N SER C 303 -22.85 18.84 22.34
CA SER C 303 -22.74 20.24 21.94
C SER C 303 -21.32 20.59 21.56
N LEU C 304 -20.35 19.88 22.11
CA LEU C 304 -18.95 19.97 21.70
C LEU C 304 -18.64 19.04 20.54
N GLU C 305 -19.63 18.33 20.03
CA GLU C 305 -19.45 17.33 18.97
C GLU C 305 -18.56 16.19 19.42
N LEU C 306 -18.62 15.87 20.70
CA LEU C 306 -18.07 14.63 21.22
C LEU C 306 -19.17 13.57 21.19
N SER C 307 -18.84 12.37 21.67
CA SER C 307 -19.75 11.26 21.47
C SER C 307 -20.90 11.27 22.47
N PRO C 308 -22.08 10.81 22.07
CA PRO C 308 -23.15 10.55 23.05
C PRO C 308 -22.85 9.26 23.79
N MET C 309 -23.64 9.03 24.83
CA MET C 309 -23.51 7.78 25.56
C MET C 309 -24.14 6.65 24.74
N PRO C 310 -23.47 5.52 24.59
CA PRO C 310 -24.01 4.45 23.75
C PRO C 310 -25.20 3.79 24.41
N PRO C 311 -25.97 3.00 23.67
CA PRO C 311 -27.11 2.29 24.30
C PRO C 311 -26.68 1.41 25.46
N GLU C 312 -25.53 0.75 25.37
CA GLU C 312 -25.02 -0.08 26.46
C GLU C 312 -24.88 0.73 27.74
N PHE C 313 -24.56 2.01 27.63
CA PHE C 313 -24.51 2.87 28.82
C PHE C 313 -25.89 3.00 29.45
N TRP C 314 -26.89 3.34 28.64
CA TRP C 314 -28.23 3.57 29.18
C TRP C 314 -28.86 2.30 29.69
N GLU C 315 -28.59 1.17 29.04
CA GLU C 315 -29.17 -0.09 29.46
C GLU C 315 -28.52 -0.63 30.73
N GLY C 316 -27.21 -0.41 30.91
CA GLY C 316 -26.47 -1.10 31.96
C GLY C 316 -26.15 -0.26 33.19
N SER C 317 -26.21 1.06 33.07
CA SER C 317 -25.81 1.92 34.18
C SER C 317 -26.81 1.85 35.32
N MET C 318 -26.31 2.16 36.53
CA MET C 318 -27.14 2.35 37.71
C MET C 318 -27.12 3.84 38.03
N LEU C 319 -28.16 4.55 37.59
CA LEU C 319 -28.24 6.00 37.73
C LEU C 319 -29.02 6.45 38.96
N GLU C 320 -29.68 5.53 39.67
CA GLU C 320 -30.39 5.86 40.89
C GLU C 320 -30.25 4.70 41.86
N LYS C 321 -30.39 5.00 43.16
CA LYS C 321 -30.42 3.96 44.18
C LYS C 321 -31.56 2.99 43.86
N PRO C 322 -31.29 1.69 43.77
CA PRO C 322 -32.35 0.76 43.39
C PRO C 322 -33.42 0.71 44.47
N ALA C 323 -34.68 0.71 44.03
CA ALA C 323 -35.81 0.63 44.94
C ALA C 323 -36.12 -0.78 45.41
N ASP C 324 -35.35 -1.78 44.95
CA ASP C 324 -35.62 -3.17 45.27
C ASP C 324 -34.94 -3.62 46.56
N GLY C 325 -34.50 -2.68 47.39
CA GLY C 325 -33.84 -3.03 48.64
C GLY C 325 -32.42 -3.57 48.51
N ARG C 326 -31.84 -3.53 47.31
CA ARG C 326 -30.45 -3.91 47.16
C ARG C 326 -29.55 -2.96 47.94
N GLU C 327 -28.47 -3.51 48.47
CA GLU C 327 -27.40 -2.70 49.03
C GLU C 327 -26.38 -2.43 47.92
N VAL C 328 -25.96 -1.17 47.79
CA VAL C 328 -25.08 -0.76 46.70
C VAL C 328 -24.08 0.26 47.23
N VAL C 329 -23.01 0.43 46.47
CA VAL C 329 -22.07 1.52 46.70
C VAL C 329 -22.62 2.74 45.99
N CYS C 330 -23.04 3.76 46.76
CA CYS C 330 -23.71 4.92 46.19
C CYS C 330 -22.76 6.01 45.68
N HIS C 331 -21.50 6.00 46.11
CA HIS C 331 -20.52 6.94 45.61
C HIS C 331 -20.40 6.85 44.08
N ALA C 332 -20.37 8.00 43.43
CA ALA C 332 -20.42 8.03 41.97
C ALA C 332 -19.10 7.54 41.39
N SER C 333 -19.17 6.65 40.40
CA SER C 333 -17.96 6.18 39.73
C SER C 333 -18.29 5.78 38.29
N ALA C 334 -17.27 5.85 37.44
CA ALA C 334 -17.39 5.54 36.02
C ALA C 334 -16.56 4.30 35.67
N TRP C 335 -17.12 3.45 34.80
CA TRP C 335 -16.62 2.09 34.64
C TRP C 335 -16.31 1.82 33.17
N ASP C 336 -15.08 1.44 32.90
CA ASP C 336 -14.65 0.92 31.59
C ASP C 336 -14.49 -0.59 31.74
N PHE C 337 -15.20 -1.35 30.92
CA PHE C 337 -15.17 -2.81 31.01
C PHE C 337 -14.10 -3.44 30.15
N TYR C 338 -13.37 -2.64 29.38
CA TYR C 338 -12.22 -3.09 28.58
C TYR C 338 -12.64 -4.07 27.49
N ASN C 339 -13.90 -4.02 27.05
CA ASN C 339 -14.35 -4.76 25.88
C ASN C 339 -14.81 -3.84 24.76
N ARG C 340 -14.50 -2.54 24.84
CA ARG C 340 -14.85 -1.56 23.82
C ARG C 340 -16.34 -1.45 23.59
N LYS C 341 -17.15 -1.99 24.50
CA LYS C 341 -18.59 -2.05 24.30
C LYS C 341 -19.35 -1.52 25.51
N ASP C 342 -19.01 -2.02 26.67
CA ASP C 342 -19.72 -1.70 27.92
C ASP C 342 -18.98 -0.58 28.66
N PHE C 343 -19.71 0.47 28.95
CA PHE C 343 -19.25 1.63 29.70
C PHE C 343 -20.42 2.07 30.58
N ARG C 344 -20.19 2.25 31.88
CA ARG C 344 -21.29 2.52 32.79
C ARG C 344 -20.91 3.50 33.89
N ILE C 345 -21.92 4.20 34.41
CA ILE C 345 -21.80 4.95 35.64
C ILE C 345 -22.65 4.28 36.70
N LYS C 346 -22.15 4.25 37.94
CA LYS C 346 -22.89 3.80 39.11
C LYS C 346 -22.96 4.97 40.08
N GLN C 347 -24.16 5.49 40.29
CA GLN C 347 -24.32 6.68 41.14
C GLN C 347 -25.75 6.72 41.67
N CYS C 348 -25.87 6.91 43.00
CA CYS C 348 -27.19 7.12 43.64
C CYS C 348 -27.57 8.59 43.49
N THR C 349 -27.92 8.95 42.26
CA THR C 349 -28.07 10.36 41.90
C THR C 349 -29.23 11.00 42.66
N ARG C 350 -28.97 12.15 43.26
CA ARG C 350 -29.99 13.01 43.85
C ARG C 350 -30.12 14.27 43.02
N VAL C 351 -31.32 14.84 43.01
CA VAL C 351 -31.59 16.02 42.19
C VAL C 351 -31.11 17.29 42.90
N THR C 352 -29.84 17.63 42.71
CA THR C 352 -29.24 18.82 43.30
C THR C 352 -28.25 19.43 42.30
N MET C 353 -27.86 20.67 42.54
CA MET C 353 -26.91 21.35 41.68
C MET C 353 -25.53 20.68 41.75
N ASP C 354 -25.06 20.39 42.95
N ASP C 354 -25.06 20.40 42.96
CA ASP C 354 -23.75 19.73 43.07
CA ASP C 354 -23.76 19.73 43.12
C ASP C 354 -23.77 18.36 42.42
C ASP C 354 -23.77 18.37 42.43
N GLN C 355 -24.88 17.65 42.52
CA GLN C 355 -24.98 16.35 41.87
C GLN C 355 -24.96 16.48 40.35
N LEU C 356 -25.55 17.54 39.81
CA LEU C 356 -25.51 17.75 38.37
C LEU C 356 -24.07 17.96 37.91
N SER C 357 -23.29 18.70 38.69
CA SER C 357 -21.86 18.85 38.42
C SER C 357 -21.15 17.49 38.43
N THR C 358 -21.41 16.68 39.46
CA THR C 358 -20.81 15.35 39.54
C THR C 358 -21.18 14.50 38.33
N VAL C 359 -22.43 14.59 37.87
CA VAL C 359 -22.84 13.80 36.72
C VAL C 359 -22.01 14.18 35.49
N HIS C 360 -21.81 15.49 35.26
CA HIS C 360 -20.98 15.94 34.15
C HIS C 360 -19.54 15.44 34.32
N HIS C 361 -19.01 15.54 35.54
CA HIS C 361 -17.64 15.09 35.84
C HIS C 361 -17.49 13.62 35.48
N GLU C 362 -18.38 12.77 36.01
CA GLU C 362 -18.24 11.34 35.81
C GLU C 362 -18.45 10.96 34.35
N MET C 363 -19.37 11.66 33.66
CA MET C 363 -19.54 11.39 32.25
C MET C 363 -18.30 11.80 31.45
N GLY C 364 -17.52 12.74 31.95
CA GLY C 364 -16.22 13.04 31.38
C GLY C 364 -15.26 11.85 31.40
N HIS C 365 -15.26 11.08 32.49
CA HIS C 365 -14.53 9.82 32.49
C HIS C 365 -14.99 8.91 31.35
N ILE C 366 -16.32 8.77 31.19
CA ILE C 366 -16.87 7.88 30.18
C ILE C 366 -16.46 8.35 28.79
N GLN C 367 -16.55 9.66 28.53
CA GLN C 367 -16.12 10.20 27.24
C GLN C 367 -14.65 9.84 26.96
N TYR C 368 -13.78 9.99 27.96
CA TYR C 368 -12.41 9.51 27.85
C TYR C 368 -12.38 8.05 27.40
N TYR C 369 -13.11 7.18 28.11
CA TYR C 369 -13.15 5.77 27.77
C TYR C 369 -13.60 5.57 26.33
N LEU C 370 -14.66 6.27 25.91
CA LEU C 370 -15.20 6.08 24.58
C LEU C 370 -14.19 6.48 23.52
N GLN C 371 -13.41 7.53 23.78
CA GLN C 371 -12.53 8.08 22.76
C GLN C 371 -11.27 7.25 22.58
N TYR C 372 -10.80 6.53 23.62
CA TYR C 372 -9.60 5.71 23.46
C TYR C 372 -9.89 4.21 23.45
N LYS C 373 -11.14 3.83 23.23
CA LYS C 373 -11.51 2.42 23.30
C LYS C 373 -10.81 1.58 22.23
N ASP C 374 -10.37 2.17 21.14
CA ASP C 374 -9.77 1.41 20.04
C ASP C 374 -8.26 1.27 20.18
N LEU C 375 -7.65 1.86 21.20
CA LEU C 375 -6.25 1.64 21.47
C LEU C 375 -6.04 0.25 22.06
N PRO C 376 -4.79 -0.24 22.05
CA PRO C 376 -4.45 -1.44 22.83
C PRO C 376 -4.81 -1.25 24.29
N VAL C 377 -5.25 -2.36 24.93
CA VAL C 377 -5.80 -2.27 26.28
C VAL C 377 -4.83 -1.60 27.24
N SER C 378 -3.53 -1.92 27.11
CA SER C 378 -2.54 -1.38 28.03
C SER C 378 -2.55 0.15 28.04
N LEU C 379 -3.00 0.78 26.97
CA LEU C 379 -2.94 2.23 26.82
C LEU C 379 -4.31 2.88 26.99
N ARG C 380 -5.33 2.13 27.41
CA ARG C 380 -6.64 2.69 27.72
C ARG C 380 -6.61 3.24 29.15
N ARG C 381 -5.95 4.37 29.27
CA ARG C 381 -5.87 5.11 30.53
C ARG C 381 -5.50 6.55 30.21
N GLY C 382 -5.51 7.40 31.24
CA GLY C 382 -5.11 8.79 31.04
C GLY C 382 -3.62 8.90 30.73
N ALA C 383 -3.24 10.04 30.14
CA ALA C 383 -1.85 10.22 29.70
C ALA C 383 -0.89 10.16 30.87
N ASN C 384 -1.30 10.67 32.03
CA ASN C 384 -0.65 10.28 33.30
C ASN C 384 -1.77 10.10 34.33
N PRO C 385 -1.47 9.56 35.52
CA PRO C 385 -2.53 9.22 36.47
C PRO C 385 -3.41 10.39 36.92
N GLY C 386 -3.04 11.63 36.63
CA GLY C 386 -3.82 12.80 36.98
C GLY C 386 -4.72 13.32 35.88
N PHE C 387 -4.66 12.77 34.67
CA PHE C 387 -5.42 13.33 33.56
C PHE C 387 -6.92 13.10 33.71
N HIS C 388 -7.32 11.92 34.20
CA HIS C 388 -8.74 11.58 34.26
C HIS C 388 -9.49 12.55 35.17
N GLU C 389 -9.01 12.73 36.40
CA GLU C 389 -9.66 13.69 37.30
C GLU C 389 -9.64 15.09 36.71
N ALA C 390 -8.57 15.46 36.02
CA ALA C 390 -8.49 16.80 35.44
C ALA C 390 -9.53 16.97 34.35
N ILE C 391 -9.78 15.92 33.55
CA ILE C 391 -10.78 16.01 32.50
C ILE C 391 -12.17 16.15 33.12
N GLY C 392 -12.47 15.32 34.13
CA GLY C 392 -13.76 15.46 34.80
C GLY C 392 -13.95 16.84 35.39
N ASP C 393 -12.92 17.36 36.06
CA ASP C 393 -13.06 18.63 36.75
C ASP C 393 -13.08 19.82 35.82
N VAL C 394 -12.38 19.77 34.68
CA VAL C 394 -12.39 20.93 33.80
C VAL C 394 -13.77 21.10 33.19
N LEU C 395 -14.44 20.01 32.84
CA LEU C 395 -15.82 20.11 32.38
C LEU C 395 -16.70 20.70 33.45
N ALA C 396 -16.53 20.27 34.69
CA ALA C 396 -17.32 20.81 35.80
C ALA C 396 -17.04 22.29 36.05
N LEU C 397 -15.82 22.77 35.77
CA LEU C 397 -15.52 24.20 35.93
C LEU C 397 -16.42 25.06 35.02
N SER C 398 -16.73 24.55 33.83
CA SER C 398 -17.64 25.28 32.92
C SER C 398 -19.10 25.15 33.38
N VAL C 399 -19.50 23.94 33.77
CA VAL C 399 -20.88 23.65 34.11
C VAL C 399 -21.32 24.36 35.38
N SER C 400 -20.38 24.67 36.28
CA SER C 400 -20.69 25.32 37.55
C SER C 400 -20.99 26.82 37.41
N THR C 401 -20.63 27.44 36.29
CA THR C 401 -20.75 28.88 36.17
C THR C 401 -22.21 29.30 36.06
N PRO C 402 -22.59 30.45 36.61
CA PRO C 402 -23.96 30.95 36.38
C PRO C 402 -24.24 31.14 34.90
N GLU C 403 -23.21 31.50 34.12
CA GLU C 403 -23.36 31.56 32.68
C GLU C 403 -23.94 30.27 32.12
N HIS C 404 -23.34 29.14 32.47
CA HIS C 404 -23.84 27.88 31.91
C HIS C 404 -25.22 27.54 32.44
N LEU C 405 -25.43 27.74 33.75
CA LEU C 405 -26.71 27.38 34.36
C LEU C 405 -27.83 28.18 33.71
N HIS C 406 -27.59 29.45 33.43
CA HIS C 406 -28.56 30.24 32.68
C HIS C 406 -28.83 29.59 31.33
N LYS C 407 -27.76 29.21 30.61
CA LYS C 407 -27.93 28.65 29.27
C LYS C 407 -28.77 27.39 29.25
N ILE C 408 -28.72 26.58 30.31
CA ILE C 408 -29.50 25.35 30.35
C ILE C 408 -30.81 25.55 31.11
N GLY C 409 -31.23 26.80 31.32
CA GLY C 409 -32.57 27.06 31.81
C GLY C 409 -32.76 26.95 33.30
N LEU C 410 -31.70 26.90 34.10
CA LEU C 410 -31.82 26.74 35.54
C LEU C 410 -31.59 28.03 36.30
N LEU C 411 -31.24 29.11 35.61
CA LEU C 411 -31.00 30.40 36.24
C LEU C 411 -31.53 31.50 35.32
N ASP C 412 -32.40 32.35 35.85
CA ASP C 412 -33.09 33.35 35.02
C ASP C 412 -32.20 34.53 34.68
N ARG C 413 -31.51 35.09 35.68
CA ARG C 413 -30.71 36.30 35.51
C ARG C 413 -29.27 36.04 35.91
N VAL C 414 -28.33 36.39 35.04
CA VAL C 414 -26.91 36.36 35.35
C VAL C 414 -26.53 37.76 35.83
N THR C 415 -26.39 37.93 37.15
CA THR C 415 -25.96 39.20 37.70
C THR C 415 -24.49 39.43 37.42
N ASN C 416 -24.15 40.65 37.03
CA ASN C 416 -22.76 41.00 36.71
C ASN C 416 -22.14 41.89 37.78
N ASP C 417 -22.63 41.83 39.01
CA ASP C 417 -22.02 42.59 40.09
C ASP C 417 -20.77 41.87 40.60
N THR C 418 -19.78 42.67 41.02
CA THR C 418 -18.51 42.11 41.46
C THR C 418 -18.60 41.40 42.81
N GLU C 419 -19.63 41.71 43.62
N GLU C 419 -19.62 41.74 43.62
CA GLU C 419 -19.77 41.04 44.90
CA GLU C 419 -19.80 41.04 44.90
C GLU C 419 -20.08 39.55 44.72
C GLU C 419 -20.05 39.55 44.68
N SER C 420 -20.97 39.22 43.76
CA SER C 420 -21.29 37.82 43.54
C SER C 420 -20.14 37.07 42.86
N ASP C 421 -19.33 37.77 42.06
CA ASP C 421 -18.15 37.14 41.48
C ASP C 421 -17.17 36.74 42.55
N ILE C 422 -16.92 37.63 43.53
CA ILE C 422 -16.04 37.31 44.64
C ILE C 422 -16.62 36.18 45.47
N ASN C 423 -17.94 36.17 45.69
CA ASN C 423 -18.56 35.05 46.39
C ASN C 423 -18.35 33.73 45.65
N TYR C 424 -18.54 33.74 44.32
CA TYR C 424 -18.35 32.54 43.51
C TYR C 424 -16.90 32.04 43.58
N LEU C 425 -15.96 32.95 43.44
CA LEU C 425 -14.55 32.55 43.43
C LEU C 425 -14.11 32.05 44.81
N LEU C 426 -14.63 32.66 45.89
CA LEU C 426 -14.23 32.24 47.23
C LEU C 426 -14.76 30.85 47.51
N LYS C 427 -16.02 30.59 47.17
CA LYS C 427 -16.58 29.25 47.32
C LYS C 427 -15.75 28.24 46.53
N MET C 428 -15.34 28.60 45.31
CA MET C 428 -14.52 27.71 44.49
C MET C 428 -13.13 27.54 45.12
N ALA C 429 -12.59 28.59 45.75
CA ALA C 429 -11.26 28.52 46.35
C ALA C 429 -11.25 27.63 47.59
N LEU C 430 -12.35 27.60 48.35
CA LEU C 430 -12.40 26.73 49.51
C LEU C 430 -12.28 25.26 49.12
N GLU C 431 -12.70 24.91 47.91
CA GLU C 431 -12.58 23.57 47.36
C GLU C 431 -11.25 23.35 46.64
N LYS C 432 -10.82 24.32 45.82
CA LYS C 432 -9.70 24.11 44.91
C LYS C 432 -8.36 24.51 45.51
N ILE C 433 -8.31 25.62 46.25
N ILE C 433 -8.32 25.63 46.24
CA ILE C 433 -7.04 26.08 46.82
CA ILE C 433 -7.05 26.07 46.82
C ILE C 433 -6.77 25.42 48.15
C ILE C 433 -6.77 25.35 48.13
N ALA C 434 -7.79 25.18 48.97
CA ALA C 434 -7.58 24.55 50.25
C ALA C 434 -7.03 23.14 50.10
N PHE C 435 -7.39 22.44 49.03
CA PHE C 435 -6.93 21.08 48.84
C PHE C 435 -5.43 21.01 48.50
N LEU C 436 -4.91 21.99 47.81
CA LEU C 436 -3.55 21.93 47.24
C LEU C 436 -2.50 21.41 48.23
N PRO C 437 -2.32 22.01 49.42
CA PRO C 437 -1.32 21.47 50.35
C PRO C 437 -1.56 20.02 50.73
N PHE C 438 -2.83 19.60 50.89
CA PHE C 438 -3.10 18.22 51.28
C PHE C 438 -2.78 17.26 50.13
N GLY C 439 -3.19 17.61 48.92
CA GLY C 439 -2.92 16.76 47.78
C GLY C 439 -1.42 16.61 47.58
N TYR C 440 -0.66 17.62 47.97
CA TYR C 440 0.79 17.58 47.79
C TYR C 440 1.48 16.74 48.88
N LEU C 441 0.95 16.79 50.11
CA LEU C 441 1.70 16.24 51.25
C LEU C 441 1.50 14.74 51.48
N VAL C 442 0.36 14.18 51.08
CA VAL C 442 0.06 12.79 51.43
C VAL C 442 1.14 11.85 50.91
N ASP C 443 1.47 11.96 49.60
CA ASP C 443 2.49 11.07 49.04
C ASP C 443 3.92 11.46 49.43
N GLN C 444 4.15 12.72 49.86
CA GLN C 444 5.43 13.03 50.47
C GLN C 444 5.64 12.22 51.73
N TRP C 445 4.56 12.06 52.50
CA TRP C 445 4.62 11.20 53.67
C TRP C 445 4.94 9.77 53.26
N ARG C 446 4.19 9.25 52.29
CA ARG C 446 4.40 7.86 51.88
C ARG C 446 5.74 7.64 51.22
N TRP C 447 6.25 8.61 50.46
CA TRP C 447 7.58 8.45 49.86
C TRP C 447 8.65 8.33 50.96
N GLY C 448 8.50 9.06 52.06
CA GLY C 448 9.43 8.94 53.16
C GLY C 448 9.32 7.61 53.88
N VAL C 449 8.10 7.08 54.00
CA VAL C 449 7.93 5.77 54.62
C VAL C 449 8.52 4.68 53.72
N PHE C 450 8.22 4.74 52.43
CA PHE C 450 8.70 3.71 51.50
C PHE C 450 10.22 3.73 51.41
N SER C 451 10.85 4.89 51.59
CA SER C 451 12.28 5.01 51.41
C SER C 451 13.09 4.71 52.68
N GLY C 452 12.43 4.59 53.82
CA GLY C 452 13.09 4.38 55.08
C GLY C 452 13.37 5.63 55.86
N ARG C 453 13.22 6.81 55.23
CA ARG C 453 13.43 8.05 55.97
C ARG C 453 12.45 8.20 57.14
N THR C 454 11.29 7.56 57.04
CA THR C 454 10.26 7.62 58.09
C THR C 454 10.00 6.22 58.58
N PRO C 455 10.73 5.76 59.60
CA PRO C 455 10.46 4.44 60.17
C PRO C 455 9.17 4.46 60.96
N PRO C 456 8.61 3.29 61.29
CA PRO C 456 7.39 3.27 62.12
C PRO C 456 7.49 4.11 63.38
N SER C 457 8.69 4.26 63.94
CA SER C 457 8.86 5.04 65.16
C SER C 457 8.59 6.52 64.96
N ARG C 458 8.50 7.00 63.72
CA ARG C 458 8.19 8.40 63.46
C ARG C 458 7.03 8.59 62.46
N TYR C 459 6.19 7.57 62.28
CA TYR C 459 5.04 7.71 61.38
C TYR C 459 4.27 8.98 61.64
N ASN C 460 3.94 9.24 62.92
CA ASN C 460 3.04 10.35 63.22
C ASN C 460 3.79 11.66 63.37
N PHE C 461 5.02 11.61 63.89
CA PHE C 461 5.85 12.81 63.90
C PHE C 461 5.98 13.40 62.49
N ASP C 462 6.27 12.56 61.50
CA ASP C 462 6.48 13.05 60.14
C ASP C 462 5.16 13.45 59.47
N TRP C 463 4.05 12.81 59.87
CA TRP C 463 2.74 13.17 59.32
C TRP C 463 2.36 14.58 59.74
N TRP C 464 2.49 14.86 61.03
CA TRP C 464 2.12 16.18 61.52
C TRP C 464 3.14 17.26 61.16
N TYR C 465 4.41 16.88 60.97
CA TYR C 465 5.34 17.83 60.37
C TYR C 465 4.81 18.34 59.02
N LEU C 466 4.39 17.42 58.14
CA LEU C 466 3.89 17.80 56.83
C LEU C 466 2.56 18.55 56.91
N ARG C 467 1.67 18.09 57.80
CA ARG C 467 0.37 18.73 57.92
C ARG C 467 0.52 20.17 58.41
N THR C 468 1.37 20.40 59.40
CA THR C 468 1.59 21.76 59.87
C THR C 468 2.39 22.56 58.83
N LYS C 469 3.38 21.92 58.21
CA LYS C 469 4.23 22.62 57.24
C LYS C 469 3.41 23.19 56.09
N TYR C 470 2.53 22.37 55.54
CA TYR C 470 1.79 22.73 54.32
C TYR C 470 0.39 23.27 54.59
N GLN C 471 -0.40 22.56 55.38
CA GLN C 471 -1.78 23.02 55.61
C GLN C 471 -1.88 24.08 56.70
N GLY C 472 -0.86 24.20 57.55
CA GLY C 472 -0.95 25.18 58.64
C GLY C 472 -2.04 24.82 59.62
N ILE C 473 -2.15 23.53 59.98
CA ILE C 473 -3.08 23.04 60.96
C ILE C 473 -2.33 22.27 62.05
N CYS C 474 -2.98 22.13 63.20
CA CYS C 474 -2.42 21.36 64.31
C CYS C 474 -3.48 20.42 64.86
N PRO C 475 -3.07 19.31 65.47
CA PRO C 475 -4.05 18.39 66.06
C PRO C 475 -4.72 19.00 67.28
N PRO C 476 -6.05 18.92 67.38
CA PRO C 476 -6.75 19.57 68.50
C PRO C 476 -6.59 18.84 69.83
N VAL C 477 -6.00 17.66 69.84
CA VAL C 477 -5.55 16.99 71.04
C VAL C 477 -4.11 16.55 70.81
N THR C 478 -3.42 16.29 71.91
CA THR C 478 -2.05 15.81 71.82
C THR C 478 -1.99 14.47 71.12
N ARG C 479 -0.94 14.27 70.33
CA ARG C 479 -0.68 12.99 69.66
C ARG C 479 0.72 12.53 70.01
N ASN C 480 0.93 11.22 69.93
CA ASN C 480 2.25 10.62 70.06
C ASN C 480 2.31 9.44 69.12
N GLU C 481 3.38 8.65 69.21
CA GLU C 481 3.62 7.59 68.23
C GLU C 481 2.82 6.32 68.47
N THR C 482 1.91 6.28 69.46
CA THR C 482 0.90 5.23 69.45
C THR C 482 -0.20 5.53 68.41
N HIS C 483 -0.34 6.78 68.01
CA HIS C 483 -1.31 7.15 67.00
C HIS C 483 -0.70 7.03 65.60
N PHE C 484 -1.58 6.85 64.64
CA PHE C 484 -1.17 6.63 63.22
C PHE C 484 -2.22 7.38 62.38
N ASP C 485 -2.16 8.70 62.44
CA ASP C 485 -3.19 9.55 61.86
C ASP C 485 -3.20 9.51 60.35
N ALA C 486 -2.08 9.13 59.73
CA ALA C 486 -2.07 8.95 58.28
C ALA C 486 -3.01 7.82 57.87
N GLY C 487 -3.16 6.80 58.72
CA GLY C 487 -4.01 5.67 58.41
C GLY C 487 -5.50 6.00 58.44
N ALA C 488 -5.86 7.12 59.02
CA ALA C 488 -7.25 7.55 59.07
C ALA C 488 -7.70 8.29 57.80
N LYS C 489 -6.89 8.29 56.74
CA LYS C 489 -7.28 8.80 55.43
C LYS C 489 -7.41 7.63 54.47
N PHE C 490 -8.56 7.53 53.81
CA PHE C 490 -8.89 6.35 53.00
C PHE C 490 -7.73 5.81 52.18
N HIS C 491 -7.07 6.68 51.45
CA HIS C 491 -6.12 6.24 50.42
C HIS C 491 -4.88 5.59 50.99
N VAL C 492 -4.60 5.76 52.27
CA VAL C 492 -3.41 5.16 52.89
C VAL C 492 -3.64 3.66 53.08
N PRO C 493 -4.62 3.23 53.91
CA PRO C 493 -4.88 1.79 54.01
C PRO C 493 -5.32 1.15 52.72
N ASN C 494 -5.94 1.90 51.81
CA ASN C 494 -6.38 1.32 50.54
C ASN C 494 -5.32 1.43 49.46
N VAL C 495 -4.12 1.87 49.80
CA VAL C 495 -2.98 1.87 48.90
C VAL C 495 -3.37 2.45 47.54
N THR C 496 -3.98 3.61 47.55
CA THR C 496 -4.26 4.35 46.33
C THR C 496 -3.34 5.57 46.28
N PRO C 497 -2.46 5.70 45.27
CA PRO C 497 -1.58 6.88 45.21
C PRO C 497 -2.38 8.16 45.16
N TYR C 498 -1.76 9.25 45.62
CA TYR C 498 -2.44 10.50 45.85
C TYR C 498 -1.90 11.70 45.06
N ILE C 499 -0.64 11.67 44.63
CA ILE C 499 -0.05 12.84 44.00
C ILE C 499 -0.80 13.20 42.73
N ARG C 500 -1.37 12.21 42.06
CA ARG C 500 -2.23 12.44 40.91
C ARG C 500 -3.25 13.54 41.14
N TYR C 501 -3.77 13.67 42.38
CA TYR C 501 -4.85 14.65 42.60
C TYR C 501 -4.30 16.07 42.73
N PHE C 502 -3.10 16.23 43.30
CA PHE C 502 -2.41 17.53 43.21
C PHE C 502 -2.14 17.88 41.74
N VAL C 503 -1.64 16.91 40.97
CA VAL C 503 -1.38 17.13 39.55
C VAL C 503 -2.67 17.50 38.82
N SER C 504 -3.76 16.78 39.10
N SER C 504 -3.78 16.82 39.13
CA SER C 504 -5.03 17.07 38.45
CA SER C 504 -5.02 17.07 38.41
C SER C 504 -5.49 18.49 38.73
C SER C 504 -5.63 18.42 38.77
N PHE C 505 -5.36 18.93 39.98
CA PHE C 505 -5.85 20.27 40.33
C PHE C 505 -5.09 21.34 39.57
N VAL C 506 -3.78 21.14 39.38
CA VAL C 506 -3.01 22.05 38.53
C VAL C 506 -3.44 21.90 37.07
N LEU C 507 -3.51 20.65 36.58
CA LEU C 507 -3.80 20.42 35.18
C LEU C 507 -5.14 21.03 34.77
N GLN C 508 -6.18 20.86 35.59
CA GLN C 508 -7.51 21.24 35.14
C GLN C 508 -7.62 22.72 34.79
N PHE C 509 -6.87 23.58 35.45
CA PHE C 509 -6.87 24.98 35.08
C PHE C 509 -6.02 25.26 33.86
N GLN C 510 -4.94 24.48 33.67
CA GLN C 510 -4.25 24.53 32.38
C GLN C 510 -5.18 24.13 31.25
N PHE C 511 -5.97 23.05 31.46
CA PHE C 511 -6.93 22.63 30.45
C PHE C 511 -7.97 23.73 30.22
N HIS C 512 -8.46 24.34 31.31
CA HIS C 512 -9.53 25.34 31.22
C HIS C 512 -9.09 26.56 30.39
N GLU C 513 -7.90 27.09 30.67
CA GLU C 513 -7.40 28.24 29.93
C GLU C 513 -7.28 27.92 28.46
N ALA C 514 -6.73 26.74 28.12
CA ALA C 514 -6.51 26.40 26.71
C ALA C 514 -7.83 26.21 25.97
N LEU C 515 -8.81 25.54 26.60
CA LEU C 515 -10.08 25.29 25.94
C LEU C 515 -10.87 26.58 25.81
N CYS C 516 -10.79 27.44 26.82
CA CYS C 516 -11.51 28.72 26.76
C CYS C 516 -10.93 29.62 25.66
N LYS C 517 -9.60 29.65 25.53
CA LYS C 517 -8.99 30.36 24.41
C LYS C 517 -9.47 29.79 23.08
N GLU C 518 -9.36 28.47 22.91
CA GLU C 518 -9.79 27.84 21.67
C GLU C 518 -11.25 28.13 21.39
N ALA C 519 -12.09 28.24 22.43
CA ALA C 519 -13.48 28.57 22.24
C ALA C 519 -13.72 30.04 21.88
N GLY C 520 -12.66 30.85 21.84
CA GLY C 520 -12.79 32.25 21.53
C GLY C 520 -13.29 33.12 22.66
N TYR C 521 -13.32 32.60 23.88
CA TYR C 521 -13.82 33.38 25.00
C TYR C 521 -12.80 34.44 25.41
N GLU C 522 -13.29 35.65 25.65
CA GLU C 522 -12.51 36.71 26.27
C GLU C 522 -13.25 37.16 27.52
N GLY C 523 -12.50 37.63 28.50
CA GLY C 523 -13.07 37.97 29.78
C GLY C 523 -12.51 37.09 30.87
N PRO C 524 -13.02 37.23 32.10
CA PRO C 524 -12.46 36.48 33.22
C PRO C 524 -12.62 34.98 32.99
N LEU C 525 -11.53 34.23 33.20
CA LEU C 525 -11.58 32.79 33.02
C LEU C 525 -12.67 32.15 33.86
N HIS C 526 -12.93 32.68 35.06
CA HIS C 526 -13.90 32.07 35.96
C HIS C 526 -15.34 32.24 35.46
N GLN C 527 -15.54 32.99 34.38
CA GLN C 527 -16.86 33.10 33.76
C GLN C 527 -16.95 32.32 32.44
N CYS C 528 -15.87 31.68 32.02
CA CYS C 528 -15.87 30.95 30.77
C CYS C 528 -16.73 29.68 30.84
N ASP C 529 -17.44 29.41 29.75
CA ASP C 529 -18.21 28.17 29.58
C ASP C 529 -17.95 27.65 28.18
N ILE C 530 -17.32 26.48 28.06
CA ILE C 530 -17.01 25.96 26.72
C ILE C 530 -18.20 25.26 26.06
N TYR C 531 -19.36 25.25 26.74
CA TYR C 531 -20.57 24.70 26.16
C TYR C 531 -20.78 25.19 24.74
N ARG C 532 -21.08 24.26 23.83
CA ARG C 532 -21.37 24.48 22.42
C ARG C 532 -20.18 24.98 21.60
N SER C 533 -18.96 24.89 22.13
CA SER C 533 -17.78 25.25 21.34
C SER C 533 -17.22 23.99 20.67
N THR C 534 -17.43 23.89 19.36
CA THR C 534 -16.94 22.70 18.63
C THR C 534 -15.42 22.74 18.50
N LYS C 535 -14.82 23.93 18.56
CA LYS C 535 -13.36 24.02 18.52
C LYS C 535 -12.76 23.54 19.85
N ALA C 536 -13.38 23.91 20.97
CA ALA C 536 -12.98 23.34 22.25
C ALA C 536 -13.10 21.83 22.22
N GLY C 537 -14.20 21.32 21.65
CA GLY C 537 -14.40 19.87 21.60
C GLY C 537 -13.29 19.15 20.85
N ALA C 538 -12.83 19.74 19.75
CA ALA C 538 -11.80 19.08 18.94
C ALA C 538 -10.47 19.06 19.70
N LYS C 539 -10.11 20.14 20.37
CA LYS C 539 -8.88 20.14 21.15
C LYS C 539 -8.97 19.13 22.28
N LEU C 540 -10.13 19.06 22.95
CA LEU C 540 -10.34 18.05 23.98
C LEU C 540 -10.29 16.64 23.38
N ARG C 541 -10.92 16.47 22.22
CA ARG C 541 -10.95 15.14 21.61
C ARG C 541 -9.53 14.61 21.37
N LYS C 542 -8.61 15.48 20.97
CA LYS C 542 -7.24 15.03 20.71
C LYS C 542 -6.61 14.44 21.97
N VAL C 543 -6.84 15.09 23.14
CA VAL C 543 -6.30 14.56 24.38
C VAL C 543 -6.93 13.21 24.69
N LEU C 544 -8.25 13.11 24.54
CA LEU C 544 -8.96 11.91 24.98
C LEU C 544 -8.60 10.70 24.12
N ARG C 545 -8.49 10.88 22.80
CA ARG C 545 -8.19 9.76 21.92
C ARG C 545 -6.76 9.25 22.11
N ALA C 546 -5.87 10.01 22.75
CA ALA C 546 -4.48 9.60 22.89
C ALA C 546 -4.30 8.54 23.95
N GLY C 547 -5.16 8.50 24.97
CA GLY C 547 -4.93 7.60 26.08
C GLY C 547 -3.54 7.80 26.65
N SER C 548 -2.85 6.69 26.88
CA SER C 548 -1.46 6.73 27.33
C SER C 548 -0.50 6.26 26.23
N SER C 549 -0.90 6.41 24.97
CA SER C 549 -0.09 5.99 23.84
C SER C 549 1.12 6.89 23.61
N ARG C 550 1.09 8.13 24.07
CA ARG C 550 2.17 9.09 23.90
C ARG C 550 2.55 9.70 25.23
N PRO C 551 3.75 10.27 25.34
CA PRO C 551 4.13 10.93 26.59
C PRO C 551 3.17 12.05 26.93
N TRP C 552 2.81 12.13 28.23
CA TRP C 552 1.85 13.14 28.65
C TRP C 552 2.38 14.53 28.37
N GLN C 553 3.69 14.72 28.46
CA GLN C 553 4.26 16.04 28.20
C GLN C 553 3.94 16.52 26.79
N GLU C 554 3.97 15.60 25.82
CA GLU C 554 3.67 15.98 24.44
C GLU C 554 2.17 16.17 24.22
N VAL C 555 1.33 15.31 24.80
CA VAL C 555 -0.11 15.51 24.73
C VAL C 555 -0.47 16.87 25.31
N LEU C 556 0.13 17.22 26.45
CA LEU C 556 -0.15 18.51 27.08
C LEU C 556 0.33 19.67 26.22
N LYS C 557 1.52 19.55 25.64
CA LYS C 557 2.05 20.61 24.79
C LYS C 557 1.13 20.87 23.62
N ASP C 558 0.66 19.83 22.96
CA ASP C 558 -0.27 20.02 21.85
C ASP C 558 -1.53 20.75 22.28
N MET C 559 -1.96 20.57 23.53
CA MET C 559 -3.23 21.11 23.97
C MET C 559 -3.10 22.55 24.49
N VAL C 560 -2.07 22.81 25.30
CA VAL C 560 -1.98 24.08 26.02
C VAL C 560 -0.78 24.92 25.60
N GLY C 561 0.15 24.36 24.81
CA GLY C 561 1.30 25.11 24.35
C GLY C 561 2.55 24.93 25.17
N LEU C 562 2.49 24.12 26.22
CA LEU C 562 3.61 23.91 27.14
C LEU C 562 3.70 22.43 27.46
N ASP C 563 4.93 21.92 27.59
CA ASP C 563 5.14 20.50 27.86
C ASP C 563 5.34 20.22 29.35
N ALA C 564 4.76 21.05 30.21
CA ALA C 564 5.00 20.91 31.64
C ALA C 564 3.80 21.40 32.41
N LEU C 565 3.69 20.90 33.65
CA LEU C 565 2.76 21.47 34.60
C LEU C 565 3.13 22.91 34.85
N ASP C 566 2.10 23.74 35.06
CA ASP C 566 2.25 25.18 35.22
C ASP C 566 1.11 25.68 36.10
N ALA C 567 1.45 26.51 37.10
CA ALA C 567 0.47 27.02 38.06
C ALA C 567 -0.15 28.34 37.63
N GLN C 568 0.43 29.03 36.66
CA GLN C 568 -0.09 30.34 36.27
C GLN C 568 -1.56 30.30 35.84
N PRO C 569 -2.05 29.31 35.09
CA PRO C 569 -3.49 29.32 34.74
C PRO C 569 -4.40 29.26 35.95
N LEU C 570 -4.00 28.54 37.00
CA LEU C 570 -4.79 28.53 38.23
C LEU C 570 -4.78 29.90 38.89
N LEU C 571 -3.61 30.53 38.98
CA LEU C 571 -3.53 31.87 39.54
C LEU C 571 -4.38 32.85 38.74
N LYS C 572 -4.36 32.73 37.41
CA LYS C 572 -5.16 33.62 36.56
C LYS C 572 -6.65 33.43 36.80
N TYR C 573 -7.08 32.19 37.02
CA TYR C 573 -8.47 31.93 37.33
C TYR C 573 -8.92 32.67 38.59
N PHE C 574 -8.09 32.63 39.65
CA PHE C 574 -8.48 33.14 40.96
C PHE C 574 -8.00 34.56 41.23
N GLN C 575 -7.40 35.21 40.23
CA GLN C 575 -6.76 36.51 40.41
C GLN C 575 -7.63 37.50 41.18
N LEU C 576 -8.93 37.57 40.86
CA LEU C 576 -9.79 38.54 41.50
C LEU C 576 -9.92 38.28 43.00
N VAL C 577 -10.17 37.03 43.39
CA VAL C 577 -10.34 36.75 44.82
C VAL C 577 -9.00 36.77 45.54
N THR C 578 -7.91 36.41 44.85
CA THR C 578 -6.59 36.55 45.46
C THR C 578 -6.32 38.01 45.83
N GLN C 579 -6.58 38.93 44.90
CA GLN C 579 -6.45 40.35 45.19
C GLN C 579 -7.32 40.75 46.37
N TRP C 580 -8.58 40.33 46.36
CA TRP C 580 -9.53 40.71 47.40
C TRP C 580 -9.09 40.18 48.77
N LEU C 581 -8.65 38.91 48.83
CA LEU C 581 -8.18 38.36 50.09
C LEU C 581 -6.98 39.11 50.63
N GLN C 582 -6.05 39.50 49.73
CA GLN C 582 -4.90 40.28 50.16
C GLN C 582 -5.34 41.59 50.81
N GLU C 583 -6.33 42.26 50.21
CA GLU C 583 -6.84 43.50 50.78
C GLU C 583 -7.43 43.27 52.16
N GLN C 584 -8.32 42.29 52.28
CA GLN C 584 -8.93 42.01 53.58
C GLN C 584 -7.88 41.69 54.63
N ASN C 585 -6.87 40.89 54.27
CA ASN C 585 -5.88 40.48 55.26
C ASN C 585 -5.03 41.66 55.70
N GLN C 586 -4.66 42.54 54.77
CA GLN C 586 -3.91 43.74 55.15
C GLN C 586 -4.74 44.64 56.05
N GLN C 587 -6.01 44.86 55.68
CA GLN C 587 -6.88 45.71 56.51
C GLN C 587 -7.00 45.19 57.93
N ASN C 588 -7.02 43.88 58.09
CA ASN C 588 -7.08 43.27 59.41
C ASN C 588 -5.70 43.04 60.02
N GLY C 589 -4.62 43.46 59.35
CA GLY C 589 -3.29 43.25 59.85
C GLY C 589 -2.98 41.79 60.14
N GLU C 590 -3.36 40.89 59.24
CA GLU C 590 -3.13 39.48 59.46
C GLU C 590 -1.66 39.15 59.26
N VAL C 591 -1.20 38.14 59.99
CA VAL C 591 0.08 37.50 59.73
C VAL C 591 -0.16 36.34 58.78
N LEU C 592 0.53 36.31 57.66
CA LEU C 592 0.43 35.18 56.75
C LEU C 592 1.34 34.07 57.25
N GLY C 593 0.78 32.88 57.38
CA GLY C 593 1.49 31.76 57.96
C GLY C 593 1.17 31.57 59.42
N TRP C 594 2.00 30.77 60.07
CA TRP C 594 1.79 30.35 61.45
C TRP C 594 3.11 30.40 62.19
N PRO C 595 3.60 31.61 62.50
CA PRO C 595 4.91 31.72 63.19
C PRO C 595 4.94 31.06 64.56
N GLU C 596 3.82 31.00 65.26
CA GLU C 596 3.78 30.29 66.55
C GLU C 596 3.46 28.82 66.28
N TYR C 597 4.46 28.13 65.73
CA TYR C 597 4.25 26.79 65.20
C TYR C 597 4.20 25.70 66.25
N GLN C 598 4.58 26.00 67.50
CA GLN C 598 4.43 25.03 68.57
C GLN C 598 3.02 25.01 69.16
N TRP C 599 2.18 25.96 68.79
CA TRP C 599 0.91 26.15 69.48
C TRP C 599 -0.08 25.03 69.16
N HIS C 600 -0.78 24.57 70.19
CA HIS C 600 -1.93 23.69 70.10
C HIS C 600 -3.02 24.26 71.00
N PRO C 601 -4.28 24.05 70.63
CA PRO C 601 -5.38 24.58 71.47
C PRO C 601 -5.52 23.79 72.75
N PRO C 602 -6.11 24.38 73.79
CA PRO C 602 -6.43 23.61 74.99
C PRO C 602 -7.66 22.75 74.78
N LEU C 603 -7.83 21.78 75.67
CA LEU C 603 -9.03 20.97 75.66
C LEU C 603 -10.21 21.76 76.18
N PRO C 604 -11.43 21.46 75.71
CA PRO C 604 -12.62 22.08 76.32
C PRO C 604 -12.80 21.58 77.76
N ASP C 605 -13.48 22.41 78.55
CA ASP C 605 -13.68 22.09 79.96
C ASP C 605 -14.43 20.78 80.13
N ASN C 606 -13.86 19.88 80.93
CA ASN C 606 -14.47 18.57 81.20
C ASN C 606 -14.70 17.78 79.92
N TYR C 607 -13.68 17.77 79.06
CA TYR C 607 -13.74 16.93 77.88
C TYR C 607 -13.37 15.50 78.26
N PRO C 608 -14.18 14.49 77.86
CA PRO C 608 -15.48 14.53 77.19
C PRO C 608 -16.65 14.37 78.18
N LEU D 1 0.58 -48.01 1.77
CA LEU D 1 1.68 -47.89 2.78
C LEU D 1 1.32 -48.66 4.05
N ASP D 2 2.20 -49.59 4.44
CA ASP D 2 2.06 -50.37 5.66
C ASP D 2 1.56 -49.47 6.79
N PRO D 3 0.49 -49.85 7.47
CA PRO D 3 0.00 -49.00 8.59
C PRO D 3 1.06 -48.71 9.64
N GLY D 4 1.99 -49.64 9.87
CA GLY D 4 3.05 -49.38 10.84
C GLY D 4 4.00 -48.29 10.41
N LEU D 5 4.07 -47.99 9.12
CA LEU D 5 4.94 -46.95 8.60
C LEU D 5 4.22 -45.63 8.37
N GLN D 6 2.91 -45.55 8.71
CA GLN D 6 2.16 -44.32 8.53
C GLN D 6 2.35 -43.42 9.74
N PRO D 7 2.19 -42.10 9.57
CA PRO D 7 2.29 -41.20 10.73
C PRO D 7 1.07 -41.31 11.61
N GLY D 8 1.29 -41.21 12.91
CA GLY D 8 0.20 -41.21 13.86
C GLY D 8 -0.27 -39.81 14.21
N GLN D 9 -0.62 -39.59 15.47
CA GLN D 9 -1.18 -38.33 15.92
C GLN D 9 -0.17 -37.61 16.80
N PHE D 10 -0.03 -36.31 16.58
CA PHE D 10 0.94 -35.50 17.29
C PHE D 10 0.34 -34.12 17.51
N SER D 11 0.69 -33.52 18.64
CA SER D 11 0.23 -32.17 18.96
C SER D 11 0.91 -31.16 18.05
N ALA D 12 0.18 -30.08 17.74
CA ALA D 12 0.71 -29.00 16.92
C ALA D 12 1.51 -28.02 17.79
N ASP D 13 2.66 -28.51 18.24
CA ASP D 13 3.56 -27.72 19.06
C ASP D 13 4.93 -28.42 19.06
N GLU D 14 5.90 -27.79 19.71
CA GLU D 14 7.27 -28.29 19.63
C GLU D 14 7.41 -29.67 20.26
N ALA D 15 6.72 -29.89 21.39
CA ALA D 15 6.78 -31.22 22.02
C ALA D 15 6.20 -32.29 21.09
N GLY D 16 5.12 -31.95 20.39
CA GLY D 16 4.59 -32.87 19.39
C GLY D 16 5.53 -33.05 18.23
N ALA D 17 6.26 -32.00 17.85
CA ALA D 17 7.19 -32.11 16.73
C ALA D 17 8.37 -33.01 17.08
N GLN D 18 8.81 -32.97 18.35
CA GLN D 18 9.88 -33.87 18.78
C GLN D 18 9.43 -35.33 18.68
N LEU D 19 8.21 -35.62 19.15
CA LEU D 19 7.68 -36.98 19.05
C LEU D 19 7.47 -37.35 17.59
N PHE D 20 7.01 -36.40 16.77
CA PHE D 20 6.91 -36.66 15.34
C PHE D 20 8.27 -37.06 14.76
N ALA D 21 9.31 -36.31 15.10
CA ALA D 21 10.64 -36.59 14.56
C ALA D 21 11.14 -37.94 15.05
N GLN D 22 10.83 -38.28 16.31
CA GLN D 22 11.21 -39.58 16.84
C GLN D 22 10.55 -40.72 16.06
N SER D 23 9.25 -40.59 15.80
CA SER D 23 8.52 -41.65 15.09
C SER D 23 8.91 -41.67 13.62
N TYR D 24 9.15 -40.51 13.05
CA TYR D 24 9.61 -40.45 11.65
C TYR D 24 10.90 -41.24 11.47
N GLN D 25 11.89 -41.01 12.35
CA GLN D 25 13.17 -41.70 12.20
C GLN D 25 12.99 -43.21 12.26
N SER D 26 12.18 -43.71 13.20
CA SER D 26 12.11 -45.16 13.39
C SER D 26 11.53 -45.83 12.15
N SER D 27 10.57 -45.18 11.47
CA SER D 27 10.06 -45.73 10.23
C SER D 27 10.98 -45.41 9.05
N ALA D 28 11.59 -44.24 9.07
CA ALA D 28 12.46 -43.84 7.95
C ALA D 28 13.65 -44.76 7.82
N GLU D 29 14.26 -45.15 8.95
CA GLU D 29 15.41 -46.06 8.89
C GLU D 29 15.02 -47.36 8.21
N GLN D 30 13.79 -47.83 8.43
CA GLN D 30 13.38 -49.09 7.80
C GLN D 30 13.20 -48.93 6.30
N VAL D 31 12.51 -47.87 5.89
CA VAL D 31 12.30 -47.62 4.46
C VAL D 31 13.63 -47.33 3.77
N LEU D 32 14.46 -46.51 4.41
CA LEU D 32 15.79 -46.23 3.84
C LEU D 32 16.63 -47.50 3.73
N PHE D 33 16.59 -48.35 4.77
CA PHE D 33 17.39 -49.58 4.71
C PHE D 33 16.93 -50.47 3.57
N GLN D 34 15.62 -50.64 3.42
CA GLN D 34 15.09 -51.46 2.33
C GLN D 34 15.58 -50.98 0.98
N SER D 35 15.51 -49.67 0.75
CA SER D 35 15.88 -49.12 -0.55
C SER D 35 17.38 -49.29 -0.79
N VAL D 36 18.21 -48.95 0.20
CA VAL D 36 19.65 -49.12 0.07
C VAL D 36 20.00 -50.58 -0.12
N ALA D 37 19.39 -51.45 0.69
CA ALA D 37 19.62 -52.89 0.55
C ALA D 37 19.24 -53.35 -0.85
N ALA D 38 18.07 -52.93 -1.34
CA ALA D 38 17.65 -53.31 -2.68
C ALA D 38 18.60 -52.77 -3.74
N SER D 39 19.10 -51.56 -3.54
CA SER D 39 20.10 -51.03 -4.46
C SER D 39 21.40 -51.79 -4.35
N TRP D 40 21.79 -52.17 -3.13
CA TRP D 40 23.00 -52.97 -2.97
C TRP D 40 22.86 -54.30 -3.68
N ALA D 41 21.69 -54.95 -3.53
CA ALA D 41 21.47 -56.24 -4.17
C ALA D 41 21.63 -56.15 -5.68
N HIS D 42 21.17 -55.05 -6.28
CA HIS D 42 21.25 -54.92 -7.73
C HIS D 42 22.66 -54.56 -8.19
N ASP D 43 23.29 -53.59 -7.53
CA ASP D 43 24.59 -53.11 -8.01
C ASP D 43 25.69 -54.12 -7.81
N THR D 44 25.52 -55.09 -6.91
CA THR D 44 26.46 -56.20 -6.77
C THR D 44 25.99 -57.46 -7.47
N ASN D 45 24.97 -57.35 -8.32
CA ASN D 45 24.35 -58.53 -8.92
C ASN D 45 23.28 -58.07 -9.90
N ILE D 46 23.71 -57.66 -11.09
CA ILE D 46 22.85 -56.96 -12.04
C ILE D 46 21.94 -57.99 -12.69
N THR D 47 20.70 -58.06 -12.23
CA THR D 47 19.66 -58.89 -12.84
C THR D 47 18.34 -58.12 -12.83
N ALA D 48 17.44 -58.51 -13.73
CA ALA D 48 16.15 -57.84 -13.83
C ALA D 48 15.35 -58.00 -12.55
N GLU D 49 15.33 -59.21 -11.98
CA GLU D 49 14.57 -59.45 -10.77
C GLU D 49 15.07 -58.57 -9.62
N ASN D 50 16.35 -58.21 -9.62
CA ASN D 50 16.86 -57.30 -8.61
C ASN D 50 16.52 -55.85 -8.96
N ALA D 51 16.73 -55.45 -10.21
CA ALA D 51 16.32 -54.13 -10.66
C ALA D 51 14.85 -53.88 -10.34
N ARG D 52 14.03 -54.92 -10.35
CA ARG D 52 12.60 -54.78 -10.07
C ARG D 52 12.35 -54.54 -8.59
N ARG D 53 13.09 -55.21 -7.71
CA ARG D 53 12.93 -54.97 -6.28
C ARG D 53 13.46 -53.61 -5.88
N GLN D 54 14.45 -53.09 -6.62
CA GLN D 54 14.94 -51.74 -6.38
C GLN D 54 13.88 -50.70 -6.72
N GLU D 55 13.25 -50.83 -7.88
CA GLU D 55 12.14 -49.94 -8.23
C GLU D 55 11.05 -49.99 -7.18
N GLU D 56 10.64 -51.19 -6.78
CA GLU D 56 9.62 -51.33 -5.73
C GLU D 56 10.03 -50.56 -4.47
N ALA D 57 11.28 -50.76 -4.01
CA ALA D 57 11.71 -50.14 -2.75
C ALA D 57 11.74 -48.62 -2.88
N ALA D 58 12.19 -48.11 -4.03
CA ALA D 58 12.21 -46.66 -4.23
C ALA D 58 10.80 -46.07 -4.22
N LEU D 59 9.82 -46.80 -4.76
CA LEU D 59 8.45 -46.29 -4.76
C LEU D 59 7.87 -46.23 -3.35
N LEU D 60 8.23 -47.20 -2.49
CA LEU D 60 7.77 -47.14 -1.10
C LEU D 60 8.33 -45.91 -0.41
N SER D 61 9.58 -45.56 -0.71
CA SER D 61 10.17 -44.37 -0.11
C SER D 61 9.37 -43.10 -0.46
N GLN D 62 8.96 -42.96 -1.72
CA GLN D 62 8.18 -41.79 -2.12
C GLN D 62 6.85 -41.74 -1.37
N GLU D 63 6.16 -42.88 -1.29
CA GLU D 63 4.93 -42.96 -0.49
C GLU D 63 5.19 -42.54 0.95
N PHE D 64 6.25 -43.08 1.56
CA PHE D 64 6.60 -42.71 2.91
C PHE D 64 6.82 -41.21 3.02
N ALA D 65 7.58 -40.64 2.06
CA ALA D 65 7.88 -39.21 2.14
C ALA D 65 6.62 -38.37 2.03
N GLU D 66 5.66 -38.80 1.20
CA GLU D 66 4.43 -38.02 1.05
C GLU D 66 3.60 -38.04 2.33
N ALA D 67 3.39 -39.23 2.91
CA ALA D 67 2.56 -39.33 4.11
C ALA D 67 3.12 -38.49 5.24
N TRP D 68 4.42 -38.64 5.51
CA TRP D 68 5.02 -37.88 6.60
C TRP D 68 5.19 -36.42 6.24
N GLY D 69 5.48 -36.13 4.98
CA GLY D 69 5.58 -34.74 4.57
C GLY D 69 4.27 -34.01 4.71
N GLN D 70 3.18 -34.63 4.26
CA GLN D 70 1.88 -33.98 4.35
C GLN D 70 1.48 -33.76 5.81
N LYS D 71 1.72 -34.76 6.66
CA LYS D 71 1.42 -34.60 8.09
C LYS D 71 2.26 -33.49 8.68
N ALA D 72 3.58 -33.49 8.41
CA ALA D 72 4.43 -32.41 8.90
C ALA D 72 3.90 -31.04 8.51
N LYS D 73 3.46 -30.90 7.25
CA LYS D 73 2.98 -29.59 6.80
C LYS D 73 1.68 -29.21 7.49
N GLU D 74 0.73 -30.14 7.58
CA GLU D 74 -0.52 -29.90 8.29
C GLU D 74 -0.27 -29.36 9.69
N LEU D 75 0.62 -30.04 10.45
CA LEU D 75 0.74 -29.74 11.87
C LEU D 75 1.62 -28.51 12.12
N TYR D 76 2.71 -28.35 11.36
CA TYR D 76 3.78 -27.46 11.80
C TYR D 76 4.16 -26.37 10.80
N GLU D 77 3.52 -26.30 9.63
CA GLU D 77 3.97 -25.33 8.62
C GLU D 77 4.10 -23.91 9.18
N PRO D 78 3.14 -23.39 9.94
CA PRO D 78 3.27 -21.99 10.44
C PRO D 78 4.02 -21.81 11.74
N ILE D 79 4.60 -22.87 12.32
CA ILE D 79 5.29 -22.76 13.61
C ILE D 79 6.67 -23.37 13.62
N TRP D 80 7.02 -24.26 12.67
CA TRP D 80 8.29 -24.98 12.79
C TRP D 80 9.49 -24.04 12.75
N GLN D 81 9.36 -22.89 12.10
N GLN D 81 9.33 -22.88 12.10
CA GLN D 81 10.50 -21.98 12.01
CA GLN D 81 10.42 -21.92 11.98
C GLN D 81 10.77 -21.24 13.31
C GLN D 81 10.78 -21.28 13.32
N GLN D 82 9.88 -21.32 14.29
CA GLN D 82 10.09 -20.69 15.59
C GLN D 82 10.37 -21.70 16.71
N PHE D 83 10.49 -22.99 16.38
CA PHE D 83 10.90 -23.96 17.38
C PHE D 83 12.27 -23.58 17.97
N THR D 84 12.46 -23.92 19.24
CA THR D 84 13.69 -23.56 19.93
C THR D 84 14.86 -24.47 19.53
N ASP D 85 14.60 -25.74 19.25
CA ASP D 85 15.66 -26.70 18.93
C ASP D 85 16.07 -26.53 17.48
N PRO D 86 17.28 -26.03 17.19
CA PRO D 86 17.65 -25.80 15.78
C PRO D 86 17.71 -27.08 14.95
N GLN D 87 18.15 -28.20 15.56
CA GLN D 87 18.15 -29.47 14.83
C GLN D 87 16.73 -29.89 14.49
N LEU D 88 15.78 -29.66 15.40
CA LEU D 88 14.39 -30.00 15.10
C LEU D 88 13.86 -29.17 13.94
N ARG D 89 14.20 -27.87 13.91
CA ARG D 89 13.79 -27.05 12.76
C ARG D 89 14.34 -27.64 11.47
N ARG D 90 15.61 -28.06 11.47
CA ARG D 90 16.20 -28.65 10.27
C ARG D 90 15.48 -29.91 9.86
N ILE D 91 15.10 -30.75 10.83
CA ILE D 91 14.38 -31.98 10.52
C ILE D 91 13.02 -31.66 9.93
N ILE D 92 12.20 -30.91 10.67
CA ILE D 92 10.84 -30.61 10.19
C ILE D 92 10.90 -29.83 8.88
N GLY D 93 11.80 -28.85 8.81
CA GLY D 93 11.93 -28.04 7.59
C GLY D 93 12.17 -28.89 6.36
N ALA D 94 12.93 -29.98 6.51
CA ALA D 94 13.21 -30.86 5.38
C ALA D 94 12.02 -31.78 5.08
N VAL D 95 11.39 -32.34 6.13
CA VAL D 95 10.33 -33.30 5.91
C VAL D 95 9.14 -32.65 5.22
N ARG D 96 8.92 -31.36 5.44
CA ARG D 96 7.76 -30.68 4.85
C ARG D 96 7.98 -30.29 3.40
N THR D 97 9.12 -30.63 2.81
CA THR D 97 9.37 -30.39 1.39
C THR D 97 9.09 -31.69 0.63
N LEU D 98 8.04 -31.69 -0.17
CA LEU D 98 7.53 -32.93 -0.78
C LEU D 98 8.08 -33.20 -2.17
N GLY D 99 8.36 -32.16 -2.95
CA GLY D 99 8.90 -32.41 -4.28
C GLY D 99 7.88 -33.10 -5.17
N SER D 100 8.31 -34.16 -5.86
CA SER D 100 7.44 -34.84 -6.81
C SER D 100 6.14 -35.32 -6.16
N ALA D 101 6.14 -35.51 -4.83
CA ALA D 101 4.91 -35.94 -4.16
C ALA D 101 3.81 -34.90 -4.25
N ASN D 102 4.15 -33.63 -4.49
CA ASN D 102 3.13 -32.61 -4.71
C ASN D 102 2.39 -32.80 -6.02
N LEU D 103 2.91 -33.62 -6.94
CA LEU D 103 2.29 -33.73 -8.26
C LEU D 103 1.07 -34.64 -8.20
N PRO D 104 0.03 -34.36 -8.99
CA PRO D 104 -1.06 -35.34 -9.14
C PRO D 104 -0.51 -36.67 -9.62
N LEU D 105 -1.18 -37.76 -9.22
CA LEU D 105 -0.63 -39.10 -9.39
C LEU D 105 -0.18 -39.36 -10.82
N ALA D 106 -0.97 -38.93 -11.81
CA ALA D 106 -0.60 -39.19 -13.19
C ALA D 106 0.66 -38.44 -13.58
N LYS D 107 0.80 -37.20 -13.11
CA LYS D 107 2.01 -36.44 -13.39
C LYS D 107 3.19 -36.94 -12.56
N ARG D 108 2.92 -37.43 -11.35
CA ARG D 108 3.96 -38.06 -10.55
C ARG D 108 4.51 -39.29 -11.25
N GLN D 109 3.63 -40.11 -11.83
CA GLN D 109 4.10 -41.28 -12.57
C GLN D 109 4.87 -40.87 -13.79
N GLN D 110 4.40 -39.83 -14.49
CA GLN D 110 5.11 -39.30 -15.66
C GLN D 110 6.52 -38.82 -15.28
N TYR D 111 6.62 -38.09 -14.16
CA TYR D 111 7.91 -37.61 -13.68
C TYR D 111 8.87 -38.77 -13.42
N ASN D 112 8.43 -39.78 -12.69
CA ASN D 112 9.29 -40.93 -12.39
C ASN D 112 9.67 -41.67 -13.65
N ALA D 113 8.72 -41.80 -14.58
CA ALA D 113 9.03 -42.47 -15.84
C ALA D 113 10.03 -41.67 -16.67
N LEU D 114 9.99 -40.34 -16.58
CA LEU D 114 10.99 -39.54 -17.28
C LEU D 114 12.38 -39.78 -16.71
N LEU D 115 12.50 -39.78 -15.38
CA LEU D 115 13.80 -40.06 -14.77
C LEU D 115 14.35 -41.40 -15.26
N SER D 116 13.55 -42.46 -15.19
CA SER D 116 14.02 -43.77 -15.64
C SER D 116 14.43 -43.75 -17.10
N GLN D 117 13.58 -43.16 -17.94
CA GLN D 117 13.84 -43.17 -19.38
C GLN D 117 15.09 -42.35 -19.74
N MET D 118 15.26 -41.19 -19.11
CA MET D 118 16.45 -40.38 -19.41
C MET D 118 17.72 -41.12 -19.00
N SER D 119 17.71 -41.70 -17.80
CA SER D 119 18.86 -42.50 -17.35
C SER D 119 19.15 -43.64 -18.33
N ARG D 120 18.11 -44.31 -18.80
CA ARG D 120 18.27 -45.45 -19.71
C ARG D 120 18.82 -45.00 -21.07
N ILE D 121 18.36 -43.86 -21.59
CA ILE D 121 18.90 -43.36 -22.85
C ILE D 121 20.41 -43.13 -22.73
N TYR D 122 20.84 -42.47 -21.64
CA TYR D 122 22.25 -42.15 -21.49
C TYR D 122 23.08 -43.44 -21.34
N SER D 123 22.60 -44.39 -20.54
CA SER D 123 23.41 -45.58 -20.26
C SER D 123 23.45 -46.57 -21.43
N THR D 124 22.52 -46.47 -22.37
CA THR D 124 22.48 -47.38 -23.51
C THR D 124 22.97 -46.76 -24.82
N ALA D 125 23.26 -45.47 -24.83
CA ALA D 125 23.71 -44.81 -26.07
C ALA D 125 24.99 -45.45 -26.57
N LYS D 126 25.09 -45.58 -27.90
CA LYS D 126 26.23 -46.21 -28.56
C LYS D 126 26.67 -45.38 -29.75
N VAL D 127 27.95 -45.45 -30.08
CA VAL D 127 28.48 -44.89 -31.32
C VAL D 127 28.84 -46.05 -32.25
N CYS D 128 28.24 -46.08 -33.42
CA CYS D 128 28.45 -47.16 -34.38
C CYS D 128 29.22 -46.64 -35.59
N LEU D 129 30.11 -47.48 -36.08
CA LEU D 129 30.95 -47.16 -37.23
C LEU D 129 30.14 -47.33 -38.51
N PRO D 130 30.77 -47.15 -39.68
CA PRO D 130 30.07 -47.49 -40.93
C PRO D 130 29.69 -48.97 -41.08
N GLN D 131 29.92 -49.77 -40.04
CA GLN D 131 29.49 -51.17 -40.04
C GLN D 131 27.96 -51.25 -39.92
N THR D 135 28.79 -53.54 -35.07
CA THR D 135 29.79 -53.26 -34.04
C THR D 135 29.74 -51.78 -33.61
N CYS D 136 29.58 -51.57 -32.31
CA CYS D 136 29.37 -50.23 -31.77
C CYS D 136 30.15 -50.05 -30.48
N TRP D 137 30.51 -48.79 -30.22
CA TRP D 137 31.27 -48.44 -29.02
C TRP D 137 30.37 -47.83 -27.98
N SER D 138 30.53 -48.27 -26.73
CA SER D 138 29.83 -47.69 -25.60
C SER D 138 30.73 -46.66 -24.93
N LEU D 139 30.12 -45.82 -24.08
CA LEU D 139 30.90 -44.79 -23.39
C LEU D 139 31.97 -45.41 -22.50
N ASP D 140 31.57 -46.33 -21.63
CA ASP D 140 32.49 -47.02 -20.72
C ASP D 140 32.70 -48.45 -21.20
N PRO D 141 33.92 -48.86 -21.59
CA PRO D 141 35.17 -48.10 -21.58
C PRO D 141 35.59 -47.55 -22.96
N ASP D 142 34.90 -47.98 -24.02
CA ASP D 142 35.38 -47.75 -25.37
C ASP D 142 35.62 -46.27 -25.67
N LEU D 143 34.56 -45.46 -25.67
CA LEU D 143 34.73 -44.05 -26.04
C LEU D 143 35.60 -43.33 -25.01
N THR D 144 35.41 -43.66 -23.73
CA THR D 144 36.27 -43.08 -22.70
C THR D 144 37.74 -43.35 -22.98
N ASN D 145 38.09 -44.57 -23.41
CA ASN D 145 39.49 -44.89 -23.68
C ASN D 145 40.00 -44.18 -24.91
N ILE D 146 39.15 -44.02 -25.94
CA ILE D 146 39.57 -43.28 -27.14
C ILE D 146 39.92 -41.84 -26.76
N LEU D 147 39.01 -41.17 -26.02
CA LEU D 147 39.28 -39.78 -25.65
C LEU D 147 40.55 -39.66 -24.84
N ALA D 148 40.86 -40.69 -24.02
CA ALA D 148 42.02 -40.60 -23.13
C ALA D 148 43.34 -40.89 -23.83
N SER D 149 43.34 -41.81 -24.78
CA SER D 149 44.59 -42.33 -25.34
C SER D 149 44.80 -42.03 -26.81
N SER D 150 43.73 -41.87 -27.60
CA SER D 150 43.92 -41.58 -29.00
C SER D 150 44.54 -40.21 -29.18
N ARG D 151 45.42 -40.09 -30.16
CA ARG D 151 46.05 -38.82 -30.53
C ARG D 151 45.83 -38.52 -32.01
N SER D 152 44.86 -39.20 -32.61
CA SER D 152 44.41 -38.92 -33.96
C SER D 152 43.23 -37.94 -33.89
N TYR D 153 43.43 -36.74 -34.45
CA TYR D 153 42.37 -35.73 -34.44
C TYR D 153 41.04 -36.31 -34.92
N ALA D 154 41.08 -37.05 -36.03
CA ALA D 154 39.82 -37.49 -36.66
C ALA D 154 39.15 -38.59 -35.86
N MET D 155 39.93 -39.47 -35.26
CA MET D 155 39.32 -40.49 -34.40
C MET D 155 38.73 -39.88 -33.14
N LEU D 156 39.46 -38.94 -32.52
CA LEU D 156 38.92 -38.21 -31.38
C LEU D 156 37.64 -37.50 -31.76
N LEU D 157 37.63 -36.90 -32.96
CA LEU D 157 36.43 -36.20 -33.43
C LEU D 157 35.28 -37.16 -33.61
N PHE D 158 35.55 -38.31 -34.24
CA PHE D 158 34.48 -39.27 -34.49
C PHE D 158 33.83 -39.71 -33.19
N ALA D 159 34.62 -39.95 -32.15
CA ALA D 159 34.08 -40.36 -30.86
C ALA D 159 33.31 -39.20 -30.20
N TRP D 160 33.89 -38.00 -30.20
CA TRP D 160 33.23 -36.85 -29.55
C TRP D 160 31.89 -36.54 -30.22
N GLU D 161 31.90 -36.42 -31.54
CA GLU D 161 30.67 -36.13 -32.27
C GLU D 161 29.67 -37.27 -32.11
N GLY D 162 30.13 -38.51 -32.29
CA GLY D 162 29.23 -39.64 -32.16
C GLY D 162 28.56 -39.71 -30.79
N TRP D 163 29.33 -39.53 -29.73
CA TRP D 163 28.75 -39.57 -28.39
C TRP D 163 27.70 -38.47 -28.20
N HIS D 164 28.06 -37.23 -28.50
CA HIS D 164 27.14 -36.13 -28.22
C HIS D 164 25.87 -36.24 -29.04
N ASN D 165 25.96 -36.69 -30.29
CA ASN D 165 24.75 -36.91 -31.09
C ASN D 165 23.91 -38.06 -30.55
N ALA D 166 24.56 -39.16 -30.16
CA ALA D 166 23.82 -40.36 -29.77
C ALA D 166 23.13 -40.20 -28.43
N ALA D 167 23.80 -39.57 -27.47
CA ALA D 167 23.20 -39.41 -26.15
C ALA D 167 22.29 -38.20 -26.07
N GLY D 168 22.67 -37.09 -26.71
CA GLY D 168 22.00 -35.83 -26.48
C GLY D 168 20.70 -35.65 -27.24
N ILE D 169 20.70 -35.95 -28.53
CA ILE D 169 19.53 -35.70 -29.36
C ILE D 169 18.28 -36.39 -28.81
N PRO D 170 18.30 -37.69 -28.51
CA PRO D 170 17.07 -38.32 -28.01
C PRO D 170 16.62 -37.81 -26.66
N LEU D 171 17.50 -37.19 -25.87
CA LEU D 171 17.13 -36.75 -24.52
C LEU D 171 16.35 -35.45 -24.50
N LYS D 172 16.50 -34.63 -25.54
CA LYS D 172 15.97 -33.26 -25.47
C LYS D 172 14.47 -33.20 -25.23
N PRO D 173 13.61 -33.97 -25.92
CA PRO D 173 12.16 -33.87 -25.62
C PRO D 173 11.83 -34.27 -24.21
N LEU D 174 12.51 -35.29 -23.66
CA LEU D 174 12.25 -35.72 -22.29
C LEU D 174 12.71 -34.66 -21.30
N TYR D 175 13.87 -34.06 -21.52
CA TYR D 175 14.36 -33.08 -20.55
C TYR D 175 13.44 -31.87 -20.47
N GLU D 176 12.89 -31.46 -21.62
N GLU D 176 12.90 -31.45 -21.61
CA GLU D 176 11.89 -30.40 -21.62
CA GLU D 176 11.90 -30.38 -21.58
C GLU D 176 10.70 -30.74 -20.73
C GLU D 176 10.72 -30.75 -20.69
N ASP D 177 10.18 -31.96 -20.86
CA ASP D 177 9.04 -32.39 -20.05
C ASP D 177 9.40 -32.50 -18.59
N PHE D 178 10.58 -33.08 -18.28
CA PHE D 178 11.01 -33.20 -16.89
C PHE D 178 11.12 -31.83 -16.23
N THR D 179 11.71 -30.87 -16.94
CA THR D 179 11.89 -29.53 -16.37
C THR D 179 10.55 -28.94 -15.92
N ALA D 180 9.54 -29.02 -16.78
CA ALA D 180 8.23 -28.45 -16.44
C ALA D 180 7.62 -29.15 -15.23
N LEU D 181 7.69 -30.48 -15.20
CA LEU D 181 7.12 -31.22 -14.08
C LEU D 181 7.88 -30.94 -12.80
N SER D 182 9.22 -30.89 -12.87
CA SER D 182 10.02 -30.60 -11.68
C SER D 182 9.67 -29.25 -11.11
N ASN D 183 9.56 -28.22 -11.95
CA ASN D 183 9.17 -26.89 -11.46
C ASN D 183 7.78 -26.89 -10.85
N GLU D 184 6.82 -27.56 -11.48
N GLU D 184 6.81 -27.57 -11.48
CA GLU D 184 5.46 -27.61 -10.92
CA GLU D 184 5.47 -27.63 -10.93
C GLU D 184 5.47 -28.24 -9.53
C GLU D 184 5.47 -28.23 -9.53
N ALA D 185 6.32 -29.21 -9.30
CA ALA D 185 6.35 -29.90 -8.01
C ALA D 185 6.93 -29.00 -6.92
N TYR D 186 8.06 -28.35 -7.19
CA TYR D 186 8.72 -27.55 -6.16
C TYR D 186 8.08 -26.20 -5.95
N LYS D 187 7.29 -25.72 -6.92
CA LYS D 187 6.48 -24.52 -6.69
C LYS D 187 5.54 -24.73 -5.50
N GLN D 188 5.01 -25.95 -5.35
CA GLN D 188 4.12 -26.25 -4.21
C GLN D 188 4.86 -26.31 -2.88
N ASP D 189 6.18 -26.41 -2.90
CA ASP D 189 6.98 -26.33 -1.68
C ASP D 189 7.41 -24.90 -1.35
N GLY D 190 7.05 -23.93 -2.18
CA GLY D 190 7.39 -22.54 -1.94
C GLY D 190 8.58 -21.99 -2.71
N PHE D 191 9.11 -22.74 -3.67
CA PHE D 191 10.28 -22.31 -4.43
C PHE D 191 9.88 -21.85 -5.82
N THR D 192 10.51 -20.78 -6.29
CA THR D 192 10.14 -20.21 -7.58
C THR D 192 10.41 -21.16 -8.74
N ASP D 193 11.46 -21.96 -8.64
CA ASP D 193 11.73 -23.01 -9.62
C ASP D 193 12.68 -24.01 -8.98
N THR D 194 12.94 -25.11 -9.68
CA THR D 194 13.75 -26.19 -9.11
C THR D 194 15.13 -25.70 -8.75
N GLY D 195 15.71 -24.82 -9.58
CA GLY D 195 17.04 -24.31 -9.28
C GLY D 195 17.09 -23.54 -7.96
N ALA D 196 16.04 -22.79 -7.66
CA ALA D 196 16.01 -22.08 -6.39
C ALA D 196 16.00 -23.07 -5.24
N TYR D 197 15.31 -24.19 -5.41
CA TYR D 197 15.31 -25.22 -4.37
C TYR D 197 16.72 -25.81 -4.21
N TRP D 198 17.38 -26.15 -5.31
CA TRP D 198 18.74 -26.68 -5.23
C TRP D 198 19.66 -25.70 -4.51
N ARG D 199 19.60 -24.41 -4.87
CA ARG D 199 20.47 -23.44 -4.25
C ARG D 199 20.17 -23.25 -2.78
N SER D 200 18.91 -23.47 -2.37
CA SER D 200 18.53 -23.25 -0.98
C SER D 200 19.33 -24.14 -0.03
N TRP D 201 19.84 -25.27 -0.50
CA TRP D 201 20.61 -26.16 0.36
C TRP D 201 21.83 -25.49 0.96
N TYR D 202 22.31 -24.43 0.35
CA TYR D 202 23.50 -23.74 0.86
C TYR D 202 23.14 -22.60 1.82
N ASN D 203 21.87 -22.27 1.96
N ASN D 203 21.86 -22.30 1.97
CA ASN D 203 21.41 -21.32 2.98
CA ASN D 203 21.37 -21.30 2.92
C ASN D 203 22.26 -20.04 2.97
C ASN D 203 22.29 -20.07 2.94
N SER D 204 22.48 -19.50 1.77
CA SER D 204 23.32 -18.33 1.62
C SER D 204 22.65 -17.37 0.65
N PRO D 205 22.15 -16.22 1.12
CA PRO D 205 21.44 -15.31 0.22
C PRO D 205 22.34 -14.72 -0.86
N THR D 206 23.66 -14.72 -0.67
CA THR D 206 24.59 -14.18 -1.66
C THR D 206 25.31 -15.30 -2.44
N PHE D 207 24.71 -16.49 -2.52
CA PHE D 207 25.41 -17.65 -3.05
C PHE D 207 25.95 -17.41 -4.47
N GLU D 208 25.11 -16.92 -5.37
CA GLU D 208 25.57 -16.77 -6.76
C GLU D 208 26.64 -15.68 -6.90
N ASP D 209 26.53 -14.60 -6.12
CA ASP D 209 27.57 -13.57 -6.16
C ASP D 209 28.86 -14.09 -5.51
N ASP D 210 28.74 -14.84 -4.43
CA ASP D 210 29.91 -15.43 -3.80
C ASP D 210 30.65 -16.34 -4.78
N LEU D 211 29.89 -17.20 -5.49
CA LEU D 211 30.53 -18.10 -6.45
C LEU D 211 31.26 -17.32 -7.55
N GLU D 212 30.63 -16.26 -8.06
CA GLU D 212 31.25 -15.42 -9.09
C GLU D 212 32.57 -14.83 -8.60
N HIS D 213 32.59 -14.30 -7.38
CA HIS D 213 33.83 -13.74 -6.86
C HIS D 213 34.87 -14.82 -6.61
N LEU D 214 34.45 -16.04 -6.27
CA LEU D 214 35.40 -17.15 -6.14
C LEU D 214 36.06 -17.44 -7.48
N TYR D 215 35.25 -17.54 -8.54
CA TYR D 215 35.82 -17.90 -9.82
C TYR D 215 36.74 -16.79 -10.33
N GLN D 216 36.44 -15.52 -10.00
CA GLN D 216 37.33 -14.44 -10.41
C GLN D 216 38.71 -14.63 -9.83
N GLN D 217 38.80 -15.16 -8.60
N GLN D 217 38.79 -15.13 -8.60
CA GLN D 217 40.11 -15.39 -7.99
CA GLN D 217 40.10 -15.41 -7.99
C GLN D 217 40.79 -16.60 -8.59
C GLN D 217 40.79 -16.56 -8.69
N LEU D 218 40.03 -17.58 -9.07
CA LEU D 218 40.60 -18.79 -9.64
C LEU D 218 40.95 -18.66 -11.11
N GLU D 219 40.25 -17.80 -11.86
CA GLU D 219 40.38 -17.82 -13.30
C GLU D 219 41.79 -17.57 -13.82
N PRO D 220 42.60 -16.67 -13.23
CA PRO D 220 43.96 -16.48 -13.77
C PRO D 220 44.78 -17.75 -13.82
N LEU D 221 44.61 -18.63 -12.83
CA LEU D 221 45.32 -19.91 -12.85
C LEU D 221 44.82 -20.79 -13.99
N TYR D 222 43.49 -20.81 -14.23
CA TYR D 222 42.99 -21.59 -15.35
C TYR D 222 43.47 -21.01 -16.68
N LEU D 223 43.45 -19.67 -16.81
CA LEU D 223 43.89 -19.06 -18.07
C LEU D 223 45.33 -19.41 -18.41
N ASN D 224 46.20 -19.45 -17.40
CA ASN D 224 47.59 -19.80 -17.66
C ASN D 224 47.74 -21.28 -18.00
N LEU D 225 47.02 -22.16 -17.30
CA LEU D 225 47.01 -23.57 -17.66
C LEU D 225 46.51 -23.76 -19.08
N HIS D 226 45.39 -23.09 -19.40
CA HIS D 226 44.78 -23.20 -20.72
C HIS D 226 45.74 -22.78 -21.83
N ALA D 227 46.36 -21.63 -21.70
CA ALA D 227 47.25 -21.14 -22.76
C ALA D 227 48.47 -22.06 -22.90
N PHE D 228 48.97 -22.59 -21.77
CA PHE D 228 50.10 -23.52 -21.82
C PHE D 228 49.73 -24.80 -22.55
N VAL D 229 48.53 -25.34 -22.28
CA VAL D 229 48.12 -26.58 -22.94
C VAL D 229 47.78 -26.33 -24.41
N ARG D 230 47.17 -25.19 -24.69
CA ARG D 230 46.81 -24.88 -26.08
C ARG D 230 48.07 -24.79 -26.94
N ARG D 231 49.14 -24.21 -26.40
CA ARG D 231 50.41 -24.19 -27.11
C ARG D 231 50.88 -25.62 -27.42
N ALA D 232 50.79 -26.52 -26.43
CA ALA D 232 51.20 -27.91 -26.65
C ALA D 232 50.36 -28.57 -27.72
N LEU D 233 49.06 -28.32 -27.72
CA LEU D 233 48.19 -28.90 -28.73
C LEU D 233 48.49 -28.30 -30.10
N HIS D 234 48.90 -27.04 -30.14
CA HIS D 234 49.30 -26.44 -31.41
C HIS D 234 50.49 -27.20 -32.00
N ARG D 235 51.39 -27.69 -31.15
N ARG D 235 51.38 -27.69 -31.15
CA ARG D 235 52.51 -28.46 -31.68
CA ARG D 235 52.52 -28.46 -31.63
C ARG D 235 52.08 -29.86 -32.12
C ARG D 235 52.10 -29.86 -32.09
N ARG D 236 51.07 -30.44 -31.46
CA ARG D 236 50.66 -31.80 -31.77
C ARG D 236 49.79 -31.88 -33.01
N TYR D 237 49.00 -30.84 -33.29
CA TYR D 237 47.97 -30.91 -34.33
C TYR D 237 48.06 -29.84 -35.39
N GLY D 238 48.80 -28.76 -35.17
CA GLY D 238 49.08 -27.80 -36.20
C GLY D 238 48.16 -26.59 -36.16
N ASP D 239 48.59 -25.54 -36.85
CA ASP D 239 47.90 -24.26 -36.86
C ASP D 239 46.54 -24.33 -37.55
N ARG D 240 46.27 -25.37 -38.32
CA ARG D 240 44.97 -25.49 -38.96
C ARG D 240 43.88 -25.82 -37.95
N TYR D 241 44.21 -26.62 -36.92
CA TYR D 241 43.23 -27.11 -35.98
C TYR D 241 43.34 -26.46 -34.61
N ILE D 242 44.36 -25.65 -34.36
CA ILE D 242 44.54 -24.97 -33.11
C ILE D 242 44.77 -23.50 -33.38
N ASN D 243 43.96 -22.65 -32.75
CA ASN D 243 44.07 -21.19 -32.88
C ASN D 243 44.64 -20.67 -31.57
N LEU D 244 45.89 -20.19 -31.62
CA LEU D 244 46.59 -19.75 -30.42
C LEU D 244 45.94 -18.57 -29.72
N ARG D 245 44.89 -17.98 -30.32
CA ARG D 245 44.17 -16.87 -29.71
C ARG D 245 42.67 -17.17 -29.67
N GLY D 246 42.28 -18.41 -29.89
CA GLY D 246 40.91 -18.85 -29.84
C GLY D 246 40.67 -20.03 -28.91
N PRO D 247 39.42 -20.48 -28.84
CA PRO D 247 39.09 -21.60 -27.96
C PRO D 247 39.69 -22.90 -28.44
N ILE D 248 40.00 -23.77 -27.49
CA ILE D 248 40.53 -25.09 -27.80
C ILE D 248 39.43 -26.02 -28.31
N PRO D 249 39.65 -26.78 -29.38
CA PRO D 249 38.66 -27.79 -29.77
C PRO D 249 38.36 -28.76 -28.65
N ALA D 250 37.05 -28.97 -28.40
CA ALA D 250 36.64 -29.57 -27.12
C ALA D 250 37.00 -31.06 -26.98
N HIS D 251 37.57 -31.68 -28.02
CA HIS D 251 37.76 -33.13 -28.02
C HIS D 251 39.22 -33.52 -27.81
N LEU D 252 40.10 -32.56 -27.57
CA LEU D 252 41.55 -32.80 -27.58
C LEU D 252 42.19 -32.83 -26.19
N LEU D 253 41.41 -32.86 -25.12
CA LEU D 253 41.95 -32.64 -23.78
C LEU D 253 41.96 -33.91 -22.94
N GLY D 254 41.72 -35.06 -23.55
CA GLY D 254 41.83 -36.33 -22.85
C GLY D 254 40.54 -36.84 -22.23
N ASP D 255 39.42 -36.15 -22.44
CA ASP D 255 38.23 -36.37 -21.65
C ASP D 255 37.03 -35.90 -22.46
N MET D 256 35.95 -36.67 -22.38
CA MET D 256 34.81 -36.42 -23.26
C MET D 256 34.24 -35.02 -23.05
N TRP D 257 34.33 -34.49 -21.84
CA TRP D 257 33.78 -33.18 -21.48
C TRP D 257 34.85 -32.13 -21.26
N ALA D 258 36.11 -32.44 -21.60
CA ALA D 258 37.25 -31.56 -21.33
C ALA D 258 37.28 -31.09 -19.90
N GLN D 259 36.76 -31.94 -18.98
CA GLN D 259 36.60 -31.51 -17.60
C GLN D 259 37.80 -31.90 -16.73
N SER D 260 38.63 -32.81 -17.21
CA SER D 260 39.82 -33.27 -16.52
C SER D 260 40.86 -33.52 -17.59
N TRP D 261 42.03 -32.91 -17.45
CA TRP D 261 43.03 -32.95 -18.51
C TRP D 261 44.24 -33.84 -18.16
N GLU D 262 44.12 -34.70 -17.14
CA GLU D 262 45.32 -35.42 -16.72
C GLU D 262 45.81 -36.41 -17.77
N ASN D 263 44.95 -36.84 -18.69
CA ASN D 263 45.36 -37.82 -19.71
C ASN D 263 46.29 -37.26 -20.77
N ILE D 264 46.58 -35.95 -20.77
CA ILE D 264 47.60 -35.40 -21.66
C ILE D 264 48.91 -35.12 -20.92
N TYR D 265 49.02 -35.55 -19.66
CA TYR D 265 50.21 -35.23 -18.87
C TYR D 265 51.47 -35.70 -19.57
N ASP D 266 51.39 -36.83 -20.28
CA ASP D 266 52.59 -37.38 -20.91
C ASP D 266 53.19 -36.41 -21.93
N MET D 267 52.36 -35.54 -22.51
CA MET D 267 52.87 -34.56 -23.47
C MET D 267 53.42 -33.32 -22.80
N VAL D 268 52.80 -32.89 -21.69
CA VAL D 268 53.11 -31.59 -21.12
C VAL D 268 53.97 -31.70 -19.86
N VAL D 269 54.51 -32.89 -19.58
CA VAL D 269 55.40 -33.09 -18.42
C VAL D 269 56.40 -31.93 -18.34
N PRO D 270 56.40 -31.14 -17.26
CA PRO D 270 57.34 -30.01 -17.22
C PRO D 270 58.80 -30.42 -17.27
N PHE D 271 59.17 -31.47 -16.56
CA PHE D 271 60.56 -31.96 -16.51
C PHE D 271 60.55 -33.46 -16.74
N PRO D 272 60.56 -33.88 -17.99
CA PRO D 272 60.39 -35.31 -18.29
C PRO D 272 61.58 -36.18 -17.96
N ASP D 273 62.70 -35.61 -17.52
CA ASP D 273 63.84 -36.44 -17.13
C ASP D 273 63.69 -36.99 -15.72
N LYS D 274 62.97 -36.30 -14.84
CA LYS D 274 62.75 -36.79 -13.50
C LYS D 274 61.84 -38.03 -13.52
N PRO D 275 62.13 -39.04 -12.72
CA PRO D 275 61.27 -40.23 -12.73
C PRO D 275 59.85 -39.87 -12.31
N ASN D 276 58.89 -40.48 -12.97
CA ASN D 276 57.50 -40.21 -12.67
C ASN D 276 57.13 -40.87 -11.35
N LEU D 277 56.16 -40.27 -10.65
CA LEU D 277 55.69 -40.78 -9.37
C LEU D 277 54.65 -41.86 -9.63
N ASP D 278 55.03 -43.13 -9.45
CA ASP D 278 54.11 -44.25 -9.64
C ASP D 278 54.67 -45.45 -8.89
N VAL D 279 53.93 -45.90 -7.87
CA VAL D 279 54.38 -47.00 -7.02
C VAL D 279 53.66 -48.30 -7.33
N THR D 280 52.89 -48.34 -8.42
CA THR D 280 52.14 -49.56 -8.74
C THR D 280 53.06 -50.78 -8.82
N SER D 281 54.23 -50.62 -9.45
CA SER D 281 55.18 -51.73 -9.51
C SER D 281 55.53 -52.21 -8.11
N THR D 282 56.02 -51.30 -7.26
CA THR D 282 56.35 -51.66 -5.89
C THR D 282 55.20 -52.39 -5.21
N MET D 283 53.98 -51.85 -5.33
CA MET D 283 52.82 -52.51 -4.74
C MET D 283 52.72 -53.96 -5.20
N LEU D 284 52.96 -54.20 -6.49
CA LEU D 284 52.82 -55.55 -7.03
C LEU D 284 53.98 -56.46 -6.58
N GLN D 285 55.19 -55.92 -6.52
CA GLN D 285 56.31 -56.71 -6.01
C GLN D 285 56.07 -57.14 -4.58
N GLN D 286 55.41 -56.30 -3.78
CA GLN D 286 55.16 -56.59 -2.37
C GLN D 286 53.93 -57.46 -2.15
N GLY D 287 53.27 -57.90 -3.21
CA GLY D 287 52.13 -58.80 -3.06
C GLY D 287 50.86 -58.17 -2.54
N TRP D 288 50.72 -56.84 -2.67
CA TRP D 288 49.48 -56.20 -2.23
C TRP D 288 48.28 -56.78 -2.98
N GLN D 289 47.17 -56.91 -2.27
CA GLN D 289 45.88 -57.23 -2.86
C GLN D 289 44.86 -56.20 -2.39
N ALA D 290 43.61 -56.36 -2.84
CA ALA D 290 42.58 -55.38 -2.50
C ALA D 290 42.39 -55.27 -0.98
N THR D 291 42.27 -56.42 -0.30
CA THR D 291 41.99 -56.38 1.13
C THR D 291 43.09 -55.64 1.89
N HIS D 292 44.34 -55.85 1.49
CA HIS D 292 45.42 -55.13 2.17
C HIS D 292 45.34 -53.62 1.91
N MET D 293 44.97 -53.22 0.69
CA MET D 293 44.83 -51.81 0.40
C MET D 293 43.84 -51.14 1.34
N PHE D 294 42.71 -51.80 1.59
CA PHE D 294 41.70 -51.27 2.49
C PHE D 294 42.17 -51.30 3.94
N ARG D 295 42.93 -52.34 4.34
CA ARG D 295 43.49 -52.33 5.69
C ARG D 295 44.51 -51.21 5.83
N VAL D 296 45.28 -50.92 4.77
CA VAL D 296 46.18 -49.77 4.78
C VAL D 296 45.39 -48.48 4.95
N ALA D 297 44.32 -48.32 4.17
CA ALA D 297 43.50 -47.12 4.31
C ALA D 297 42.93 -47.00 5.71
N GLU D 298 42.45 -48.11 6.27
CA GLU D 298 41.94 -48.07 7.64
C GLU D 298 43.00 -47.61 8.63
N GLU D 299 44.24 -48.08 8.44
CA GLU D 299 45.31 -47.67 9.35
C GLU D 299 45.60 -46.18 9.25
N PHE D 300 45.31 -45.57 8.09
CA PHE D 300 45.43 -44.12 7.98
C PHE D 300 44.47 -43.43 8.94
N PHE D 301 43.24 -43.93 9.03
CA PHE D 301 42.24 -43.29 9.89
C PHE D 301 42.51 -43.56 11.37
N THR D 302 42.90 -44.79 11.72
CA THR D 302 43.27 -45.05 13.12
C THR D 302 44.51 -44.26 13.51
N SER D 303 45.39 -43.95 12.56
CA SER D 303 46.56 -43.11 12.87
C SER D 303 46.16 -41.71 13.27
N LEU D 304 45.00 -41.23 12.81
CA LEU D 304 44.46 -39.96 13.24
C LEU D 304 43.57 -40.07 14.46
N GLU D 305 43.49 -41.25 15.08
CA GLU D 305 42.56 -41.55 16.18
C GLU D 305 41.10 -41.40 15.72
N LEU D 306 40.83 -41.71 14.45
CA LEU D 306 39.47 -41.82 13.97
C LEU D 306 39.05 -43.29 14.04
N SER D 307 37.82 -43.56 13.64
CA SER D 307 37.25 -44.89 13.85
C SER D 307 37.79 -45.89 12.84
N PRO D 308 38.00 -47.15 13.26
CA PRO D 308 38.27 -48.21 12.29
C PRO D 308 36.99 -48.62 11.59
N MET D 309 37.15 -49.42 10.54
CA MET D 309 36.00 -49.96 9.85
C MET D 309 35.34 -51.05 10.71
N PRO D 310 34.03 -51.00 10.92
CA PRO D 310 33.39 -51.98 11.82
C PRO D 310 33.35 -53.34 11.16
N PRO D 311 33.10 -54.40 11.94
CA PRO D 311 33.04 -55.74 11.35
C PRO D 311 32.01 -55.86 10.23
N GLU D 312 30.88 -55.15 10.34
CA GLU D 312 29.89 -55.18 9.27
C GLU D 312 30.47 -54.70 7.93
N PHE D 313 31.40 -53.75 7.97
CA PHE D 313 32.03 -53.28 6.75
C PHE D 313 32.82 -54.38 6.11
N TRP D 314 33.66 -55.08 6.90
CA TRP D 314 34.49 -56.14 6.32
C TRP D 314 33.65 -57.32 5.85
N GLU D 315 32.54 -57.60 6.54
CA GLU D 315 31.71 -58.73 6.17
C GLU D 315 30.86 -58.45 4.92
N GLY D 316 30.39 -57.22 4.76
CA GLY D 316 29.40 -56.93 3.73
C GLY D 316 29.92 -56.26 2.48
N SER D 317 31.13 -55.71 2.53
CA SER D 317 31.63 -54.91 1.41
C SER D 317 32.00 -55.82 0.25
N MET D 318 31.99 -55.24 -0.94
CA MET D 318 32.49 -55.86 -2.16
C MET D 318 33.75 -55.09 -2.55
N LEU D 319 34.90 -55.65 -2.21
CA LEU D 319 36.19 -54.99 -2.41
C LEU D 319 36.92 -55.45 -3.65
N GLU D 320 36.43 -56.48 -4.31
CA GLU D 320 37.02 -56.99 -5.55
C GLU D 320 35.88 -57.39 -6.47
N LYS D 321 36.19 -57.46 -7.77
CA LYS D 321 35.20 -57.95 -8.71
C LYS D 321 34.90 -59.42 -8.39
N PRO D 322 33.63 -59.79 -8.23
CA PRO D 322 33.34 -61.19 -7.84
C PRO D 322 33.75 -62.16 -8.93
N ALA D 323 34.48 -63.21 -8.52
CA ALA D 323 35.00 -64.17 -9.48
C ALA D 323 33.92 -65.08 -10.04
N ASP D 324 32.77 -65.18 -9.36
CA ASP D 324 31.69 -66.06 -9.80
C ASP D 324 31.01 -65.59 -11.10
N GLY D 325 31.52 -64.57 -11.79
CA GLY D 325 30.94 -64.13 -13.04
C GLY D 325 29.83 -63.10 -12.92
N ARG D 326 29.29 -62.90 -11.71
CA ARG D 326 28.23 -61.91 -11.51
C ARG D 326 28.55 -60.61 -12.22
N GLU D 327 27.52 -59.95 -12.73
CA GLU D 327 27.65 -58.62 -13.29
C GLU D 327 27.38 -57.60 -12.19
N VAL D 328 28.26 -56.59 -12.08
CA VAL D 328 28.20 -55.64 -10.99
C VAL D 328 28.65 -54.27 -11.49
N VAL D 329 28.29 -53.25 -10.70
CA VAL D 329 28.78 -51.89 -10.92
C VAL D 329 30.16 -51.80 -10.28
N CYS D 330 31.19 -51.62 -11.11
CA CYS D 330 32.56 -51.67 -10.61
C CYS D 330 33.06 -50.34 -10.07
N HIS D 331 32.46 -49.23 -10.50
CA HIS D 331 32.88 -47.91 -10.03
C HIS D 331 32.74 -47.83 -8.51
N ALA D 332 33.80 -47.38 -7.85
CA ALA D 332 33.82 -47.33 -6.40
C ALA D 332 32.75 -46.39 -5.86
N SER D 333 32.05 -46.84 -4.81
CA SER D 333 31.08 -46.01 -4.11
C SER D 333 30.97 -46.48 -2.67
N ALA D 334 30.64 -45.53 -1.78
CA ALA D 334 30.51 -45.75 -0.35
C ALA D 334 29.04 -45.70 0.05
N TRP D 335 28.63 -46.61 0.92
CA TRP D 335 27.22 -46.88 1.18
C TRP D 335 26.89 -46.75 2.66
N ASP D 336 25.92 -45.90 2.96
CA ASP D 336 25.32 -45.76 4.28
C ASP D 336 23.93 -46.38 4.22
N PHE D 337 23.66 -47.33 5.11
CA PHE D 337 22.38 -48.03 5.11
C PHE D 337 21.37 -47.43 6.07
N TYR D 338 21.74 -46.33 6.76
CA TYR D 338 20.83 -45.57 7.60
C TYR D 338 20.25 -46.41 8.73
N ASN D 339 20.89 -47.51 9.07
CA ASN D 339 20.50 -48.29 10.25
C ASN D 339 21.56 -48.22 11.34
N ARG D 340 22.57 -47.39 11.17
CA ARG D 340 23.62 -47.15 12.15
C ARG D 340 24.48 -48.39 12.37
N LYS D 341 24.41 -49.36 11.47
CA LYS D 341 25.15 -50.60 11.63
C LYS D 341 25.92 -50.96 10.36
N ASP D 342 25.25 -50.93 9.22
CA ASP D 342 25.81 -51.41 7.96
C ASP D 342 26.37 -50.23 7.18
N PHE D 343 27.67 -50.29 6.92
CA PHE D 343 28.39 -49.32 6.11
C PHE D 343 29.30 -50.13 5.20
N ARG D 344 29.31 -49.82 3.92
CA ARG D 344 30.03 -50.65 2.96
C ARG D 344 30.62 -49.82 1.83
N ILE D 345 31.67 -50.38 1.22
CA ILE D 345 32.20 -49.88 -0.04
C ILE D 345 32.03 -50.97 -1.09
N LYS D 346 31.68 -50.56 -2.32
CA LYS D 346 31.57 -51.44 -3.47
C LYS D 346 32.57 -50.94 -4.51
N GLN D 347 33.61 -51.73 -4.78
CA GLN D 347 34.67 -51.30 -5.69
C GLN D 347 35.36 -52.52 -6.26
N CYS D 348 35.43 -52.62 -7.59
CA CYS D 348 36.25 -53.63 -8.27
C CYS D 348 37.70 -53.19 -8.19
N THR D 349 38.27 -53.33 -6.99
CA THR D 349 39.56 -52.72 -6.71
C THR D 349 40.65 -53.36 -7.55
N ARG D 350 41.57 -52.53 -8.00
CA ARG D 350 42.74 -52.96 -8.75
C ARG D 350 43.99 -52.45 -8.04
N VAL D 351 45.06 -53.24 -8.11
CA VAL D 351 46.28 -52.93 -7.38
C VAL D 351 47.07 -51.90 -8.16
N THR D 352 46.74 -50.62 -7.97
CA THR D 352 47.48 -49.52 -8.58
C THR D 352 47.58 -48.39 -7.56
N MET D 353 48.52 -47.47 -7.83
CA MET D 353 48.63 -46.27 -6.99
C MET D 353 47.32 -45.47 -7.01
N ASP D 354 46.81 -45.16 -8.20
CA ASP D 354 45.57 -44.36 -8.29
C ASP D 354 44.43 -45.02 -7.54
N GLN D 355 44.30 -46.35 -7.66
CA GLN D 355 43.27 -47.07 -6.93
C GLN D 355 43.47 -46.99 -5.41
N LEU D 356 44.72 -46.96 -4.93
CA LEU D 356 44.97 -46.81 -3.51
C LEU D 356 44.44 -45.48 -3.00
N SER D 357 44.66 -44.41 -3.76
N SER D 357 44.66 -44.41 -3.76
CA SER D 357 44.11 -43.11 -3.39
CA SER D 357 44.11 -43.11 -3.40
C SER D 357 42.58 -43.15 -3.37
C SER D 357 42.59 -43.15 -3.38
N THR D 358 41.98 -43.81 -4.36
CA THR D 358 40.53 -43.93 -4.41
C THR D 358 40.00 -44.67 -3.17
N VAL D 359 40.70 -45.72 -2.73
CA VAL D 359 40.27 -46.44 -1.54
C VAL D 359 40.21 -45.50 -0.35
N HIS D 360 41.25 -44.70 -0.16
CA HIS D 360 41.26 -43.74 0.94
C HIS D 360 40.13 -42.74 0.81
N HIS D 361 39.87 -42.26 -0.41
CA HIS D 361 38.79 -41.30 -0.66
C HIS D 361 37.46 -41.89 -0.24
N GLU D 362 37.14 -43.09 -0.73
CA GLU D 362 35.85 -43.70 -0.44
C GLU D 362 35.75 -44.06 1.02
N MET D 363 36.84 -44.49 1.64
CA MET D 363 36.76 -44.77 3.06
C MET D 363 36.53 -43.48 3.84
N GLY D 364 36.97 -42.35 3.30
CA GLY D 364 36.63 -41.06 3.87
C GLY D 364 35.13 -40.83 3.95
N HIS D 365 34.40 -41.24 2.91
CA HIS D 365 32.94 -41.20 2.97
C HIS D 365 32.44 -42.07 4.12
N ILE D 366 32.97 -43.29 4.25
CA ILE D 366 32.55 -44.18 5.33
C ILE D 366 32.82 -43.56 6.69
N GLN D 367 34.03 -43.03 6.89
CA GLN D 367 34.35 -42.36 8.15
C GLN D 367 33.34 -41.27 8.48
N TYR D 368 32.92 -40.50 7.47
CA TYR D 368 31.88 -39.51 7.67
C TYR D 368 30.61 -40.18 8.17
N TYR D 369 30.22 -41.28 7.52
CA TYR D 369 29.01 -41.99 7.92
C TYR D 369 29.10 -42.44 9.36
N LEU D 370 30.24 -43.04 9.76
CA LEU D 370 30.37 -43.55 11.11
C LEU D 370 30.31 -42.43 12.13
N GLN D 371 30.87 -41.27 11.81
CA GLN D 371 30.94 -40.21 12.81
C GLN D 371 29.60 -39.53 13.08
N TYR D 372 28.72 -39.40 12.09
CA TYR D 372 27.42 -38.75 12.31
C TYR D 372 26.27 -39.75 12.42
N LYS D 373 26.56 -41.04 12.64
CA LYS D 373 25.52 -42.06 12.56
C LYS D 373 24.49 -41.93 13.67
N ASP D 374 24.84 -41.26 14.77
CA ASP D 374 23.90 -41.11 15.89
C ASP D 374 23.12 -39.81 15.83
N LEU D 375 23.26 -39.03 14.77
CA LEU D 375 22.39 -37.88 14.59
C LEU D 375 21.02 -38.33 14.12
N PRO D 376 20.01 -37.48 14.26
CA PRO D 376 18.74 -37.72 13.56
C PRO D 376 18.95 -38.06 12.09
N VAL D 377 18.16 -39.01 11.59
CA VAL D 377 18.43 -39.58 10.27
C VAL D 377 18.43 -38.51 9.18
N SER D 378 17.61 -37.46 9.33
CA SER D 378 17.57 -36.40 8.33
C SER D 378 18.89 -35.64 8.24
N LEU D 379 19.69 -35.68 9.31
CA LEU D 379 20.90 -34.87 9.41
C LEU D 379 22.16 -35.69 9.13
N ARG D 380 22.00 -36.93 8.66
CA ARG D 380 23.13 -37.78 8.30
C ARG D 380 23.53 -37.49 6.86
N ARG D 381 24.17 -36.35 6.70
CA ARG D 381 24.65 -35.90 5.39
C ARG D 381 25.70 -34.84 5.65
N GLY D 382 26.42 -34.45 4.58
CA GLY D 382 27.43 -33.41 4.72
C GLY D 382 26.84 -32.08 5.12
N ALA D 383 27.68 -31.22 5.69
CA ALA D 383 27.18 -29.93 6.17
C ALA D 383 26.56 -29.12 5.02
N ASN D 384 27.16 -29.18 3.84
CA ASN D 384 26.41 -28.83 2.63
C ASN D 384 26.74 -29.90 1.59
N PRO D 385 26.10 -29.88 0.43
CA PRO D 385 26.27 -30.99 -0.51
C PRO D 385 27.70 -31.15 -1.04
N GLY D 386 28.57 -30.16 -0.85
CA GLY D 386 29.95 -30.27 -1.29
C GLY D 386 30.92 -30.87 -0.28
N PHE D 387 30.46 -31.08 0.96
CA PHE D 387 31.40 -31.49 2.02
C PHE D 387 31.91 -32.91 1.81
N HIS D 388 31.04 -33.84 1.39
CA HIS D 388 31.45 -35.23 1.29
C HIS D 388 32.63 -35.42 0.33
N GLU D 389 32.51 -34.90 -0.88
CA GLU D 389 33.61 -35.02 -1.83
C GLU D 389 34.84 -34.28 -1.35
N ALA D 390 34.66 -33.16 -0.65
CA ALA D 390 35.81 -32.42 -0.17
C ALA D 390 36.54 -33.22 0.92
N ILE D 391 35.79 -33.97 1.74
CA ILE D 391 36.41 -34.84 2.73
C ILE D 391 37.19 -35.96 2.06
N GLY D 392 36.53 -36.67 1.13
CA GLY D 392 37.23 -37.71 0.39
C GLY D 392 38.50 -37.19 -0.27
N ASP D 393 38.41 -36.02 -0.90
CA ASP D 393 39.54 -35.49 -1.65
C ASP D 393 40.65 -34.95 -0.75
N VAL D 394 40.32 -34.35 0.40
CA VAL D 394 41.36 -33.80 1.24
C VAL D 394 42.24 -34.93 1.77
N LEU D 395 41.64 -36.07 2.09
CA LEU D 395 42.42 -37.22 2.54
C LEU D 395 43.34 -37.71 1.43
N ALA D 396 42.82 -37.76 0.18
CA ALA D 396 43.62 -38.20 -0.96
C ALA D 396 44.75 -37.23 -1.27
N LEU D 397 44.60 -35.95 -0.92
CA LEU D 397 45.70 -35.00 -1.12
C LEU D 397 46.91 -35.40 -0.28
N SER D 398 46.69 -35.82 0.96
CA SER D 398 47.81 -36.29 1.81
C SER D 398 48.38 -37.61 1.33
N VAL D 399 47.50 -38.54 1.00
CA VAL D 399 47.92 -39.90 0.67
C VAL D 399 48.65 -39.95 -0.65
N SER D 400 48.38 -39.02 -1.56
CA SER D 400 49.00 -39.02 -2.88
C SER D 400 50.46 -38.56 -2.86
N THR D 401 50.88 -37.89 -1.79
CA THR D 401 52.21 -37.30 -1.77
C THR D 401 53.30 -38.37 -1.75
N PRO D 402 54.44 -38.10 -2.39
CA PRO D 402 55.59 -39.02 -2.21
C PRO D 402 55.97 -39.18 -0.75
N GLU D 403 55.87 -38.12 0.04
CA GLU D 403 56.12 -38.22 1.47
C GLU D 403 55.32 -39.36 2.08
N HIS D 404 54.01 -39.41 1.78
CA HIS D 404 53.20 -40.43 2.39
C HIS D 404 53.50 -41.82 1.84
N LEU D 405 53.74 -41.92 0.52
CA LEU D 405 53.99 -43.22 -0.06
C LEU D 405 55.30 -43.81 0.49
N HIS D 406 56.24 -42.95 0.86
CA HIS D 406 57.45 -43.42 1.53
C HIS D 406 57.13 -43.98 2.91
N LYS D 407 56.34 -43.26 3.69
CA LYS D 407 56.04 -43.66 5.06
C LYS D 407 55.27 -44.98 5.13
N ILE D 408 54.57 -45.38 4.09
CA ILE D 408 53.88 -46.67 4.07
C ILE D 408 54.64 -47.71 3.25
N GLY D 409 55.92 -47.47 2.98
CA GLY D 409 56.78 -48.50 2.44
C GLY D 409 56.66 -48.75 0.96
N LEU D 410 56.26 -47.75 0.17
CA LEU D 410 56.13 -47.90 -1.26
C LEU D 410 57.10 -47.03 -2.05
N LEU D 411 57.94 -46.25 -1.38
CA LEU D 411 58.86 -45.36 -2.06
C LEU D 411 60.09 -45.18 -1.19
N ASP D 412 61.25 -45.59 -1.70
CA ASP D 412 62.46 -45.58 -0.87
C ASP D 412 62.99 -44.17 -0.67
N ARG D 413 63.14 -43.42 -1.75
CA ARG D 413 63.84 -42.13 -1.73
C ARG D 413 62.92 -41.03 -2.20
N VAL D 414 62.78 -39.99 -1.38
CA VAL D 414 61.94 -38.85 -1.67
C VAL D 414 62.85 -37.70 -2.08
N THR D 415 62.93 -37.45 -3.37
CA THR D 415 63.71 -36.32 -3.88
C THR D 415 62.97 -35.02 -3.62
N ASN D 416 63.69 -34.03 -3.07
CA ASN D 416 63.08 -32.75 -2.76
C ASN D 416 63.60 -31.65 -3.69
N ASP D 417 63.63 -31.93 -4.98
CA ASP D 417 64.03 -30.93 -5.96
C ASP D 417 62.80 -30.21 -6.50
N THR D 418 63.01 -28.95 -6.92
CA THR D 418 61.92 -28.13 -7.42
C THR D 418 61.27 -28.74 -8.65
N GLU D 419 62.03 -29.50 -9.46
CA GLU D 419 61.50 -30.01 -10.71
C GLU D 419 60.49 -31.12 -10.48
N SER D 420 60.76 -32.02 -9.54
CA SER D 420 59.77 -33.02 -9.16
C SER D 420 58.52 -32.38 -8.57
N ASP D 421 58.67 -31.24 -7.89
CA ASP D 421 57.52 -30.53 -7.36
C ASP D 421 56.67 -29.94 -8.48
N ILE D 422 57.31 -29.35 -9.49
CA ILE D 422 56.57 -28.78 -10.62
C ILE D 422 55.84 -29.89 -11.36
N ASN D 423 56.48 -31.06 -11.51
CA ASN D 423 55.81 -32.18 -12.16
C ASN D 423 54.58 -32.62 -11.36
N TYR D 424 54.74 -32.78 -10.05
CA TYR D 424 53.62 -33.18 -9.19
C TYR D 424 52.49 -32.16 -9.28
N LEU D 425 52.81 -30.88 -9.16
CA LEU D 425 51.79 -29.85 -9.14
C LEU D 425 51.10 -29.71 -10.50
N LEU D 426 51.83 -29.89 -11.60
CA LEU D 426 51.21 -29.76 -12.92
C LEU D 426 50.26 -30.91 -13.16
N LYS D 427 50.65 -32.13 -12.77
CA LYS D 427 49.75 -33.26 -12.86
C LYS D 427 48.49 -33.03 -12.03
N MET D 428 48.65 -32.49 -10.83
CA MET D 428 47.51 -32.20 -9.97
C MET D 428 46.62 -31.11 -10.58
N ALA D 429 47.25 -30.09 -11.19
CA ALA D 429 46.50 -28.98 -11.78
C ALA D 429 45.66 -29.41 -12.97
N LEU D 430 46.17 -30.37 -13.77
CA LEU D 430 45.40 -30.89 -14.89
C LEU D 430 44.09 -31.49 -14.43
N GLU D 431 44.05 -32.03 -13.20
CA GLU D 431 42.85 -32.62 -12.63
C GLU D 431 42.01 -31.60 -11.87
N LYS D 432 42.65 -30.75 -11.07
CA LYS D 432 41.94 -29.88 -10.14
C LYS D 432 41.59 -28.52 -10.74
N ILE D 433 42.53 -27.90 -11.45
N ILE D 433 42.54 -27.90 -11.43
CA ILE D 433 42.31 -26.56 -11.98
CA ILE D 433 42.32 -26.57 -11.99
C ILE D 433 41.50 -26.61 -13.26
C ILE D 433 41.46 -26.66 -13.23
N ALA D 434 41.77 -27.59 -14.13
CA ALA D 434 41.01 -27.70 -15.36
C ALA D 434 39.52 -27.91 -15.09
N PHE D 435 39.18 -28.58 -13.99
CA PHE D 435 37.77 -28.88 -13.71
C PHE D 435 36.97 -27.65 -13.30
N LEU D 436 37.63 -26.65 -12.72
CA LEU D 436 36.91 -25.57 -12.04
C LEU D 436 35.89 -24.90 -12.94
N PRO D 437 36.21 -24.45 -14.16
CA PRO D 437 35.17 -23.82 -15.00
C PRO D 437 34.02 -24.74 -15.33
N PHE D 438 34.31 -26.01 -15.59
CA PHE D 438 33.23 -26.97 -15.87
C PHE D 438 32.36 -27.18 -14.63
N GLY D 439 32.98 -27.42 -13.48
CA GLY D 439 32.20 -27.55 -12.25
C GLY D 439 31.27 -26.37 -12.01
N TYR D 440 31.69 -25.18 -12.43
CA TYR D 440 30.91 -23.98 -12.19
C TYR D 440 29.78 -23.80 -13.20
N LEU D 441 30.03 -24.09 -14.48
CA LEU D 441 29.08 -23.73 -15.51
C LEU D 441 27.89 -24.70 -15.62
N VAL D 442 28.03 -25.96 -15.21
CA VAL D 442 26.98 -26.94 -15.50
C VAL D 442 25.65 -26.52 -14.85
N ASP D 443 25.70 -26.13 -13.56
CA ASP D 443 24.45 -25.70 -12.93
C ASP D 443 24.06 -24.27 -13.29
N GLN D 444 24.98 -23.44 -13.76
CA GLN D 444 24.54 -22.18 -14.38
C GLN D 444 23.61 -22.49 -15.53
N TRP D 445 23.99 -23.46 -16.36
CA TRP D 445 23.11 -23.82 -17.48
C TRP D 445 21.76 -24.28 -16.94
N ARG D 446 21.77 -25.22 -16.00
CA ARG D 446 20.51 -25.76 -15.49
C ARG D 446 19.68 -24.72 -14.75
N TRP D 447 20.31 -23.81 -14.00
CA TRP D 447 19.54 -22.76 -13.33
C TRP D 447 18.79 -21.91 -14.35
N GLY D 448 19.40 -21.65 -15.51
CA GLY D 448 18.72 -20.87 -16.54
C GLY D 448 17.58 -21.65 -17.17
N VAL D 449 17.76 -22.95 -17.33
CA VAL D 449 16.69 -23.77 -17.88
C VAL D 449 15.52 -23.83 -16.89
N PHE D 450 15.82 -24.11 -15.61
CA PHE D 450 14.76 -24.18 -14.60
C PHE D 450 14.01 -22.85 -14.47
N SER D 451 14.73 -21.72 -14.54
CA SER D 451 14.10 -20.42 -14.38
C SER D 451 13.31 -19.97 -15.62
N GLY D 452 13.43 -20.65 -16.74
CA GLY D 452 12.84 -20.21 -17.98
C GLY D 452 13.70 -19.24 -18.77
N ARG D 453 14.83 -18.78 -18.22
CA ARG D 453 15.72 -17.92 -18.99
C ARG D 453 16.22 -18.61 -20.26
N THR D 454 16.32 -19.95 -20.23
CA THR D 454 16.87 -20.76 -21.32
C THR D 454 15.79 -21.74 -21.73
N PRO D 455 14.95 -21.39 -22.71
CA PRO D 455 13.93 -22.29 -23.17
C PRO D 455 14.55 -23.35 -24.07
N PRO D 456 13.78 -24.38 -24.44
CA PRO D 456 14.33 -25.41 -25.33
C PRO D 456 14.97 -24.86 -26.60
N SER D 457 14.44 -23.77 -27.16
CA SER D 457 15.01 -23.22 -28.38
C SER D 457 16.39 -22.63 -28.19
N ARG D 458 16.91 -22.57 -26.94
CA ARG D 458 18.27 -22.09 -26.69
C ARG D 458 19.08 -23.06 -25.83
N TYR D 459 18.66 -24.32 -25.69
CA TYR D 459 19.42 -25.28 -24.89
C TYR D 459 20.89 -25.30 -25.31
N ASN D 460 21.16 -25.46 -26.60
CA ASN D 460 22.54 -25.64 -27.04
C ASN D 460 23.28 -24.32 -27.18
N PHE D 461 22.61 -23.29 -27.70
CA PHE D 461 23.15 -21.94 -27.74
C PHE D 461 23.67 -21.50 -26.39
N ASP D 462 22.89 -21.69 -25.34
CA ASP D 462 23.32 -21.27 -24.00
C ASP D 462 24.36 -22.22 -23.38
N TRP D 463 24.32 -23.50 -23.70
CA TRP D 463 25.35 -24.44 -23.24
C TRP D 463 26.71 -24.10 -23.83
N TRP D 464 26.76 -23.80 -25.15
CA TRP D 464 28.04 -23.45 -25.75
C TRP D 464 28.48 -22.03 -25.43
N TYR D 465 27.55 -21.10 -25.17
CA TYR D 465 27.96 -19.82 -24.56
C TYR D 465 28.77 -20.06 -23.28
N LEU D 466 28.25 -20.89 -22.37
CA LEU D 466 28.91 -21.14 -21.10
C LEU D 466 30.21 -21.90 -21.28
N ARG D 467 30.22 -22.94 -22.13
CA ARG D 467 31.43 -23.73 -22.34
C ARG D 467 32.56 -22.86 -22.86
N THR D 468 32.25 -21.95 -23.80
CA THR D 468 33.26 -21.05 -24.32
C THR D 468 33.64 -20.02 -23.27
N LYS D 469 32.64 -19.42 -22.61
CA LYS D 469 32.91 -18.36 -21.64
C LYS D 469 33.89 -18.81 -20.56
N TYR D 470 33.65 -20.00 -20.01
CA TYR D 470 34.42 -20.48 -18.86
C TYR D 470 35.57 -21.39 -19.24
N GLN D 471 35.32 -22.44 -20.00
CA GLN D 471 36.39 -23.39 -20.32
C GLN D 471 37.22 -22.92 -21.51
N GLY D 472 36.70 -22.02 -22.33
CA GLY D 472 37.49 -21.59 -23.49
C GLY D 472 37.72 -22.71 -24.46
N ILE D 473 36.68 -23.50 -24.70
CA ILE D 473 36.65 -24.52 -25.72
C ILE D 473 35.55 -24.21 -26.72
N CYS D 474 35.60 -24.89 -27.87
CA CYS D 474 34.58 -24.78 -28.91
C CYS D 474 34.27 -26.17 -29.43
N PRO D 475 33.08 -26.37 -29.95
CA PRO D 475 32.74 -27.69 -30.52
C PRO D 475 33.51 -27.93 -31.80
N PRO D 476 34.07 -29.14 -31.98
CA PRO D 476 34.93 -29.38 -33.14
C PRO D 476 34.17 -29.65 -34.41
N VAL D 477 32.84 -29.81 -34.32
CA VAL D 477 31.95 -29.79 -35.48
C VAL D 477 30.86 -28.77 -35.20
N THR D 478 30.24 -28.29 -36.27
CA THR D 478 29.17 -27.32 -36.14
C THR D 478 27.99 -27.91 -35.39
N ARG D 479 27.42 -27.13 -34.50
CA ARG D 479 26.26 -27.55 -33.74
C ARG D 479 25.09 -26.59 -34.03
N ASN D 480 23.87 -27.06 -33.77
CA ASN D 480 22.68 -26.24 -33.87
C ASN D 480 21.66 -26.77 -32.89
N GLU D 481 20.43 -26.28 -32.97
CA GLU D 481 19.49 -26.54 -31.87
C GLU D 481 18.78 -27.88 -31.98
N THR D 482 19.11 -28.70 -32.98
CA THR D 482 18.68 -30.09 -32.93
C THR D 482 19.58 -30.88 -31.98
N HIS D 483 20.77 -30.36 -31.69
CA HIS D 483 21.71 -31.00 -30.77
C HIS D 483 21.41 -30.55 -29.34
N PHE D 484 21.67 -31.45 -28.38
CA PHE D 484 21.41 -31.23 -26.96
C PHE D 484 22.66 -31.73 -26.21
N ASP D 485 23.75 -30.98 -26.34
CA ASP D 485 25.06 -31.43 -25.87
C ASP D 485 25.14 -31.45 -24.36
N ALA D 486 24.35 -30.61 -23.66
CA ALA D 486 24.27 -30.72 -22.21
C ALA D 486 23.78 -32.09 -21.78
N GLY D 487 22.92 -32.72 -22.59
CA GLY D 487 22.39 -34.02 -22.26
C GLY D 487 23.40 -35.15 -22.34
N ALA D 488 24.54 -34.92 -22.98
CA ALA D 488 25.58 -35.92 -23.15
C ALA D 488 26.51 -36.03 -21.93
N LYS D 489 26.20 -35.30 -20.84
CA LYS D 489 26.93 -35.41 -19.59
C LYS D 489 26.02 -36.08 -18.55
N PHE D 490 26.53 -37.13 -17.91
CA PHE D 490 25.72 -37.99 -17.03
C PHE D 490 24.76 -37.26 -16.12
N HIS D 491 25.24 -36.24 -15.42
CA HIS D 491 24.46 -35.67 -14.33
C HIS D 491 23.21 -34.92 -14.81
N VAL D 492 23.15 -34.56 -16.09
CA VAL D 492 21.96 -33.87 -16.60
C VAL D 492 20.77 -34.83 -16.71
N PRO D 493 20.83 -35.86 -17.56
CA PRO D 493 19.70 -36.81 -17.58
C PRO D 493 19.46 -37.53 -16.29
N ASN D 494 20.49 -37.72 -15.46
CA ASN D 494 20.32 -38.35 -14.17
C ASN D 494 20.03 -37.37 -13.05
N VAL D 495 19.78 -36.11 -13.39
CA VAL D 495 19.28 -35.12 -12.43
C VAL D 495 20.05 -35.14 -11.13
N THR D 496 21.37 -35.11 -11.24
CA THR D 496 22.23 -34.97 -10.06
C THR D 496 22.83 -33.58 -10.05
N PRO D 497 22.59 -32.76 -9.03
CA PRO D 497 23.17 -31.40 -9.02
C PRO D 497 24.69 -31.45 -9.07
N TYR D 498 25.28 -30.35 -9.50
CA TYR D 498 26.67 -30.32 -9.88
C TYR D 498 27.48 -29.24 -9.19
N ILE D 499 26.84 -28.15 -8.77
CA ILE D 499 27.60 -27.05 -8.17
C ILE D 499 28.37 -27.53 -6.95
N ARG D 500 27.83 -28.56 -6.27
CA ARG D 500 28.52 -29.20 -5.15
C ARG D 500 29.97 -29.55 -5.45
N TYR D 501 30.28 -29.91 -6.72
CA TYR D 501 31.64 -30.35 -7.03
C TYR D 501 32.59 -29.18 -7.19
N PHE D 502 32.09 -28.05 -7.71
CA PHE D 502 32.88 -26.83 -7.71
C PHE D 502 33.16 -26.38 -6.27
N VAL D 503 32.14 -26.42 -5.44
CA VAL D 503 32.30 -26.10 -4.02
C VAL D 503 33.33 -27.04 -3.38
N SER D 504 33.22 -28.33 -3.67
N SER D 504 33.26 -28.33 -3.71
CA SER D 504 34.14 -29.29 -3.06
CA SER D 504 34.13 -29.30 -3.04
C SER D 504 35.59 -28.99 -3.43
C SER D 504 35.59 -29.16 -3.48
N PHE D 505 35.83 -28.67 -4.71
CA PHE D 505 37.21 -28.45 -5.16
C PHE D 505 37.81 -27.23 -4.46
N VAL D 506 36.99 -26.24 -4.13
CA VAL D 506 37.50 -25.12 -3.35
C VAL D 506 37.70 -25.55 -1.89
N LEU D 507 36.68 -26.21 -1.31
CA LEU D 507 36.70 -26.56 0.10
C LEU D 507 37.89 -27.46 0.45
N GLN D 508 38.21 -28.42 -0.42
CA GLN D 508 39.21 -29.41 -0.05
C GLN D 508 40.58 -28.77 0.19
N PHE D 509 40.88 -27.65 -0.47
CA PHE D 509 42.13 -26.96 -0.20
C PHE D 509 42.04 -26.09 1.03
N GLN D 510 40.85 -25.53 1.34
CA GLN D 510 40.66 -24.91 2.65
C GLN D 510 40.87 -25.93 3.76
N PHE D 511 40.25 -27.12 3.64
CA PHE D 511 40.44 -28.18 4.61
C PHE D 511 41.92 -28.54 4.75
N HIS D 512 42.61 -28.72 3.63
CA HIS D 512 44.00 -29.16 3.62
C HIS D 512 44.88 -28.18 4.36
N GLU D 513 44.77 -26.89 4.04
CA GLU D 513 45.58 -25.88 4.73
C GLU D 513 45.34 -25.92 6.24
N ALA D 514 44.06 -25.98 6.65
CA ALA D 514 43.73 -25.96 8.07
C ALA D 514 44.24 -27.20 8.78
N LEU D 515 44.09 -28.37 8.16
CA LEU D 515 44.55 -29.60 8.81
C LEU D 515 46.08 -29.66 8.86
N CYS D 516 46.74 -29.20 7.79
CA CYS D 516 48.20 -29.18 7.76
C CYS D 516 48.76 -28.23 8.82
N LYS D 517 48.16 -27.06 8.99
CA LYS D 517 48.57 -26.19 10.08
C LYS D 517 48.38 -26.88 11.42
N GLU D 518 47.18 -27.41 11.67
CA GLU D 518 46.89 -28.08 12.92
C GLU D 518 47.87 -29.21 13.20
N ALA D 519 48.38 -29.87 12.17
CA ALA D 519 49.37 -30.92 12.32
C ALA D 519 50.77 -30.36 12.53
N GLY D 520 50.89 -29.05 12.71
CA GLY D 520 52.20 -28.43 12.89
C GLY D 520 53.12 -28.58 11.70
N TYR D 521 52.58 -28.93 10.54
CA TYR D 521 53.41 -29.05 9.36
C TYR D 521 53.80 -27.67 8.84
N GLU D 522 55.03 -27.55 8.38
CA GLU D 522 55.54 -26.33 7.78
C GLU D 522 56.29 -26.69 6.51
N GLY D 523 56.32 -25.77 5.57
CA GLY D 523 56.83 -26.05 4.25
C GLY D 523 55.72 -26.05 3.23
N PRO D 524 56.01 -26.53 2.02
CA PRO D 524 55.03 -26.39 0.93
C PRO D 524 53.79 -27.24 1.17
N LEU D 525 52.62 -26.59 1.06
CA LEU D 525 51.37 -27.28 1.34
C LEU D 525 51.24 -28.57 0.56
N HIS D 526 51.75 -28.59 -0.68
CA HIS D 526 51.60 -29.79 -1.50
C HIS D 526 52.46 -30.96 -1.03
N GLN D 527 53.35 -30.75 -0.06
CA GLN D 527 54.14 -31.84 0.51
C GLN D 527 53.62 -32.29 1.86
N CYS D 528 52.55 -31.65 2.36
CA CYS D 528 51.98 -32.00 3.65
C CYS D 528 51.32 -33.38 3.63
N ASP D 529 51.44 -34.09 4.76
CA ASP D 529 50.78 -35.37 4.93
C ASP D 529 50.31 -35.43 6.37
N ILE D 530 48.98 -35.42 6.58
CA ILE D 530 48.43 -35.38 7.94
C ILE D 530 48.49 -36.72 8.64
N TYR D 531 48.96 -37.76 7.96
CA TYR D 531 49.12 -39.10 8.53
C TYR D 531 49.74 -39.04 9.93
N ARG D 532 49.11 -39.72 10.87
CA ARG D 532 49.56 -39.87 12.24
C ARG D 532 49.48 -38.59 13.04
N SER D 533 48.75 -37.58 12.57
CA SER D 533 48.50 -36.38 13.36
C SER D 533 47.17 -36.52 14.08
N THR D 534 47.22 -36.75 15.40
CA THR D 534 45.96 -36.87 16.15
C THR D 534 45.27 -35.52 16.29
N LYS D 535 46.02 -34.42 16.28
CA LYS D 535 45.40 -33.09 16.34
C LYS D 535 44.64 -32.78 15.05
N ALA D 536 45.22 -33.12 13.90
CA ALA D 536 44.48 -32.96 12.65
C ALA D 536 43.25 -33.85 12.66
N GLY D 537 43.38 -35.08 13.20
CA GLY D 537 42.25 -35.97 13.30
C GLY D 537 41.11 -35.39 14.10
N ALA D 538 41.45 -34.67 15.18
CA ALA D 538 40.44 -34.11 16.04
C ALA D 538 39.72 -32.96 15.35
N LYS D 539 40.46 -32.09 14.66
CA LYS D 539 39.84 -31.01 13.89
C LYS D 539 38.93 -31.57 12.81
N LEU D 540 39.40 -32.61 12.10
CA LEU D 540 38.57 -33.27 11.09
C LEU D 540 37.33 -33.89 11.73
N ARG D 541 37.49 -34.56 12.88
CA ARG D 541 36.36 -35.24 13.50
C ARG D 541 35.22 -34.29 13.81
N LYS D 542 35.52 -33.08 14.29
CA LYS D 542 34.46 -32.14 14.63
C LYS D 542 33.55 -31.87 13.44
N VAL D 543 34.14 -31.75 12.25
CA VAL D 543 33.37 -31.56 11.02
C VAL D 543 32.51 -32.78 10.75
N LEU D 544 33.12 -33.97 10.84
CA LEU D 544 32.43 -35.19 10.46
C LEU D 544 31.22 -35.45 11.36
N ARG D 545 31.40 -35.26 12.67
CA ARG D 545 30.32 -35.54 13.61
C ARG D 545 29.17 -34.54 13.49
N ALA D 546 29.43 -33.36 12.88
CA ALA D 546 28.37 -32.35 12.79
C ALA D 546 27.27 -32.74 11.80
N GLY D 547 27.59 -33.60 10.82
CA GLY D 547 26.60 -33.86 9.78
C GLY D 547 26.06 -32.55 9.23
N SER D 548 24.74 -32.49 9.02
CA SER D 548 24.07 -31.26 8.66
C SER D 548 23.24 -30.70 9.81
N SER D 549 23.68 -30.94 11.04
CA SER D 549 22.96 -30.45 12.22
C SER D 549 23.18 -28.97 12.47
N ARG D 550 24.21 -28.38 11.89
CA ARG D 550 24.55 -26.98 12.08
C ARG D 550 24.82 -26.30 10.75
N PRO D 551 24.75 -24.97 10.69
CA PRO D 551 25.04 -24.26 9.44
C PRO D 551 26.46 -24.56 8.98
N TRP D 552 26.60 -24.91 7.69
CA TRP D 552 27.93 -25.23 7.19
C TRP D 552 28.89 -24.08 7.39
N GLN D 553 28.39 -22.84 7.33
CA GLN D 553 29.28 -21.69 7.55
C GLN D 553 29.96 -21.75 8.93
N GLU D 554 29.23 -22.20 9.95
CA GLU D 554 29.78 -22.26 11.29
C GLU D 554 30.68 -23.48 11.48
N VAL D 555 30.33 -24.62 10.88
CA VAL D 555 31.24 -25.76 10.89
C VAL D 555 32.57 -25.39 10.25
N LEU D 556 32.51 -24.70 9.10
CA LEU D 556 33.72 -24.29 8.39
C LEU D 556 34.53 -23.29 9.20
N LYS D 557 33.85 -22.29 9.78
CA LYS D 557 34.53 -21.34 10.66
C LYS D 557 35.31 -22.07 11.76
N ASP D 558 34.67 -23.03 12.43
CA ASP D 558 35.36 -23.79 13.47
C ASP D 558 36.60 -24.48 12.92
N MET D 559 36.53 -24.96 11.68
CA MET D 559 37.62 -25.74 11.12
C MET D 559 38.76 -24.86 10.63
N VAL D 560 38.46 -23.84 9.82
CA VAL D 560 39.47 -23.11 9.09
C VAL D 560 39.55 -21.64 9.50
N GLY D 561 38.68 -21.16 10.36
CA GLY D 561 38.73 -19.80 10.83
C GLY D 561 37.94 -18.81 10.01
N LEU D 562 37.28 -19.26 8.95
CA LEU D 562 36.52 -18.39 8.08
C LEU D 562 35.17 -19.05 7.80
N ASP D 563 34.11 -18.24 7.77
CA ASP D 563 32.76 -18.74 7.59
C ASP D 563 32.31 -18.64 6.13
N ALA D 564 33.24 -18.76 5.20
CA ALA D 564 32.92 -18.60 3.79
C ALA D 564 33.88 -19.46 2.97
N LEU D 565 33.42 -19.83 1.77
CA LEU D 565 34.33 -20.39 0.78
C LEU D 565 35.39 -19.38 0.44
N ASP D 566 36.61 -19.86 0.18
CA ASP D 566 37.74 -18.99 -0.08
C ASP D 566 38.70 -19.69 -1.02
N ALA D 567 39.11 -19.00 -2.08
CA ALA D 567 40.01 -19.59 -3.08
C ALA D 567 41.49 -19.54 -2.70
N GLN D 568 41.87 -18.77 -1.68
CA GLN D 568 43.30 -18.52 -1.47
C GLN D 568 44.07 -19.76 -1.07
N PRO D 569 43.51 -20.69 -0.29
CA PRO D 569 44.28 -21.91 0.03
C PRO D 569 44.54 -22.74 -1.22
N LEU D 570 43.62 -22.75 -2.18
CA LEU D 570 43.91 -23.43 -3.44
C LEU D 570 45.05 -22.73 -4.17
N LEU D 571 45.05 -21.39 -4.19
CA LEU D 571 46.11 -20.68 -4.91
C LEU D 571 47.47 -20.91 -4.24
N LYS D 572 47.48 -21.00 -2.90
CA LYS D 572 48.73 -21.25 -2.19
C LYS D 572 49.28 -22.64 -2.49
N TYR D 573 48.41 -23.65 -2.53
CA TYR D 573 48.84 -24.99 -2.88
C TYR D 573 49.58 -25.02 -4.20
N PHE D 574 49.08 -24.29 -5.19
CA PHE D 574 49.60 -24.35 -6.56
C PHE D 574 50.60 -23.25 -6.89
N GLN D 575 50.96 -22.41 -5.93
CA GLN D 575 51.80 -21.24 -6.17
C GLN D 575 52.96 -21.53 -7.11
N LEU D 576 53.68 -22.62 -6.88
CA LEU D 576 54.92 -22.86 -7.61
C LEU D 576 54.64 -23.16 -9.08
N VAL D 577 53.61 -23.96 -9.36
CA VAL D 577 53.32 -24.28 -10.77
C VAL D 577 52.67 -23.09 -11.47
N THR D 578 51.87 -22.30 -10.74
CA THR D 578 51.34 -21.06 -11.29
C THR D 578 52.47 -20.15 -11.79
N GLN D 579 53.55 -20.04 -11.02
CA GLN D 579 54.68 -19.22 -11.42
C GLN D 579 55.37 -19.82 -12.63
N TRP D 580 55.60 -21.14 -12.62
CA TRP D 580 56.22 -21.78 -13.77
C TRP D 580 55.37 -21.60 -15.03
N LEU D 581 54.06 -21.78 -14.90
CA LEU D 581 53.19 -21.62 -16.08
C LEU D 581 53.28 -20.21 -16.64
N GLN D 582 53.25 -19.19 -15.76
CA GLN D 582 53.38 -17.82 -16.21
C GLN D 582 54.70 -17.62 -16.96
N GLU D 583 55.79 -18.23 -16.47
CA GLU D 583 57.07 -18.13 -17.15
C GLU D 583 57.04 -18.78 -18.52
N GLN D 584 56.48 -20.00 -18.61
CA GLN D 584 56.36 -20.63 -19.91
C GLN D 584 55.53 -19.77 -20.87
N ASN D 585 54.45 -19.17 -20.37
CA ASN D 585 53.57 -18.41 -21.24
C ASN D 585 54.19 -17.08 -21.63
N GLN D 586 54.96 -16.47 -20.73
CA GLN D 586 55.65 -15.23 -21.06
C GLN D 586 56.76 -15.45 -22.08
N GLN D 587 57.43 -16.60 -22.04
CA GLN D 587 58.49 -16.88 -23.01
C GLN D 587 57.93 -17.13 -24.39
N ASN D 588 56.74 -17.73 -24.51
CA ASN D 588 56.13 -17.97 -25.81
C ASN D 588 55.24 -16.81 -26.25
N GLY D 589 55.19 -15.72 -25.50
CA GLY D 589 54.34 -14.59 -25.84
C GLY D 589 52.88 -14.94 -25.96
N GLU D 590 52.38 -15.85 -25.10
CA GLU D 590 51.00 -16.30 -25.23
C GLU D 590 50.03 -15.16 -24.99
N VAL D 591 48.85 -15.27 -25.62
CA VAL D 591 47.67 -14.51 -25.21
C VAL D 591 46.89 -15.34 -24.18
N LEU D 592 46.61 -14.76 -23.03
CA LEU D 592 45.76 -15.41 -22.05
C LEU D 592 44.30 -15.18 -22.42
N GLY D 593 43.54 -16.26 -22.55
CA GLY D 593 42.16 -16.16 -23.02
C GLY D 593 42.01 -16.56 -24.48
N TRP D 594 40.83 -16.26 -25.03
CA TRP D 594 40.46 -16.68 -26.37
C TRP D 594 39.71 -15.52 -27.04
N PRO D 595 40.42 -14.43 -27.33
CA PRO D 595 39.75 -13.24 -27.89
C PRO D 595 39.07 -13.50 -29.22
N GLU D 596 39.51 -14.48 -30.00
CA GLU D 596 38.81 -14.86 -31.24
C GLU D 596 37.71 -15.86 -30.88
N TYR D 597 36.68 -15.34 -30.22
CA TYR D 597 35.64 -16.18 -29.64
C TYR D 597 34.76 -16.86 -30.66
N GLN D 598 34.78 -16.40 -31.93
CA GLN D 598 33.96 -17.02 -32.96
C GLN D 598 34.61 -18.26 -33.58
N TRP D 599 35.92 -18.44 -33.38
CA TRP D 599 36.66 -19.42 -34.14
C TRP D 599 36.23 -20.85 -33.81
N HIS D 600 36.10 -21.66 -34.86
CA HIS D 600 35.88 -23.09 -34.78
C HIS D 600 36.85 -23.72 -35.76
N PRO D 601 37.38 -24.91 -35.46
CA PRO D 601 38.30 -25.56 -36.40
C PRO D 601 37.56 -26.09 -37.62
N PRO D 602 38.25 -26.26 -38.75
CA PRO D 602 37.65 -26.93 -39.90
C PRO D 602 37.59 -28.43 -39.69
N LEU D 603 36.87 -29.10 -40.60
CA LEU D 603 36.82 -30.55 -40.55
C LEU D 603 38.10 -31.17 -41.12
N PRO D 604 38.50 -32.34 -40.61
CA PRO D 604 39.67 -33.03 -41.19
C PRO D 604 39.38 -33.44 -42.64
N ASP D 605 40.45 -33.61 -43.40
CA ASP D 605 40.31 -33.98 -44.80
C ASP D 605 39.52 -35.26 -44.95
N ASN D 606 38.43 -35.19 -45.70
CA ASN D 606 37.58 -36.34 -46.03
C ASN D 606 37.05 -37.04 -44.78
N TYR D 607 36.63 -36.26 -43.79
CA TYR D 607 35.95 -36.78 -42.62
C TYR D 607 34.48 -37.06 -42.95
N PRO D 608 33.88 -38.14 -42.41
CA PRO D 608 34.43 -39.19 -41.53
C PRO D 608 34.86 -40.46 -42.26
N GLU D 609 34.97 -40.40 -43.58
CA GLU D 609 35.48 -41.55 -44.33
C GLU D 609 36.93 -41.81 -43.94
N GLY D 610 37.30 -43.08 -43.85
CA GLY D 610 38.63 -43.45 -43.44
C GLY D 610 38.96 -42.96 -42.04
C1 NAG E . -20.03 39.79 -4.56
C2 NAG E . -18.52 39.87 -4.60
C3 NAG E . -18.07 41.34 -4.55
C4 NAG E . -18.75 42.15 -5.65
C5 NAG E . -20.26 41.95 -5.59
C6 NAG E . -20.99 42.59 -6.75
C7 NAG E . -17.23 38.01 -3.66
C8 NAG E . -16.69 37.38 -2.40
N2 NAG E . -17.94 39.13 -3.50
O3 NAG E . -16.66 41.39 -4.73
O4 NAG E . -18.49 43.53 -5.46
O5 NAG E . -20.58 40.56 -5.64
O6 NAG E . -22.35 42.83 -6.44
O7 NAG E . -17.03 37.53 -4.77
H2 NAG E . -18.20 39.49 -5.44
H3 NAG E . -18.30 41.72 -3.68
H4 NAG E . -18.42 41.85 -6.51
H5 NAG E . -20.60 42.32 -4.75
H61 NAG E . -20.94 41.99 -7.52
H62 NAG E . -20.55 43.43 -6.98
H81 NAG E . -17.41 37.27 -1.76
H82 NAG E . -16.01 37.96 -2.02
H83 NAG E . -16.31 36.51 -2.62
HN2 NAG E . -18.06 39.45 -2.65
HO3 NAG E . -16.38 42.23 -4.66
HO6 NAG E . -22.84 42.79 -7.18
C1 NAG E . -17.80 44.06 -6.61
C2 NAG E . -17.94 45.58 -6.58
C3 NAG E . -17.16 46.20 -7.74
C4 NAG E . -15.71 45.72 -7.72
C5 NAG E . -15.66 44.19 -7.70
C6 NAG E . -14.27 43.65 -7.56
C7 NAG E . -19.95 46.62 -5.64
C8 NAG E . -21.38 46.96 -5.87
N2 NAG E . -19.33 45.98 -6.63
O3 NAG E . -17.21 47.61 -7.64
O4 NAG E . -15.01 46.20 -8.86
O5 NAG E . -16.42 43.70 -6.58
O6 NAG E . -14.24 42.24 -7.74
O7 NAG E . -19.37 46.93 -4.60
H2 NAG E . -17.55 45.91 -5.74
H3 NAG E . -17.57 45.92 -8.58
H4 NAG E . -15.27 46.07 -6.91
H5 NAG E . -16.06 43.85 -8.53
H61 NAG E . -13.93 43.86 -6.67
H62 NAG E . -13.68 44.06 -8.22
H81 NAG E . -21.91 46.14 -5.93
H82 NAG E . -21.48 47.46 -6.71
H83 NAG E . -21.72 47.50 -5.12
HN2 NAG E . -19.82 45.77 -7.38
HO3 NAG E . -17.13 47.97 -8.45
HO4 NAG E . -14.14 46.27 -8.67
HO6 NAG E . -13.41 41.94 -7.65
C1 NAG F . -64.47 31.03 -0.03
C2 NAG F . -65.81 31.73 0.23
C3 NAG F . -65.57 33.18 0.62
C4 NAG F . -64.62 33.25 1.81
C5 NAG F . -63.35 32.46 1.51
C6 NAG F . -62.43 32.37 2.71
C7 NAG F . -66.43 32.22 -2.10
C8 NAG F . -67.45 32.00 -3.18
N2 NAG F . -66.69 31.64 -0.93
O3 NAG F . -66.81 33.80 0.94
O4 NAG F . -64.26 34.60 2.08
O5 NAG F . -63.67 31.10 1.14
O6 NAG F . -63.16 32.02 3.87
O7 NAG F . -65.43 32.89 -2.30
H2 NAG F . -66.25 31.28 0.97
H3 NAG F . -65.18 33.66 -0.13
H4 NAG F . -65.07 32.86 2.59
H5 NAG F . -62.88 32.88 0.76
H61 NAG F . -62.00 33.23 2.85
H62 NAG F . -61.74 31.69 2.54
H81 NAG F . -68.22 32.59 -3.03
H82 NAG F . -67.75 31.07 -3.17
H83 NAG F . -67.05 32.20 -4.06
HN2 NAG F . -67.46 31.17 -0.85
HO3 NAG F . -66.68 34.67 1.09
C1 NAG F . -64.66 34.96 3.42
C2 NAG F . -63.94 36.27 3.81
C3 NAG F . -64.51 36.87 5.12
C4 NAG F . -66.03 36.85 5.14
C5 NAG F . -66.51 35.44 4.81
C6 NAG F . -68.02 35.31 4.80
C7 NAG F . -61.60 36.51 3.10
C8 NAG F . -60.17 36.17 3.41
N2 NAG F . -62.51 36.04 3.96
O3 NAG F . -64.07 38.22 5.24
O4 NAG F . -66.50 37.21 6.44
O5 NAG F . -66.06 35.14 3.48
O6 NAG F . -68.41 34.09 5.41
O7 NAG F . -61.90 37.16 2.11
C1 FUC F . -62.51 30.91 4.51
C2 FUC F . -63.17 30.77 5.92
C3 FUC F . -64.61 30.26 5.78
C4 FUC F . -64.66 28.97 4.95
C5 FUC F . -63.99 29.22 3.60
C6 FUC F . -63.87 27.95 2.76
O2 FUC F . -63.12 31.99 6.65
O3 FUC F . -65.14 29.96 7.08
O4 FUC F . -63.99 27.92 5.64
O5 FUC F . -62.65 29.72 3.76
H2 FUC F . -62.63 30.01 6.48
H3 FUC F . -65.22 31.03 5.28
H4 FUC F . -65.71 28.69 4.76
H5 FUC F . -64.60 29.96 3.08
H61 FUC F . -63.39 28.18 1.81
H62 FUC F . -64.85 27.53 2.56
H63 FUC F . -63.26 27.20 3.28
HO2 FUC F . -62.18 32.23 6.68
HO3 FUC F . -65.18 30.80 7.54
HO4 FUC F . -64.69 27.33 5.95
C1 NAG G . 40.85 -9.70 -34.50
C2 NAG G . 42.12 -10.52 -34.77
C3 NAG G . 43.26 -9.63 -35.25
C4 NAG G . 42.80 -8.87 -36.49
C5 NAG G . 41.51 -8.11 -36.20
C6 NAG G . 40.92 -7.46 -37.44
C7 NAG G . 42.96 -10.92 -32.43
C8 NAG G . 43.03 -9.47 -32.23
N2 NAG G . 42.54 -11.34 -33.63
O3 NAG G . 44.40 -10.42 -35.56
O4 NAG G . 43.81 -7.95 -36.90
O5 NAG G . 40.50 -9.01 -35.69
O6 NAG G . 41.08 -8.31 -38.56
O7 NAG G . 43.28 -11.72 -31.55
H2 NAG G . 41.91 -11.15 -35.48
H3 NAG G . 43.50 -9.00 -34.54
H4 NAG G . 42.65 -9.51 -37.21
H5 NAG G . 41.69 -7.43 -35.52
H61 NAG G . 41.38 -6.61 -37.60
H62 NAG G . 39.97 -7.27 -37.29
H81 NAG G . 42.95 -9.27 -31.27
H82 NAG G . 42.29 -9.04 -32.71
H83 NAG G . 43.88 -9.13 -32.56
HN2 NAG G . 42.51 -12.25 -33.75
HO3 NAG G . 44.75 -10.14 -36.33
C1 NAG G . 44.17 -8.13 -38.30
C2 NAG G . 45.03 -6.90 -38.70
C3 NAG G . 45.79 -7.12 -40.02
C4 NAG G . 46.39 -8.51 -40.14
C5 NAG G . 45.31 -9.52 -39.83
C6 NAG G . 45.74 -10.96 -39.97
C7 NAG G . 44.12 -4.70 -37.99
C8 NAG G . 43.14 -3.63 -38.30
N2 NAG G . 44.15 -5.75 -38.83
O3 NAG G . 46.84 -6.15 -40.09
O4 NAG G . 46.90 -8.72 -41.46
O5 NAG G . 44.93 -9.31 -38.46
O6 NAG G . 44.61 -11.83 -39.93
O7 NAG G . 44.87 -4.65 -37.02
H2 NAG G . 45.71 -6.76 -38.01
H3 NAG G . 45.15 -7.01 -40.75
H4 NAG G . 47.14 -8.62 -39.52
H5 NAG G . 44.55 -9.39 -40.43
H61 NAG G . 46.35 -11.18 -39.25
H62 NAG G . 46.20 -11.07 -40.83
H81 NAG G . 42.24 -4.00 -38.31
H82 NAG G . 43.34 -3.24 -39.17
H83 NAG G . 43.19 -2.93 -37.62
HN2 NAG G . 43.57 -5.73 -39.54
HO3 NAG G . 47.09 -6.04 -40.93
HO4 NAG G . 47.49 -9.37 -41.44
HO6 NAG G . 43.90 -11.38 -39.64
C1 FUC G . 39.81 -8.47 -39.24
C2 FUC G . 40.07 -9.32 -40.49
C3 FUC G . 40.39 -10.77 -40.11
C4 FUC G . 39.24 -11.32 -39.25
C5 FUC G . 39.10 -10.44 -38.01
C6 FUC G . 37.96 -10.86 -37.08
O2 FUC G . 41.11 -8.78 -41.30
O3 FUC G . 40.47 -11.58 -41.27
O4 FUC G . 38.04 -11.32 -39.99
O5 FUC G . 38.87 -9.07 -38.39
H2 FUC G . 39.16 -9.33 -41.09
H3 FUC G . 41.33 -10.82 -39.55
H4 FUC G . 39.47 -12.34 -38.91
H5 FUC G . 40.05 -10.50 -37.46
H61 FUC G . 37.93 -10.22 -36.20
H62 FUC G . 38.11 -11.90 -36.75
H63 FUC G . 37.00 -10.79 -37.60
HO2 FUC G . 41.72 -8.32 -40.69
HO3 FUC G . 39.63 -12.04 -41.33
C1 NAG H . -27.98 -10.14 43.82
C2 NAG H . -28.91 -10.54 42.68
C3 NAG H . -29.53 -11.90 42.94
C4 NAG H . -28.46 -12.95 43.24
C5 NAG H . -27.53 -12.45 44.35
C6 NAG H . -26.33 -13.36 44.56
C7 NAG H . -29.96 -8.69 41.46
C8 NAG H . -31.10 -7.72 41.43
N2 NAG H . -29.94 -9.53 42.49
O3 NAG H . -30.25 -12.29 41.78
O4 NAG H . -29.06 -14.16 43.67
O5 NAG H . -27.00 -11.17 44.01
O6 NAG H . -25.61 -13.01 45.73
O7 NAG H . -29.10 -8.70 40.59
H2 NAG H . -28.37 -10.61 41.86
H3 NAG H . -30.13 -11.84 43.70
H4 NAG H . -27.94 -13.10 42.42
H5 NAG H . -28.04 -12.38 45.18
H61 NAG H . -25.74 -13.30 43.79
H62 NAG H . -26.64 -14.29 44.65
H81 NAG H . -30.94 -7.05 40.74
H82 NAG H . -31.19 -7.28 42.29
H83 NAG H . -31.94 -8.20 41.22
HN2 NAG H . -30.61 -9.48 43.12
HO3 NAG H . -30.58 -13.11 41.89
HO6 NAG H . -25.71 -13.64 46.34
C1 NAG H . -28.89 -15.18 42.68
C2 NAG H . -29.32 -16.52 43.28
C3 NAG H . -29.25 -17.63 42.24
C4 NAG H . -30.02 -17.25 40.99
C5 NAG H . -29.53 -15.89 40.47
C6 NAG H . -30.33 -15.39 39.28
C7 NAG H . -27.18 -17.03 44.38
C8 NAG H . -26.50 -17.37 45.68
N2 NAG H . -28.51 -16.85 44.44
O3 NAG H . -29.79 -18.83 42.79
O4 NAG H . -29.84 -18.24 39.98
O5 NAG H . -29.67 -14.91 41.50
O6 NAG H . -31.65 -15.04 39.65
O7 NAG H . -26.55 -16.93 43.33
H2 NAG H . -30.25 -16.44 43.56
H3 NAG H . -28.31 -17.78 42.00
H4 NAG H . -30.97 -17.18 41.20
H5 NAG H . -28.59 -15.97 40.22
H61 NAG H . -30.36 -16.09 38.60
H62 NAG H . -29.88 -14.60 38.92
H81 NAG H . -25.56 -17.59 45.51
H82 NAG H . -26.94 -18.14 46.09
H83 NAG H . -26.56 -16.61 46.29
HN2 NAG H . -28.92 -16.94 45.25
HO3 NAG H . -29.54 -19.52 42.28
HO4 NAG H . -30.59 -18.30 39.50
HO6 NAG H . -31.70 -14.95 40.53
C1 NAG I . 0.93 8.00 74.09
C2 NAG I . 1.54 7.83 75.48
C3 NAG I . 0.86 6.70 76.24
C4 NAG I . -0.66 6.92 76.25
C5 NAG I . -1.17 7.16 74.83
C6 NAG I . -2.63 7.55 74.83
C7 NAG I . 3.54 6.56 74.81
C8 NAG I . 5.03 6.51 74.86
N2 NAG I . 2.97 7.62 75.41
O3 NAG I . 1.34 6.64 77.57
O4 NAG I . -1.30 5.75 76.77
O5 NAG I . -0.46 8.24 74.20
O6 NAG I . -2.89 8.57 75.77
O7 NAG I . 2.88 5.69 74.28
H2 NAG I . 1.38 8.67 75.97
H3 NAG I . 1.07 5.85 75.79
H4 NAG I . -0.86 7.68 76.81
H5 NAG I . -1.04 6.36 74.30
H61 NAG I . -3.19 6.77 75.03
H62 NAG I . -2.87 7.87 73.93
H81 NAG I . 5.34 5.64 74.54
H82 NAG I . 5.34 6.64 75.79
H83 NAG I . 5.41 7.21 74.30
HN2 NAG I . 3.53 8.24 75.79
HO3 NAG I . 1.31 5.81 77.87
C1 NAG I . -1.84 5.93 78.09
C2 NAG I . -3.03 4.99 78.23
C3 NAG I . -3.61 5.09 79.63
C4 NAG I . -2.54 4.83 80.68
C5 NAG I . -1.35 5.75 80.45
C6 NAG I . -0.18 5.42 81.36
C7 NAG I . -4.31 4.42 76.23
C8 NAG I . -5.39 4.85 75.28
N2 NAG I . -4.04 5.27 77.23
O3 NAG I . -4.65 4.13 79.77
O4 NAG I . -3.09 5.04 81.98
O5 NAG I . -0.87 5.63 79.10
O6 NAG I . 1.06 5.68 80.73
O7 NAG I . -3.72 3.36 76.10
H2 NAG I . -2.71 4.08 78.10
H3 NAG I . -3.97 5.98 79.76
H4 NAG I . -2.24 3.90 80.61
H5 NAG I . -1.63 6.68 80.60
H61 NAG I . -0.22 4.47 81.60
H62 NAG I . -0.24 5.95 82.18
H81 NAG I . -5.53 4.17 74.60
H82 NAG I . -5.12 5.69 74.85
H83 NAG I . -6.23 4.99 75.77
HN2 NAG I . -4.51 6.05 77.28
HO3 NAG I . -4.75 3.91 80.63
HO4 NAG I . -2.88 4.34 82.50
HO6 NAG I . 0.92 5.93 79.88
C1 FUC I . -3.61 9.64 75.13
C2 FUC I . -4.16 10.56 76.24
C3 FUC I . -3.02 11.28 76.95
C4 FUC I . -2.15 12.04 75.93
C5 FUC I . -1.67 11.06 74.84
C6 FUC I . -0.91 11.74 73.71
O2 FUC I . -4.97 9.85 77.16
O3 FUC I . -3.56 12.26 77.85
O4 FUC I . -2.91 13.09 75.36
O5 FUC I . -2.77 10.35 74.24
H2 FUC I . -4.79 11.32 75.76
H3 FUC I . -2.41 10.55 77.49
H4 FUC I . -1.25 12.43 76.44
H5 FUC I . -1.00 10.33 75.34
H61 FUC I . -0.61 11.00 72.96
H62 FUC I . 0.00 12.23 74.09
H63 FUC I . -1.53 12.49 73.23
HO2 FUC I . -4.72 8.91 77.08
HO3 FUC I . -3.54 13.10 77.37
HO4 FUC I . -2.56 13.90 75.77
C1 NAG J . 22.03 -62.68 -7.88
C2 NAG J . 22.20 -63.70 -6.77
C3 NAG J . 21.36 -64.94 -7.07
C4 NAG J . 19.91 -64.55 -7.36
C5 NAG J . 19.80 -63.39 -8.34
C6 NAG J . 18.42 -62.78 -8.35
C7 NAG J . 24.28 -63.85 -5.50
C8 NAG J . 25.71 -64.29 -5.50
N2 NAG J . 23.60 -64.06 -6.62
O3 NAG J . 21.42 -65.79 -5.93
O4 NAG J . 19.27 -65.69 -7.92
O5 NAG J . 20.69 -62.34 -7.98
O6 NAG J . 18.05 -62.30 -9.64
O7 NAG J . 23.77 -63.33 -4.51
H2 NAG J . 21.89 -63.31 -5.94
H3 NAG J . 21.72 -65.39 -7.86
H4 NAG J . 19.50 -64.27 -6.52
H5 NAG J . 20.03 -63.71 -9.23
H61 NAG J . 18.41 -62.02 -7.72
H62 NAG J . 17.77 -63.45 -8.06
H81 NAG J . 26.17 -63.93 -6.29
H82 NAG J . 25.76 -65.27 -5.53
H83 NAG J . 26.16 -63.97 -4.69
HN2 NAG J . 24.04 -64.45 -7.33
HO3 NAG J . 20.75 -66.38 -5.98
HO6 NAG J . 17.30 -61.83 -9.59
C1 NAG J . 17.96 -65.70 -7.32
C2 NAG J . 17.11 -66.81 -7.96
C3 NAG J . 15.73 -66.82 -7.30
C4 NAG J . 15.87 -66.95 -5.79
C5 NAG J . 16.82 -65.88 -5.24
C6 NAG J . 17.11 -66.04 -3.76
C7 NAG J . 17.71 -67.33 -10.28
C8 NAG J . 17.47 -67.01 -11.73
N2 NAG J . 16.99 -66.63 -9.39
O3 NAG J . 14.96 -67.90 -7.82
O4 NAG J . 14.60 -66.80 -5.18
O5 NAG J . 18.08 -65.94 -5.92
O6 NAG J . 18.04 -67.11 -3.55
O7 NAG J . 18.52 -68.19 -9.93
H2 NAG J . 17.53 -67.67 -7.80
H3 NAG J . 15.27 -65.98 -7.51
H4 NAG J . 16.23 -67.83 -5.58
H5 NAG J . 16.41 -65.00 -5.38
H61 NAG J . 16.29 -66.24 -3.29
H62 NAG J . 17.50 -65.22 -3.42
H81 NAG J . 17.72 -66.08 -11.90
H82 NAG J . 16.53 -67.15 -11.94
H83 NAG J . 18.02 -67.60 -12.29
HN2 NAG J . 16.41 -65.99 -9.71
HO3 NAG J . 14.09 -67.71 -7.75
HO4 NAG J . 14.67 -66.91 -4.29
HO6 NAG J . 18.20 -67.19 -2.68
C1 NAG K . 21.57 -28.88 -37.84
C2 NAG K . 20.89 -28.51 -39.15
C3 NAG K . 20.37 -29.77 -39.84
C4 NAG K . 21.51 -30.76 -40.05
C5 NAG K . 22.32 -30.99 -38.76
C6 NAG K . 23.61 -31.75 -38.99
C7 NAG K . 18.68 -27.84 -38.31
C8 NAG K . 17.69 -26.72 -38.20
N2 NAG K . 19.81 -27.55 -38.96
O3 NAG K . 19.76 -29.43 -41.08
O4 NAG K . 20.90 -32.00 -40.46
O5 NAG K . 22.67 -29.75 -38.12
O6 NAG K . 24.39 -31.28 -40.09
O7 NAG K . 18.48 -28.93 -37.82
H2 NAG K . 21.55 -28.09 -39.73
H3 NAG K . 19.69 -30.19 -39.26
H4 NAG K . 22.13 -30.42 -40.73
H5 NAG K . 21.74 -31.49 -38.15
H61 NAG K . 23.40 -32.69 -39.15
H62 NAG K . 24.16 -31.68 -38.18
H81 NAG K . 17.59 -26.28 -39.07
H82 NAG K . 18.00 -26.06 -37.54
H83 NAG K . 16.82 -27.08 -37.91
HN2 NAG K . 19.92 -26.71 -39.29
HO3 NAG K . 19.32 -30.14 -41.39
C1 NAG K . 21.60 -32.66 -41.53
C2 NAG K . 20.80 -33.91 -41.89
C3 NAG K . 21.47 -34.66 -43.04
C4 NAG K . 21.74 -33.73 -44.21
C5 NAG K . 22.49 -32.49 -43.75
C6 NAG K . 22.67 -31.46 -44.84
C7 NAG K . 21.62 -35.34 -40.07
C8 NAG K . 21.24 -36.21 -38.90
N2 NAG K . 20.61 -34.78 -40.73
O3 NAG K . 20.64 -35.74 -43.45
O4 NAG K . 22.49 -34.41 -45.21
O5 NAG K . 21.78 -31.84 -42.68
O6 NAG K . 23.07 -30.21 -44.31
O7 NAG K . 22.81 -35.17 -40.40
H2 NAG K . 19.92 -33.61 -42.19
H3 NAG K . 22.32 -35.02 -42.72
H4 NAG K . 20.88 -33.45 -44.59
H5 NAG K . 23.37 -32.76 -43.42
H61 NAG K . 21.82 -31.34 -45.31
H62 NAG K . 23.34 -31.78 -45.47
H81 NAG K . 20.67 -36.93 -39.21
H82 NAG K . 20.76 -35.66 -38.24
H83 NAG K . 22.05 -36.57 -38.50
HN2 NAG K . 19.76 -34.94 -40.45
HO3 NAG K . 21.10 -36.28 -43.98
HO4 NAG K . 22.26 -34.11 -46.01
HO6 NAG K . 22.67 -30.08 -43.53
C1 FUC K . 24.86 -29.90 -39.99
C2 FUC K . 26.07 -29.80 -39.07
C3 FUC K . 27.36 -30.37 -39.71
C4 FUC K . 27.65 -29.65 -41.00
C5 FUC K . 26.44 -29.82 -41.93
C6 FUC K . 26.59 -29.05 -43.24
O2 FUC K . 25.82 -30.40 -37.81
O3 FUC K . 28.50 -30.21 -38.85
O4 FUC K . 27.90 -28.26 -40.76
O5 FUC K . 25.18 -29.37 -41.30
H2 FUC K . 26.27 -28.74 -38.91
H3 FUC K . 27.20 -31.45 -39.88
H4 FUC K . 28.54 -30.08 -41.50
H5 FUC K . 26.32 -30.90 -42.14
H61 FUC K . 25.72 -29.20 -43.87
H62 FUC K . 27.48 -29.41 -43.77
H63 FUC K . 26.71 -27.98 -43.04
HO2 FUC K . 25.87 -29.68 -37.16
HO3 FUC K . 29.24 -30.62 -39.33
HO4 FUC K . 28.58 -28.00 -41.39
B BO3 L . -53.56 15.03 -21.45
O1 BO3 L . -53.31 14.15 -22.44
O2 BO3 L . -54.01 16.28 -21.75
O3 BO3 L . -53.59 14.60 -20.17
HO1 BO3 L . -54.02 14.05 -22.90
HO2 BO3 L . -54.22 16.69 -21.04
HO3 BO3 L . -54.04 13.88 -20.12
N1 BCN M . -37.82 16.34 -5.81
C1 BCN M . -38.76 17.44 -6.08
C2 BCN M . -39.39 17.96 -4.79
O21 BCN M . -38.77 17.86 -3.68
O22 BCN M . -40.51 18.49 -4.83
C3 BCN M . -36.86 16.25 -6.94
C4 BCN M . -35.60 17.10 -6.63
O4 BCN M . -34.99 16.53 -5.52
C5 BCN M . -38.53 15.06 -5.66
C6 BCN M . -38.65 14.69 -4.15
O6 BCN M . -37.40 14.75 -3.55
H11 BCN M . -39.46 17.12 -6.67
H12 BCN M . -38.29 18.17 -6.52
H31 BCN M . -37.28 16.59 -7.75
H32 BCN M . -36.60 15.33 -7.07
H41 BCN M . -35.86 18.02 -6.44
H42 BCN M . -35.00 17.10 -7.39
HO4 BCN M . -34.74 15.73 -5.70
H51 BCN M . -38.05 14.36 -6.12
H52 BCN M . -39.43 15.14 -6.03
H61 BCN M . -39.25 15.32 -3.71
H62 BCN M . -39.02 13.80 -4.06
HO6 BCN M . -37.48 14.67 -2.71
B BO3 N . -6.89 24.34 -14.15
O1 BO3 N . -7.85 25.26 -13.92
O2 BO3 N . -6.33 24.29 -15.37
O3 BO3 N . -6.51 23.50 -13.18
HO1 BO3 N . -8.44 25.22 -14.52
HO2 BO3 N . -5.99 25.04 -15.56
HO3 BO3 N . -7.15 23.36 -12.64
N1 BCN O . -34.89 17.99 -1.79
C1 BCN O . -34.28 19.09 -2.57
C2 BCN O . -35.18 19.45 -3.77
O21 BCN O . -34.71 20.16 -4.73
O22 BCN O . -36.37 19.05 -3.81
C3 BCN O . -35.53 18.48 -0.55
C4 BCN O . -37.01 18.05 -0.62
O4 BCN O . -37.05 16.73 -1.12
C5 BCN O . -33.91 16.91 -1.54
C6 BCN O . -33.83 16.01 -2.79
O6 BCN O . -34.99 15.22 -2.93
H11 BCN O . -33.40 18.80 -2.89
H12 BCN O . -34.17 19.87 -2.00
H31 BCN O . -35.47 19.45 -0.49
H32 BCN O . -35.10 18.09 0.23
H41 BCN O . -37.50 18.64 -1.20
H42 BCN O . -37.40 18.08 0.27
HO4 BCN O . -37.81 16.59 -1.47
H51 BCN O . -34.21 16.38 -0.78
H52 BCN O . -33.05 17.29 -1.35
H61 BCN O . -33.06 15.43 -2.72
H62 BCN O . -33.74 16.57 -3.58
HO6 BCN O . -35.10 14.77 -2.21
C1 PEG P . -8.14 9.72 2.27
O1 PEG P . -7.44 10.35 3.31
C2 PEG P . -8.92 10.76 1.48
O2 PEG P . -9.66 10.18 0.43
C3 PEG P . -10.59 9.22 0.81
C4 PEG P . -10.07 7.83 0.43
O4 PEG P . -11.09 6.89 0.62
H11 PEG P . -8.74 9.06 2.63
H12 PEG P . -7.50 9.27 1.68
HO1 PEG P . -6.83 10.85 2.99
H21 PEG P . -8.30 11.41 1.12
H22 PEG P . -9.54 11.21 2.09
H31 PEG P . -11.43 9.39 0.36
H32 PEG P . -10.72 9.26 1.78
H41 PEG P . -9.31 7.61 0.99
H42 PEG P . -9.80 7.84 -0.51
HO4 PEG P . -11.16 6.69 1.44
C1 EDO Q . -10.54 12.26 8.05
O1 EDO Q . -9.58 11.23 7.80
C2 EDO Q . -9.90 13.63 7.84
O2 EDO Q . -8.95 13.86 8.88
H11 EDO Q . -11.39 12.14 7.37
H12 EDO Q . -10.90 12.18 9.07
HO1 EDO Q . -9.98 10.37 7.95
H21 EDO Q . -9.41 13.67 6.86
H22 EDO Q . -10.67 14.41 7.86
HO2 EDO Q . -8.52 14.71 8.74
C1 PGE R . -29.25 28.72 -17.65
O1 PGE R . -29.21 27.57 -18.48
C2 PGE R . -28.32 28.56 -16.47
O2 PGE R . -29.07 28.30 -15.30
C3 PGE R . -28.30 27.72 -14.24
C4 PGE R . -29.25 27.22 -13.17
O4 PGE R . -28.61 22.79 -12.15
C6 PGE R . -28.31 24.07 -11.63
C5 PGE R . -28.32 25.06 -12.79
O3 PGE R . -28.54 26.36 -12.28
H1 PGE R . -30.26 28.90 -17.26
H12 PGE R . -28.94 29.63 -18.19
HO1 PGE R . -28.30 27.46 -18.80
H2 PGE R . -27.72 29.48 -16.36
H22 PGE R . -27.63 27.73 -16.68
H3 PGE R . -27.61 28.46 -13.79
H32 PGE R . -27.70 26.88 -14.61
H4 PGE R . -30.09 26.69 -13.64
H42 PGE R . -29.67 28.09 -12.62
HO4 PGE R . -27.96 22.58 -12.84
H6 PGE R . -27.32 24.11 -11.15
H62 PGE R . -29.06 24.40 -10.89
H5 PGE R . -29.10 24.77 -13.51
H52 PGE R . -27.35 25.00 -13.32
B BO3 S . -47.81 11.76 -25.27
O1 BO3 S . -48.81 12.48 -24.69
O2 BO3 S . -47.95 10.44 -25.48
O3 BO3 S . -46.79 12.40 -25.88
HO1 BO3 S . -48.91 12.23 -23.88
HO2 BO3 S . -48.68 10.29 -25.90
HO3 BO3 S . -46.25 12.71 -25.29
C1 EDO T . -29.26 24.10 -24.51
O1 EDO T . -28.96 23.58 -25.80
C2 EDO T . -28.79 23.12 -23.43
O2 EDO T . -29.49 23.41 -22.22
H11 EDO T . -28.76 25.06 -24.37
H12 EDO T . -30.34 24.26 -24.43
HO1 EDO T . -29.22 24.22 -26.48
H21 EDO T . -29.00 22.09 -23.74
H22 EDO T . -27.72 23.22 -23.28
HO2 EDO T . -29.27 22.75 -21.55
C1 EDO U . -28.92 28.37 -26.14
O1 EDO U . -29.30 27.11 -25.59
C2 EDO U . -29.48 29.46 -25.24
O2 EDO U . -30.74 28.99 -24.73
H11 EDO U . -27.83 28.45 -26.19
H12 EDO U . -29.31 28.48 -27.16
HO1 EDO U . -30.03 26.74 -26.11
H21 EDO U . -28.79 29.67 -24.42
H22 EDO U . -29.63 30.39 -25.80
HO2 EDO U . -31.15 29.67 -24.18
C1 PGE V . -36.07 13.48 -24.08
O1 PGE V . -35.54 12.19 -23.85
C2 PGE V . -35.04 14.46 -24.62
O2 PGE V . -34.08 14.83 -23.64
C3 PGE V . -34.53 15.42 -22.44
C4 PGE V . -33.61 14.81 -21.37
O4 PGE V . -31.53 16.42 -18.07
C6 PGE V . -32.87 16.78 -18.39
C5 PGE V . -33.23 16.58 -19.85
O3 PGE V . -33.84 15.32 -20.10
H1 PGE V . -36.47 13.91 -23.16
H12 PGE V . -36.89 13.44 -24.83
HO1 PGE V . -36.20 11.68 -23.36
H2 PGE V . -35.56 15.36 -24.99
H22 PGE V . -34.52 13.99 -25.48
H3 PGE V . -35.58 15.18 -22.23
H32 PGE V . -34.43 16.51 -22.46
H4 PGE V . -32.56 15.00 -21.66
H42 PGE V . -33.76 13.71 -21.37
HO4 PGE V . -30.94 17.03 -18.55
H6 PGE V . -33.58 16.17 -17.79
H62 PGE V . -33.06 17.85 -18.15
H5 PGE V . -33.89 17.40 -20.16
H52 PGE V . -32.29 16.67 -20.44
C1 EDO W . -35.86 19.05 -23.35
O1 EDO W . -35.87 20.27 -24.09
C2 EDO W . -36.08 19.39 -21.89
O2 EDO W . -35.61 18.30 -21.10
H11 EDO W . -34.91 18.54 -23.48
H12 EDO W . -36.65 18.39 -23.71
HO1 EDO W . -35.73 20.08 -25.04
H21 EDO W . -35.53 20.30 -21.62
H22 EDO W . -37.14 19.57 -21.70
HO2 EDO W . -35.56 18.56 -20.17
C1 EDO X . -56.66 12.34 -24.00
O1 EDO X . -56.40 11.17 -23.23
C2 EDO X . -57.57 11.93 -25.15
O2 EDO X . -56.74 11.34 -26.17
H11 EDO X . -57.15 13.10 -23.38
H12 EDO X . -55.73 12.77 -24.37
HO1 EDO X . -55.56 10.77 -23.53
H21 EDO X . -58.32 11.21 -24.82
H22 EDO X . -58.10 12.80 -25.56
HO2 EDO X . -56.86 10.38 -26.16
ZN ZN Y . -30.30 15.48 -7.96
CL CL Z . -40.50 16.08 -17.32
MG MG AA . -32.79 11.37 2.50
CA CA BA . -36.49 16.90 -3.45
C1 NAG CA . 26.58 32.90 -33.29
C2 NAG CA . 25.84 34.23 -33.10
C3 NAG CA . 26.81 35.41 -33.17
C4 NAG CA . 27.99 35.21 -32.24
C5 NAG CA . 28.65 33.87 -32.56
C6 NAG CA . 29.83 33.55 -31.66
C7 NAG CA . 23.50 34.53 -33.79
C8 NAG CA . 22.56 34.67 -34.94
N2 NAG CA . 24.79 34.37 -34.10
O3 NAG CA . 26.12 36.60 -32.81
O4 NAG CA . 28.92 36.28 -32.38
O5 NAG CA . 27.70 32.82 -32.40
O6 NAG CA . 29.42 32.92 -30.46
O7 NAG CA . 23.11 34.58 -32.62
H2 NAG CA . 25.45 34.23 -32.21
H3 NAG CA . 27.14 35.48 -34.09
H4 NAG CA . 27.69 35.20 -31.31
H5 NAG CA . 28.97 33.89 -33.48
H61 NAG CA . 30.29 34.39 -31.44
H62 NAG CA . 30.44 32.96 -32.14
H81 NAG CA . 21.65 34.85 -34.61
H82 NAG CA . 22.55 33.84 -35.46
H83 NAG CA . 22.85 35.40 -35.52
HN2 NAG CA . 25.02 34.34 -34.97
HO3 NAG CA . 26.69 37.28 -32.78
HO4 NAG CA . 29.32 36.42 -31.60
HO6 NAG CA . 28.55 32.77 -30.48
B BO3 DA . 21.66 -6.94 -13.30
O1 BO3 DA . 21.27 -7.41 -14.52
O2 BO3 DA . 22.98 -6.68 -13.08
O3 BO3 DA . 20.82 -7.05 -12.27
HO1 BO3 DA . 21.06 -6.75 -15.01
HO2 BO3 DA . 23.28 -6.17 -13.69
HO3 BO3 DA . 21.19 -6.73 -11.57
N1 BCN EA . 14.80 6.16 -29.66
C1 BCN EA . 16.22 5.82 -29.41
C2 BCN EA . 17.01 5.47 -30.68
O21 BCN EA . 18.07 4.74 -30.57
O22 BCN EA . 16.66 5.85 -31.82
C3 BCN EA . 14.36 7.04 -28.54
C4 BCN EA . 14.23 8.51 -29.01
O4 BCN EA . 13.78 8.48 -30.33
C5 BCN EA . 13.91 4.98 -29.66
C6 BCN EA . 13.78 4.34 -31.04
O6 BCN EA . 13.51 5.29 -32.02
H11 BCN EA . 16.25 5.06 -28.81
H12 BCN EA . 16.65 6.58 -28.99
H31 BCN EA . 15.01 7.00 -27.82
H32 BCN EA . 13.50 6.74 -28.21
H41 BCN EA . 15.10 8.94 -28.97
H42 BCN EA . 13.61 8.98 -28.45
HO4 BCN EA . 13.55 9.27 -30.56
H51 BCN EA . 13.03 5.26 -29.37
H52 BCN EA . 14.27 4.32 -29.05
H61 BCN EA . 14.61 3.88 -31.26
H62 BCN EA . 13.06 3.69 -31.02
HO6 BCN EA . 13.36 4.90 -32.77
C1 PEG FA . 17.92 17.37 -13.91
O1 PEG FA . 17.70 16.68 -15.11
C2 PEG FA . 16.62 18.04 -13.44
O2 PEG FA . 16.71 18.31 -12.07
C3 PEG FA . 17.49 19.43 -11.76
C4 PEG FA . 18.43 19.12 -10.60
O4 PEG FA . 19.65 19.81 -10.78
H11 PEG FA . 18.60 18.06 -14.05
H12 PEG FA . 18.22 16.76 -13.23
HO1 PEG FA . 17.43 17.22 -15.71
H21 PEG FA . 15.88 17.45 -13.62
H22 PEG FA . 16.49 18.87 -13.93
H31 PEG FA . 16.91 20.16 -11.52
H32 PEG FA . 18.01 19.67 -12.55
H41 PEG FA . 18.60 18.17 -10.56
H42 PEG FA . 18.02 19.40 -9.77
HO4 PEG FA . 20.15 19.67 -10.11
C1 PGE GA . 17.14 18.80 -23.93
O1 PGE GA . 16.48 18.16 -25.02
C2 PGE GA . 18.30 19.59 -24.49
O2 PGE GA . 19.06 20.14 -23.42
C3 PGE GA . 20.14 19.31 -23.02
C4 PGE GA . 21.11 20.12 -22.20
O4 PGE GA . 19.86 20.31 -18.14
C6 PGE GA . 20.71 21.28 -18.73
C5 PGE GA . 21.42 20.67 -19.92
O3 PGE GA . 20.50 20.49 -20.97
H1 PGE GA . 17.54 18.06 -23.21
H12 PGE GA . 16.48 19.47 -23.39
HO1 PGE GA . 15.74 17.66 -24.67
H2 PGE GA . 17.92 20.40 -25.13
H22 PGE GA . 18.93 18.94 -25.12
H3 PGE GA . 19.78 18.46 -22.42
H32 PGE GA . 20.67 18.90 -23.91
H4 PGE GA . 21.39 21.03 -22.76
H42 PGE GA . 22.02 19.53 -22.02
HO4 PGE GA . 20.42 19.64 -17.72
H6 PGE GA . 21.47 21.65 -18.02
H62 PGE GA . 20.13 22.15 -19.09
H5 PGE GA . 21.88 19.72 -19.61
H52 PGE GA . 22.25 21.35 -20.22
C1 PGE HA . -5.35 28.19 -42.25
O1 PGE HA . -4.77 27.79 -41.02
C2 PGE HA . -5.34 27.03 -43.24
O2 PGE HA . -4.24 27.17 -44.11
C3 PGE HA . -4.21 26.19 -45.12
C4 PGE HA . -2.78 25.79 -45.40
O4 PGE HA . -0.94 28.95 -47.04
C6 PGE HA . -0.30 28.43 -45.89
C5 PGE HA . -1.31 27.63 -45.09
O3 PGE HA . -2.08 26.86 -45.99
H1 PGE HA . -4.81 29.02 -42.71
H12 PGE HA . -6.40 28.50 -42.12
HO1 PGE HA . -4.81 28.55 -40.42
H2 PGE HA . -6.29 27.02 -43.80
H22 PGE HA . -5.28 26.08 -42.67
H3 PGE HA . -4.78 25.29 -44.80
H32 PGE HA . -4.67 26.56 -46.05
H4 PGE HA . -2.78 24.91 -46.07
H42 PGE HA . -2.30 25.48 -44.46
HO4 PGE HA . -1.57 28.29 -47.35
H6 PGE HA . 0.10 29.23 -45.24
H62 PGE HA . 0.54 27.76 -46.16
H5 PGE HA . -1.95 28.32 -44.52
H52 PGE HA . -0.77 26.98 -44.38
C1 EDO IA . -8.62 -3.61 -20.40
O1 EDO IA . -9.64 -3.12 -19.54
C2 EDO IA . -7.29 -3.01 -19.97
O2 EDO IA . -6.23 -3.52 -20.81
H11 EDO IA . -8.85 -3.34 -21.43
H12 EDO IA . -8.58 -4.70 -20.34
HO1 EDO IA . -10.50 -3.46 -19.83
H21 EDO IA . -7.09 -3.26 -18.93
H22 EDO IA . -7.33 -1.92 -20.05
HO2 EDO IA . -5.38 -3.13 -20.53
C1 EDO JA . 19.72 2.00 -1.95
O1 EDO JA . 20.23 0.84 -2.62
C2 EDO JA . 20.72 3.14 -2.13
O2 EDO JA . 20.09 4.38 -1.73
H11 EDO JA . 19.60 1.78 -0.89
H12 EDO JA . 18.75 2.27 -2.35
HO1 EDO JA . 19.60 0.11 -2.51
H21 EDO JA . 21.02 3.21 -3.18
H22 EDO JA . 21.61 2.96 -1.54
HO2 EDO JA . 20.73 5.10 -1.82
O1 MXE KA . -4.56 26.40 -38.83
C1 MXE KA . -4.11 25.55 -37.80
C2 MXE KA . -5.27 24.70 -37.31
O2 MXE KA . -5.85 23.98 -38.37
C3 MXE KA . -7.20 23.72 -38.20
HO1 MXE KA . -3.94 26.94 -39.05
H11 MXE KA . -3.40 24.99 -38.14
H12 MXE KA . -3.77 26.09 -37.06
H21 MXE KA . -5.94 25.27 -36.90
H22 MXE KA . -4.94 24.07 -36.64
H31 MXE KA . -7.69 24.55 -38.14
H32 MXE KA . -7.34 23.20 -37.38
H33 MXE KA . -7.53 23.20 -38.95
C1 PEG LA . 25.13 -10.63 -21.01
O1 PEG LA . 24.70 -9.67 -20.09
C2 PEG LA . 24.87 -12.02 -20.40
O2 PEG LA . 25.31 -13.02 -21.28
C3 PEG LA . 24.49 -14.17 -21.28
C4 PEG LA . 24.63 -14.93 -19.96
O4 PEG LA . 23.86 -16.11 -20.06
H11 PEG LA . 26.08 -10.53 -21.19
H12 PEG LA . 24.64 -10.54 -21.85
HO1 PEG LA . 25.11 -9.77 -19.35
H21 PEG LA . 23.91 -12.12 -20.25
H22 PEG LA . 25.34 -12.09 -19.56
H31 PEG LA . 24.75 -14.75 -22.00
H32 PEG LA . 23.57 -13.90 -21.39
H41 PEG LA . 25.56 -15.16 -19.81
H42 PEG LA . 24.31 -14.38 -19.23
HO4 PEG LA . 24.12 -16.58 -20.71
C1 PEG MA . -0.14 27.14 -19.30
O1 PEG MA . 0.82 27.40 -20.29
C2 PEG MA . -0.17 25.63 -18.98
O2 PEG MA . -0.99 25.40 -17.87
C3 PEG MA . -0.59 24.35 -17.05
C4 PEG MA . -1.20 24.49 -15.65
O4 PEG MA . -0.44 23.76 -14.73
H11 PEG MA . 0.09 27.62 -18.49
H12 PEG MA . -1.01 27.41 -19.61
HO1 PEG MA . 0.83 28.22 -20.46
H21 PEG MA . 0.73 25.33 -18.78
H22 PEG MA . -0.52 25.15 -19.74
H31 PEG MA . 0.38 24.36 -16.97
H32 PEG MA . -0.88 23.51 -17.43
H41 PEG MA . -1.21 25.42 -15.39
H42 PEG MA . -2.11 24.15 -15.67
HO4 PEG MA . -0.78 23.82 -13.96
ZN ZN NA . 10.46 12.25 -27.98
CL CL OA . 15.93 4.41 -18.04
MG MG PA . 7.79 7.52 -38.00
CA CA QA . 14.74 7.25 -32.07
NA NA RA . 42.76 2.49 -18.50
N1 BCN SA . -10.21 13.35 45.61
C1 BCN SA . -9.62 12.42 46.56
C2 BCN SA . -10.18 12.61 47.97
O21 BCN SA . -9.44 12.44 48.99
O22 BCN SA . -11.37 12.97 48.09
C3 BCN SA . -10.12 12.74 44.25
C4 BCN SA . -11.35 11.85 43.97
O4 BCN SA . -12.49 12.61 44.15
C5 BCN SA . -9.46 14.63 45.61
C6 BCN SA . -10.32 15.78 46.14
O6 BCN SA . -11.67 15.46 46.16
H11 BCN SA . -8.66 12.55 46.58
H12 BCN SA . -9.83 11.51 46.27
H31 BCN SA . -9.32 12.20 44.18
H32 BCN SA . -10.08 13.44 43.58
H41 BCN SA . -11.35 11.10 44.59
H42 BCN SA . -11.32 11.52 43.06
HO4 BCN SA . -13.18 12.10 44.17
H51 BCN SA . -9.19 14.83 44.70
H52 BCN SA . -8.68 14.53 46.17
H61 BCN SA . -10.03 15.99 47.04
H62 BCN SA . -10.19 16.56 45.57
HO6 BCN SA . -12.02 15.61 45.40
O1 MXE TA . -39.62 16.32 33.04
O1 MXE TA . -37.74 19.65 31.93
C1 MXE TA . -38.36 16.92 33.19
C1 MXE TA . -37.42 18.29 32.19
C2 MXE TA . -38.16 17.95 32.09
C2 MXE TA . -37.97 17.42 31.06
O2 MXE TA . -37.43 19.05 32.59
O2 MXE TA . -38.20 18.19 29.92
C3 MXE TA . -37.26 20.09 31.68
C3 MXE TA . -37.06 18.63 29.26
HO1 MXE TA . -39.77 15.79 33.68
HO1 MXE TA . -37.25 20.14 32.42
H11 MXE TA . -37.68 16.23 33.14
H11 MXE TA . -37.83 18.03 33.03
H12 MXE TA . -38.32 17.35 34.05
H12 MXE TA . -36.46 18.19 32.24
H21 MXE TA . -39.01 18.26 31.77
H21 MXE TA . -38.80 17.01 31.35
H22 MXE TA . -37.66 17.54 31.35
H22 MXE TA . -37.33 16.72 30.86
H31 MXE TA . -36.80 20.83 32.11
H31 MXE TA . -36.60 19.28 29.79
H32 MXE TA . -38.13 20.38 31.35
H32 MXE TA . -37.30 19.03 28.40
H33 MXE TA . -36.72 19.78 30.93
H33 MXE TA . -36.47 17.88 29.09
B BO3 UA . -10.26 6.72 35.81
O1 BO3 UA . -11.21 7.40 36.50
O2 BO3 UA . -10.62 6.00 34.73
O3 BO3 UA . -8.95 6.83 36.14
HO1 BO3 UA . -11.84 6.88 36.70
HO2 BO3 UA . -11.03 6.51 34.18
HO3 BO3 UA . -8.81 6.45 36.89
C1 EDO VA . -14.08 1.27 41.00
C1 EDO VA . -14.13 2.83 39.08
O1 EDO VA . -14.33 2.49 41.71
O1 EDO VA . -12.82 3.31 38.80
C2 EDO VA . -14.05 1.52 39.49
C2 EDO VA . -14.07 1.46 39.74
O2 EDO VA . -13.72 0.29 38.86
O2 EDO VA . -13.75 0.46 38.76
H11 EDO VA . -14.86 0.55 41.23
H11 EDO VA . -14.71 2.77 38.15
H12 EDO VA . -13.13 0.85 41.32
H12 EDO VA . -14.64 3.54 39.74
HO1 EDO VA . -14.42 2.30 42.65
HO1 EDO VA . -12.86 4.20 38.44
H21 EDO VA . -15.02 1.88 39.14
H21 EDO VA . -13.32 1.47 40.52
H22 EDO VA . -13.30 2.29 39.25
H22 EDO VA . -15.03 1.23 40.19
HO2 EDO VA . -14.53 -0.15 38.55
HO2 EDO VA . -13.71 -0.41 39.18
C1 EDO WA . 14.86 2.05 37.25
O1 EDO WA . 14.92 3.06 36.24
C2 EDO WA . 13.50 1.37 37.17
O2 EDO WA . 13.42 0.51 36.02
H11 EDO WA . 14.99 2.51 38.24
H12 EDO WA . 15.66 1.33 37.11
HO1 EDO WA . 14.71 3.92 36.62
H21 EDO WA . 12.71 2.11 37.11
H22 EDO WA . 13.33 0.78 38.07
HO2 EDO WA . 12.55 0.10 35.98
C1 EDO XA . -5.56 -1.91 32.13
O1 EDO XA . -5.04 -2.00 33.47
C2 EDO XA . -4.50 -2.44 31.17
O2 EDO XA . -3.88 -3.61 31.73
H11 EDO XA . -5.80 -0.88 31.89
H12 EDO XA . -6.47 -2.51 32.05
HO1 EDO XA . -4.77 -1.12 33.77
H21 EDO XA . -3.75 -1.67 30.99
H22 EDO XA . -4.97 -2.69 30.21
HO2 EDO XA . -3.18 -3.92 31.14
ZN ZN YA . -13.53 11.58 38.74
CL CL ZA . -0.21 8.91 41.02
MG MG AB . -19.07 19.94 43.66
CA CA BB . -12.78 13.55 46.20
B BO3 CB . 19.39 -18.10 -11.12
O1 BO3 CB . 18.28 -18.35 -11.85
O2 BO3 CB . 20.63 -18.26 -11.65
O3 BO3 CB . 19.25 -17.74 -9.84
HO1 BO3 CB . 18.22 -17.79 -12.48
HO2 BO3 CB . 20.72 -17.78 -12.35
HO3 BO3 CB . 18.82 -17.02 -9.79
N1 BCN DB . 32.93 -35.58 -10.10
C1 BCN DB . 31.80 -35.54 -11.04
C2 BCN DB . 32.20 -35.98 -12.44
O21 BCN DB . 33.17 -36.75 -12.64
O22 BCN DB . 31.55 -35.53 -13.44
C3 BCN DB . 32.35 -35.78 -8.74
C4 BCN DB . 32.13 -37.26 -8.46
O4 BCN DB . 33.40 -37.85 -8.38
C5 BCN DB . 33.67 -34.30 -10.13
C6 BCN DB . 35.04 -34.45 -10.83
O6 BCN DB . 35.42 -35.77 -10.86
H11 BCN DB . 31.47 -34.63 -11.09
H12 BCN DB . 31.10 -36.12 -10.72
H31 BCN DB . 31.50 -35.31 -8.69
H32 BCN DB . 32.96 -35.40 -8.08
H41 BCN DB . 31.61 -37.66 -9.17
H42 BCN DB . 31.66 -37.38 -7.61
HO4 BCN DB . 33.33 -38.66 -8.15
H51 BCN DB . 33.82 -33.99 -9.23
H52 BCN DB . 33.14 -33.65 -10.62
H61 BCN DB . 34.97 -34.12 -11.75
H62 BCN DB . 35.70 -33.93 -10.35
HO6 BCN DB . 35.44 -36.08 -10.07
C1 PGE EB . 18.67 -45.14 -1.54
C1 PGE EB . 18.77 -45.14 -1.51
O1 PGE EB . 18.34 -43.86 -1.02
O1 PGE EB . 18.22 -43.91 -1.08
C2 PGE EB . 19.26 -44.97 -2.93
C2 PGE EB . 19.35 -44.97 -2.89
O2 PGE EB . 20.53 -45.59 -2.97
O2 PGE EB . 20.56 -45.70 -2.97
C3 PGE EB . 21.26 -45.31 -4.15
C3 PGE EB . 21.29 -45.43 -4.15
C4 PGE EB . 22.65 -45.90 -4.02
C4 PGE EB . 22.72 -45.91 -3.95
O4 PGE EB . 26.21 -43.80 -2.93
O4 PGE EB . 25.60 -45.26 -4.77
C6 PGE EB . 25.66 -44.88 -3.70
C6 PGE EB . 25.62 -44.76 -3.43
C5 PGE EB . 24.68 -45.64 -2.84
C5 PGE EB . 24.64 -45.57 -2.61
O3 PGE EB . 23.38 -45.15 -3.06
O3 PGE EB . 23.32 -45.17 -2.91
H1 PGE EB . 17.79 -45.79 -1.62
H1 PGE EB . 18.00 -45.93 -1.55
H12 PGE EB . 19.42 -45.66 -0.91
H12 PGE EB . 19.57 -45.49 -0.83
HO1 PGE EB . 17.95 -43.99 -0.14
HO1 PGE EB . 17.88 -44.02 -0.19
H2 PGE EB . 19.33 -43.90 -3.16
H2 PGE EB . 19.52 -43.91 -3.09
H22 PGE EB . 18.57 -45.42 -3.67
H22 PGE EB . 18.63 -45.34 -3.64
H3 PGE EB . 20.76 -45.75 -5.03
H3 PGE EB . 20.86 -45.94 -5.02
H32 PGE EB . 21.33 -44.22 -4.33
H32 PGE EB . 21.31 -44.35 -4.37
H4 PGE EB . 23.15 -45.87 -5.00
H4 PGE EB . 23.28 -45.78 -4.90
H42 PGE EB . 22.57 -46.95 -3.71
H42 PGE EB . 22.71 -46.99 -3.72
HO4 PGE EB . 25.48 -43.25 -2.64
HO4 PGE EB . 24.94 -44.75 -5.27
H6 PGE EB . 26.44 -45.57 -4.05
H6 PGE EB . 26.62 -44.86 -2.98
H62 PGE EB . 25.12 -44.50 -4.59
H62 PGE EB . 25.32 -43.71 -3.38
H5 PGE EB . 24.98 -45.53 -1.78
H5 PGE EB . 24.86 -45.42 -1.54
H52 PGE EB . 24.75 -46.71 -3.10
H52 PGE EB . 24.79 -46.65 -2.83
C1 EDO FB . 51.26 -58.02 2.89
O1 EDO FB . 50.81 -58.35 1.58
C2 EDO FB . 51.93 -56.66 2.87
O2 EDO FB . 52.82 -56.56 1.76
H11 EDO FB . 51.97 -58.78 3.24
H12 EDO FB . 50.41 -58.01 3.58
HO1 EDO FB . 50.41 -59.22 1.57
H21 EDO FB . 51.18 -55.88 2.81
H22 EDO FB . 52.50 -56.51 3.79
HO2 EDO FB . 53.21 -55.68 1.73
C1 EDO GB . 10.40 -21.96 0.43
O1 EDO GB . 10.65 -22.62 1.69
C2 EDO GB . 11.52 -20.94 0.15
O2 EDO GB . 11.06 -19.63 0.45
H11 EDO GB . 9.45 -21.44 0.47
H12 EDO GB . 10.37 -22.69 -0.37
HO1 EDO GB . 9.91 -23.21 1.88
H21 EDO GB . 12.40 -21.18 0.75
H22 EDO GB . 11.81 -21.01 -0.91
HO2 EDO GB . 11.75 -18.98 0.22
C1 EDO HB . 35.08 -40.18 -9.65
O1 EDO HB . 34.69 -41.17 -10.62
C2 EDO HB . 36.44 -39.60 -9.96
O2 EDO HB . 36.39 -38.20 -9.64
H11 EDO HB . 34.35 -39.38 -9.64
H12 EDO HB . 35.09 -40.65 -8.66
HO1 EDO HB . 33.75 -41.37 -10.52
H21 EDO HB . 37.21 -40.10 -9.35
H22 EDO HB . 36.70 -39.75 -11.01
HO2 EDO HB . 36.79 -38.05 -8.77
C1 EDO IB . 28.77 -39.37 -1.34
C1 EDO IB . 28.72 -38.96 -0.83
O1 EDO IB . 29.44 -40.60 -1.02
O1 EDO IB . 28.69 -40.39 -0.77
C2 EDO IB . 27.78 -38.99 -0.24
C2 EDO IB . 27.42 -38.43 -0.24
O2 EDO IB . 27.08 -37.79 -0.65
O2 EDO IB . 27.19 -39.07 1.03
H11 EDO IB . 29.50 -38.58 -1.46
H11 EDO IB . 28.84 -38.62 -1.85
H12 EDO IB . 28.23 -39.49 -2.28
H12 EDO IB . 29.58 -38.57 -0.25
HO1 EDO IB . 30.00 -40.87 -1.76
HO1 EDO IB . 28.79 -40.74 -1.67
H21 EDO IB . 27.07 -39.80 -0.06
H21 EDO IB . 26.60 -38.64 -0.92
H22 EDO IB . 28.30 -38.80 0.70
H22 EDO IB . 27.47 -37.35 -0.11
HO2 EDO IB . 26.18 -38.03 -0.92
HO2 EDO IB . 26.31 -38.81 1.37
B BO3 JB . 31.85 -28.21 -39.82
O1 BO3 JB . 31.07 -28.07 -40.92
O2 BO3 JB . 31.43 -28.99 -38.82
O3 BO3 JB . 32.91 -27.41 -39.63
HO1 BO3 JB . 31.43 -27.53 -41.47
HO2 BO3 JB . 31.97 -28.91 -38.17
HO3 BO3 JB . 32.67 -26.60 -39.71
B BO3 KB . 7.49 -32.44 -25.36
O1 BO3 KB . 7.10 -32.35 -26.64
O2 BO3 KB . 6.53 -32.46 -24.40
O3 BO3 KB . 8.82 -32.46 -25.03
HO1 BO3 KB . 7.79 -32.44 -27.15
HO2 BO3 KB . 6.11 -31.72 -24.40
HO3 BO3 KB . 9.23 -31.84 -25.45
ZN ZN LB . 33.65 -39.43 -3.30
CL CL MB . 24.50 -29.19 -4.93
CA CA NB . 34.39 -37.77 -10.93
#